data_4X9E
#
_entry.id   4X9E
#
_cell.length_a   136.800
_cell.length_b   159.800
_cell.length_c   190.000
_cell.angle_alpha   90.00
_cell.angle_beta   90.00
_cell.angle_gamma   90.00
#
_symmetry.space_group_name_H-M   'P 21 21 21'
#
loop_
_entity.id
_entity.type
_entity.pdbx_description
1 polymer 'Deoxyguanosinetriphosphate triphosphohydrolase'
2 polymer "RNA (5'-R(P*CP*CP*C)-3')"
3 non-polymer 'MAGNESIUM ION'
#
loop_
_entity_poly.entity_id
_entity_poly.type
_entity_poly.pdbx_seq_one_letter_code
_entity_poly.pdbx_strand_id
1 'polypeptide(L)'
;MAQIDFRKKINWHRRYRSPQGVKTEHEILRIFESDRGRIINSPAIRRLQQKTQVFPLERNAAVRTRLTHSMEVQQVGRYI
AKEILSRLKELKLLEAYGLDELTGPFESIVEMSCLMHDIGNPPFGHFGEAAINDWFRQRLHPEDAESQPLTDDRCSVAAL
RLRDGEEPLNELRRKIRQDLCHFEGNAQGIRLVHTLMRMNLTWAQVGGILKYTRPAWWRGETPETHHYLMKKPGYYLSEE
AYIARLRKELNLALYSRFPLTWIMEAADDISYCVADLEDAVEKRIFTVEQLYHHLHEAWGQHEKGSLFSLVVENAWEKSR
SNSLSRSTEDQFFMYLRVNTLNKLVPYAAQRFIDNLPAIFAGTFNHALLEDASECSDLLKLYKNVAVKHVFSHPDVERLE
LQGYRVISGLLEIYRPLLSLSLSDFTELVEKERVKRFPIESRLFHKLSTRHRLAYVEAVSKLPSDSPEFPLWEYYYRCRL
LQDYISGMTDLYAWDEYRRLMAVEQ
;
A,B,C,D,E,F
2 'polyribonucleotide' CCC G,H
#
# COMPACT_ATOMS: atom_id res chain seq x y z
N MET A 1 17.04 -37.10 -56.41
CA MET A 1 17.75 -36.06 -57.15
C MET A 1 16.90 -34.78 -57.30
N ALA A 2 16.34 -34.28 -56.19
CA ALA A 2 15.58 -33.03 -56.24
C ALA A 2 16.53 -31.83 -56.39
N GLN A 3 16.02 -30.60 -56.26
CA GLN A 3 16.87 -29.44 -56.46
C GLN A 3 17.03 -28.59 -55.21
N ILE A 4 18.09 -27.77 -55.20
CA ILE A 4 18.33 -26.80 -54.14
C ILE A 4 18.74 -25.46 -54.75
N ASP A 5 17.75 -24.58 -54.94
CA ASP A 5 17.98 -23.22 -55.42
C ASP A 5 17.41 -22.23 -54.43
N PHE A 6 18.27 -21.60 -53.65
CA PHE A 6 17.77 -20.72 -52.59
C PHE A 6 17.22 -19.41 -53.16
N ARG A 7 17.53 -19.10 -54.42
CA ARG A 7 16.93 -17.92 -55.04
C ARG A 7 15.42 -18.12 -55.12
N LYS A 8 14.98 -19.37 -55.15
CA LYS A 8 13.56 -19.68 -55.17
C LYS A 8 12.92 -19.79 -53.77
N LYS A 9 13.70 -19.56 -52.71
CA LYS A 9 13.16 -19.57 -51.35
C LYS A 9 13.31 -18.23 -50.65
N ILE A 10 14.44 -17.55 -50.86
CA ILE A 10 14.62 -16.20 -50.32
C ILE A 10 13.85 -15.20 -51.18
N ASN A 11 12.53 -15.24 -51.08
CA ASN A 11 11.63 -14.36 -51.83
C ASN A 11 11.60 -12.95 -51.25
N TRP A 12 12.08 -11.97 -52.01
CA TRP A 12 12.14 -10.60 -51.53
C TRP A 12 10.95 -9.74 -51.98
N HIS A 13 9.88 -10.38 -52.42
CA HIS A 13 8.64 -9.68 -52.77
C HIS A 13 7.77 -9.42 -51.53
N ARG A 14 6.83 -8.49 -51.65
CA ARG A 14 5.92 -8.18 -50.57
C ARG A 14 4.47 -8.43 -50.96
N ARG A 15 3.58 -8.36 -49.97
CA ARG A 15 2.15 -8.53 -50.19
C ARG A 15 1.58 -7.32 -50.89
N TYR A 16 1.92 -6.13 -50.40
CA TYR A 16 1.45 -4.89 -51.02
C TYR A 16 2.62 -4.05 -51.49
N ARG A 17 2.36 -3.18 -52.48
CA ARG A 17 3.33 -2.29 -53.10
C ARG A 17 4.70 -2.95 -53.25
N SER A 18 4.70 -4.19 -53.69
CA SER A 18 5.93 -4.98 -53.75
C SER A 18 6.94 -4.39 -54.72
N PRO A 19 8.24 -4.43 -54.35
CA PRO A 19 9.32 -4.16 -55.30
C PRO A 19 9.22 -5.12 -56.46
N GLN A 20 9.56 -4.69 -57.67
CA GLN A 20 9.27 -5.52 -58.83
C GLN A 20 10.44 -5.71 -59.78
N GLY A 21 10.52 -6.89 -60.37
CA GLY A 21 11.40 -7.14 -61.49
C GLY A 21 12.75 -7.73 -61.16
N VAL A 22 13.78 -7.24 -61.84
CA VAL A 22 15.14 -7.73 -61.68
C VAL A 22 15.94 -6.82 -60.77
N LYS A 23 16.31 -7.32 -59.60
CA LYS A 23 17.05 -6.49 -58.65
C LYS A 23 18.51 -6.96 -58.58
N THR A 24 19.42 -6.03 -58.27
CA THR A 24 20.83 -6.36 -58.09
C THR A 24 21.03 -6.93 -56.68
N GLU A 25 22.23 -7.42 -56.39
CA GLU A 25 22.50 -7.96 -55.05
C GLU A 25 22.29 -6.88 -53.98
N HIS A 26 22.91 -5.72 -54.20
CA HIS A 26 22.77 -4.57 -53.32
C HIS A 26 21.29 -4.16 -53.05
N GLU A 27 20.47 -4.11 -54.10
CA GLU A 27 19.09 -3.65 -53.95
C GLU A 27 18.28 -4.65 -53.13
N ILE A 28 18.65 -5.93 -53.25
CA ILE A 28 18.02 -6.99 -52.45
C ILE A 28 18.44 -6.90 -50.98
N LEU A 29 19.72 -6.66 -50.78
CA LEU A 29 20.22 -6.38 -49.45
C LEU A 29 19.41 -5.24 -48.80
N ARG A 30 19.27 -4.12 -49.50
CA ARG A 30 18.52 -3.01 -48.95
C ARG A 30 17.05 -3.38 -48.65
N ILE A 31 16.45 -4.21 -49.50
CA ILE A 31 15.09 -4.70 -49.21
C ILE A 31 15.04 -5.37 -47.83
N PHE A 32 15.99 -6.26 -47.56
CA PHE A 32 15.98 -6.97 -46.28
C PHE A 32 16.40 -6.09 -45.08
N GLU A 33 17.26 -5.12 -45.33
CA GLU A 33 17.50 -4.06 -44.37
C GLU A 33 16.20 -3.33 -43.99
N SER A 34 15.41 -2.98 -44.99
CA SER A 34 14.11 -2.38 -44.79
C SER A 34 13.31 -3.25 -43.84
N ASP A 35 13.31 -4.56 -44.08
CA ASP A 35 12.62 -5.46 -43.16
C ASP A 35 13.13 -5.32 -41.71
N ARG A 36 14.44 -5.17 -41.55
CA ARG A 36 15.03 -5.03 -40.22
C ARG A 36 14.53 -3.77 -39.53
N GLY A 37 14.59 -2.67 -40.26
CA GLY A 37 14.11 -1.40 -39.74
C GLY A 37 12.66 -1.45 -39.36
N ARG A 38 11.87 -2.12 -40.19
CA ARG A 38 10.47 -2.34 -39.88
C ARG A 38 10.26 -3.05 -38.56
N ILE A 39 10.98 -4.15 -38.34
CA ILE A 39 10.76 -4.97 -37.15
C ILE A 39 11.32 -4.32 -35.87
N ILE A 40 12.56 -3.87 -35.91
CA ILE A 40 13.19 -3.27 -34.73
C ILE A 40 12.40 -2.06 -34.18
N ASN A 41 11.75 -1.31 -35.05
CA ASN A 41 11.02 -0.13 -34.59
C ASN A 41 9.55 -0.37 -34.30
N SER A 42 9.16 -1.64 -34.26
CA SER A 42 7.78 -2.01 -33.99
C SER A 42 7.47 -1.95 -32.50
N PRO A 43 6.27 -1.48 -32.18
CA PRO A 43 5.73 -1.52 -30.82
C PRO A 43 5.76 -2.94 -30.21
N ALA A 44 5.49 -3.96 -31.04
CA ALA A 44 5.53 -5.36 -30.59
C ALA A 44 6.85 -5.79 -29.90
N ILE A 45 7.99 -5.31 -30.41
CA ILE A 45 9.30 -5.60 -29.81
C ILE A 45 9.51 -4.95 -28.40
N ARG A 46 9.21 -3.66 -28.28
CA ARG A 46 9.26 -3.02 -26.98
C ARG A 46 8.30 -3.72 -25.97
N ARG A 47 7.09 -4.02 -26.46
CA ARG A 47 6.16 -4.80 -25.66
C ARG A 47 6.84 -6.08 -25.17
N LEU A 48 7.72 -6.67 -25.98
CA LEU A 48 8.55 -7.77 -25.47
C LEU A 48 9.37 -7.38 -24.26
N GLN A 49 9.89 -6.15 -24.22
CA GLN A 49 10.67 -5.84 -23.00
C GLN A 49 9.80 -5.78 -21.76
N GLN A 50 8.48 -5.69 -21.91
CA GLN A 50 7.69 -5.83 -20.66
C GLN A 50 6.93 -7.15 -20.42
N LYS A 51 7.30 -8.22 -21.11
CA LYS A 51 6.72 -9.54 -20.87
C LYS A 51 7.76 -10.46 -20.22
N THR A 52 7.36 -11.26 -19.23
CA THR A 52 8.32 -12.02 -18.44
C THR A 52 8.73 -13.36 -19.09
N GLN A 53 9.98 -13.78 -18.85
CA GLN A 53 10.53 -14.98 -19.49
C GLN A 53 10.24 -16.27 -18.71
N VAL A 54 10.80 -16.37 -17.51
CA VAL A 54 10.51 -17.48 -16.60
C VAL A 54 10.04 -16.94 -15.25
N PHE A 55 10.77 -15.94 -14.78
CA PHE A 55 10.51 -15.27 -13.52
C PHE A 55 9.89 -13.89 -13.82
N PRO A 56 9.39 -13.17 -12.79
CA PRO A 56 8.93 -11.78 -13.02
C PRO A 56 10.05 -10.74 -12.82
N LEU A 57 9.78 -9.48 -13.17
CA LEU A 57 10.86 -8.53 -13.38
C LEU A 57 11.10 -7.59 -12.17
N ASN A 60 14.93 -6.76 -10.37
CA ASN A 60 16.12 -7.61 -10.48
C ASN A 60 17.16 -7.14 -11.53
N ALA A 61 16.69 -7.03 -12.78
CA ALA A 61 17.41 -6.50 -13.96
C ALA A 61 18.23 -7.54 -14.72
N ALA A 62 19.15 -8.22 -14.01
CA ALA A 62 20.02 -9.20 -14.66
C ALA A 62 19.24 -10.44 -15.08
N VAL A 63 18.07 -10.63 -14.49
CA VAL A 63 17.15 -11.69 -14.89
C VAL A 63 16.54 -11.33 -16.23
N ARG A 64 16.45 -12.32 -17.11
CA ARG A 64 16.11 -12.03 -18.49
C ARG A 64 14.64 -11.85 -18.72
N THR A 65 14.35 -11.00 -19.70
CA THR A 65 13.00 -10.81 -20.20
C THR A 65 12.97 -11.34 -21.63
N ARG A 66 11.78 -11.53 -22.20
CA ARG A 66 11.65 -12.08 -23.55
C ARG A 66 12.45 -11.27 -24.59
N LEU A 67 12.79 -10.04 -24.26
CA LEU A 67 13.55 -9.17 -25.15
C LEU A 67 15.05 -9.47 -25.13
N THR A 68 15.65 -9.48 -23.94
CA THR A 68 17.08 -9.74 -23.80
C THR A 68 17.41 -11.18 -24.15
N HIS A 69 16.47 -12.05 -23.82
CA HIS A 69 16.51 -13.41 -24.34
C HIS A 69 16.50 -13.39 -25.86
N SER A 70 15.41 -12.92 -26.49
CA SER A 70 15.34 -12.86 -27.96
C SER A 70 16.60 -12.21 -28.62
N MET A 71 17.29 -11.36 -27.87
CA MET A 71 18.50 -10.67 -28.30
C MET A 71 19.75 -11.56 -28.26
N GLU A 72 19.92 -12.27 -27.14
CA GLU A 72 20.93 -13.30 -27.03
C GLU A 72 20.69 -14.39 -28.10
N VAL A 73 19.41 -14.74 -28.29
CA VAL A 73 19.01 -15.72 -29.29
C VAL A 73 19.39 -15.25 -30.67
N GLN A 74 19.13 -13.97 -30.92
CA GLN A 74 19.55 -13.33 -32.15
C GLN A 74 21.04 -13.62 -32.41
N GLN A 75 21.88 -13.41 -31.40
CA GLN A 75 23.31 -13.69 -31.64
C GLN A 75 23.64 -15.17 -31.86
N VAL A 76 22.98 -16.07 -31.15
CA VAL A 76 23.24 -17.49 -31.36
C VAL A 76 22.81 -17.92 -32.79
N GLY A 77 21.67 -17.40 -33.25
CA GLY A 77 21.16 -17.72 -34.56
C GLY A 77 22.07 -17.21 -35.65
N ARG A 78 22.62 -16.02 -35.43
CA ARG A 78 23.59 -15.45 -36.35
C ARG A 78 24.86 -16.30 -36.42
N TYR A 79 25.35 -16.73 -35.26
CA TYR A 79 26.51 -17.62 -35.17
C TYR A 79 26.29 -18.92 -35.96
N ILE A 80 25.15 -19.58 -35.74
CA ILE A 80 24.83 -20.79 -36.50
C ILE A 80 24.76 -20.50 -38.00
N ALA A 81 24.08 -19.42 -38.38
CA ALA A 81 23.98 -19.02 -39.78
C ALA A 81 25.34 -18.90 -40.42
N LYS A 82 26.20 -18.06 -39.83
CA LYS A 82 27.56 -17.86 -40.34
C LYS A 82 28.34 -19.18 -40.47
N GLU A 83 28.24 -20.06 -39.46
CA GLU A 83 28.93 -21.35 -39.54
C GLU A 83 28.41 -22.21 -40.69
N ILE A 84 27.10 -22.29 -40.86
CA ILE A 84 26.53 -22.98 -42.03
C ILE A 84 27.01 -22.38 -43.35
N LEU A 85 26.97 -21.06 -43.44
CA LEU A 85 27.36 -20.40 -44.66
C LEU A 85 28.81 -20.67 -45.04
N SER A 86 29.71 -20.63 -44.07
CA SER A 86 31.13 -20.77 -44.39
C SER A 86 31.53 -22.25 -44.46
N ARG A 87 30.68 -23.11 -43.90
CA ARG A 87 30.83 -24.55 -44.06
C ARG A 87 30.45 -24.90 -45.50
N LEU A 88 29.42 -24.24 -46.03
CA LEU A 88 29.07 -24.38 -47.45
C LEU A 88 30.13 -23.73 -48.36
N LYS A 89 30.74 -22.64 -47.90
CA LYS A 89 31.79 -22.00 -48.67
C LYS A 89 33.02 -22.90 -48.77
N GLU A 90 33.38 -23.54 -47.65
CA GLU A 90 34.50 -24.48 -47.65
C GLU A 90 34.22 -25.72 -48.48
N LEU A 91 32.96 -26.08 -48.64
CA LEU A 91 32.58 -27.18 -49.51
C LEU A 91 32.41 -26.72 -50.95
N LYS A 92 32.63 -25.42 -51.19
CA LYS A 92 32.46 -24.80 -52.51
C LYS A 92 31.06 -25.04 -53.07
N LEU A 93 30.04 -24.75 -52.26
CA LEU A 93 28.67 -25.09 -52.62
C LEU A 93 27.69 -23.92 -52.61
N LEU A 94 28.15 -22.71 -52.29
CA LEU A 94 27.29 -21.54 -52.29
C LEU A 94 26.68 -21.32 -53.66
N GLU A 95 27.53 -21.09 -54.67
CA GLU A 95 27.08 -20.88 -56.05
C GLU A 95 26.13 -22.00 -56.47
N ALA A 96 26.53 -23.23 -56.15
CA ALA A 96 25.74 -24.43 -56.47
C ALA A 96 24.31 -24.38 -55.92
N TYR A 97 24.15 -23.77 -54.75
CA TYR A 97 22.84 -23.76 -54.08
C TYR A 97 22.10 -22.42 -54.23
N GLY A 98 22.71 -21.47 -54.94
CA GLY A 98 22.05 -20.20 -55.23
C GLY A 98 22.24 -19.16 -54.15
N LEU A 99 23.10 -19.46 -53.19
CA LEU A 99 23.34 -18.58 -52.05
C LEU A 99 24.48 -17.59 -52.24
N ASP A 100 25.14 -17.61 -53.39
CA ASP A 100 26.34 -16.80 -53.58
C ASP A 100 26.06 -15.29 -53.48
N GLU A 101 24.82 -14.89 -53.72
CA GLU A 101 24.46 -13.47 -53.63
C GLU A 101 23.35 -13.22 -52.59
N LEU A 102 23.12 -14.20 -51.72
CA LEU A 102 22.06 -14.11 -50.73
C LEU A 102 22.54 -14.34 -49.30
N THR A 103 23.85 -14.20 -49.10
CA THR A 103 24.47 -14.34 -47.79
C THR A 103 23.86 -13.43 -46.71
N GLY A 104 23.78 -12.14 -47.04
CA GLY A 104 23.19 -11.12 -46.19
C GLY A 104 21.77 -11.42 -45.76
N PRO A 105 20.86 -11.57 -46.74
CA PRO A 105 19.49 -11.96 -46.48
C PRO A 105 19.34 -13.23 -45.66
N PHE A 106 20.19 -14.23 -45.92
CA PHE A 106 20.16 -15.49 -45.18
C PHE A 106 20.35 -15.25 -43.69
N GLU A 107 21.50 -14.69 -43.36
CA GLU A 107 21.81 -14.40 -41.97
C GLU A 107 20.76 -13.46 -41.35
N SER A 108 20.44 -12.39 -42.05
CA SER A 108 19.47 -11.39 -41.57
C SER A 108 18.09 -11.98 -41.27
N ILE A 109 17.53 -12.76 -42.19
CA ILE A 109 16.26 -13.45 -41.98
C ILE A 109 16.32 -14.34 -40.75
N VAL A 110 17.42 -15.08 -40.56
CA VAL A 110 17.54 -15.86 -39.34
C VAL A 110 17.50 -14.96 -38.09
N GLU A 111 18.41 -13.98 -38.02
CA GLU A 111 18.43 -13.03 -36.89
C GLU A 111 17.06 -12.41 -36.56
N MET A 112 16.35 -11.91 -37.56
CA MET A 112 15.06 -11.26 -37.30
C MET A 112 13.97 -12.26 -36.94
N SER A 113 14.03 -13.47 -37.50
CA SER A 113 13.08 -14.49 -37.10
C SER A 113 13.28 -14.81 -35.63
N CYS A 114 14.55 -14.83 -35.21
CA CYS A 114 14.86 -15.07 -33.81
C CYS A 114 14.29 -13.96 -32.97
N LEU A 115 14.55 -12.72 -33.39
CA LEU A 115 14.12 -11.55 -32.63
C LEU A 115 12.61 -11.50 -32.41
N MET A 116 11.83 -12.12 -33.28
CA MET A 116 10.39 -12.03 -33.08
C MET A 116 9.58 -13.32 -33.07
N HIS A 117 10.11 -14.41 -32.51
CA HIS A 117 9.31 -15.62 -32.35
C HIS A 117 8.32 -15.39 -31.19
N ASP A 118 8.77 -14.66 -30.17
CA ASP A 118 7.97 -14.46 -28.99
C ASP A 118 6.85 -13.40 -29.17
N ILE A 119 6.77 -12.83 -30.35
CA ILE A 119 6.04 -11.61 -30.56
C ILE A 119 4.53 -11.77 -30.30
N GLY A 120 4.00 -12.98 -30.55
CA GLY A 120 2.56 -13.19 -30.47
C GLY A 120 2.07 -13.83 -29.19
N ASN A 121 3.00 -14.09 -28.27
CA ASN A 121 2.70 -14.71 -26.98
C ASN A 121 1.83 -13.87 -26.07
N PRO A 122 0.84 -14.51 -25.43
CA PRO A 122 -0.09 -13.87 -24.50
C PRO A 122 0.59 -13.53 -23.17
N PRO A 123 -0.07 -12.72 -22.32
CA PRO A 123 0.45 -12.46 -20.97
C PRO A 123 0.54 -13.75 -20.16
N PHE A 124 1.58 -13.88 -19.34
CA PHE A 124 1.75 -15.04 -18.46
C PHE A 124 2.00 -16.33 -19.24
N GLY A 125 2.39 -16.14 -20.50
CA GLY A 125 2.88 -17.21 -21.34
C GLY A 125 1.94 -18.38 -21.52
N HIS A 126 2.45 -19.59 -21.28
CA HIS A 126 1.68 -20.81 -21.50
C HIS A 126 0.41 -20.83 -20.69
N PHE A 127 0.38 -20.05 -19.62
CA PHE A 127 -0.79 -20.04 -18.76
C PHE A 127 -1.84 -19.02 -19.20
N GLY A 128 -1.41 -17.94 -19.85
CA GLY A 128 -2.34 -17.07 -20.53
C GLY A 128 -3.01 -17.88 -21.63
N GLU A 129 -2.19 -18.62 -22.37
CA GLU A 129 -2.64 -19.53 -23.42
C GLU A 129 -3.71 -20.48 -22.87
N ALA A 130 -3.33 -21.20 -21.81
CA ALA A 130 -4.24 -22.08 -21.10
C ALA A 130 -5.55 -21.39 -20.77
N ALA A 131 -5.48 -20.31 -19.99
CA ALA A 131 -6.64 -19.53 -19.59
C ALA A 131 -7.59 -19.21 -20.75
N ILE A 132 -7.04 -18.66 -21.81
CA ILE A 132 -7.82 -18.32 -22.99
C ILE A 132 -8.56 -19.55 -23.49
N ASN A 133 -7.79 -20.61 -23.70
CA ASN A 133 -8.34 -21.77 -24.39
C ASN A 133 -9.39 -22.47 -23.55
N ASP A 134 -9.18 -22.48 -22.24
CA ASP A 134 -10.06 -23.15 -21.31
C ASP A 134 -11.37 -22.40 -21.19
N TRP A 135 -11.28 -21.07 -21.08
CA TRP A 135 -12.46 -20.23 -21.08
C TRP A 135 -13.28 -20.48 -22.33
N PHE A 136 -12.64 -20.34 -23.49
CA PHE A 136 -13.38 -20.46 -24.72
C PHE A 136 -13.92 -21.86 -24.92
N ARG A 137 -13.23 -22.86 -24.37
CA ARG A 137 -13.63 -24.24 -24.52
C ARG A 137 -14.89 -24.45 -23.68
N GLN A 138 -14.95 -23.81 -22.51
CA GLN A 138 -16.16 -23.83 -21.67
C GLN A 138 -17.35 -23.18 -22.40
N ARG A 139 -17.09 -22.13 -23.19
CA ARG A 139 -18.17 -21.50 -23.97
C ARG A 139 -18.55 -22.28 -25.26
N LEU A 140 -17.61 -22.94 -25.91
CA LEU A 140 -17.86 -23.50 -27.24
C LEU A 140 -17.88 -25.03 -27.32
N HIS A 141 -17.39 -25.71 -26.29
CA HIS A 141 -17.30 -27.18 -26.22
C HIS A 141 -17.10 -27.87 -27.58
N PRO A 142 -15.92 -27.68 -28.19
CA PRO A 142 -15.62 -28.20 -29.53
C PRO A 142 -15.65 -29.74 -29.59
N GLU A 143 -15.52 -30.36 -28.42
CA GLU A 143 -15.75 -31.78 -28.25
C GLU A 143 -17.04 -32.24 -28.91
N ASP A 144 -18.15 -31.60 -28.58
CA ASP A 144 -19.46 -31.96 -29.12
C ASP A 144 -19.64 -31.68 -30.62
N ALA A 145 -18.58 -31.29 -31.31
CA ALA A 145 -18.79 -31.00 -32.73
C ALA A 145 -17.94 -31.88 -33.64
N GLU A 146 -17.40 -32.99 -33.12
CA GLU A 146 -16.50 -33.85 -33.89
C GLU A 146 -17.12 -34.31 -35.21
N SER A 147 -18.02 -35.29 -35.16
CA SER A 147 -18.83 -35.61 -36.35
C SER A 147 -20.29 -35.33 -36.01
N GLN A 148 -21.19 -36.19 -36.50
CA GLN A 148 -22.58 -36.31 -36.07
C GLN A 148 -23.15 -35.17 -35.17
N PRO A 149 -24.09 -34.37 -35.71
CA PRO A 149 -24.72 -33.33 -34.87
C PRO A 149 -25.43 -33.91 -33.63
N LEU A 150 -25.83 -33.07 -32.68
CA LEU A 150 -26.35 -33.57 -31.40
C LEU A 150 -27.60 -32.83 -30.88
N THR A 151 -28.41 -33.56 -30.11
CA THR A 151 -29.46 -32.97 -29.29
C THR A 151 -28.85 -32.24 -28.11
N ASP A 152 -27.96 -32.93 -27.39
CA ASP A 152 -27.33 -32.41 -26.18
C ASP A 152 -26.05 -31.60 -26.43
N ASP A 153 -26.05 -30.77 -27.48
CA ASP A 153 -24.86 -30.00 -27.83
C ASP A 153 -24.67 -28.79 -26.88
N ARG A 154 -23.67 -28.90 -26.00
CA ARG A 154 -23.44 -27.95 -24.92
C ARG A 154 -22.90 -26.58 -25.34
N CYS A 155 -22.81 -26.33 -26.64
CA CYS A 155 -22.36 -25.01 -27.10
C CYS A 155 -23.35 -23.94 -26.67
N SER A 156 -22.86 -22.91 -25.99
CA SER A 156 -23.73 -21.86 -25.47
C SER A 156 -24.04 -20.78 -26.51
N VAL A 157 -23.36 -20.85 -27.65
CA VAL A 157 -23.54 -19.85 -28.69
C VAL A 157 -24.50 -20.34 -29.75
N ALA A 158 -25.69 -19.74 -29.77
CA ALA A 158 -26.77 -20.08 -30.69
C ALA A 158 -26.31 -20.53 -32.09
N ALA A 159 -25.62 -19.64 -32.80
CA ALA A 159 -25.30 -19.87 -34.20
C ALA A 159 -24.37 -21.06 -34.49
N LEU A 160 -23.52 -21.43 -33.52
CA LEU A 160 -22.48 -22.44 -33.76
C LEU A 160 -22.86 -23.86 -33.31
N ARG A 161 -24.02 -24.04 -32.69
CA ARG A 161 -24.54 -25.39 -32.44
C ARG A 161 -24.79 -26.09 -33.77
N LEU A 162 -24.61 -27.40 -33.80
CA LEU A 162 -24.84 -28.17 -35.03
C LEU A 162 -26.31 -28.56 -35.15
N ARG A 163 -27.02 -27.92 -36.07
CA ARG A 163 -28.43 -28.23 -36.32
C ARG A 163 -28.51 -29.33 -37.38
N ASP A 164 -29.25 -30.39 -37.11
CA ASP A 164 -29.29 -31.53 -38.03
C ASP A 164 -30.00 -31.19 -39.33
N GLY A 165 -29.29 -31.34 -40.44
CA GLY A 165 -29.80 -30.95 -41.75
C GLY A 165 -28.74 -30.17 -42.50
N GLU A 166 -28.55 -28.93 -42.08
CA GLU A 166 -27.50 -28.05 -42.64
C GLU A 166 -26.11 -28.69 -42.52
N GLU A 167 -25.51 -29.07 -43.64
CA GLU A 167 -24.25 -29.83 -43.55
C GLU A 167 -22.98 -29.03 -43.87
N PRO A 168 -22.98 -28.19 -44.94
CA PRO A 168 -21.79 -27.33 -45.08
C PRO A 168 -21.58 -26.38 -43.89
N LEU A 169 -22.69 -25.79 -43.45
CA LEU A 169 -22.66 -24.91 -42.30
C LEU A 169 -22.14 -25.63 -41.05
N ASN A 170 -22.49 -26.90 -40.90
CA ASN A 170 -21.99 -27.67 -39.77
C ASN A 170 -20.46 -27.76 -39.80
N GLU A 171 -19.90 -27.89 -40.99
CA GLU A 171 -18.46 -28.00 -41.14
C GLU A 171 -17.81 -26.70 -40.71
N LEU A 172 -18.36 -25.59 -41.20
CA LEU A 172 -17.83 -24.28 -40.84
C LEU A 172 -17.91 -24.06 -39.31
N ARG A 173 -19.02 -24.52 -38.72
CA ARG A 173 -19.20 -24.49 -37.27
C ARG A 173 -18.09 -25.25 -36.54
N ARG A 174 -17.79 -26.47 -37.02
CA ARG A 174 -16.71 -27.31 -36.50
C ARG A 174 -15.40 -26.55 -36.44
N LYS A 175 -15.00 -26.03 -37.60
CA LYS A 175 -13.72 -25.34 -37.72
C LYS A 175 -13.67 -24.10 -36.81
N ILE A 176 -14.77 -23.36 -36.73
CA ILE A 176 -14.78 -22.18 -35.87
C ILE A 176 -14.60 -22.54 -34.38
N ARG A 177 -15.35 -23.54 -33.91
CA ARG A 177 -15.21 -23.98 -32.52
C ARG A 177 -13.80 -24.47 -32.17
N GLN A 178 -13.26 -25.38 -32.97
CA GLN A 178 -11.91 -25.85 -32.72
C GLN A 178 -10.90 -24.70 -32.73
N ASP A 179 -10.95 -23.87 -33.78
CA ASP A 179 -9.97 -22.80 -33.98
C ASP A 179 -9.98 -21.82 -32.82
N LEU A 180 -11.17 -21.38 -32.41
CA LEU A 180 -11.26 -20.45 -31.29
C LEU A 180 -10.76 -21.09 -30.01
N CYS A 181 -10.85 -22.43 -29.93
CA CYS A 181 -10.36 -23.10 -28.73
C CYS A 181 -8.91 -23.56 -28.79
N HIS A 182 -8.18 -23.10 -29.82
CA HIS A 182 -6.73 -23.40 -29.93
C HIS A 182 -5.85 -22.17 -30.10
N PHE A 183 -5.99 -21.22 -29.18
CA PHE A 183 -5.14 -20.05 -29.19
C PHE A 183 -3.73 -20.55 -29.08
N GLU A 184 -2.83 -19.99 -29.90
CA GLU A 184 -1.41 -20.34 -29.83
C GLU A 184 -0.54 -19.14 -30.12
N GLY A 185 0.53 -18.97 -29.36
CA GLY A 185 1.49 -17.89 -29.57
C GLY A 185 2.03 -17.65 -31.00
N ASN A 186 2.30 -18.72 -31.73
CA ASN A 186 2.89 -18.61 -33.06
C ASN A 186 1.88 -18.17 -34.10
N ALA A 187 0.68 -18.73 -33.97
CA ALA A 187 -0.43 -18.41 -34.83
C ALA A 187 -0.81 -16.95 -34.65
N GLN A 188 -0.75 -16.53 -33.39
CA GLN A 188 -1.08 -15.16 -33.04
C GLN A 188 0.01 -14.25 -33.57
N GLY A 189 1.23 -14.75 -33.62
CA GLY A 189 2.31 -13.99 -34.22
C GLY A 189 2.17 -13.77 -35.71
N ILE A 190 1.76 -14.80 -36.46
CA ILE A 190 1.46 -14.65 -37.89
C ILE A 190 0.36 -13.63 -38.10
N ARG A 191 -0.72 -13.79 -37.33
CA ARG A 191 -1.83 -12.83 -37.36
C ARG A 191 -1.36 -11.41 -37.04
N LEU A 192 -0.48 -11.31 -36.08
CA LEU A 192 0.01 -10.05 -35.61
C LEU A 192 0.84 -9.37 -36.68
N VAL A 193 1.66 -10.14 -37.34
CA VAL A 193 2.59 -9.59 -38.31
C VAL A 193 1.88 -9.24 -39.60
N HIS A 194 0.79 -9.96 -39.91
CA HIS A 194 0.01 -9.69 -41.13
C HIS A 194 -1.10 -8.65 -40.99
N THR A 195 -2.08 -8.98 -40.14
CA THR A 195 -3.35 -8.25 -40.03
C THR A 195 -3.36 -7.08 -39.05
N LEU A 196 -2.65 -7.19 -37.93
CA LEU A 196 -2.72 -6.18 -36.89
C LEU A 196 -1.63 -5.08 -36.96
N MET A 197 -0.45 -5.42 -37.47
CA MET A 197 0.67 -4.49 -37.48
C MET A 197 0.87 -3.96 -38.89
N ARG A 198 0.43 -4.78 -39.85
CA ARG A 198 0.62 -4.51 -41.27
C ARG A 198 2.04 -4.00 -41.52
N MET A 199 3.02 -4.86 -41.28
CA MET A 199 4.43 -4.48 -41.44
C MET A 199 4.82 -4.66 -42.88
N ASN A 200 4.04 -5.46 -43.60
CA ASN A 200 4.30 -5.75 -45.01
C ASN A 200 5.74 -6.22 -45.22
N LEU A 201 6.10 -7.33 -44.60
CA LEU A 201 7.47 -7.82 -44.68
C LEU A 201 7.65 -8.55 -46.02
N THR A 202 8.89 -8.94 -46.34
CA THR A 202 9.15 -9.85 -47.45
C THR A 202 8.54 -11.22 -47.16
N TRP A 203 8.16 -11.95 -48.20
CA TRP A 203 7.57 -13.28 -48.01
C TRP A 203 8.50 -14.20 -47.22
N ALA A 204 9.80 -14.12 -47.51
CA ALA A 204 10.83 -14.92 -46.84
C ALA A 204 10.81 -14.73 -45.31
N GLN A 205 10.60 -13.48 -44.88
CA GLN A 205 10.62 -13.15 -43.45
C GLN A 205 9.44 -13.77 -42.70
N VAL A 206 8.28 -13.64 -43.31
CA VAL A 206 7.06 -14.23 -42.81
C VAL A 206 7.21 -15.74 -42.75
N GLY A 207 7.83 -16.32 -43.77
CA GLY A 207 8.11 -17.75 -43.75
C GLY A 207 8.98 -18.11 -42.57
N GLY A 208 9.94 -17.23 -42.27
CA GLY A 208 10.82 -17.40 -41.13
C GLY A 208 10.07 -17.50 -39.82
N ILE A 209 8.97 -16.75 -39.69
CA ILE A 209 8.12 -16.88 -38.49
C ILE A 209 7.36 -18.22 -38.38
N LEU A 210 6.78 -18.68 -39.49
CA LEU A 210 5.89 -19.84 -39.49
C LEU A 210 6.56 -21.14 -39.04
N LYS A 211 6.54 -21.38 -37.73
CA LYS A 211 7.30 -22.47 -37.10
C LYS A 211 6.59 -23.80 -37.11
N TYR A 212 5.28 -23.80 -36.90
CA TYR A 212 4.47 -25.01 -37.02
C TYR A 212 3.49 -24.84 -38.17
N THR A 213 2.97 -25.95 -38.69
CA THR A 213 2.25 -25.92 -39.95
C THR A 213 0.88 -26.54 -39.84
N ARG A 214 0.45 -26.79 -38.61
CA ARG A 214 -0.91 -27.27 -38.37
C ARG A 214 -1.91 -26.12 -38.27
N PRO A 215 -3.00 -26.21 -39.03
CA PRO A 215 -4.14 -25.30 -38.88
C PRO A 215 -4.70 -25.40 -37.48
N ALA A 216 -5.00 -24.28 -36.83
CA ALA A 216 -5.57 -24.32 -35.49
C ALA A 216 -6.93 -25.03 -35.46
N TRP A 217 -7.61 -25.10 -36.60
CA TRP A 217 -8.93 -25.72 -36.68
C TRP A 217 -8.84 -27.23 -36.86
N TRP A 218 -7.62 -27.73 -36.93
CA TRP A 218 -7.34 -29.15 -37.13
C TRP A 218 -7.93 -30.04 -36.04
N ARG A 219 -8.52 -31.16 -36.47
CA ARG A 219 -9.05 -32.15 -35.53
C ARG A 219 -8.49 -33.55 -35.82
N GLY A 220 -8.19 -34.28 -34.75
CA GLY A 220 -7.71 -35.63 -34.88
C GLY A 220 -6.20 -35.77 -34.95
N GLU A 221 -5.75 -36.99 -35.21
CA GLU A 221 -4.33 -37.28 -35.32
C GLU A 221 -3.75 -36.57 -36.53
N THR A 222 -2.52 -36.06 -36.40
CA THR A 222 -1.82 -35.44 -37.51
C THR A 222 -1.10 -36.52 -38.31
N PRO A 223 -0.94 -36.31 -39.63
CA PRO A 223 -0.21 -37.25 -40.49
C PRO A 223 1.11 -37.71 -39.85
N GLU A 224 1.40 -39.01 -39.95
CA GLU A 224 2.58 -39.63 -39.35
C GLU A 224 3.88 -38.99 -39.81
N THR A 225 3.98 -38.75 -41.12
CA THR A 225 5.17 -38.18 -41.74
C THR A 225 5.42 -36.70 -41.42
N HIS A 226 4.47 -36.06 -40.75
CA HIS A 226 4.57 -34.63 -40.42
C HIS A 226 4.34 -34.35 -38.94
N HIS A 227 4.46 -35.38 -38.09
CA HIS A 227 4.10 -35.27 -36.67
C HIS A 227 4.80 -34.12 -35.92
N TYR A 228 6.07 -33.90 -36.21
CA TYR A 228 6.85 -32.90 -35.50
C TYR A 228 6.53 -31.48 -35.94
N LEU A 229 6.26 -31.32 -37.24
CA LEU A 229 5.92 -30.02 -37.84
C LEU A 229 4.49 -29.57 -37.58
N MET A 230 3.62 -30.50 -37.19
CA MET A 230 2.23 -30.20 -36.92
C MET A 230 1.93 -30.44 -35.43
N LYS A 231 2.92 -30.17 -34.59
CA LYS A 231 2.82 -30.50 -33.16
C LYS A 231 1.82 -29.55 -32.52
N LYS A 232 2.04 -28.27 -32.73
CA LYS A 232 1.17 -27.22 -32.19
C LYS A 232 0.52 -26.44 -33.35
N PRO A 233 -0.60 -25.73 -33.08
CA PRO A 233 -1.21 -24.90 -34.13
C PRO A 233 -0.30 -23.79 -34.64
N GLY A 234 -0.23 -23.62 -35.95
CA GLY A 234 0.68 -22.66 -36.53
C GLY A 234 -0.03 -21.46 -37.13
N TYR A 235 -1.26 -21.66 -37.59
CA TYR A 235 -2.03 -20.55 -38.12
C TYR A 235 -3.53 -20.67 -37.87
N TYR A 236 -4.19 -19.51 -37.79
CA TYR A 236 -5.62 -19.49 -37.49
C TYR A 236 -6.46 -19.52 -38.74
N LEU A 237 -7.73 -19.89 -38.58
CA LEU A 237 -8.67 -20.02 -39.68
C LEU A 237 -8.80 -18.74 -40.50
N SER A 238 -8.50 -17.62 -39.85
CA SER A 238 -8.55 -16.28 -40.44
C SER A 238 -7.31 -15.93 -41.25
N GLU A 239 -6.19 -16.59 -40.97
CA GLU A 239 -4.96 -16.31 -41.68
C GLU A 239 -4.83 -17.21 -42.87
N GLU A 240 -5.85 -18.02 -43.12
CA GLU A 240 -5.76 -19.15 -44.06
C GLU A 240 -5.36 -18.78 -45.49
N ALA A 241 -6.06 -17.82 -46.09
CA ALA A 241 -5.78 -17.41 -47.47
C ALA A 241 -4.39 -16.78 -47.61
N TYR A 242 -3.99 -16.06 -46.57
CA TYR A 242 -2.63 -15.53 -46.47
C TYR A 242 -1.56 -16.63 -46.46
N ILE A 243 -1.77 -17.67 -45.65
CA ILE A 243 -0.81 -18.75 -45.54
C ILE A 243 -0.77 -19.55 -46.84
N ALA A 244 -1.94 -19.74 -47.46
CA ALA A 244 -1.99 -20.32 -48.79
C ALA A 244 -1.09 -19.55 -49.76
N ARG A 245 -1.30 -18.23 -49.78
CA ARG A 245 -0.51 -17.34 -50.62
C ARG A 245 0.98 -17.46 -50.30
N LEU A 246 1.30 -17.59 -49.01
CA LEU A 246 2.67 -17.73 -48.53
C LEU A 246 3.34 -18.99 -49.06
N ARG A 247 2.66 -20.13 -48.96
CA ARG A 247 3.17 -21.40 -49.53
C ARG A 247 3.35 -21.28 -51.05
N LYS A 248 2.44 -20.56 -51.70
CA LYS A 248 2.56 -20.33 -53.13
C LYS A 248 3.84 -19.52 -53.45
N GLU A 249 4.17 -18.55 -52.60
CA GLU A 249 5.32 -17.66 -52.85
C GLU A 249 6.67 -18.25 -52.39
N LEU A 250 6.63 -19.26 -51.53
CA LEU A 250 7.88 -19.87 -51.07
C LEU A 250 7.98 -21.30 -51.53
N ASN A 251 7.12 -21.69 -52.47
CA ASN A 251 7.09 -23.04 -53.00
C ASN A 251 7.14 -24.09 -51.90
N LEU A 252 6.20 -23.97 -50.96
CA LEU A 252 6.05 -24.95 -49.89
C LEU A 252 4.88 -25.88 -50.17
N ALA A 253 5.09 -27.17 -49.95
CA ALA A 253 4.02 -28.14 -50.03
C ALA A 253 3.03 -27.85 -48.91
N LEU A 254 1.84 -28.43 -49.01
CA LEU A 254 0.92 -28.32 -47.92
C LEU A 254 1.56 -28.92 -46.65
N TYR A 255 1.46 -28.16 -45.56
CA TYR A 255 1.94 -28.51 -44.22
C TYR A 255 3.47 -28.54 -44.15
N SER A 256 4.14 -27.80 -45.03
CA SER A 256 5.60 -27.78 -45.05
C SER A 256 6.14 -26.49 -44.46
N ARG A 257 7.44 -26.44 -44.21
CA ARG A 257 8.05 -25.37 -43.42
C ARG A 257 9.17 -24.65 -44.15
N PHE A 258 9.42 -23.41 -43.79
CA PHE A 258 10.48 -22.64 -44.42
C PHE A 258 11.82 -22.99 -43.81
N PRO A 259 12.79 -23.39 -44.65
CA PRO A 259 14.13 -23.87 -44.28
C PRO A 259 14.77 -23.18 -43.06
N LEU A 260 14.99 -21.87 -43.20
CA LEU A 260 15.71 -21.11 -42.19
C LEU A 260 15.14 -21.28 -40.79
N THR A 261 13.84 -21.55 -40.71
CA THR A 261 13.18 -21.78 -39.43
C THR A 261 13.96 -22.74 -38.54
N TRP A 262 14.35 -23.90 -39.07
CA TRP A 262 15.11 -24.88 -38.29
C TRP A 262 16.31 -24.26 -37.57
N ILE A 263 17.04 -23.41 -38.30
CA ILE A 263 18.20 -22.72 -37.75
C ILE A 263 17.81 -21.97 -36.49
N MET A 264 16.82 -21.07 -36.64
CA MET A 264 16.40 -20.22 -35.54
C MET A 264 15.89 -21.07 -34.39
N GLU A 265 15.19 -22.16 -34.73
CA GLU A 265 14.57 -22.97 -33.70
C GLU A 265 15.69 -23.52 -32.84
N ALA A 266 16.74 -24.01 -33.52
CA ALA A 266 17.94 -24.54 -32.85
C ALA A 266 18.47 -23.50 -31.89
N ALA A 267 18.70 -22.30 -32.46
CA ALA A 267 19.24 -21.19 -31.69
C ALA A 267 18.42 -20.99 -30.41
N ASP A 268 17.10 -20.91 -30.59
CA ASP A 268 16.19 -20.67 -29.47
C ASP A 268 16.59 -21.57 -28.32
N ASP A 269 16.54 -22.89 -28.59
CA ASP A 269 16.74 -23.95 -27.60
C ASP A 269 17.96 -23.62 -26.78
N ILE A 270 19.08 -23.55 -27.50
CA ILE A 270 20.37 -23.33 -26.88
C ILE A 270 20.36 -22.23 -25.84
N SER A 271 19.96 -21.03 -26.25
CA SER A 271 20.07 -19.87 -25.37
C SER A 271 19.31 -20.16 -24.10
N TYR A 272 18.05 -20.56 -24.32
CA TYR A 272 17.12 -20.57 -23.21
C TYR A 272 17.70 -21.52 -22.17
N CYS A 273 18.22 -22.67 -22.61
CA CYS A 273 18.59 -23.69 -21.65
C CYS A 273 19.56 -23.09 -20.62
N VAL A 274 20.71 -22.60 -21.09
CA VAL A 274 21.72 -22.19 -20.11
C VAL A 274 21.21 -21.02 -19.27
N ALA A 275 20.52 -20.10 -19.95
CA ALA A 275 20.09 -18.88 -19.29
C ALA A 275 19.30 -19.24 -18.07
N ASP A 276 18.38 -20.20 -18.23
CA ASP A 276 17.44 -20.49 -17.16
C ASP A 276 18.22 -20.86 -15.91
N LEU A 277 19.22 -21.75 -16.06
CA LEU A 277 20.00 -22.21 -14.89
C LEU A 277 20.71 -21.03 -14.23
N GLU A 278 21.31 -20.17 -15.05
CA GLU A 278 21.96 -18.98 -14.56
C GLU A 278 21.00 -18.15 -13.74
N ASP A 279 19.78 -17.97 -14.28
CA ASP A 279 18.78 -17.14 -13.64
C ASP A 279 18.39 -17.75 -12.31
N ALA A 280 18.31 -19.08 -12.29
CA ALA A 280 17.93 -19.78 -11.09
C ALA A 280 18.97 -19.59 -10.00
N VAL A 281 20.21 -19.33 -10.39
CA VAL A 281 21.26 -19.10 -9.42
C VAL A 281 21.28 -17.62 -8.98
N GLU A 282 20.77 -16.72 -9.81
CA GLU A 282 20.64 -15.32 -9.39
C GLU A 282 19.50 -15.24 -8.39
N LYS A 283 18.33 -15.77 -8.77
CA LYS A 283 17.14 -15.83 -7.90
C LYS A 283 17.30 -16.83 -6.72
N ARG A 284 18.52 -17.29 -6.49
CA ARG A 284 18.87 -18.05 -5.28
C ARG A 284 18.20 -19.43 -5.11
N ILE A 285 17.48 -19.91 -6.12
CA ILE A 285 16.77 -21.21 -6.05
C ILE A 285 17.65 -22.42 -5.67
N PHE A 286 18.87 -22.48 -6.23
CA PHE A 286 19.90 -23.41 -5.77
C PHE A 286 21.26 -22.77 -5.98
N THR A 287 22.32 -23.31 -5.37
CA THR A 287 23.66 -22.74 -5.56
C THR A 287 24.42 -23.39 -6.72
N VAL A 288 25.59 -22.84 -7.03
CA VAL A 288 26.35 -23.36 -8.16
C VAL A 288 26.81 -24.80 -7.96
N GLU A 289 27.52 -25.07 -6.87
CA GLU A 289 27.98 -26.42 -6.55
C GLU A 289 26.83 -27.43 -6.54
N GLN A 290 25.69 -26.99 -6.00
CA GLN A 290 24.47 -27.80 -6.02
C GLN A 290 24.02 -28.08 -7.45
N LEU A 291 24.06 -27.06 -8.29
CA LEU A 291 23.72 -27.22 -9.70
C LEU A 291 24.66 -28.24 -10.38
N TYR A 292 25.97 -28.05 -10.18
CA TYR A 292 26.95 -28.96 -10.72
C TYR A 292 26.63 -30.37 -10.32
N HIS A 293 26.20 -30.54 -9.08
CA HIS A 293 25.82 -31.86 -8.59
C HIS A 293 24.59 -32.43 -9.31
N HIS A 294 23.54 -31.64 -9.41
CA HIS A 294 22.31 -32.12 -10.07
C HIS A 294 22.56 -32.47 -11.53
N LEU A 295 23.44 -31.70 -12.17
CA LEU A 295 23.85 -32.00 -13.53
C LEU A 295 24.61 -33.32 -13.60
N HIS A 296 25.67 -33.42 -12.80
CA HIS A 296 26.52 -34.62 -12.76
C HIS A 296 25.73 -35.89 -12.48
N GLU A 297 24.69 -35.77 -11.66
CA GLU A 297 23.86 -36.93 -11.32
C GLU A 297 22.92 -37.27 -12.45
N ALA A 298 22.15 -36.29 -12.93
CA ALA A 298 21.20 -36.55 -14.01
C ALA A 298 21.88 -37.11 -15.26
N TRP A 299 23.17 -36.81 -15.44
CA TRP A 299 23.91 -37.32 -16.60
C TRP A 299 24.14 -38.85 -16.55
N GLY A 300 25.02 -39.30 -15.67
CA GLY A 300 25.43 -40.70 -15.64
C GLY A 300 26.94 -40.81 -15.53
N GLN A 301 27.47 -42.03 -15.59
CA GLN A 301 28.93 -42.22 -15.46
C GLN A 301 29.70 -41.50 -16.58
N HIS A 302 31.03 -41.53 -16.50
CA HIS A 302 31.86 -40.78 -17.44
C HIS A 302 32.89 -41.61 -18.19
N GLU A 303 33.08 -41.26 -19.46
CA GLU A 303 34.30 -41.59 -20.18
C GLU A 303 35.01 -40.25 -20.32
N LYS A 304 35.81 -39.90 -19.31
CA LYS A 304 36.42 -38.57 -19.17
C LYS A 304 37.00 -38.09 -20.49
N GLY A 305 36.13 -37.51 -21.30
CA GLY A 305 36.43 -37.17 -22.67
C GLY A 305 35.12 -37.11 -23.42
N SER A 306 34.06 -37.59 -22.77
CA SER A 306 32.72 -37.40 -23.33
C SER A 306 32.31 -35.93 -23.28
N LEU A 307 31.08 -35.67 -23.69
CA LEU A 307 30.61 -34.30 -23.88
C LEU A 307 30.47 -33.55 -22.56
N PHE A 308 29.89 -34.24 -21.58
CA PHE A 308 29.71 -33.65 -20.26
C PHE A 308 31.05 -33.19 -19.69
N SER A 309 32.08 -34.02 -19.84
CA SER A 309 33.42 -33.68 -19.33
C SER A 309 33.88 -32.36 -19.90
N LEU A 310 33.99 -32.30 -21.23
CA LEU A 310 34.34 -31.08 -21.95
C LEU A 310 33.46 -29.90 -21.50
N VAL A 311 32.24 -29.82 -22.02
CA VAL A 311 31.32 -28.74 -21.64
C VAL A 311 31.24 -28.44 -20.13
N VAL A 312 30.53 -29.31 -19.40
CA VAL A 312 30.19 -28.99 -18.02
C VAL A 312 31.36 -29.09 -17.05
N GLU A 313 32.12 -30.18 -17.14
CA GLU A 313 33.16 -30.36 -16.15
C GLU A 313 34.29 -29.35 -16.41
N ASN A 314 34.57 -29.01 -17.67
CA ASN A 314 35.62 -28.00 -17.90
C ASN A 314 35.13 -26.63 -17.45
N ALA A 315 33.84 -26.36 -17.65
CA ALA A 315 33.26 -25.13 -17.11
C ALA A 315 33.45 -25.04 -15.58
N TRP A 316 33.12 -26.13 -14.89
CA TRP A 316 33.18 -26.19 -13.43
C TRP A 316 34.59 -26.07 -12.89
N GLU A 317 35.54 -26.74 -13.54
CA GLU A 317 36.94 -26.64 -13.12
C GLU A 317 37.46 -25.22 -13.37
N LYS A 318 37.36 -24.77 -14.61
CA LYS A 318 37.79 -23.41 -14.96
C LYS A 318 37.20 -22.38 -13.97
N SER A 319 35.98 -22.62 -13.51
CA SER A 319 35.35 -21.78 -12.48
C SER A 319 36.01 -21.91 -11.11
N ARG A 320 36.25 -23.16 -10.71
CA ARG A 320 36.71 -23.50 -9.36
C ARG A 320 38.04 -22.86 -8.97
N SER A 321 38.82 -22.44 -9.97
CA SER A 321 40.14 -21.87 -9.72
C SER A 321 40.08 -20.38 -9.35
N ASN A 322 39.09 -19.99 -8.53
CA ASN A 322 38.93 -18.60 -8.10
C ASN A 322 38.70 -18.48 -6.59
N SER A 327 31.30 -13.96 -9.09
CA SER A 327 32.70 -14.30 -9.21
C SER A 327 32.85 -15.70 -9.78
N THR A 328 32.90 -16.70 -8.91
CA THR A 328 32.90 -18.10 -9.33
C THR A 328 31.65 -18.44 -10.12
N GLU A 329 30.50 -17.96 -9.64
CA GLU A 329 29.21 -18.21 -10.30
C GLU A 329 29.21 -17.69 -11.75
N ASP A 330 29.55 -16.43 -11.91
CA ASP A 330 29.57 -15.80 -13.22
C ASP A 330 30.57 -16.50 -14.16
N GLN A 331 31.73 -16.85 -13.62
CA GLN A 331 32.73 -17.55 -14.41
C GLN A 331 32.22 -18.89 -14.91
N PHE A 332 31.69 -19.69 -13.98
CA PHE A 332 31.08 -20.96 -14.32
C PHE A 332 30.05 -20.81 -15.44
N PHE A 333 29.11 -19.86 -15.33
CA PHE A 333 28.06 -19.78 -16.35
C PHE A 333 28.54 -19.21 -17.68
N MET A 334 29.54 -18.34 -17.61
CA MET A 334 30.16 -17.82 -18.83
C MET A 334 30.76 -18.97 -19.63
N TYR A 335 31.64 -19.73 -18.96
CA TYR A 335 32.23 -20.89 -19.59
C TYR A 335 31.21 -21.95 -20.03
N LEU A 336 30.18 -22.17 -19.23
CA LEU A 336 29.15 -23.14 -19.57
C LEU A 336 28.47 -22.77 -20.88
N ARG A 337 28.14 -21.48 -21.02
CA ARG A 337 27.53 -20.99 -22.25
C ARG A 337 28.47 -21.10 -23.43
N VAL A 338 29.70 -20.63 -23.25
CA VAL A 338 30.72 -20.73 -24.29
C VAL A 338 30.92 -22.17 -24.79
N ASN A 339 31.22 -23.09 -23.88
CA ASN A 339 31.43 -24.50 -24.22
C ASN A 339 30.22 -25.15 -24.89
N THR A 340 29.04 -24.90 -24.33
CA THR A 340 27.81 -25.41 -24.93
C THR A 340 27.67 -24.94 -26.37
N LEU A 341 27.83 -23.63 -26.57
CA LEU A 341 27.71 -23.05 -27.91
C LEU A 341 28.74 -23.63 -28.87
N ASN A 342 29.98 -23.74 -28.41
CA ASN A 342 31.08 -24.21 -29.24
C ASN A 342 30.98 -25.68 -29.63
N LYS A 343 30.20 -26.46 -28.88
CA LYS A 343 29.93 -27.83 -29.34
C LYS A 343 28.61 -27.94 -30.13
N LEU A 344 27.61 -27.15 -29.76
CA LEU A 344 26.26 -27.34 -30.30
C LEU A 344 25.99 -26.56 -31.58
N VAL A 345 26.55 -25.36 -31.66
CA VAL A 345 26.33 -24.53 -32.84
C VAL A 345 26.89 -25.19 -34.10
N PRO A 346 28.15 -25.62 -34.08
CA PRO A 346 28.61 -26.33 -35.28
C PRO A 346 27.86 -27.64 -35.52
N TYR A 347 27.41 -28.32 -34.47
CA TYR A 347 26.66 -29.56 -34.68
C TYR A 347 25.33 -29.26 -35.38
N ALA A 348 24.66 -28.21 -34.94
CA ALA A 348 23.44 -27.74 -35.58
C ALA A 348 23.68 -27.39 -37.05
N ALA A 349 24.76 -26.66 -37.29
CA ALA A 349 25.14 -26.26 -38.65
C ALA A 349 25.29 -27.46 -39.56
N GLN A 350 26.10 -28.42 -39.10
CA GLN A 350 26.34 -29.68 -39.78
C GLN A 350 25.03 -30.42 -40.04
N ARG A 351 24.19 -30.47 -39.02
CA ARG A 351 22.87 -31.10 -39.13
C ARG A 351 22.04 -30.49 -40.24
N PHE A 352 22.04 -29.16 -40.30
CA PHE A 352 21.37 -28.42 -41.36
C PHE A 352 21.90 -28.80 -42.73
N ILE A 353 23.22 -28.80 -42.90
CA ILE A 353 23.82 -29.08 -44.21
C ILE A 353 23.62 -30.53 -44.65
N ASP A 354 23.74 -31.46 -43.72
CA ASP A 354 23.62 -32.89 -44.01
C ASP A 354 22.21 -33.28 -44.44
N ASN A 355 21.24 -32.44 -44.10
CA ASN A 355 19.85 -32.72 -44.45
C ASN A 355 19.25 -31.66 -45.38
N LEU A 356 20.11 -30.90 -46.04
CA LEU A 356 19.66 -29.74 -46.79
C LEU A 356 18.58 -30.05 -47.84
N PRO A 357 18.64 -31.22 -48.52
CA PRO A 357 17.54 -31.50 -49.45
C PRO A 357 16.13 -31.54 -48.83
N ALA A 358 15.97 -32.19 -47.68
CA ALA A 358 14.66 -32.30 -47.06
C ALA A 358 14.26 -31.03 -46.29
N ILE A 359 15.25 -30.36 -45.72
CA ILE A 359 15.01 -29.09 -45.05
C ILE A 359 14.60 -28.05 -46.10
N PHE A 360 15.16 -28.18 -47.30
CA PHE A 360 14.82 -27.29 -48.40
C PHE A 360 13.44 -27.61 -48.96
N ALA A 361 13.10 -28.89 -49.08
CA ALA A 361 11.75 -29.29 -49.46
C ALA A 361 10.72 -28.84 -48.40
N GLY A 362 11.20 -28.58 -47.19
CA GLY A 362 10.35 -28.17 -46.10
C GLY A 362 9.61 -29.31 -45.40
N THR A 363 10.10 -30.52 -45.60
CA THR A 363 9.39 -31.72 -45.16
C THR A 363 10.08 -32.47 -44.03
N PHE A 364 11.38 -32.23 -43.86
CA PHE A 364 12.23 -32.87 -42.85
C PHE A 364 11.60 -32.96 -41.46
N ASN A 365 11.19 -34.17 -41.06
CA ASN A 365 10.35 -34.32 -39.85
C ASN A 365 11.10 -34.38 -38.50
N HIS A 366 12.15 -33.57 -38.36
CA HIS A 366 12.99 -33.59 -37.16
C HIS A 366 13.56 -32.22 -36.86
N ALA A 367 13.96 -32.02 -35.61
CA ALA A 367 14.74 -30.85 -35.23
C ALA A 367 16.20 -31.11 -35.53
N LEU A 368 17.02 -30.06 -35.55
CA LEU A 368 18.44 -30.29 -35.78
C LEU A 368 19.05 -30.91 -34.52
N LEU A 369 18.62 -30.45 -33.36
CA LEU A 369 19.19 -30.97 -32.12
C LEU A 369 18.26 -31.94 -31.40
N GLU A 370 17.29 -32.50 -32.12
CA GLU A 370 16.50 -33.63 -31.60
C GLU A 370 17.13 -34.93 -32.14
N ASP A 371 17.65 -35.75 -31.24
CA ASP A 371 18.62 -36.77 -31.63
C ASP A 371 18.91 -37.81 -30.56
N ALA A 372 19.64 -38.86 -30.98
CA ALA A 372 20.31 -39.73 -30.03
C ALA A 372 21.74 -39.23 -29.85
N SER A 373 22.01 -38.06 -30.44
CA SER A 373 23.29 -37.37 -30.30
C SER A 373 23.61 -37.07 -28.83
N GLU A 374 24.90 -37.00 -28.51
CA GLU A 374 25.31 -36.59 -27.18
C GLU A 374 24.93 -35.14 -26.91
N CYS A 375 25.01 -34.31 -27.96
CA CYS A 375 24.62 -32.90 -27.93
C CYS A 375 23.18 -32.75 -27.47
N SER A 376 22.30 -33.50 -28.15
CA SER A 376 20.89 -33.51 -27.81
C SER A 376 20.70 -33.87 -26.33
N ASP A 377 21.35 -34.96 -25.92
CA ASP A 377 21.30 -35.43 -24.53
C ASP A 377 21.75 -34.36 -23.53
N LEU A 378 22.72 -33.56 -23.92
CA LEU A 378 23.20 -32.46 -23.08
C LEU A 378 22.10 -31.39 -22.90
N LEU A 379 21.47 -30.99 -24.01
CA LEU A 379 20.33 -30.07 -23.90
C LEU A 379 19.22 -30.64 -23.00
N LYS A 380 18.88 -31.90 -23.21
CA LYS A 380 17.86 -32.55 -22.40
C LYS A 380 18.25 -32.56 -20.91
N LEU A 381 19.55 -32.71 -20.66
CA LEU A 381 20.08 -32.68 -19.30
C LEU A 381 19.76 -31.33 -18.62
N TYR A 382 20.16 -30.25 -19.29
CA TYR A 382 19.82 -28.91 -18.81
C TYR A 382 18.31 -28.75 -18.55
N LYS A 383 17.52 -29.11 -19.55
CA LYS A 383 16.07 -28.98 -19.44
C LYS A 383 15.50 -29.74 -18.23
N ASN A 384 15.87 -31.00 -18.07
CA ASN A 384 15.44 -31.78 -16.92
C ASN A 384 15.78 -31.07 -15.62
N VAL A 385 17.04 -30.64 -15.49
CA VAL A 385 17.45 -30.00 -14.24
C VAL A 385 16.61 -28.75 -13.93
N ALA A 386 16.32 -27.97 -14.97
CA ALA A 386 15.46 -26.80 -14.79
C ALA A 386 14.02 -27.16 -14.40
N VAL A 387 13.38 -28.00 -15.20
CA VAL A 387 12.03 -28.49 -14.90
C VAL A 387 11.89 -29.07 -13.48
N LYS A 388 12.81 -29.95 -13.07
CA LYS A 388 12.75 -30.48 -11.72
C LYS A 388 13.00 -29.41 -10.64
N HIS A 389 14.04 -28.59 -10.78
CA HIS A 389 14.46 -27.77 -9.63
C HIS A 389 14.31 -26.26 -9.82
N VAL A 390 13.69 -25.82 -10.91
CA VAL A 390 13.49 -24.39 -11.13
C VAL A 390 12.02 -24.04 -11.34
N PHE A 391 11.41 -24.65 -12.35
CA PHE A 391 10.00 -24.42 -12.67
C PHE A 391 9.04 -25.00 -11.63
N SER A 392 9.58 -25.65 -10.62
CA SER A 392 8.77 -26.24 -9.56
C SER A 392 8.91 -25.41 -8.32
N HIS A 393 9.79 -24.42 -8.39
CA HIS A 393 9.94 -23.49 -7.28
C HIS A 393 8.60 -22.85 -7.03
N PRO A 394 8.11 -22.99 -5.80
CA PRO A 394 6.75 -22.61 -5.41
C PRO A 394 6.38 -21.23 -5.91
N ASP A 395 7.36 -20.32 -5.99
CA ASP A 395 7.14 -18.95 -6.45
C ASP A 395 6.74 -18.89 -7.93
N VAL A 396 7.51 -19.55 -8.76
CA VAL A 396 7.17 -19.70 -10.17
C VAL A 396 5.73 -20.21 -10.34
N GLU A 397 5.37 -21.23 -9.57
CA GLU A 397 4.02 -21.79 -9.68
C GLU A 397 2.92 -20.86 -9.15
N ARG A 398 3.19 -20.10 -8.07
CA ARG A 398 2.27 -19.07 -7.60
C ARG A 398 1.93 -18.18 -8.74
N LEU A 399 2.98 -17.60 -9.33
CA LEU A 399 2.81 -16.67 -10.45
C LEU A 399 2.04 -17.29 -11.63
N GLU A 400 2.25 -18.56 -11.89
CA GLU A 400 1.46 -19.26 -12.93
C GLU A 400 -0.04 -19.34 -12.61
N LEU A 401 -0.35 -19.73 -11.37
CA LEU A 401 -1.73 -19.71 -10.89
C LEU A 401 -2.37 -18.31 -10.98
N GLN A 402 -1.64 -17.31 -10.51
CA GLN A 402 -2.11 -15.92 -10.51
C GLN A 402 -2.45 -15.47 -11.92
N GLY A 403 -1.50 -15.65 -12.83
CA GLY A 403 -1.72 -15.30 -14.22
C GLY A 403 -2.92 -15.96 -14.83
N TYR A 404 -3.11 -17.25 -14.54
CA TYR A 404 -4.32 -17.93 -14.99
C TYR A 404 -5.59 -17.24 -14.46
N ARG A 405 -5.58 -16.80 -13.18
CA ARG A 405 -6.78 -16.13 -12.68
C ARG A 405 -6.98 -14.80 -13.40
N VAL A 406 -5.92 -13.98 -13.48
CA VAL A 406 -5.98 -12.70 -14.16
C VAL A 406 -6.55 -12.79 -15.59
N ILE A 407 -6.06 -13.70 -16.40
CA ILE A 407 -6.55 -13.80 -17.78
C ILE A 407 -7.97 -14.38 -17.85
N SER A 408 -8.27 -15.38 -17.03
CA SER A 408 -9.63 -15.90 -16.93
C SER A 408 -10.62 -14.79 -16.56
N GLY A 409 -10.17 -13.92 -15.68
CA GLY A 409 -10.97 -12.83 -15.15
C GLY A 409 -11.22 -11.73 -16.13
N LEU A 410 -10.19 -11.35 -16.88
CA LEU A 410 -10.37 -10.36 -17.92
C LEU A 410 -11.34 -10.88 -18.96
N LEU A 411 -11.23 -12.17 -19.26
CA LEU A 411 -12.18 -12.78 -20.21
C LEU A 411 -13.61 -12.71 -19.69
N GLU A 412 -13.78 -12.93 -18.39
CA GLU A 412 -15.11 -12.89 -17.81
C GLU A 412 -15.66 -11.45 -17.83
N ILE A 413 -14.82 -10.47 -17.53
CA ILE A 413 -15.19 -9.06 -17.59
C ILE A 413 -15.67 -8.64 -19.00
N TYR A 414 -14.98 -9.10 -20.04
CA TYR A 414 -15.37 -8.66 -21.37
C TYR A 414 -16.45 -9.53 -21.99
N ARG A 415 -16.79 -10.62 -21.30
CA ARG A 415 -17.86 -11.52 -21.77
C ARG A 415 -19.17 -10.87 -22.30
N PRO A 416 -19.68 -9.80 -21.63
CA PRO A 416 -20.87 -9.08 -22.14
C PRO A 416 -20.86 -8.77 -23.64
N LEU A 417 -19.67 -8.53 -24.22
CA LEU A 417 -19.56 -8.26 -25.64
C LEU A 417 -19.83 -9.51 -26.47
N LEU A 418 -19.37 -10.66 -26.00
CA LEU A 418 -19.60 -11.91 -26.72
C LEU A 418 -21.03 -12.39 -26.50
N SER A 419 -21.69 -11.81 -25.51
CA SER A 419 -23.06 -12.20 -25.23
C SER A 419 -24.09 -11.46 -26.09
N LEU A 420 -23.75 -10.29 -26.63
CA LEU A 420 -24.66 -9.50 -27.46
C LEU A 420 -25.07 -10.28 -28.70
N SER A 421 -26.19 -9.90 -29.30
CA SER A 421 -26.62 -10.50 -30.56
C SER A 421 -25.89 -9.86 -31.74
N LEU A 422 -26.04 -10.43 -32.93
CA LEU A 422 -25.34 -9.94 -34.11
C LEU A 422 -25.73 -8.49 -34.40
N SER A 423 -27.03 -8.23 -34.40
CA SER A 423 -27.53 -6.90 -34.66
C SER A 423 -27.08 -5.91 -33.60
N ASP A 424 -27.12 -6.33 -32.34
CA ASP A 424 -26.77 -5.45 -31.23
C ASP A 424 -25.31 -5.07 -31.25
N PHE A 425 -24.45 -6.06 -31.43
CA PHE A 425 -23.03 -5.77 -31.51
C PHE A 425 -22.74 -4.90 -32.76
N THR A 426 -23.38 -5.21 -33.88
CA THR A 426 -23.14 -4.45 -35.11
C THR A 426 -23.48 -3.00 -34.87
N GLU A 427 -24.61 -2.81 -34.18
CA GLU A 427 -25.10 -1.49 -33.78
C GLU A 427 -24.07 -0.78 -32.92
N LEU A 428 -23.48 -1.53 -32.00
CA LEU A 428 -22.42 -1.01 -31.14
C LEU A 428 -21.18 -0.56 -31.93
N VAL A 429 -20.79 -1.34 -32.95
CA VAL A 429 -19.64 -1.00 -33.77
C VAL A 429 -19.90 0.26 -34.60
N GLU A 430 -21.11 0.36 -35.15
CA GLU A 430 -21.45 1.45 -36.06
C GLU A 430 -21.76 2.77 -35.36
N LYS A 431 -22.66 2.73 -34.39
CA LYS A 431 -23.10 3.91 -33.65
C LYS A 431 -22.07 4.43 -32.64
N GLU A 432 -21.12 3.55 -32.27
CA GLU A 432 -20.07 3.83 -31.27
C GLU A 432 -20.61 3.84 -29.82
N ARG A 433 -21.38 4.85 -29.46
CA ARG A 433 -21.96 4.93 -28.12
C ARG A 433 -23.47 4.61 -28.18
N VAL A 434 -23.84 3.42 -27.74
CA VAL A 434 -25.26 3.00 -27.72
C VAL A 434 -25.94 3.26 -26.36
N LYS A 435 -27.15 3.81 -26.39
CA LYS A 435 -27.81 4.28 -25.17
C LYS A 435 -28.24 3.16 -24.24
N ARG A 436 -28.74 2.07 -24.80
CA ARG A 436 -29.28 0.99 -23.98
C ARG A 436 -28.23 -0.07 -23.56
N PHE A 437 -26.97 0.18 -23.91
CA PHE A 437 -25.84 -0.69 -23.53
C PHE A 437 -24.66 0.12 -23.02
N PRO A 438 -24.79 0.72 -21.83
CA PRO A 438 -23.77 1.63 -21.27
C PRO A 438 -22.48 0.90 -21.02
N ILE A 439 -22.64 -0.26 -20.37
CA ILE A 439 -21.52 -1.12 -20.01
C ILE A 439 -20.77 -1.67 -21.23
N GLU A 440 -21.48 -2.40 -22.07
CA GLU A 440 -20.90 -2.91 -23.30
C GLU A 440 -20.24 -1.82 -24.14
N SER A 441 -20.87 -0.65 -24.26
CA SER A 441 -20.26 0.49 -24.92
C SER A 441 -18.89 0.82 -24.36
N ARG A 442 -18.82 0.98 -23.04
CA ARG A 442 -17.54 1.36 -22.45
C ARG A 442 -16.47 0.27 -22.54
N LEU A 443 -16.92 -0.97 -22.38
CA LEU A 443 -16.06 -2.12 -22.60
C LEU A 443 -15.48 -2.10 -24.00
N PHE A 444 -16.33 -1.86 -24.99
CA PHE A 444 -15.94 -1.84 -26.40
C PHE A 444 -14.90 -0.78 -26.65
N HIS A 445 -15.11 0.41 -26.11
CA HIS A 445 -14.12 1.47 -26.31
C HIS A 445 -12.80 1.15 -25.64
N LYS A 446 -12.82 0.25 -24.66
CA LYS A 446 -11.55 -0.09 -24.02
C LYS A 446 -10.63 -0.94 -24.94
N LEU A 447 -11.21 -1.78 -25.81
CA LEU A 447 -10.47 -2.52 -26.84
C LEU A 447 -9.62 -1.59 -27.69
N SER A 448 -8.47 -2.05 -28.17
CA SER A 448 -7.54 -1.22 -28.92
C SER A 448 -8.07 -0.85 -30.30
N THR A 449 -7.63 0.28 -30.81
CA THR A 449 -8.04 0.74 -32.14
C THR A 449 -7.65 -0.23 -33.25
N ARG A 450 -6.38 -0.65 -33.30
CA ARG A 450 -5.91 -1.57 -34.33
C ARG A 450 -6.77 -2.84 -34.36
N HIS A 451 -7.16 -3.33 -33.18
CA HIS A 451 -7.93 -4.56 -33.06
C HIS A 451 -9.32 -4.42 -33.64
N ARG A 452 -9.96 -3.34 -33.26
CA ARG A 452 -11.28 -3.03 -33.76
C ARG A 452 -11.28 -2.80 -35.26
N LEU A 453 -10.24 -2.14 -35.78
CA LEU A 453 -10.10 -1.95 -37.22
C LEU A 453 -10.00 -3.28 -37.91
N ALA A 454 -9.22 -4.20 -37.34
CA ALA A 454 -9.06 -5.52 -37.93
C ALA A 454 -10.40 -6.24 -37.98
N TYR A 455 -11.21 -6.04 -36.93
CA TYR A 455 -12.54 -6.66 -36.88
C TYR A 455 -13.41 -6.14 -38.01
N VAL A 456 -13.50 -4.81 -38.07
CA VAL A 456 -14.28 -4.14 -39.09
C VAL A 456 -13.87 -4.54 -40.52
N GLU A 457 -12.57 -4.53 -40.79
CA GLU A 457 -12.06 -4.95 -42.09
C GLU A 457 -12.44 -6.39 -42.40
N ALA A 458 -12.23 -7.30 -41.45
CA ALA A 458 -12.53 -8.71 -41.68
C ALA A 458 -14.00 -8.91 -42.01
N VAL A 459 -14.87 -8.29 -41.22
CA VAL A 459 -16.30 -8.50 -41.37
C VAL A 459 -16.83 -7.86 -42.66
N SER A 460 -16.27 -6.71 -43.02
CA SER A 460 -16.68 -5.99 -44.21
C SER A 460 -16.44 -6.79 -45.49
N LYS A 461 -15.48 -7.69 -45.42
CA LYS A 461 -15.07 -8.57 -46.51
C LYS A 461 -16.09 -9.70 -46.77
N LEU A 462 -17.05 -9.85 -45.87
CA LEU A 462 -17.97 -10.99 -45.93
C LEU A 462 -19.27 -10.61 -46.59
N PRO A 463 -19.84 -11.53 -47.38
CA PRO A 463 -21.19 -11.39 -47.95
C PRO A 463 -22.26 -11.47 -46.85
N SER A 464 -22.92 -10.35 -46.57
CA SER A 464 -23.81 -10.22 -45.40
C SER A 464 -25.13 -11.00 -45.49
N ASP A 465 -25.48 -11.47 -46.68
CA ASP A 465 -26.70 -12.24 -46.87
C ASP A 465 -26.46 -13.75 -46.87
N SER A 466 -25.18 -14.15 -46.89
CA SER A 466 -24.79 -15.56 -46.80
C SER A 466 -25.23 -16.18 -45.46
N PRO A 467 -25.57 -17.48 -45.45
CA PRO A 467 -25.96 -18.12 -44.20
C PRO A 467 -24.76 -18.29 -43.28
N GLU A 468 -23.57 -18.12 -43.85
CA GLU A 468 -22.31 -18.24 -43.10
C GLU A 468 -22.02 -16.99 -42.26
N PHE A 469 -22.62 -15.87 -42.65
CA PHE A 469 -22.25 -14.58 -42.06
C PHE A 469 -22.30 -14.50 -40.53
N PRO A 470 -23.41 -14.92 -39.90
CA PRO A 470 -23.40 -14.82 -38.44
C PRO A 470 -22.29 -15.64 -37.77
N LEU A 471 -21.92 -16.78 -38.37
CA LEU A 471 -20.84 -17.62 -37.86
C LEU A 471 -19.50 -16.92 -37.97
N TRP A 472 -19.19 -16.45 -39.18
CA TRP A 472 -17.96 -15.71 -39.39
C TRP A 472 -17.85 -14.49 -38.48
N GLU A 473 -18.97 -13.81 -38.27
CA GLU A 473 -18.94 -12.65 -37.42
C GLU A 473 -18.63 -13.06 -35.98
N TYR A 474 -19.28 -14.09 -35.46
CA TYR A 474 -18.97 -14.52 -34.08
C TYR A 474 -17.51 -14.90 -33.96
N TYR A 475 -17.03 -15.62 -34.97
CA TYR A 475 -15.61 -15.98 -35.03
C TYR A 475 -14.71 -14.75 -34.92
N TYR A 476 -14.91 -13.78 -35.81
CA TYR A 476 -14.06 -12.58 -35.80
C TYR A 476 -14.24 -11.72 -34.54
N ARG A 477 -15.38 -11.84 -33.86
CA ARG A 477 -15.58 -11.16 -32.58
C ARG A 477 -14.76 -11.81 -31.45
N CYS A 478 -14.80 -13.15 -31.39
CA CYS A 478 -13.99 -13.85 -30.40
C CYS A 478 -12.52 -13.57 -30.66
N ARG A 479 -12.21 -13.56 -31.94
CA ARG A 479 -10.86 -13.30 -32.40
C ARG A 479 -10.46 -11.89 -31.94
N LEU A 480 -11.38 -10.93 -31.99
CA LEU A 480 -11.13 -9.58 -31.47
C LEU A 480 -10.79 -9.60 -29.97
N LEU A 481 -11.54 -10.35 -29.20
CA LEU A 481 -11.30 -10.39 -27.76
C LEU A 481 -9.95 -11.03 -27.43
N GLN A 482 -9.63 -12.12 -28.14
CA GLN A 482 -8.37 -12.82 -27.93
C GLN A 482 -7.20 -11.94 -28.36
N ASP A 483 -7.40 -11.15 -29.41
CA ASP A 483 -6.40 -10.19 -29.88
C ASP A 483 -6.08 -9.20 -28.77
N TYR A 484 -7.14 -8.61 -28.24
CA TYR A 484 -7.00 -7.63 -27.18
C TYR A 484 -6.27 -8.21 -25.97
N ILE A 485 -6.75 -9.35 -25.43
CA ILE A 485 -6.16 -9.90 -24.20
C ILE A 485 -4.72 -10.38 -24.41
N SER A 486 -4.46 -11.07 -25.51
CA SER A 486 -3.12 -11.62 -25.71
C SER A 486 -2.11 -10.53 -26.08
N GLY A 487 -2.61 -9.34 -26.40
CA GLY A 487 -1.72 -8.22 -26.67
C GLY A 487 -1.14 -7.47 -25.47
N MET A 488 -1.64 -7.79 -24.29
CA MET A 488 -1.21 -7.13 -23.07
C MET A 488 0.12 -7.62 -22.54
N THR A 489 0.86 -6.75 -21.87
CA THR A 489 1.97 -7.22 -21.08
C THR A 489 1.45 -7.82 -19.78
N ASP A 490 2.29 -8.57 -19.08
CA ASP A 490 1.88 -9.20 -17.83
C ASP A 490 1.38 -8.14 -16.85
N LEU A 491 2.16 -7.08 -16.68
CA LEU A 491 1.83 -6.03 -15.72
C LEU A 491 0.56 -5.32 -16.09
N TYR A 492 0.39 -5.05 -17.38
CA TYR A 492 -0.79 -4.33 -17.80
C TYR A 492 -2.01 -5.18 -17.59
N ALA A 493 -1.96 -6.44 -18.04
CA ALA A 493 -3.09 -7.33 -17.86
C ALA A 493 -3.48 -7.39 -16.39
N TRP A 494 -2.46 -7.52 -15.54
CA TRP A 494 -2.70 -7.62 -14.11
C TRP A 494 -3.39 -6.36 -13.59
N ASP A 495 -2.83 -5.19 -13.89
CA ASP A 495 -3.38 -3.91 -13.46
C ASP A 495 -4.78 -3.64 -13.99
N GLU A 496 -5.03 -4.01 -15.22
CA GLU A 496 -6.34 -3.84 -15.80
C GLU A 496 -7.34 -4.70 -15.06
N TYR A 497 -6.94 -5.93 -14.75
CA TYR A 497 -7.80 -6.86 -14.05
C TYR A 497 -8.13 -6.30 -12.66
N ARG A 498 -7.14 -5.73 -11.99
CA ARG A 498 -7.38 -5.19 -10.68
C ARG A 498 -8.23 -3.90 -10.68
N ARG A 499 -7.98 -3.03 -11.65
CA ARG A 499 -8.75 -1.81 -11.83
C ARG A 499 -10.23 -2.12 -12.14
N LEU A 500 -10.43 -2.98 -13.13
CA LEU A 500 -11.78 -3.32 -13.55
C LEU A 500 -12.58 -4.04 -12.46
N MET A 501 -11.88 -4.69 -11.54
CA MET A 501 -12.49 -5.46 -10.46
C MET A 501 -12.73 -4.58 -9.22
N ALA A 502 -12.37 -3.31 -9.38
CA ALA A 502 -12.56 -2.29 -8.36
C ALA A 502 -11.75 -2.61 -7.12
N VAL A 503 -10.68 -3.37 -7.30
CA VAL A 503 -9.79 -3.69 -6.20
C VAL A 503 -8.78 -2.57 -5.94
N GLU A 504 -8.46 -1.81 -6.99
CA GLU A 504 -7.79 -0.53 -6.82
C GLU A 504 -8.32 0.53 -7.82
N GLN A 505 -7.94 1.79 -7.61
CA GLN A 505 -8.41 2.92 -8.45
C GLN A 505 -7.80 2.94 -9.87
N ALA B 2 50.26 10.04 -42.39
CA ALA B 2 50.51 10.44 -43.78
C ALA B 2 49.41 9.91 -44.70
N GLN B 3 48.90 8.71 -44.41
CA GLN B 3 47.91 8.08 -45.28
C GLN B 3 46.67 7.63 -44.50
N ILE B 4 45.87 6.78 -45.16
CA ILE B 4 44.66 6.18 -44.60
C ILE B 4 44.75 4.66 -44.78
N ASP B 5 45.19 3.96 -43.73
CA ASP B 5 45.26 2.49 -43.72
C ASP B 5 44.45 1.96 -42.55
N PHE B 6 43.26 1.44 -42.83
CA PHE B 6 42.38 1.01 -41.75
C PHE B 6 42.87 -0.28 -41.10
N ARG B 7 43.78 -0.99 -41.75
CA ARG B 7 44.37 -2.17 -41.13
C ARG B 7 45.14 -1.74 -39.87
N LYS B 8 45.58 -0.49 -39.86
CA LYS B 8 46.31 0.05 -38.72
C LYS B 8 45.40 0.68 -37.67
N LYS B 9 44.09 0.64 -37.89
CA LYS B 9 43.12 1.15 -36.90
C LYS B 9 42.19 0.06 -36.36
N ILE B 10 41.74 -0.85 -37.23
CA ILE B 10 40.93 -1.98 -36.80
C ILE B 10 41.82 -3.05 -36.16
N ASN B 11 42.31 -2.74 -34.96
CA ASN B 11 43.20 -3.60 -34.20
C ASN B 11 42.45 -4.76 -33.55
N TRP B 12 42.73 -5.98 -33.98
CA TRP B 12 42.02 -7.14 -33.45
C TRP B 12 42.77 -7.87 -32.33
N HIS B 13 43.76 -7.21 -31.74
CA HIS B 13 44.48 -7.76 -30.59
C HIS B 13 43.75 -7.48 -29.30
N ARG B 14 44.09 -8.21 -28.25
CA ARG B 14 43.48 -8.00 -26.94
C ARG B 14 44.51 -7.63 -25.89
N ARG B 15 44.03 -7.25 -24.70
CA ARG B 15 44.89 -6.89 -23.59
C ARG B 15 45.52 -8.14 -22.98
N TYR B 16 44.70 -9.16 -22.72
CA TYR B 16 45.23 -10.43 -22.23
C TYR B 16 44.97 -11.57 -23.19
N ARG B 17 45.78 -12.62 -23.09
CA ARG B 17 45.71 -13.82 -23.92
C ARG B 17 45.40 -13.52 -25.38
N SER B 18 46.01 -12.46 -25.90
CA SER B 18 45.66 -11.96 -27.23
C SER B 18 45.95 -12.97 -28.33
N PRO B 19 45.06 -13.04 -29.33
CA PRO B 19 45.36 -13.79 -30.57
C PRO B 19 46.62 -13.21 -31.20
N GLN B 20 47.44 -14.04 -31.82
CA GLN B 20 48.74 -13.55 -32.26
C GLN B 20 49.10 -13.87 -33.70
N GLY B 21 49.81 -12.95 -34.33
CA GLY B 21 50.43 -13.21 -35.62
C GLY B 21 49.65 -12.79 -36.85
N VAL B 22 49.71 -13.65 -37.86
CA VAL B 22 49.06 -13.38 -39.13
C VAL B 22 47.72 -14.11 -39.22
N LYS B 23 46.63 -13.35 -39.24
CA LYS B 23 45.32 -13.98 -39.31
C LYS B 23 44.69 -13.79 -40.69
N THR B 24 43.86 -14.75 -41.11
CA THR B 24 43.12 -14.63 -42.37
C THR B 24 41.92 -13.71 -42.18
N GLU B 25 41.22 -13.39 -43.27
CA GLU B 25 40.02 -12.55 -43.15
C GLU B 25 38.99 -13.19 -42.23
N HIS B 26 38.71 -14.46 -42.51
CA HIS B 26 37.77 -15.26 -41.73
C HIS B 26 38.09 -15.30 -40.22
N GLU B 27 39.36 -15.52 -39.87
CA GLU B 27 39.75 -15.65 -38.47
C GLU B 27 39.61 -14.32 -37.73
N ILE B 28 39.81 -13.22 -38.45
CA ILE B 28 39.57 -11.88 -37.91
C ILE B 28 38.07 -11.61 -37.70
N LEU B 29 37.28 -12.00 -38.70
CA LEU B 29 35.83 -11.97 -38.55
C LEU B 29 35.41 -12.68 -37.27
N ARG B 30 35.87 -13.92 -37.08
CA ARG B 30 35.51 -14.67 -35.87
C ARG B 30 35.98 -13.97 -34.59
N ILE B 31 37.13 -13.31 -34.63
CA ILE B 31 37.57 -12.53 -33.46
C ILE B 31 36.51 -11.49 -33.08
N PHE B 32 36.04 -10.75 -34.07
CA PHE B 32 35.06 -9.69 -33.77
C PHE B 32 33.66 -10.25 -33.43
N GLU B 33 33.34 -11.42 -33.98
CA GLU B 33 32.16 -12.17 -33.55
C GLU B 33 32.26 -12.49 -32.07
N SER B 34 33.40 -13.00 -31.65
CA SER B 34 33.66 -13.24 -30.25
C SER B 34 33.39 -11.99 -29.41
N ASP B 35 33.82 -10.83 -29.91
CA ASP B 35 33.48 -9.57 -29.22
C ASP B 35 31.96 -9.38 -29.09
N ARG B 36 31.23 -9.69 -30.16
CA ARG B 36 29.77 -9.56 -30.12
C ARG B 36 29.14 -10.43 -29.05
N GLY B 37 29.51 -11.70 -29.04
CA GLY B 37 29.00 -12.63 -28.05
C GLY B 37 29.37 -12.20 -26.65
N ARG B 38 30.57 -11.68 -26.48
CA ARG B 38 30.99 -11.15 -25.19
C ARG B 38 30.06 -10.07 -24.69
N ILE B 39 29.76 -9.10 -25.56
CA ILE B 39 28.96 -7.94 -25.14
C ILE B 39 27.45 -8.25 -24.96
N ILE B 40 26.84 -8.89 -25.95
CA ILE B 40 25.42 -9.23 -25.87
C ILE B 40 25.07 -10.06 -24.62
N ASN B 41 25.97 -10.93 -24.17
CA ASN B 41 25.67 -11.77 -23.00
C ASN B 41 26.13 -11.19 -21.67
N SER B 42 26.52 -9.93 -21.69
CA SER B 42 26.96 -9.25 -20.49
C SER B 42 25.77 -8.83 -19.63
N PRO B 43 25.94 -8.93 -18.31
CA PRO B 43 24.99 -8.40 -17.32
C PRO B 43 24.71 -6.90 -17.53
N ALA B 44 25.72 -6.14 -17.93
CA ALA B 44 25.58 -4.70 -18.17
C ALA B 44 24.48 -4.33 -19.20
N ILE B 45 24.34 -5.14 -20.23
CA ILE B 45 23.29 -4.93 -21.24
C ILE B 45 21.84 -5.16 -20.69
N ARG B 46 21.63 -6.28 -20.01
CA ARG B 46 20.34 -6.52 -19.38
C ARG B 46 20.00 -5.40 -18.34
N ARG B 47 21.02 -5.06 -17.56
CA ARG B 47 20.91 -3.93 -16.67
C ARG B 47 20.42 -2.68 -17.46
N LEU B 48 20.86 -2.50 -18.70
CA LEU B 48 20.24 -1.48 -19.55
C LEU B 48 18.74 -1.64 -19.69
N GLN B 49 18.25 -2.87 -19.80
CA GLN B 49 16.79 -2.95 -19.93
C GLN B 49 16.05 -2.48 -18.69
N GLN B 50 16.74 -2.37 -17.56
CA GLN B 50 16.03 -1.73 -16.42
C GLN B 50 16.41 -0.28 -16.04
N LYS B 51 17.03 0.46 -16.95
CA LYS B 51 17.34 1.87 -16.73
C LYS B 51 16.49 2.74 -17.66
N THR B 52 15.96 3.86 -17.16
CA THR B 52 14.98 4.63 -17.93
C THR B 52 15.62 5.61 -18.92
N GLN B 53 14.94 5.85 -20.05
CA GLN B 53 15.48 6.67 -21.13
C GLN B 53 15.18 8.16 -20.94
N VAL B 54 13.90 8.52 -21.00
CA VAL B 54 13.45 9.89 -20.72
C VAL B 54 12.37 9.86 -19.64
N PHE B 55 11.45 8.92 -19.80
CA PHE B 55 10.32 8.71 -18.91
C PHE B 55 10.60 7.45 -18.09
N PRO B 56 9.79 7.15 -17.04
CA PRO B 56 9.94 5.86 -16.32
C PRO B 56 9.06 4.71 -16.87
N ASN B 60 4.29 1.52 -18.81
CA ASN B 60 4.08 1.82 -20.26
C ASN B 60 5.12 1.17 -21.20
N ALA B 61 4.83 -0.03 -21.72
CA ALA B 61 5.83 -0.86 -22.44
C ALA B 61 6.28 -0.30 -23.80
N ALA B 62 5.39 0.41 -24.50
CA ALA B 62 5.73 0.94 -25.81
C ALA B 62 6.66 2.17 -25.71
N VAL B 63 6.89 2.65 -24.49
CA VAL B 63 7.85 3.75 -24.23
C VAL B 63 9.26 3.17 -24.01
N ARG B 64 10.24 3.77 -24.67
CA ARG B 64 11.57 3.18 -24.79
C ARG B 64 12.40 3.22 -23.53
N THR B 65 13.22 2.18 -23.40
CA THR B 65 14.22 2.12 -22.35
C THR B 65 15.58 2.20 -23.03
N ARG B 66 16.65 2.43 -22.24
CA ARG B 66 18.00 2.55 -22.80
C ARG B 66 18.44 1.35 -23.66
N LEU B 67 17.78 0.21 -23.45
CA LEU B 67 18.03 -0.99 -24.23
C LEU B 67 17.40 -0.97 -25.64
N THR B 68 16.09 -0.71 -25.71
CA THR B 68 15.39 -0.69 -27.00
C THR B 68 15.82 0.50 -27.81
N HIS B 69 16.11 1.58 -27.11
CA HIS B 69 16.78 2.70 -27.75
C HIS B 69 18.13 2.22 -28.31
N SER B 70 19.05 1.75 -27.46
CA SER B 70 20.37 1.30 -27.93
C SER B 70 20.26 0.31 -29.11
N MET B 71 19.16 -0.43 -29.15
CA MET B 71 18.88 -1.40 -30.21
C MET B 71 18.44 -0.75 -31.55
N GLU B 72 17.52 0.20 -31.48
CA GLU B 72 17.18 1.05 -32.63
C GLU B 72 18.42 1.82 -33.14
N VAL B 73 19.22 2.31 -32.20
CA VAL B 73 20.47 2.99 -32.49
C VAL B 73 21.44 2.05 -33.23
N GLN B 74 21.53 0.82 -32.74
CA GLN B 74 22.29 -0.22 -33.39
C GLN B 74 21.91 -0.28 -34.87
N GLN B 75 20.61 -0.35 -35.17
CA GLN B 75 20.24 -0.42 -36.59
C GLN B 75 20.57 0.86 -37.40
N VAL B 76 20.45 2.04 -36.79
CA VAL B 76 20.76 3.27 -37.51
C VAL B 76 22.27 3.33 -37.81
N GLY B 77 23.08 2.91 -36.84
CA GLY B 77 24.52 2.90 -36.98
C GLY B 77 24.98 1.93 -38.05
N ARG B 78 24.37 0.75 -38.08
CA ARG B 78 24.62 -0.21 -39.14
C ARG B 78 24.24 0.36 -40.52
N TYR B 79 23.09 1.01 -40.62
CA TYR B 79 22.66 1.69 -41.86
C TYR B 79 23.70 2.70 -42.35
N ILE B 80 24.15 3.56 -41.44
CA ILE B 80 25.18 4.53 -41.80
C ILE B 80 26.45 3.84 -42.26
N ALA B 81 26.90 2.84 -41.49
CA ALA B 81 28.09 2.07 -41.83
C ALA B 81 28.01 1.53 -43.24
N LYS B 82 26.96 0.75 -43.52
CA LYS B 82 26.77 0.18 -44.85
C LYS B 82 26.80 1.25 -45.96
N GLU B 83 26.12 2.38 -45.73
CA GLU B 83 26.14 3.45 -46.74
C GLU B 83 27.54 4.02 -46.98
N ILE B 84 28.28 4.26 -45.91
CA ILE B 84 29.68 4.69 -46.04
C ILE B 84 30.50 3.67 -46.83
N LEU B 85 30.33 2.40 -46.47
CA LEU B 85 31.13 1.34 -47.06
C LEU B 85 30.87 1.21 -48.54
N SER B 86 29.61 1.27 -48.94
CA SER B 86 29.29 1.07 -50.35
C SER B 86 29.47 2.36 -51.17
N ARG B 87 29.52 3.50 -50.48
CA ARG B 87 29.86 4.74 -51.16
C ARG B 87 31.37 4.72 -51.42
N LEU B 88 32.15 4.14 -50.50
CA LEU B 88 33.57 3.92 -50.76
C LEU B 88 33.78 2.86 -51.84
N LYS B 89 32.92 1.85 -51.89
CA LYS B 89 33.01 0.84 -52.93
C LYS B 89 32.71 1.44 -54.31
N GLU B 90 31.70 2.30 -54.37
CA GLU B 90 31.35 3.00 -55.62
C GLU B 90 32.46 3.96 -56.07
N LEU B 91 33.22 4.47 -55.11
CA LEU B 91 34.38 5.32 -55.43
C LEU B 91 35.63 4.48 -55.70
N LYS B 92 35.48 3.16 -55.61
CA LYS B 92 36.58 2.21 -55.77
C LYS B 92 37.76 2.55 -54.84
N LEU B 93 37.44 2.70 -53.56
CA LEU B 93 38.43 3.16 -52.58
C LEU B 93 38.63 2.23 -51.38
N LEU B 94 37.92 1.10 -51.34
CA LEU B 94 38.06 0.16 -50.24
C LEU B 94 39.49 -0.34 -50.15
N GLU B 95 39.96 -1.00 -51.21
CA GLU B 95 41.31 -1.53 -51.28
C GLU B 95 42.32 -0.43 -50.95
N ALA B 96 42.09 0.75 -51.51
CA ALA B 96 42.94 1.91 -51.30
C ALA B 96 43.10 2.30 -49.81
N TYR B 97 42.04 2.11 -49.04
CA TYR B 97 42.03 2.51 -47.64
C TYR B 97 42.24 1.35 -46.66
N GLY B 98 42.41 0.14 -47.18
CA GLY B 98 42.71 -1.02 -46.36
C GLY B 98 41.49 -1.72 -45.82
N LEU B 99 40.31 -1.30 -46.29
CA LEU B 99 39.05 -1.83 -45.82
C LEU B 99 38.52 -3.02 -46.61
N ASP B 100 39.24 -3.45 -47.65
CA ASP B 100 38.72 -4.49 -48.52
C ASP B 100 38.47 -5.83 -47.79
N GLU B 101 39.17 -6.06 -46.69
CA GLU B 101 38.98 -7.29 -45.93
C GLU B 101 38.51 -7.03 -44.49
N LEU B 102 38.02 -5.82 -44.24
CA LEU B 102 37.60 -5.44 -42.88
C LEU B 102 36.18 -4.88 -42.82
N THR B 103 35.39 -5.17 -43.84
CA THR B 103 34.00 -4.76 -43.94
C THR B 103 33.16 -5.18 -42.73
N GLY B 104 33.25 -6.48 -42.42
CA GLY B 104 32.56 -7.09 -41.30
C GLY B 104 32.87 -6.42 -39.98
N PRO B 105 34.14 -6.41 -39.58
CA PRO B 105 34.60 -5.71 -38.38
C PRO B 105 34.19 -4.24 -38.32
N PHE B 106 34.26 -3.54 -39.45
CA PHE B 106 33.85 -2.14 -39.53
C PHE B 106 32.41 -1.96 -39.03
N GLU B 107 31.50 -2.59 -39.77
CA GLU B 107 30.07 -2.51 -39.42
C GLU B 107 29.84 -3.01 -37.99
N SER B 108 30.38 -4.18 -37.66
CA SER B 108 30.20 -4.79 -36.33
C SER B 108 30.67 -3.91 -35.16
N ILE B 109 31.87 -3.36 -35.25
CA ILE B 109 32.37 -2.41 -34.26
C ILE B 109 31.44 -1.23 -34.12
N VAL B 110 30.93 -0.69 -35.23
CA VAL B 110 29.95 0.40 -35.09
C VAL B 110 28.70 -0.07 -34.32
N GLU B 111 28.06 -1.13 -34.79
CA GLU B 111 26.88 -1.70 -34.11
C GLU B 111 27.07 -1.91 -32.61
N MET B 112 28.19 -2.54 -32.22
CA MET B 112 28.40 -2.85 -30.80
C MET B 112 28.75 -1.61 -30.00
N SER B 113 29.43 -0.65 -30.63
CA SER B 113 29.70 0.60 -29.93
C SER B 113 28.40 1.28 -29.64
N CYS B 114 27.47 1.20 -30.59
CA CYS B 114 26.15 1.77 -30.40
C CYS B 114 25.45 1.08 -29.26
N LEU B 115 25.45 -0.26 -29.30
CA LEU B 115 24.77 -1.06 -28.28
C LEU B 115 25.25 -0.76 -26.86
N MET B 116 26.47 -0.28 -26.70
CA MET B 116 26.92 -0.05 -25.33
C MET B 116 27.51 1.32 -24.99
N HIS B 117 26.97 2.40 -25.55
CA HIS B 117 27.42 3.74 -25.12
C HIS B 117 26.81 4.03 -23.75
N ASP B 118 25.59 3.55 -23.55
CA ASP B 118 24.86 3.87 -22.32
C ASP B 118 25.31 3.04 -21.13
N ILE B 119 26.26 2.16 -21.35
CA ILE B 119 26.54 1.08 -20.42
C ILE B 119 27.01 1.60 -19.04
N GLY B 120 27.69 2.75 -19.03
CA GLY B 120 28.30 3.24 -17.80
C GLY B 120 27.54 4.34 -17.09
N ASN B 121 26.36 4.66 -17.62
CA ASN B 121 25.46 5.67 -17.04
C ASN B 121 24.86 5.30 -15.67
N PRO B 122 24.88 6.26 -14.73
CA PRO B 122 24.36 6.10 -13.37
C PRO B 122 22.85 6.05 -13.37
N PRO B 123 22.24 5.67 -12.22
CA PRO B 123 20.78 5.73 -12.09
C PRO B 123 20.26 7.15 -12.24
N PHE B 124 19.11 7.33 -12.88
CA PHE B 124 18.48 8.66 -13.04
C PHE B 124 19.32 9.57 -13.93
N GLY B 125 20.21 8.96 -14.70
CA GLY B 125 20.94 9.62 -15.76
C GLY B 125 21.72 10.84 -15.32
N HIS B 126 21.49 11.96 -16.02
CA HIS B 126 22.28 13.17 -15.80
C HIS B 126 22.17 13.65 -14.37
N PHE B 127 21.10 13.27 -13.69
CA PHE B 127 20.84 13.73 -12.34
C PHE B 127 21.49 12.83 -11.31
N GLY B 128 21.65 11.55 -11.62
CA GLY B 128 22.47 10.69 -10.78
C GLY B 128 23.89 11.22 -10.86
N GLU B 129 24.33 11.54 -12.08
CA GLU B 129 25.63 12.17 -12.36
C GLU B 129 25.79 13.41 -11.48
N ALA B 130 24.87 14.34 -11.64
CA ALA B 130 24.81 15.54 -10.83
C ALA B 130 24.99 15.18 -9.36
N ALA B 131 24.08 14.37 -8.82
CA ALA B 131 24.06 14.01 -7.40
C ALA B 131 25.42 13.55 -6.89
N ILE B 132 26.00 12.61 -7.62
CA ILE B 132 27.31 12.09 -7.28
C ILE B 132 28.32 13.23 -7.20
N ASN B 133 28.40 14.00 -8.27
CA ASN B 133 29.44 15.02 -8.37
C ASN B 133 29.28 16.12 -7.34
N ASP B 134 28.04 16.51 -7.07
CA ASP B 134 27.78 17.55 -6.08
C ASP B 134 28.12 17.08 -4.69
N TRP B 135 27.73 15.85 -4.36
CA TRP B 135 28.05 15.27 -3.05
C TRP B 135 29.56 15.31 -2.86
N PHE B 136 30.26 14.72 -3.82
CA PHE B 136 31.71 14.61 -3.69
C PHE B 136 32.38 15.97 -3.70
N ARG B 137 31.79 16.92 -4.40
CA ARG B 137 32.34 18.26 -4.48
C ARG B 137 32.20 18.93 -3.11
N GLN B 138 31.08 18.69 -2.43
CA GLN B 138 30.88 19.15 -1.07
C GLN B 138 31.92 18.55 -0.12
N ARG B 139 32.31 17.30 -0.37
CA ARG B 139 33.32 16.69 0.51
C ARG B 139 34.77 17.06 0.15
N LEU B 140 35.06 17.36 -1.12
CA LEU B 140 36.45 17.53 -1.57
C LEU B 140 36.83 18.95 -2.02
N HIS B 141 35.83 19.79 -2.28
CA HIS B 141 36.02 21.17 -2.76
C HIS B 141 37.25 21.38 -3.64
N PRO B 142 37.23 20.83 -4.87
CA PRO B 142 38.37 20.84 -5.79
C PRO B 142 38.72 22.27 -6.21
N GLU B 143 37.76 23.18 -6.03
CA GLU B 143 37.97 24.61 -6.21
C GLU B 143 39.22 25.11 -5.46
N ASP B 144 39.33 24.75 -4.18
CA ASP B 144 40.44 25.21 -3.35
C ASP B 144 41.80 24.59 -3.71
N ALA B 145 41.91 24.01 -4.90
CA ALA B 145 43.18 23.45 -5.40
C ALA B 145 43.29 23.53 -6.94
N GLN B 148 47.43 27.24 -5.72
CA GLN B 148 48.20 27.55 -4.51
C GLN B 148 47.51 26.99 -3.28
N PRO B 149 48.27 26.69 -2.21
CA PRO B 149 47.67 26.17 -0.98
C PRO B 149 47.08 27.27 -0.09
N LEU B 150 46.05 26.93 0.67
CA LEU B 150 45.42 27.84 1.64
C LEU B 150 45.31 27.12 2.99
N THR B 151 45.49 27.83 4.10
CA THR B 151 45.39 27.21 5.43
C THR B 151 43.92 27.15 5.89
N ASP B 152 43.01 27.40 4.94
CA ASP B 152 41.57 27.41 5.17
C ASP B 152 40.89 26.55 4.09
N ASP B 153 41.71 25.70 3.47
CA ASP B 153 41.31 24.69 2.49
C ASP B 153 40.17 23.81 3.00
N ARG B 154 38.98 24.00 2.43
CA ARG B 154 37.74 23.38 2.91
C ARG B 154 37.60 21.88 2.64
N CYS B 155 38.65 21.23 2.16
CA CYS B 155 38.61 19.77 1.98
C CYS B 155 38.48 19.08 3.33
N SER B 156 37.47 18.21 3.46
CA SER B 156 37.20 17.57 4.74
C SER B 156 38.03 16.30 4.92
N VAL B 157 38.75 15.91 3.88
CA VAL B 157 39.54 14.69 3.91
C VAL B 157 41.00 15.02 4.22
N ALA B 158 41.44 14.60 5.41
CA ALA B 158 42.79 14.88 5.92
C ALA B 158 43.90 14.81 4.88
N ALA B 159 44.03 13.66 4.23
CA ALA B 159 45.15 13.39 3.34
C ALA B 159 45.20 14.27 2.08
N LEU B 160 44.05 14.75 1.61
CA LEU B 160 44.00 15.43 0.31
C LEU B 160 44.07 16.97 0.39
N ARG B 161 44.09 17.52 1.60
CA ARG B 161 44.36 18.94 1.76
C ARG B 161 45.77 19.26 1.25
N LEU B 162 45.95 20.45 0.70
CA LEU B 162 47.27 20.86 0.23
C LEU B 162 48.08 21.46 1.38
N ARG B 163 49.07 20.70 1.86
CA ARG B 163 50.00 21.20 2.88
C ARG B 163 51.18 21.92 2.23
N ASP B 164 51.45 23.16 2.67
CA ASP B 164 52.50 23.97 2.07
C ASP B 164 53.89 23.38 2.28
N GLY B 165 54.58 23.07 1.18
CA GLY B 165 55.87 22.41 1.24
C GLY B 165 55.94 21.24 0.25
N GLU B 166 55.22 20.16 0.58
CA GLU B 166 55.09 19.00 -0.30
C GLU B 166 54.49 19.38 -1.65
N GLU B 167 55.28 19.31 -2.72
CA GLU B 167 54.85 19.82 -4.03
C GLU B 167 54.37 18.74 -5.02
N PRO B 168 55.12 17.63 -5.18
CA PRO B 168 54.54 16.59 -6.05
C PRO B 168 53.23 16.00 -5.49
N LEU B 169 53.23 15.78 -4.18
CA LEU B 169 52.04 15.28 -3.50
C LEU B 169 50.85 16.22 -3.69
N ASN B 170 51.12 17.53 -3.69
CA ASN B 170 50.06 18.48 -3.93
C ASN B 170 49.42 18.30 -5.32
N GLU B 171 50.25 18.00 -6.31
CA GLU B 171 49.76 17.78 -7.66
C GLU B 171 48.85 16.54 -7.70
N LEU B 172 49.32 15.46 -7.07
CA LEU B 172 48.50 14.25 -7.02
C LEU B 172 47.16 14.51 -6.30
N ARG B 173 47.22 15.32 -5.23
CA ARG B 173 46.02 15.74 -4.51
C ARG B 173 45.04 16.47 -5.44
N ARG B 174 45.55 17.43 -6.21
CA ARG B 174 44.76 18.17 -7.20
C ARG B 174 44.00 17.23 -8.13
N LYS B 175 44.76 16.37 -8.80
CA LYS B 175 44.17 15.44 -9.75
C LYS B 175 43.11 14.53 -9.08
N ILE B 176 43.39 14.06 -7.87
CA ILE B 176 42.42 13.20 -7.19
C ILE B 176 41.11 13.93 -6.89
N ARG B 177 41.21 15.13 -6.35
CA ARG B 177 40.02 15.93 -6.06
C ARG B 177 39.16 16.23 -7.31
N GLN B 178 39.80 16.78 -8.34
CA GLN B 178 39.08 17.06 -9.58
C GLN B 178 38.43 15.80 -10.16
N ASP B 179 39.22 14.72 -10.29
CA ASP B 179 38.75 13.47 -10.89
C ASP B 179 37.56 12.87 -10.15
N LEU B 180 37.65 12.81 -8.82
CA LEU B 180 36.53 12.29 -8.04
C LEU B 180 35.30 13.18 -8.17
N CYS B 181 35.51 14.46 -8.45
CA CYS B 181 34.37 15.36 -8.63
C CYS B 181 33.87 15.50 -10.07
N HIS B 182 34.34 14.62 -10.96
CA HIS B 182 33.86 14.63 -12.34
C HIS B 182 33.41 13.26 -12.81
N PHE B 183 32.51 12.64 -12.06
CA PHE B 183 31.90 11.40 -12.51
C PHE B 183 31.25 11.65 -13.86
N GLU B 184 31.46 10.73 -14.79
CA GLU B 184 30.85 10.83 -16.10
C GLU B 184 30.51 9.45 -16.63
N GLY B 185 29.36 9.35 -17.30
CA GLY B 185 28.90 8.08 -17.87
C GLY B 185 29.84 7.34 -18.81
N ASN B 186 30.57 8.08 -19.64
CA ASN B 186 31.47 7.49 -20.63
C ASN B 186 32.74 6.96 -19.99
N ALA B 187 33.28 7.75 -19.08
CA ALA B 187 34.45 7.38 -18.32
C ALA B 187 34.17 6.12 -17.50
N GLN B 188 32.98 6.10 -16.92
CA GLN B 188 32.54 4.98 -16.12
C GLN B 188 32.37 3.77 -17.03
N GLY B 189 31.97 4.01 -18.28
CA GLY B 189 31.85 2.92 -19.23
C GLY B 189 33.18 2.29 -19.62
N ILE B 190 34.22 3.12 -19.82
CA ILE B 190 35.57 2.60 -20.07
C ILE B 190 36.05 1.77 -18.88
N ARG B 191 35.89 2.34 -17.69
CA ARG B 191 36.23 1.63 -16.44
C ARG B 191 35.46 0.32 -16.32
N LEU B 192 34.21 0.37 -16.71
CA LEU B 192 33.33 -0.77 -16.58
C LEU B 192 33.78 -1.88 -17.52
N VAL B 193 34.13 -1.50 -18.73
CA VAL B 193 34.46 -2.47 -19.75
C VAL B 193 35.85 -3.06 -19.51
N HIS B 194 36.73 -2.28 -18.87
CA HIS B 194 38.09 -2.76 -18.58
C HIS B 194 38.26 -3.48 -17.24
N THR B 195 38.02 -2.75 -16.16
CA THR B 195 38.35 -3.16 -14.80
C THR B 195 37.26 -3.96 -14.06
N LEU B 196 36.00 -3.66 -14.32
CA LEU B 196 34.93 -4.30 -13.56
C LEU B 196 34.29 -5.53 -14.23
N MET B 197 34.23 -5.55 -15.56
CA MET B 197 33.61 -6.65 -16.29
C MET B 197 34.67 -7.61 -16.84
N ARG B 198 35.86 -7.06 -17.08
CA ARG B 198 36.97 -7.78 -17.68
C ARG B 198 36.46 -8.59 -18.87
N MET B 199 35.97 -7.88 -19.89
CA MET B 199 35.44 -8.52 -21.09
C MET B 199 36.57 -8.84 -22.06
N ASN B 200 37.69 -8.15 -21.88
CA ASN B 200 38.85 -8.36 -22.73
C ASN B 200 38.47 -8.26 -24.19
N LEU B 201 37.98 -7.09 -24.59
CA LEU B 201 37.56 -6.87 -25.97
C LEU B 201 38.77 -6.59 -26.84
N THR B 202 38.57 -6.54 -28.15
CA THR B 202 39.60 -6.08 -29.06
C THR B 202 39.88 -4.62 -28.79
N TRP B 203 41.11 -4.15 -29.05
CA TRP B 203 41.46 -2.75 -28.87
C TRP B 203 40.54 -1.83 -29.68
N ALA B 204 40.22 -2.23 -30.91
CA ALA B 204 39.32 -1.47 -31.77
C ALA B 204 37.96 -1.19 -31.12
N GLN B 205 37.42 -2.20 -30.44
CA GLN B 205 36.10 -2.09 -29.80
C GLN B 205 36.09 -1.07 -28.66
N VAL B 206 37.11 -1.17 -27.82
CA VAL B 206 37.33 -0.25 -26.73
C VAL B 206 37.50 1.15 -27.28
N GLY B 207 38.22 1.27 -28.39
CA GLY B 207 38.36 2.56 -29.04
C GLY B 207 37.00 3.10 -29.45
N GLY B 208 36.13 2.19 -29.91
CA GLY B 208 34.79 2.54 -30.30
C GLY B 208 33.99 3.14 -29.16
N ILE B 209 34.22 2.67 -27.94
CA ILE B 209 33.58 3.32 -26.78
C ILE B 209 34.07 4.73 -26.46
N LEU B 210 35.39 4.95 -26.50
CA LEU B 210 36.00 6.21 -26.05
C LEU B 210 35.55 7.43 -26.85
N LYS B 211 34.46 8.05 -26.40
CA LYS B 211 33.78 9.11 -27.15
C LYS B 211 34.36 10.51 -26.92
N TYR B 212 34.75 10.80 -25.68
CA TYR B 212 35.44 12.05 -25.38
C TYR B 212 36.85 11.73 -24.90
N THR B 213 37.74 12.72 -24.95
CA THR B 213 39.16 12.44 -24.80
C THR B 213 39.80 13.30 -23.73
N ARG B 214 38.97 13.95 -22.93
CA ARG B 214 39.45 14.73 -21.80
C ARG B 214 39.58 13.86 -20.57
N PRO B 215 40.75 13.92 -19.91
CA PRO B 215 40.94 13.31 -18.60
C PRO B 215 39.99 13.92 -17.59
N ALA B 216 39.34 13.12 -16.75
CA ALA B 216 38.42 13.66 -15.76
C ALA B 216 39.14 14.58 -14.78
N TRP B 217 40.45 14.42 -14.64
CA TRP B 217 41.21 15.21 -13.68
C TRP B 217 41.63 16.56 -14.26
N TRP B 218 41.21 16.80 -15.50
CA TRP B 218 41.55 18.02 -16.23
C TRP B 218 41.02 19.28 -15.54
N ARG B 219 41.87 20.30 -15.49
CA ARG B 219 41.48 21.61 -14.97
C ARG B 219 41.74 22.72 -15.99
N GLY B 220 40.81 23.67 -16.07
CA GLY B 220 40.98 24.83 -16.92
C GLY B 220 40.40 24.68 -18.31
N GLU B 221 40.67 25.66 -19.16
CA GLU B 221 40.19 25.64 -20.53
C GLU B 221 40.86 24.51 -21.30
N THR B 222 40.11 23.86 -22.17
CA THR B 222 40.65 22.82 -23.03
C THR B 222 41.23 23.47 -24.28
N PRO B 223 42.28 22.85 -24.87
CA PRO B 223 42.89 23.35 -26.10
C PRO B 223 41.85 23.73 -27.15
N GLU B 224 42.06 24.87 -27.82
CA GLU B 224 41.13 25.41 -28.80
C GLU B 224 40.82 24.42 -29.94
N THR B 225 41.88 23.80 -30.45
CA THR B 225 41.79 22.87 -31.58
C THR B 225 41.13 21.53 -31.24
N HIS B 226 40.82 21.30 -29.97
CA HIS B 226 40.21 20.04 -29.52
C HIS B 226 38.96 20.26 -28.67
N HIS B 227 38.34 21.43 -28.78
CA HIS B 227 37.26 21.82 -27.87
C HIS B 227 36.08 20.85 -27.85
N TYR B 228 35.72 20.34 -29.02
CA TYR B 228 34.55 19.46 -29.14
C TYR B 228 34.84 18.05 -28.61
N LEU B 229 36.07 17.59 -28.81
CA LEU B 229 36.49 16.25 -28.39
C LEU B 229 36.82 16.16 -26.90
N MET B 230 37.01 17.31 -26.28
CA MET B 230 37.33 17.37 -24.85
C MET B 230 36.22 18.11 -24.12
N LYS B 231 34.99 17.93 -24.58
CA LYS B 231 33.83 18.64 -24.03
C LYS B 231 33.53 18.14 -22.62
N LYS B 232 33.37 16.82 -22.51
CA LYS B 232 33.10 16.15 -21.24
C LYS B 232 34.25 15.18 -20.90
N PRO B 233 34.38 14.80 -19.62
CA PRO B 233 35.42 13.83 -19.24
C PRO B 233 35.24 12.46 -19.91
N GLY B 234 36.34 11.92 -20.43
CA GLY B 234 36.27 10.66 -21.16
C GLY B 234 36.83 9.49 -20.39
N TYR B 235 37.81 9.76 -19.52
CA TYR B 235 38.42 8.68 -18.76
C TYR B 235 38.92 9.13 -17.40
N TYR B 236 38.92 8.20 -16.45
CA TYR B 236 39.27 8.53 -15.08
C TYR B 236 40.76 8.37 -14.85
N LEU B 237 41.24 8.98 -13.76
CA LEU B 237 42.64 8.94 -13.38
C LEU B 237 43.16 7.51 -13.20
N SER B 238 42.25 6.59 -12.91
CA SER B 238 42.57 5.18 -12.71
C SER B 238 42.67 4.39 -14.01
N GLU B 239 42.03 4.88 -15.06
CA GLU B 239 42.05 4.19 -16.34
C GLU B 239 43.22 4.68 -17.19
N GLU B 240 44.05 5.53 -16.60
CA GLU B 240 45.04 6.30 -17.35
C GLU B 240 46.04 5.46 -18.15
N ALA B 241 46.69 4.51 -17.50
CA ALA B 241 47.70 3.66 -18.15
C ALA B 241 47.08 2.81 -19.25
N TYR B 242 45.85 2.37 -19.00
CA TYR B 242 45.05 1.64 -19.98
C TYR B 242 44.77 2.46 -21.22
N ILE B 243 44.37 3.72 -21.03
CA ILE B 243 44.07 4.61 -22.14
C ILE B 243 45.33 4.96 -22.92
N ALA B 244 46.43 5.20 -22.21
CA ALA B 244 47.73 5.36 -22.83
C ALA B 244 48.02 4.18 -23.75
N ARG B 245 47.90 2.98 -23.19
CA ARG B 245 48.10 1.74 -23.95
C ARG B 245 47.19 1.67 -25.18
N LEU B 246 45.95 2.13 -25.01
CA LEU B 246 44.94 2.16 -26.08
C LEU B 246 45.34 3.07 -27.25
N ARG B 247 45.77 4.28 -26.92
CA ARG B 247 46.27 5.19 -27.96
C ARG B 247 47.50 4.61 -28.65
N LYS B 248 48.34 3.89 -27.88
CA LYS B 248 49.50 3.21 -28.45
C LYS B 248 49.06 2.15 -29.46
N GLU B 249 47.99 1.41 -29.14
CA GLU B 249 47.53 0.32 -30.00
C GLU B 249 46.66 0.77 -31.19
N LEU B 250 46.11 1.97 -31.11
CA LEU B 250 45.26 2.46 -32.21
C LEU B 250 45.90 3.65 -32.92
N ASN B 251 47.18 3.88 -32.63
CA ASN B 251 47.92 5.00 -33.21
C ASN B 251 47.15 6.32 -33.12
N LEU B 252 46.71 6.63 -31.91
CA LEU B 252 46.03 7.89 -31.63
C LEU B 252 46.98 8.90 -30.99
N ALA B 253 46.93 10.14 -31.48
CA ALA B 253 47.66 11.22 -30.85
C ALA B 253 47.06 11.48 -29.48
N LEU B 254 47.78 12.21 -28.64
CA LEU B 254 47.21 12.60 -27.36
C LEU B 254 45.91 13.39 -27.60
N TYR B 255 44.87 13.00 -26.86
CA TYR B 255 43.54 13.64 -26.90
C TYR B 255 42.82 13.42 -28.23
N SER B 256 43.12 12.34 -28.92
CA SER B 256 42.49 12.08 -30.22
C SER B 256 41.49 10.94 -30.09
N ARG B 257 40.69 10.74 -31.12
CA ARG B 257 39.54 9.85 -31.04
C ARG B 257 39.55 8.76 -32.11
N PHE B 258 38.90 7.64 -31.81
CA PHE B 258 38.82 6.53 -32.75
C PHE B 258 37.76 6.82 -33.82
N PRO B 259 38.15 6.79 -35.11
CA PRO B 259 37.32 7.10 -36.29
C PRO B 259 35.84 6.68 -36.18
N LEU B 260 35.61 5.37 -36.06
CA LEU B 260 34.26 4.82 -36.06
C LEU B 260 33.31 5.48 -35.07
N THR B 261 33.86 5.98 -33.97
CA THR B 261 33.08 6.72 -32.98
C THR B 261 32.14 7.73 -33.63
N TRP B 262 32.67 8.59 -34.52
CA TRP B 262 31.85 9.61 -35.17
C TRP B 262 30.56 9.02 -35.75
N ILE B 263 30.70 7.89 -36.44
CA ILE B 263 29.57 7.21 -37.04
C ILE B 263 28.51 6.93 -35.99
N MET B 264 28.90 6.22 -34.93
CA MET B 264 27.96 5.83 -33.89
C MET B 264 27.33 7.06 -33.26
N GLU B 265 28.15 8.11 -33.09
CA GLU B 265 27.65 9.29 -32.40
C GLU B 265 26.52 9.87 -33.24
N ALA B 266 26.75 9.94 -34.54
CA ALA B 266 25.73 10.41 -35.46
C ALA B 266 24.47 9.60 -35.26
N ALA B 267 24.62 8.28 -35.33
CA ALA B 267 23.50 7.36 -35.21
C ALA B 267 22.71 7.69 -33.96
N ASP B 268 23.42 7.81 -32.84
CA ASP B 268 22.79 8.08 -31.55
C ASP B 268 21.77 9.22 -31.69
N ASP B 269 22.30 10.37 -32.10
CA ASP B 269 21.54 11.62 -32.21
C ASP B 269 20.23 11.33 -32.90
N ILE B 270 20.36 10.85 -34.13
CA ILE B 270 19.21 10.60 -34.98
C ILE B 270 18.09 9.87 -34.24
N SER B 271 18.40 8.69 -33.70
CA SER B 271 17.36 7.83 -33.14
C SER B 271 16.63 8.63 -32.08
N TYR B 272 17.44 9.15 -31.17
CA TYR B 272 16.90 9.65 -29.94
C TYR B 272 15.92 10.72 -30.32
N CYS B 273 16.29 11.59 -31.29
CA CYS B 273 15.47 12.77 -31.54
C CYS B 273 14.03 12.34 -31.82
N VAL B 274 13.82 11.51 -32.85
CA VAL B 274 12.44 11.26 -33.25
C VAL B 274 11.73 10.47 -32.18
N ALA B 275 12.45 9.53 -31.56
CA ALA B 275 11.83 8.65 -30.57
C ALA B 275 11.19 9.51 -29.50
N ASP B 276 11.92 10.54 -29.04
CA ASP B 276 11.46 11.31 -27.91
C ASP B 276 10.09 11.92 -28.22
N LEU B 277 9.94 12.52 -29.41
CA LEU B 277 8.65 13.13 -29.79
C LEU B 277 7.54 12.10 -29.80
N GLU B 278 7.82 10.94 -30.40
CA GLU B 278 6.87 9.85 -30.43
C GLU B 278 6.41 9.47 -29.03
N ASP B 279 7.38 9.42 -28.11
CA ASP B 279 7.11 8.96 -26.75
C ASP B 279 6.24 10.00 -26.10
N ALA B 280 6.51 11.26 -26.40
CA ALA B 280 5.77 12.37 -25.83
C ALA B 280 4.30 12.31 -26.27
N VAL B 281 4.06 11.69 -27.42
CA VAL B 281 2.69 11.58 -27.90
C VAL B 281 2.02 10.32 -27.35
N GLU B 282 2.82 9.31 -26.97
CA GLU B 282 2.24 8.15 -26.27
C GLU B 282 1.86 8.61 -24.86
N LYS B 283 2.82 9.20 -24.15
CA LYS B 283 2.62 9.75 -22.81
C LYS B 283 1.71 11.00 -22.78
N ARG B 284 1.04 11.26 -23.90
CA ARG B 284 -0.05 12.24 -23.95
C ARG B 284 0.35 13.71 -23.69
N ILE B 285 1.65 14.01 -23.59
CA ILE B 285 2.15 15.37 -23.31
C ILE B 285 1.66 16.48 -24.28
N PHE B 286 1.62 16.16 -25.57
CA PHE B 286 0.92 16.98 -26.56
C PHE B 286 0.38 16.08 -27.67
N THR B 287 -0.48 16.60 -28.55
CA THR B 287 -1.03 15.73 -29.61
C THR B 287 -0.24 15.87 -30.90
N VAL B 288 -0.63 15.10 -31.91
CA VAL B 288 0.14 15.06 -33.15
C VAL B 288 0.05 16.38 -33.85
N GLU B 289 -1.16 16.82 -34.18
CA GLU B 289 -1.40 18.10 -34.84
C GLU B 289 -0.71 19.26 -34.10
N GLN B 290 -0.76 19.22 -32.78
CA GLN B 290 -0.05 20.20 -31.96
C GLN B 290 1.46 20.11 -32.18
N LEU B 291 1.98 18.89 -32.27
CA LEU B 291 3.40 18.70 -32.52
C LEU B 291 3.78 19.27 -33.88
N TYR B 292 3.00 18.91 -34.90
CA TYR B 292 3.22 19.42 -36.25
C TYR B 292 3.26 20.95 -36.23
N HIS B 293 2.38 21.55 -35.44
CA HIS B 293 2.38 23.01 -35.31
C HIS B 293 3.67 23.53 -34.65
N HIS B 294 4.09 22.95 -33.52
CA HIS B 294 5.29 23.43 -32.82
C HIS B 294 6.53 23.30 -33.71
N LEU B 295 6.54 22.24 -34.51
CA LEU B 295 7.61 22.02 -35.47
C LEU B 295 7.59 23.11 -36.54
N HIS B 296 6.45 23.24 -37.20
CA HIS B 296 6.27 24.22 -38.27
C HIS B 296 6.61 25.63 -37.84
N GLU B 297 6.30 25.96 -36.59
CA GLU B 297 6.60 27.29 -36.07
C GLU B 297 8.09 27.44 -35.77
N ALA B 298 8.65 26.52 -34.99
CA ALA B 298 10.06 26.62 -34.63
C ALA B 298 10.97 26.66 -35.87
N TRP B 299 10.49 26.11 -36.99
CA TRP B 299 11.29 26.09 -38.23
C TRP B 299 11.42 27.47 -38.88
N GLY B 300 10.38 27.85 -39.63
CA GLY B 300 10.19 29.20 -40.13
C GLY B 300 11.11 29.80 -41.18
N GLN B 301 10.91 29.42 -42.44
CA GLN B 301 11.71 29.90 -43.58
C GLN B 301 11.32 29.10 -44.83
N HIS B 302 10.04 28.76 -44.93
CA HIS B 302 9.56 27.73 -45.84
C HIS B 302 9.78 28.01 -47.33
N GLU B 303 11.01 27.81 -47.81
CA GLU B 303 11.28 27.90 -49.24
C GLU B 303 10.78 26.63 -49.93
N LYS B 304 10.20 26.79 -51.11
CA LYS B 304 9.50 25.71 -51.82
C LYS B 304 10.40 24.50 -52.17
N GLY B 305 10.27 23.42 -51.40
CA GLY B 305 11.06 22.22 -51.64
C GLY B 305 12.28 22.06 -50.74
N SER B 306 12.24 22.71 -49.57
CA SER B 306 13.29 22.59 -48.56
C SER B 306 13.16 21.29 -47.76
N LEU B 307 14.01 21.14 -46.76
CA LEU B 307 14.13 19.90 -46.02
C LEU B 307 12.89 19.62 -45.18
N PHE B 308 12.40 20.65 -44.50
CA PHE B 308 11.22 20.53 -43.66
C PHE B 308 10.03 20.03 -44.47
N SER B 309 9.87 20.58 -45.68
CA SER B 309 8.78 20.16 -46.56
C SER B 309 8.83 18.66 -46.82
N LEU B 310 9.93 18.21 -47.41
CA LEU B 310 10.18 16.77 -47.62
C LEU B 310 9.97 15.95 -46.35
N VAL B 311 10.95 15.92 -45.46
CA VAL B 311 10.80 15.21 -44.17
C VAL B 311 9.45 15.41 -43.44
N VAL B 312 9.30 16.55 -42.78
CA VAL B 312 8.17 16.74 -41.87
C VAL B 312 6.83 16.89 -42.57
N GLU B 313 6.78 17.72 -43.60
CA GLU B 313 5.49 18.02 -44.19
C GLU B 313 5.02 16.81 -44.98
N ASN B 314 5.93 16.05 -45.61
CA ASN B 314 5.48 14.86 -46.32
C ASN B 314 5.04 13.80 -45.32
N ALA B 315 5.75 13.71 -44.18
CA ALA B 315 5.30 12.81 -43.12
C ALA B 315 3.86 13.15 -42.73
N TRP B 316 3.61 14.44 -42.59
CA TRP B 316 2.31 14.95 -42.18
C TRP B 316 1.24 14.74 -43.24
N GLU B 317 1.61 14.89 -44.50
CA GLU B 317 0.66 14.83 -45.60
C GLU B 317 0.18 13.41 -45.78
N LYS B 318 1.10 12.46 -45.74
CA LYS B 318 0.69 11.07 -45.92
C LYS B 318 -0.23 10.65 -44.78
N SER B 319 0.16 10.97 -43.54
CA SER B 319 -0.48 10.36 -42.37
C SER B 319 -1.96 10.70 -42.21
N ARG B 320 -2.48 11.53 -43.11
CA ARG B 320 -3.88 11.92 -43.04
C ARG B 320 -4.67 11.25 -44.17
N SER B 321 -4.63 9.90 -44.19
CA SER B 321 -5.37 9.06 -45.15
C SER B 321 -5.04 9.40 -46.61
N ARG B 326 -4.54 1.23 -39.64
CA ARG B 326 -4.35 2.57 -40.19
C ARG B 326 -4.61 3.68 -39.16
N SER B 327 -3.64 3.92 -38.27
CA SER B 327 -3.75 4.96 -37.23
C SER B 327 -2.85 6.16 -37.54
N THR B 328 -3.36 7.38 -37.34
CA THR B 328 -2.68 8.58 -37.86
C THR B 328 -1.39 8.88 -37.10
N GLU B 329 -1.40 8.77 -35.78
CA GLU B 329 -0.22 9.07 -34.97
C GLU B 329 0.97 8.16 -35.35
N ASP B 330 0.70 6.86 -35.37
CA ASP B 330 1.72 5.88 -35.69
C ASP B 330 2.24 6.08 -37.11
N GLN B 331 1.33 6.38 -38.05
CA GLN B 331 1.71 6.60 -39.44
C GLN B 331 2.63 7.82 -39.58
N PHE B 332 2.21 8.92 -38.97
CA PHE B 332 3.02 10.12 -38.95
C PHE B 332 4.42 9.82 -38.43
N PHE B 333 4.55 9.14 -37.29
CA PHE B 333 5.90 8.98 -36.72
C PHE B 333 6.75 7.94 -37.48
N MET B 334 6.09 6.97 -38.08
CA MET B 334 6.77 6.01 -38.94
C MET B 334 7.42 6.74 -40.10
N TYR B 335 6.62 7.50 -40.82
CA TYR B 335 7.11 8.29 -41.93
C TYR B 335 8.15 9.34 -41.51
N LEU B 336 7.95 9.95 -40.35
CA LEU B 336 8.87 10.96 -39.87
C LEU B 336 10.26 10.35 -39.64
N ARG B 337 10.28 9.17 -39.04
CA ARG B 337 11.52 8.45 -38.83
C ARG B 337 12.16 8.05 -40.16
N VAL B 338 11.37 7.44 -41.03
CA VAL B 338 11.86 7.05 -42.34
C VAL B 338 12.49 8.20 -43.12
N ASN B 339 11.74 9.29 -43.30
CA ASN B 339 12.20 10.45 -44.03
C ASN B 339 13.44 11.07 -43.41
N THR B 340 13.43 11.25 -42.09
CA THR B 340 14.60 11.77 -41.37
C THR B 340 15.84 10.91 -41.67
N LEU B 341 15.70 9.60 -41.51
CA LEU B 341 16.81 8.69 -41.75
C LEU B 341 17.29 8.77 -43.19
N ASN B 342 16.36 8.76 -44.13
CA ASN B 342 16.70 8.78 -45.56
C ASN B 342 17.36 10.06 -46.02
N LYS B 343 17.20 11.15 -45.28
CA LYS B 343 17.98 12.34 -45.62
C LYS B 343 19.28 12.45 -44.80
N LEU B 344 19.24 12.01 -43.54
CA LEU B 344 20.36 12.27 -42.62
C LEU B 344 21.44 11.21 -42.63
N VAL B 345 21.06 9.96 -42.80
CA VAL B 345 22.03 8.87 -42.83
C VAL B 345 23.02 9.00 -43.99
N PRO B 346 22.52 9.19 -45.24
CA PRO B 346 23.51 9.42 -46.30
C PRO B 346 24.29 10.73 -46.13
N TYR B 347 23.70 11.76 -45.52
CA TYR B 347 24.44 12.99 -45.26
C TYR B 347 25.59 12.76 -44.28
N ALA B 348 25.31 12.01 -43.23
CA ALA B 348 26.32 11.60 -42.27
C ALA B 348 27.41 10.80 -42.95
N ALA B 349 27.01 9.86 -43.80
CA ALA B 349 27.96 9.00 -44.50
C ALA B 349 28.92 9.85 -45.34
N GLN B 350 28.33 10.74 -46.14
CA GLN B 350 29.10 11.64 -46.99
C GLN B 350 30.02 12.53 -46.16
N ARG B 351 29.52 13.01 -45.03
CA ARG B 351 30.31 13.82 -44.10
C ARG B 351 31.54 13.06 -43.62
N PHE B 352 31.33 11.80 -43.25
CA PHE B 352 32.42 10.91 -42.85
C PHE B 352 33.47 10.78 -43.96
N ILE B 353 33.02 10.49 -45.18
CA ILE B 353 33.96 10.25 -46.27
C ILE B 353 34.71 11.51 -46.69
N ASP B 354 34.01 12.64 -46.72
CA ASP B 354 34.60 13.91 -47.13
C ASP B 354 35.67 14.41 -46.16
N ASN B 355 35.64 13.91 -44.94
CA ASN B 355 36.62 14.31 -43.93
C ASN B 355 37.49 13.15 -43.43
N LEU B 356 37.53 12.07 -44.22
CA LEU B 356 38.17 10.86 -43.77
C LEU B 356 39.64 11.03 -43.33
N PRO B 357 40.43 11.93 -43.98
CA PRO B 357 41.80 12.10 -43.45
C PRO B 357 41.88 12.58 -41.99
N ALA B 358 41.07 13.57 -41.61
CA ALA B 358 41.12 14.08 -40.23
C ALA B 358 40.39 13.18 -39.23
N ILE B 359 39.33 12.54 -39.69
CA ILE B 359 38.60 11.59 -38.86
C ILE B 359 39.50 10.38 -38.60
N PHE B 360 40.34 10.06 -39.57
CA PHE B 360 41.28 8.96 -39.44
C PHE B 360 42.44 9.33 -38.53
N ALA B 361 42.93 10.57 -38.66
CA ALA B 361 43.94 11.08 -37.73
C ALA B 361 43.38 11.16 -36.30
N GLY B 362 42.07 11.18 -36.19
CA GLY B 362 41.40 11.26 -34.89
C GLY B 362 41.34 12.66 -34.32
N THR B 363 41.51 13.67 -35.17
CA THR B 363 41.68 15.05 -34.72
C THR B 363 40.51 15.95 -35.09
N PHE B 364 39.75 15.54 -36.11
CA PHE B 364 38.62 16.29 -36.66
C PHE B 364 37.69 16.90 -35.61
N ASN B 365 37.75 18.23 -35.44
CA ASN B 365 37.09 18.88 -34.29
C ASN B 365 35.60 19.19 -34.46
N HIS B 366 34.85 18.29 -35.09
CA HIS B 366 33.44 18.50 -35.38
C HIS B 366 32.66 17.21 -35.36
N ALA B 367 31.35 17.31 -35.17
CA ALA B 367 30.45 16.19 -35.39
C ALA B 367 30.11 16.09 -36.85
N LEU B 368 29.56 14.96 -37.28
CA LEU B 368 29.18 14.84 -38.68
C LEU B 368 27.94 15.67 -38.93
N LEU B 369 27.03 15.67 -37.96
CA LEU B 369 25.78 16.39 -38.12
C LEU B 369 25.74 17.70 -37.33
N GLU B 370 26.90 18.21 -36.91
CA GLU B 370 27.00 19.56 -36.36
C GLU B 370 27.44 20.49 -37.50
N ASP B 371 26.58 21.44 -37.85
CA ASP B 371 26.71 22.11 -39.14
C ASP B 371 25.83 23.34 -39.29
N ALA B 372 26.07 24.06 -40.38
CA ALA B 372 25.11 25.05 -40.87
C ALA B 372 24.24 24.37 -41.91
N SER B 373 24.41 23.07 -42.02
CA SER B 373 23.58 22.22 -42.89
C SER B 373 22.10 22.30 -42.53
N GLU B 374 21.24 22.10 -43.52
CA GLU B 374 19.81 22.03 -43.27
C GLU B 374 19.46 20.82 -42.40
N CYS B 375 20.20 19.73 -42.63
CA CYS B 375 20.06 18.49 -41.87
C CYS B 375 20.28 18.73 -40.38
N SER B 376 21.40 19.39 -40.08
CA SER B 376 21.71 19.75 -38.72
C SER B 376 20.59 20.58 -38.10
N ASP B 377 20.13 21.59 -38.84
CA ASP B 377 19.05 22.45 -38.40
C ASP B 377 17.77 21.66 -38.08
N LEU B 378 17.53 20.60 -38.85
CA LEU B 378 16.37 19.73 -38.64
C LEU B 378 16.48 18.98 -37.32
N LEU B 379 17.65 18.40 -37.07
CA LEU B 379 17.88 17.78 -35.76
C LEU B 379 17.69 18.78 -34.60
N LYS B 380 18.29 19.96 -34.73
CA LYS B 380 18.14 21.01 -33.72
C LYS B 380 16.67 21.39 -33.52
N LEU B 381 15.89 21.35 -34.60
CA LEU B 381 14.46 21.63 -34.55
C LEU B 381 13.77 20.64 -33.62
N TYR B 382 13.97 19.34 -33.91
CA TYR B 382 13.44 18.30 -33.04
C TYR B 382 13.85 18.48 -31.58
N LYS B 383 15.16 18.65 -31.37
CA LYS B 383 15.67 18.84 -30.02
C LYS B 383 14.99 20.01 -29.27
N ASN B 384 14.93 21.18 -29.90
CA ASN B 384 14.26 22.32 -29.31
C ASN B 384 12.83 21.99 -28.91
N VAL B 385 12.07 21.39 -29.83
CA VAL B 385 10.69 21.08 -29.53
C VAL B 385 10.56 20.16 -28.33
N ALA B 386 11.43 19.15 -28.24
CA ALA B 386 11.44 18.27 -27.07
C ALA B 386 11.80 18.98 -25.76
N VAL B 387 12.94 19.66 -25.74
CA VAL B 387 13.36 20.46 -24.59
C VAL B 387 12.29 21.44 -24.09
N LYS B 388 11.69 22.20 -25.00
CA LYS B 388 10.63 23.11 -24.58
C LYS B 388 9.38 22.39 -24.08
N HIS B 389 8.89 21.40 -24.84
CA HIS B 389 7.56 20.87 -24.53
C HIS B 389 7.50 19.45 -24.01
N VAL B 390 8.65 18.83 -23.76
CA VAL B 390 8.66 17.45 -23.25
C VAL B 390 9.42 17.32 -21.94
N PHE B 391 10.69 17.71 -21.96
CA PHE B 391 11.54 17.64 -20.78
C PHE B 391 11.17 18.67 -19.70
N SER B 392 10.17 19.49 -19.99
CA SER B 392 9.70 20.49 -19.05
C SER B 392 8.39 20.07 -18.45
N HIS B 393 7.84 18.99 -18.98
CA HIS B 393 6.65 18.41 -18.43
C HIS B 393 6.91 18.12 -16.96
N PRO B 394 6.07 18.67 -16.09
CA PRO B 394 6.27 18.67 -14.64
C PRO B 394 6.62 17.29 -14.10
N ASP B 395 6.09 16.24 -14.73
CA ASP B 395 6.33 14.87 -14.30
C ASP B 395 7.79 14.44 -14.49
N VAL B 396 8.31 14.68 -15.68
CA VAL B 396 9.71 14.46 -15.96
C VAL B 396 10.60 15.14 -14.91
N GLU B 397 10.29 16.40 -14.60
CA GLU B 397 11.08 17.13 -13.62
C GLU B 397 10.91 16.63 -12.18
N ARG B 398 9.71 16.16 -11.82
CA ARG B 398 9.50 15.53 -10.52
C ARG B 398 10.47 14.39 -10.39
N LEU B 399 10.43 13.49 -11.37
CA LEU B 399 11.29 12.33 -11.36
C LEU B 399 12.79 12.70 -11.30
N GLU B 400 13.17 13.79 -11.97
CA GLU B 400 14.56 14.27 -11.89
C GLU B 400 14.96 14.72 -10.45
N LEU B 401 14.09 15.51 -9.82
CA LEU B 401 14.28 15.88 -8.41
C LEU B 401 14.38 14.66 -7.48
N GLN B 402 13.43 13.73 -7.63
CA GLN B 402 13.39 12.51 -6.84
C GLN B 402 14.70 11.73 -6.95
N GLY B 403 15.10 11.44 -8.18
CA GLY B 403 16.36 10.74 -8.43
C GLY B 403 17.54 11.41 -7.78
N TYR B 404 17.61 12.72 -7.90
CA TYR B 404 18.67 13.46 -7.20
C TYR B 404 18.64 13.18 -5.69
N ARG B 405 17.44 13.16 -5.09
CA ARG B 405 17.40 12.89 -3.64
C ARG B 405 17.86 11.47 -3.34
N VAL B 406 17.32 10.49 -4.07
CA VAL B 406 17.68 9.10 -3.89
C VAL B 406 19.20 8.86 -3.98
N ILE B 407 19.87 9.40 -5.00
CA ILE B 407 21.31 9.17 -5.12
C ILE B 407 22.12 9.93 -4.05
N SER B 408 21.71 11.18 -3.77
CA SER B 408 22.34 11.94 -2.69
C SER B 408 22.24 11.18 -1.37
N GLY B 409 21.10 10.53 -1.18
CA GLY B 409 20.78 9.82 0.03
C GLY B 409 21.55 8.54 0.20
N LEU B 410 21.67 7.77 -0.88
CA LEU B 410 22.48 6.56 -0.82
C LEU B 410 23.93 6.94 -0.51
N LEU B 411 24.40 8.03 -1.14
CA LEU B 411 25.76 8.48 -0.82
C LEU B 411 25.91 8.84 0.66
N GLU B 412 24.89 9.47 1.24
CA GLU B 412 24.96 9.83 2.65
C GLU B 412 24.94 8.59 3.54
N ILE B 413 24.12 7.60 3.20
CA ILE B 413 24.09 6.32 3.90
C ILE B 413 25.44 5.59 3.92
N TYR B 414 26.13 5.58 2.78
CA TYR B 414 27.39 4.84 2.75
C TYR B 414 28.58 5.70 3.20
N ARG B 415 28.34 6.98 3.45
CA ARG B 415 29.40 7.88 3.94
C ARG B 415 30.30 7.33 5.08
N PRO B 416 29.74 6.61 6.08
CA PRO B 416 30.56 6.00 7.14
C PRO B 416 31.82 5.27 6.65
N LEU B 417 31.76 4.65 5.48
CA LEU B 417 32.91 3.98 4.90
C LEU B 417 34.01 4.96 4.44
N LEU B 418 33.62 6.09 3.87
CA LEU B 418 34.58 7.09 3.47
C LEU B 418 35.11 7.85 4.68
N SER B 419 34.42 7.71 5.81
CA SER B 419 34.84 8.41 7.02
C SER B 419 35.91 7.66 7.84
N LEU B 420 36.00 6.35 7.63
CA LEU B 420 37.01 5.53 8.34
C LEU B 420 38.43 5.97 7.99
N SER B 421 39.37 5.63 8.87
CA SER B 421 40.78 5.91 8.59
C SER B 421 41.36 4.84 7.68
N LEU B 422 42.57 5.06 7.19
CA LEU B 422 43.21 4.11 6.28
C LEU B 422 43.37 2.74 6.91
N SER B 423 43.90 2.73 8.13
CA SER B 423 44.10 1.48 8.87
C SER B 423 42.78 0.79 9.15
N ASP B 424 41.78 1.55 9.57
CA ASP B 424 40.48 0.99 9.94
C ASP B 424 39.78 0.37 8.74
N PHE B 425 39.77 1.07 7.62
CA PHE B 425 39.14 0.54 6.42
C PHE B 425 39.91 -0.67 5.93
N THR B 426 41.24 -0.62 5.97
CA THR B 426 42.06 -1.75 5.51
C THR B 426 41.75 -2.99 6.35
N GLU B 427 41.63 -2.76 7.66
CA GLU B 427 41.23 -3.78 8.61
C GLU B 427 39.89 -4.37 8.22
N LEU B 428 38.96 -3.50 7.85
CA LEU B 428 37.63 -3.92 7.41
C LEU B 428 37.68 -4.80 6.14
N VAL B 429 38.55 -4.45 5.21
CA VAL B 429 38.70 -5.22 3.97
C VAL B 429 39.31 -6.60 4.23
N GLU B 430 40.31 -6.63 5.11
CA GLU B 430 41.06 -7.87 5.38
C GLU B 430 40.32 -8.85 6.31
N LYS B 431 39.87 -8.36 7.46
CA LYS B 431 39.20 -9.18 8.46
C LYS B 431 37.75 -9.53 8.10
N GLU B 432 37.18 -8.77 7.17
CA GLU B 432 35.79 -8.93 6.70
C GLU B 432 34.75 -8.42 7.71
N ARG B 433 34.58 -9.13 8.82
CA ARG B 433 33.66 -8.71 9.88
C ARG B 433 34.43 -8.16 11.08
N VAL B 434 34.42 -6.84 11.25
CA VAL B 434 35.12 -6.20 12.37
C VAL B 434 34.17 -5.92 13.55
N LYS B 435 34.61 -6.23 14.77
CA LYS B 435 33.76 -6.17 15.96
C LYS B 435 33.35 -4.76 16.37
N ARG B 436 34.27 -3.81 16.29
CA ARG B 436 33.99 -2.45 16.75
C ARG B 436 33.37 -1.55 15.67
N PHE B 437 33.09 -2.12 14.49
CA PHE B 437 32.43 -1.40 13.40
C PHE B 437 31.30 -2.24 12.81
N PRO B 438 30.21 -2.42 13.56
CA PRO B 438 29.09 -3.28 13.11
C PRO B 438 28.43 -2.71 11.85
N ILE B 439 28.14 -1.42 11.92
CA ILE B 439 27.49 -0.73 10.83
C ILE B 439 28.34 -0.71 9.56
N GLU B 440 29.54 -0.15 9.66
CA GLU B 440 30.46 -0.12 8.53
C GLU B 440 30.71 -1.51 7.92
N SER B 441 30.84 -2.53 8.76
CA SER B 441 30.95 -3.90 8.28
C SER B 441 29.78 -4.29 7.39
N ARG B 442 28.56 -4.10 7.88
CA ARG B 442 27.40 -4.52 7.08
C ARG B 442 27.20 -3.69 5.81
N LEU B 443 27.50 -2.39 5.91
CA LEU B 443 27.53 -1.51 4.75
C LEU B 443 28.51 -2.02 3.70
N PHE B 444 29.70 -2.39 4.15
CA PHE B 444 30.75 -2.90 3.28
C PHE B 444 30.30 -4.16 2.57
N HIS B 445 29.68 -5.09 3.30
CA HIS B 445 29.25 -6.33 2.66
C HIS B 445 28.14 -6.06 1.65
N LYS B 446 27.46 -4.93 1.79
CA LYS B 446 26.40 -4.65 0.82
C LYS B 446 26.95 -4.27 -0.57
N LEU B 447 28.14 -3.64 -0.62
CA LEU B 447 28.84 -3.38 -1.90
C LEU B 447 29.05 -4.67 -2.69
N SER B 448 29.05 -4.55 -4.03
CA SER B 448 29.14 -5.73 -4.89
C SER B 448 30.51 -6.39 -4.86
N THR B 449 30.53 -7.70 -5.14
CA THR B 449 31.79 -8.45 -5.12
C THR B 449 32.80 -7.95 -6.16
N ARG B 450 32.37 -7.80 -7.40
CA ARG B 450 33.23 -7.30 -8.47
C ARG B 450 33.88 -5.97 -8.10
N HIS B 451 33.11 -5.09 -7.45
CA HIS B 451 33.58 -3.75 -7.10
C HIS B 451 34.68 -3.82 -6.05
N ARG B 452 34.43 -4.63 -5.03
CA ARG B 452 35.38 -4.80 -3.96
C ARG B 452 36.66 -5.45 -4.46
N LEU B 453 36.51 -6.40 -5.38
CA LEU B 453 37.68 -7.04 -6.00
C LEU B 453 38.49 -6.00 -6.74
N ALA B 454 37.83 -5.14 -7.50
CA ALA B 454 38.52 -4.08 -8.22
C ALA B 454 39.29 -3.17 -7.26
N TYR B 455 38.70 -2.91 -6.09
CA TYR B 455 39.36 -2.08 -5.09
C TYR B 455 40.63 -2.75 -4.61
N VAL B 456 40.47 -4.00 -4.19
CA VAL B 456 41.58 -4.80 -3.68
C VAL B 456 42.73 -4.89 -4.69
N GLU B 457 42.41 -5.25 -5.93
CA GLU B 457 43.40 -5.32 -7.00
C GLU B 457 44.10 -3.98 -7.21
N ALA B 458 43.34 -2.90 -7.32
CA ALA B 458 43.96 -1.58 -7.53
C ALA B 458 44.94 -1.22 -6.42
N VAL B 459 44.51 -1.41 -5.18
CA VAL B 459 45.31 -1.00 -4.01
C VAL B 459 46.54 -1.89 -3.85
N SER B 460 46.39 -3.18 -4.12
CA SER B 460 47.49 -4.14 -4.01
C SER B 460 48.67 -3.79 -4.95
N LYS B 461 48.36 -3.11 -6.05
CA LYS B 461 49.34 -2.71 -7.06
C LYS B 461 50.16 -1.49 -6.62
N LEU B 462 49.82 -0.91 -5.48
CA LEU B 462 50.49 0.29 -5.01
C LEU B 462 51.61 -0.02 -4.01
N PRO B 463 52.72 0.73 -4.06
CA PRO B 463 53.79 0.69 -3.06
C PRO B 463 53.32 1.26 -1.71
N SER B 464 53.16 0.40 -0.71
CA SER B 464 52.49 0.79 0.54
C SER B 464 53.30 1.73 1.43
N ASP B 465 54.59 1.88 1.14
CA ASP B 465 55.44 2.76 1.94
C ASP B 465 55.62 4.14 1.29
N SER B 466 55.15 4.28 0.05
CA SER B 466 55.16 5.55 -0.66
C SER B 466 54.30 6.60 0.07
N PRO B 467 54.70 7.89 -0.02
CA PRO B 467 53.89 8.93 0.63
C PRO B 467 52.59 9.15 -0.14
N GLU B 468 52.53 8.62 -1.35
CA GLU B 468 51.34 8.72 -2.20
C GLU B 468 50.24 7.73 -1.79
N PHE B 469 50.62 6.68 -1.08
CA PHE B 469 49.71 5.57 -0.81
C PHE B 469 48.37 5.95 -0.16
N PRO B 470 48.39 6.74 0.93
CA PRO B 470 47.08 7.09 1.52
C PRO B 470 46.15 7.84 0.55
N LEU B 471 46.73 8.67 -0.31
CA LEU B 471 45.97 9.41 -1.30
C LEU B 471 45.33 8.48 -2.32
N TRP B 472 46.16 7.63 -2.92
CA TRP B 472 45.68 6.65 -3.89
C TRP B 472 44.60 5.76 -3.28
N GLU B 473 44.77 5.39 -2.02
CA GLU B 473 43.79 4.53 -1.37
C GLU B 473 42.47 5.27 -1.21
N TYR B 474 42.50 6.52 -0.75
CA TYR B 474 41.25 7.27 -0.62
C TYR B 474 40.57 7.39 -1.97
N TYR B 475 41.37 7.67 -2.99
CA TYR B 475 40.87 7.76 -4.36
C TYR B 475 40.13 6.48 -4.74
N TYR B 476 40.81 5.35 -4.64
CA TYR B 476 40.20 4.09 -5.05
C TYR B 476 39.01 3.69 -4.16
N ARG B 477 38.94 4.21 -2.94
CA ARG B 477 37.78 3.96 -2.07
C ARG B 477 36.56 4.75 -2.54
N CYS B 478 36.75 6.04 -2.83
CA CYS B 478 35.67 6.84 -3.40
C CYS B 478 35.21 6.25 -4.72
N ARG B 479 36.19 5.79 -5.49
CA ARG B 479 35.96 5.17 -6.78
C ARG B 479 35.12 3.91 -6.56
N LEU B 480 35.37 3.16 -5.48
CA LEU B 480 34.54 2.00 -5.10
C LEU B 480 33.08 2.38 -4.84
N LEU B 481 32.88 3.45 -4.09
CA LEU B 481 31.52 3.88 -3.77
C LEU B 481 30.77 4.34 -5.02
N GLN B 482 31.46 5.09 -5.88
CA GLN B 482 30.84 5.59 -7.10
C GLN B 482 30.53 4.43 -8.05
N ASP B 483 31.40 3.41 -8.04
CA ASP B 483 31.17 2.20 -8.82
C ASP B 483 29.87 1.55 -8.41
N TYR B 484 29.77 1.33 -7.10
CA TYR B 484 28.58 0.70 -6.54
C TYR B 484 27.30 1.47 -6.88
N ILE B 485 27.27 2.78 -6.59
CA ILE B 485 26.05 3.55 -6.79
C ILE B 485 25.68 3.67 -8.28
N SER B 486 26.66 3.93 -9.13
CA SER B 486 26.34 4.15 -10.54
C SER B 486 26.01 2.84 -11.24
N GLY B 487 26.28 1.72 -10.58
CA GLY B 487 25.92 0.45 -11.17
C GLY B 487 24.46 0.02 -11.03
N MET B 488 23.70 0.77 -10.23
CA MET B 488 22.34 0.39 -9.91
C MET B 488 21.37 0.78 -11.01
N THR B 489 20.27 0.03 -11.13
CA THR B 489 19.19 0.49 -11.97
C THR B 489 18.41 1.52 -11.20
N ASP B 490 17.56 2.28 -11.88
CA ASP B 490 16.77 3.31 -11.23
C ASP B 490 15.93 2.70 -10.11
N LEU B 491 15.23 1.62 -10.44
CA LEU B 491 14.33 0.97 -9.46
C LEU B 491 15.11 0.45 -8.29
N TYR B 492 16.25 -0.16 -8.55
CA TYR B 492 17.00 -0.76 -7.45
C TYR B 492 17.51 0.31 -6.55
N ALA B 493 18.11 1.35 -7.13
CA ALA B 493 18.64 2.44 -6.33
C ALA B 493 17.53 3.03 -5.45
N TRP B 494 16.36 3.22 -6.05
CA TRP B 494 15.23 3.77 -5.32
C TRP B 494 14.83 2.86 -4.15
N ASP B 495 14.58 1.58 -4.44
CA ASP B 495 14.24 0.58 -3.42
C ASP B 495 15.28 0.43 -2.32
N GLU B 496 16.55 0.51 -2.67
CA GLU B 496 17.61 0.39 -1.69
C GLU B 496 17.56 1.58 -0.78
N TYR B 497 17.33 2.75 -1.37
CA TYR B 497 17.26 3.99 -0.60
C TYR B 497 16.08 3.95 0.38
N ARG B 498 14.95 3.45 -0.07
CA ARG B 498 13.80 3.34 0.81
C ARG B 498 13.96 2.26 1.90
N ARG B 499 14.56 1.12 1.57
CA ARG B 499 14.78 0.06 2.56
C ARG B 499 15.78 0.50 3.63
N LEU B 500 16.89 1.09 3.19
CA LEU B 500 17.93 1.52 4.10
C LEU B 500 17.47 2.65 5.00
N MET B 501 16.51 3.45 4.53
CA MET B 501 15.95 4.58 5.27
C MET B 501 14.81 4.15 6.20
N ALA B 502 14.58 2.84 6.23
CA ALA B 502 13.57 2.19 7.08
C ALA B 502 12.17 2.68 6.74
N VAL B 503 11.99 3.18 5.52
CA VAL B 503 10.69 3.66 5.05
C VAL B 503 9.81 2.49 4.60
N GLU B 504 10.45 1.43 4.12
CA GLU B 504 9.78 0.14 3.89
C GLU B 504 10.68 -1.04 4.31
N GLN B 505 10.08 -2.23 4.45
CA GLN B 505 10.79 -3.42 4.91
C GLN B 505 11.76 -3.94 3.85
N MET C 1 -61.62 29.12 -9.81
CA MET C 1 -60.22 28.93 -9.43
C MET C 1 -59.30 30.01 -10.03
N ALA C 2 -59.88 31.19 -10.28
CA ALA C 2 -59.15 32.32 -10.90
C ALA C 2 -58.54 33.28 -9.85
N GLN C 3 -57.55 32.79 -9.10
CA GLN C 3 -56.89 33.57 -8.04
C GLN C 3 -55.61 32.94 -7.48
N ILE C 4 -54.64 33.81 -7.20
CA ILE C 4 -53.29 33.47 -6.76
C ILE C 4 -53.02 33.97 -5.34
N ASP C 5 -52.90 33.05 -4.40
CA ASP C 5 -52.62 33.38 -2.99
C ASP C 5 -51.47 32.54 -2.43
N PHE C 6 -50.30 33.14 -2.32
CA PHE C 6 -49.14 32.38 -1.89
C PHE C 6 -49.18 32.03 -0.41
N ARG C 7 -50.04 32.70 0.34
CA ARG C 7 -50.22 32.33 1.75
C ARG C 7 -50.77 30.91 1.84
N LYS C 8 -51.48 30.49 0.80
CA LYS C 8 -52.02 29.14 0.74
C LYS C 8 -51.04 28.11 0.16
N LYS C 9 -49.82 28.53 -0.20
CA LYS C 9 -48.81 27.61 -0.70
C LYS C 9 -47.58 27.55 0.20
N ILE C 10 -47.17 28.70 0.73
CA ILE C 10 -46.04 28.74 1.65
C ILE C 10 -46.50 28.27 3.04
N ASN C 11 -46.81 26.99 3.15
CA ASN C 11 -47.27 26.35 4.37
C ASN C 11 -46.16 26.16 5.42
N TRP C 12 -46.26 26.86 6.54
CA TRP C 12 -45.22 26.80 7.56
C TRP C 12 -45.51 25.82 8.69
N HIS C 13 -46.47 24.92 8.47
CA HIS C 13 -46.80 23.88 9.45
C HIS C 13 -45.87 22.68 9.28
N ARG C 14 -45.80 21.85 10.31
CA ARG C 14 -44.99 20.63 10.25
C ARG C 14 -45.82 19.38 10.46
N ARG C 15 -45.20 18.24 10.22
CA ARG C 15 -45.86 16.94 10.36
C ARG C 15 -46.04 16.60 11.81
N TYR C 16 -44.96 16.72 12.58
CA TYR C 16 -44.95 16.45 14.01
C TYR C 16 -44.74 17.72 14.82
N ARG C 17 -45.46 17.85 15.95
CA ARG C 17 -45.27 18.96 16.86
C ARG C 17 -45.24 20.28 16.11
N SER C 18 -46.26 20.51 15.30
CA SER C 18 -46.30 21.69 14.44
C SER C 18 -46.60 22.97 15.23
N PRO C 19 -45.95 24.07 14.83
CA PRO C 19 -46.35 25.40 15.33
C PRO C 19 -47.82 25.64 14.99
N GLN C 20 -48.57 26.33 15.85
CA GLN C 20 -50.00 26.42 15.60
C GLN C 20 -50.60 27.82 15.66
N GLY C 21 -51.61 28.05 14.82
CA GLY C 21 -52.43 29.24 14.95
C GLY C 21 -52.03 30.41 14.08
N VAL C 22 -52.12 31.60 14.65
CA VAL C 22 -51.84 32.83 13.92
C VAL C 22 -50.44 33.30 14.23
N LYS C 23 -49.55 33.28 13.24
CA LYS C 23 -48.19 33.74 13.46
C LYS C 23 -47.89 35.07 12.78
N THR C 24 -46.96 35.84 13.34
CA THR C 24 -46.60 37.14 12.80
C THR C 24 -45.63 36.92 11.66
N GLU C 25 -45.29 37.97 10.91
CA GLU C 25 -44.31 37.82 9.83
C GLU C 25 -43.00 37.30 10.40
N HIS C 26 -42.53 37.95 11.46
CA HIS C 26 -41.29 37.58 12.12
C HIS C 26 -41.24 36.12 12.62
N GLU C 27 -42.32 35.65 13.21
CA GLU C 27 -42.35 34.28 13.76
C GLU C 27 -42.32 33.24 12.63
N ILE C 28 -42.93 33.57 11.50
CA ILE C 28 -42.87 32.71 10.31
C ILE C 28 -41.45 32.69 9.75
N LEU C 29 -40.84 33.87 9.67
CA LEU C 29 -39.44 33.97 9.29
C LEU C 29 -38.60 33.02 10.14
N ARG C 30 -38.72 33.12 11.46
CA ARG C 30 -37.95 32.23 12.34
C ARG C 30 -38.25 30.72 12.10
N ILE C 31 -39.50 30.38 11.81
CA ILE C 31 -39.82 28.99 11.47
C ILE C 31 -38.96 28.52 10.29
N PHE C 32 -38.92 29.33 9.22
CA PHE C 32 -38.13 28.91 8.05
C PHE C 32 -36.61 28.96 8.28
N GLU C 33 -36.14 29.87 9.11
CA GLU C 33 -34.73 29.84 9.45
C GLU C 33 -34.41 28.54 10.17
N SER C 34 -35.31 28.10 11.06
CA SER C 34 -35.09 26.83 11.76
C SER C 34 -34.99 25.68 10.74
N ASP C 35 -35.83 25.71 9.73
CA ASP C 35 -35.65 24.79 8.62
C ASP C 35 -34.22 24.85 8.03
N ARG C 36 -33.70 26.05 7.80
CA ARG C 36 -32.37 26.16 7.20
C ARG C 36 -31.33 25.48 8.07
N GLY C 37 -31.24 25.87 9.33
CA GLY C 37 -30.22 25.27 10.19
C GLY C 37 -30.39 23.77 10.30
N ARG C 38 -31.65 23.35 10.23
CA ARG C 38 -31.95 21.94 10.33
C ARG C 38 -31.30 21.20 9.18
N ILE C 39 -31.36 21.81 7.99
CA ILE C 39 -30.79 21.20 6.79
C ILE C 39 -29.24 21.35 6.70
N ILE C 40 -28.74 22.56 6.89
CA ILE C 40 -27.30 22.80 6.87
C ILE C 40 -26.53 21.90 7.86
N ASN C 41 -27.10 21.61 9.04
CA ASN C 41 -26.38 20.79 10.01
C ASN C 41 -26.62 19.28 9.87
N SER C 42 -27.26 18.89 8.78
CA SER C 42 -27.56 17.48 8.54
C SER C 42 -26.35 16.71 8.05
N PRO C 43 -26.21 15.46 8.50
CA PRO C 43 -25.20 14.54 7.99
C PRO C 43 -25.30 14.33 6.47
N ALA C 44 -26.51 14.36 5.93
CA ALA C 44 -26.74 14.23 4.50
C ALA C 44 -26.00 15.28 3.61
N ILE C 45 -25.94 16.52 4.08
CA ILE C 45 -25.19 17.56 3.37
C ILE C 45 -23.65 17.32 3.36
N ARG C 46 -23.08 17.03 4.53
CA ARG C 46 -21.66 16.70 4.56
C ARG C 46 -21.33 15.46 3.65
N ARG C 47 -22.23 14.47 3.71
CA ARG C 47 -22.01 13.32 2.86
C ARG C 47 -22.04 13.79 1.40
N LEU C 48 -22.78 14.84 1.07
CA LEU C 48 -22.61 15.44 -0.27
C LEU C 48 -21.16 15.82 -0.51
N GLN C 49 -20.46 16.33 0.49
CA GLN C 49 -19.08 16.73 0.14
C GLN C 49 -18.20 15.52 -0.17
N GLN C 50 -18.69 14.34 0.14
CA GLN C 50 -17.87 13.20 -0.40
C GLN C 50 -18.46 12.37 -1.56
N LYS C 51 -19.42 12.93 -2.29
CA LYS C 51 -19.96 12.28 -3.49
C LYS C 51 -19.53 13.07 -4.72
N THR C 52 -19.17 12.38 -5.80
CA THR C 52 -18.56 13.04 -6.95
C THR C 52 -19.56 13.61 -7.96
N GLN C 53 -19.14 14.66 -8.63
CA GLN C 53 -19.99 15.31 -9.61
C GLN C 53 -19.80 14.65 -10.98
N VAL C 54 -18.61 14.77 -11.54
CA VAL C 54 -18.30 14.10 -12.80
C VAL C 54 -17.00 13.32 -12.70
N PHE C 55 -15.94 13.97 -12.21
CA PHE C 55 -14.62 13.38 -12.09
C PHE C 55 -14.42 12.77 -10.70
N PRO C 56 -13.53 11.77 -10.59
CA PRO C 56 -13.16 11.22 -9.28
C PRO C 56 -12.58 12.29 -8.36
N LEU C 57 -12.49 12.02 -7.06
CA LEU C 57 -12.07 13.06 -6.11
C LEU C 57 -10.54 13.13 -6.02
N GLU C 58 -9.91 14.12 -6.65
CA GLU C 58 -8.46 14.18 -6.68
C GLU C 58 -7.90 14.63 -5.32
N ARG C 59 -6.56 14.73 -5.24
CA ARG C 59 -5.90 15.16 -4.01
C ARG C 59 -5.79 16.69 -3.91
N ALA C 62 -10.39 19.49 -4.58
CA ALA C 62 -9.96 20.62 -5.40
C ALA C 62 -10.84 20.82 -6.64
N VAL C 63 -11.63 19.82 -7.01
CA VAL C 63 -12.66 19.98 -8.06
C VAL C 63 -14.07 19.80 -7.50
N ARG C 64 -15.07 20.16 -8.29
CA ARG C 64 -16.46 20.10 -7.83
C ARG C 64 -16.83 18.71 -7.24
N THR C 65 -17.36 18.76 -6.02
CA THR C 65 -18.09 17.67 -5.41
C THR C 65 -19.57 18.01 -5.49
N ARG C 66 -20.45 17.04 -5.20
CA ARG C 66 -21.88 17.32 -5.18
C ARG C 66 -22.24 18.49 -4.24
N LEU C 67 -21.49 18.66 -3.15
CA LEU C 67 -21.70 19.79 -2.25
C LEU C 67 -21.43 21.14 -2.90
N THR C 68 -20.23 21.34 -3.45
CA THR C 68 -19.90 22.65 -3.99
C THR C 68 -20.77 22.96 -5.20
N HIS C 69 -21.12 21.93 -5.94
CA HIS C 69 -22.11 22.12 -6.99
C HIS C 69 -23.39 22.66 -6.42
N SER C 70 -23.89 21.99 -5.38
CA SER C 70 -25.12 22.40 -4.74
C SER C 70 -25.05 23.85 -4.24
N MET C 71 -23.89 24.30 -3.78
CA MET C 71 -23.73 25.67 -3.37
C MET C 71 -23.89 26.63 -4.55
N GLU C 72 -23.28 26.27 -5.68
CA GLU C 72 -23.38 27.09 -6.89
C GLU C 72 -24.83 27.17 -7.36
N VAL C 73 -25.47 26.00 -7.42
CA VAL C 73 -26.88 25.90 -7.82
C VAL C 73 -27.72 26.77 -6.94
N GLN C 74 -27.48 26.68 -5.65
CA GLN C 74 -28.19 27.47 -4.65
C GLN C 74 -28.03 28.98 -4.91
N GLN C 75 -26.84 29.45 -5.27
CA GLN C 75 -26.71 30.86 -5.61
C GLN C 75 -27.54 31.23 -6.84
N VAL C 76 -27.57 30.34 -7.83
CA VAL C 76 -28.36 30.64 -9.03
C VAL C 76 -29.84 30.70 -8.68
N GLY C 77 -30.30 29.77 -7.85
CA GLY C 77 -31.66 29.79 -7.34
C GLY C 77 -32.03 31.08 -6.60
N ARG C 78 -31.19 31.50 -5.67
CA ARG C 78 -31.35 32.75 -4.96
C ARG C 78 -31.53 33.91 -5.92
N TYR C 79 -30.62 34.00 -6.89
CA TYR C 79 -30.68 35.08 -7.88
C TYR C 79 -32.03 35.04 -8.63
N ILE C 80 -32.43 33.89 -9.16
CA ILE C 80 -33.73 33.80 -9.86
C ILE C 80 -34.90 34.22 -8.95
N ALA C 81 -34.87 33.77 -7.72
CA ALA C 81 -35.92 34.10 -6.77
C ALA C 81 -36.00 35.61 -6.57
N LYS C 82 -34.86 36.23 -6.27
CA LYS C 82 -34.80 37.68 -6.06
C LYS C 82 -35.26 38.47 -7.29
N GLU C 83 -34.98 37.95 -8.48
CA GLU C 83 -35.46 38.60 -9.69
C GLU C 83 -36.96 38.52 -9.79
N ILE C 84 -37.53 37.36 -9.50
CA ILE C 84 -38.99 37.22 -9.52
C ILE C 84 -39.68 38.15 -8.52
N LEU C 85 -39.15 38.19 -7.30
CA LEU C 85 -39.71 39.06 -6.28
C LEU C 85 -39.60 40.54 -6.65
N SER C 86 -38.45 40.94 -7.20
CA SER C 86 -38.22 42.33 -7.56
C SER C 86 -39.09 42.74 -8.76
N ARG C 87 -39.26 41.84 -9.71
CA ARG C 87 -40.08 42.10 -10.88
C ARG C 87 -41.55 42.19 -10.49
N LEU C 88 -41.98 41.36 -9.54
CA LEU C 88 -43.35 41.44 -9.02
C LEU C 88 -43.56 42.73 -8.23
N LYS C 89 -42.54 43.18 -7.52
CA LYS C 89 -42.61 44.44 -6.81
C LYS C 89 -42.75 45.64 -7.78
N GLU C 90 -41.98 45.64 -8.85
CA GLU C 90 -42.09 46.71 -9.85
C GLU C 90 -43.44 46.64 -10.59
N LEU C 91 -44.08 45.47 -10.63
CA LEU C 91 -45.41 45.34 -11.21
C LEU C 91 -46.49 45.63 -10.17
N LYS C 92 -46.05 45.95 -8.95
CA LYS C 92 -46.94 46.20 -7.82
C LYS C 92 -47.92 45.06 -7.61
N LEU C 93 -47.39 43.85 -7.53
CA LEU C 93 -48.22 42.65 -7.48
C LEU C 93 -47.93 41.73 -6.28
N LEU C 94 -47.00 42.12 -5.41
CA LEU C 94 -46.70 41.29 -4.22
C LEU C 94 -47.95 41.13 -3.35
N GLU C 95 -48.46 42.24 -2.82
CA GLU C 95 -49.67 42.19 -1.99
C GLU C 95 -50.81 41.46 -2.70
N ALA C 96 -51.02 41.76 -3.98
CA ALA C 96 -52.01 41.06 -4.79
C ALA C 96 -51.88 39.52 -4.77
N TYR C 97 -50.64 39.00 -4.70
CA TYR C 97 -50.40 37.57 -4.79
C TYR C 97 -50.13 36.91 -3.42
N GLY C 98 -50.16 37.72 -2.36
CA GLY C 98 -50.02 37.21 -1.00
C GLY C 98 -48.59 37.10 -0.53
N LEU C 99 -47.66 37.60 -1.33
CA LEU C 99 -46.24 37.48 -1.05
C LEU C 99 -45.66 38.64 -0.25
N ASP C 100 -46.47 39.64 0.09
CA ASP C 100 -45.94 40.86 0.70
C ASP C 100 -45.26 40.58 2.04
N GLU C 101 -45.63 39.49 2.71
CA GLU C 101 -45.01 39.14 3.98
C GLU C 101 -44.31 37.77 3.95
N LEU C 102 -44.02 37.27 2.75
CA LEU C 102 -43.43 35.95 2.61
C LEU C 102 -42.19 35.96 1.75
N THR C 103 -41.63 37.15 1.54
CA THR C 103 -40.40 37.33 0.76
C THR C 103 -39.25 36.43 1.23
N GLY C 104 -38.99 36.50 2.54
CA GLY C 104 -37.95 35.72 3.19
C GLY C 104 -38.10 34.23 2.93
N PRO C 105 -39.22 33.64 3.37
CA PRO C 105 -39.52 32.23 3.12
C PRO C 105 -39.44 31.86 1.65
N PHE C 106 -39.89 32.72 0.75
CA PHE C 106 -39.86 32.45 -0.69
C PHE C 106 -38.44 32.15 -1.12
N GLU C 107 -37.59 33.17 -0.95
CA GLU C 107 -36.19 33.04 -1.31
C GLU C 107 -35.51 31.86 -0.57
N SER C 108 -35.68 31.80 0.75
CA SER C 108 -35.09 30.74 1.57
C SER C 108 -35.49 29.30 1.12
N ILE C 109 -36.77 29.04 0.93
CA ILE C 109 -37.22 27.75 0.40
C ILE C 109 -36.56 27.44 -0.95
N VAL C 110 -36.42 28.42 -1.83
CA VAL C 110 -35.71 28.12 -3.07
C VAL C 110 -34.25 27.75 -2.76
N GLU C 111 -33.50 28.61 -2.07
CA GLU C 111 -32.10 28.29 -1.71
C GLU C 111 -31.92 26.89 -1.08
N MET C 112 -32.77 26.52 -0.12
CA MET C 112 -32.58 25.24 0.55
C MET C 112 -33.00 24.08 -0.33
N SER C 113 -33.98 24.27 -1.19
CA SER C 113 -34.36 23.21 -2.11
C SER C 113 -33.20 22.97 -3.07
N CYS C 114 -32.51 24.03 -3.44
CA CYS C 114 -31.33 23.88 -4.27
C CYS C 114 -30.29 23.11 -3.53
N LEU C 115 -29.96 23.56 -2.32
CA LEU C 115 -28.93 22.91 -1.52
C LEU C 115 -29.16 21.43 -1.32
N MET C 116 -30.40 20.96 -1.41
CA MET C 116 -30.59 19.54 -1.19
C MET C 116 -31.38 18.74 -2.22
N HIS C 117 -31.21 19.04 -3.51
CA HIS C 117 -31.80 18.17 -4.54
C HIS C 117 -30.98 16.89 -4.68
N ASP C 118 -29.66 17.01 -4.52
CA ASP C 118 -28.77 15.87 -4.70
C ASP C 118 -28.76 14.91 -3.50
N ILE C 119 -29.51 15.25 -2.47
CA ILE C 119 -29.36 14.61 -1.17
C ILE C 119 -29.62 13.09 -1.24
N GLY C 120 -30.48 12.65 -2.16
CA GLY C 120 -30.89 11.26 -2.18
C GLY C 120 -30.20 10.38 -3.22
N ASN C 121 -29.31 10.98 -3.98
CA ASN C 121 -28.50 10.27 -4.95
C ASN C 121 -27.59 9.24 -4.33
N PRO C 122 -27.54 8.05 -4.94
CA PRO C 122 -26.77 6.90 -4.45
C PRO C 122 -25.30 7.07 -4.81
N PRO C 123 -24.40 6.28 -4.21
CA PRO C 123 -23.00 6.43 -4.60
C PRO C 123 -22.87 6.18 -6.09
N PHE C 124 -21.98 6.91 -6.75
CA PHE C 124 -21.70 6.79 -8.20
C PHE C 124 -22.86 7.21 -9.11
N GLY C 125 -23.81 7.95 -8.54
CA GLY C 125 -24.84 8.58 -9.33
C GLY C 125 -25.67 7.67 -10.21
N HIS C 126 -25.69 7.99 -11.50
CA HIS C 126 -26.60 7.32 -12.44
C HIS C 126 -26.29 5.87 -12.56
N PHE C 127 -25.06 5.52 -12.22
CA PHE C 127 -24.65 4.12 -12.25
C PHE C 127 -24.86 3.38 -10.94
N GLY C 128 -24.84 4.09 -9.82
CA GLY C 128 -25.37 3.54 -8.58
C GLY C 128 -26.82 3.15 -8.85
N GLU C 129 -27.60 4.11 -9.38
CA GLU C 129 -29.01 3.87 -9.69
C GLU C 129 -29.14 2.67 -10.59
N ALA C 130 -28.40 2.70 -11.69
CA ALA C 130 -28.44 1.62 -12.70
C ALA C 130 -28.18 0.28 -12.05
N ALA C 131 -27.11 0.20 -11.26
CA ALA C 131 -26.77 -1.01 -10.51
C ALA C 131 -27.92 -1.52 -9.64
N ILE C 132 -28.43 -0.66 -8.75
CA ILE C 132 -29.52 -1.05 -7.85
C ILE C 132 -30.71 -1.58 -8.64
N ASN C 133 -31.15 -0.80 -9.62
CA ASN C 133 -32.36 -1.13 -10.34
C ASN C 133 -32.19 -2.41 -11.11
N ASP C 134 -30.99 -2.60 -11.66
CA ASP C 134 -30.73 -3.75 -12.52
C ASP C 134 -30.73 -5.02 -11.67
N TRP C 135 -30.04 -4.96 -10.53
CA TRP C 135 -30.04 -6.06 -9.57
C TRP C 135 -31.46 -6.45 -9.14
N PHE C 136 -32.22 -5.50 -8.64
CA PHE C 136 -33.56 -5.83 -8.18
C PHE C 136 -34.43 -6.26 -9.33
N ARG C 137 -34.12 -5.80 -10.53
CA ARG C 137 -34.94 -6.11 -11.70
C ARG C 137 -34.69 -7.57 -12.07
N GLN C 138 -33.45 -8.00 -11.84
CA GLN C 138 -33.06 -9.38 -12.11
C GLN C 138 -33.65 -10.33 -11.07
N ARG C 139 -33.93 -9.84 -9.87
CA ARG C 139 -34.62 -10.71 -8.89
C ARG C 139 -36.16 -10.68 -8.97
N LEU C 140 -36.77 -9.54 -9.35
CA LEU C 140 -38.23 -9.37 -9.28
C LEU C 140 -38.98 -9.33 -10.62
N HIS C 141 -38.26 -9.07 -11.72
CA HIS C 141 -38.83 -9.08 -13.08
C HIS C 141 -40.18 -8.42 -13.24
N PRO C 142 -40.25 -7.11 -13.01
CA PRO C 142 -41.54 -6.43 -12.90
C PRO C 142 -42.33 -6.52 -14.22
N GLU C 143 -41.64 -6.69 -15.33
CA GLU C 143 -42.30 -6.79 -16.63
C GLU C 143 -43.26 -7.97 -16.68
N ASP C 144 -42.98 -9.01 -15.92
CA ASP C 144 -43.82 -10.20 -15.88
C ASP C 144 -45.10 -9.99 -15.09
N ALA C 145 -45.15 -8.94 -14.26
CA ALA C 145 -46.38 -8.64 -13.54
C ALA C 145 -47.19 -7.56 -14.27
N GLU C 146 -47.09 -7.50 -15.60
CA GLU C 146 -47.71 -6.43 -16.36
C GLU C 146 -49.22 -6.55 -16.42
N SER C 147 -49.71 -7.75 -16.74
CA SER C 147 -51.14 -7.97 -16.93
C SER C 147 -51.61 -9.22 -16.18
N GLN C 148 -52.39 -10.05 -16.86
CA GLN C 148 -52.80 -11.36 -16.34
C GLN C 148 -51.58 -12.17 -15.91
N PRO C 149 -51.64 -12.83 -14.73
CA PRO C 149 -50.57 -13.67 -14.15
C PRO C 149 -50.04 -14.78 -15.06
N LEU C 150 -48.76 -14.69 -15.42
CA LEU C 150 -48.12 -15.66 -16.29
C LEU C 150 -47.89 -16.97 -15.55
N THR C 151 -47.88 -18.08 -16.29
CA THR C 151 -47.64 -19.39 -15.70
C THR C 151 -46.17 -19.55 -15.31
N ASP C 152 -45.31 -18.84 -16.04
CA ASP C 152 -43.85 -18.93 -15.91
C ASP C 152 -43.23 -17.64 -15.34
N ASP C 153 -43.92 -17.02 -14.39
CA ASP C 153 -43.52 -15.78 -13.71
C ASP C 153 -42.09 -15.85 -13.18
N ARG C 154 -41.17 -15.09 -13.77
CA ARG C 154 -39.74 -15.22 -13.48
C ARG C 154 -39.32 -14.62 -12.14
N CYS C 155 -40.27 -14.10 -11.39
CA CYS C 155 -39.98 -13.52 -10.07
C CYS C 155 -39.44 -14.60 -9.14
N SER C 156 -38.35 -14.30 -8.45
CA SER C 156 -37.66 -15.31 -7.67
C SER C 156 -38.14 -15.30 -6.23
N VAL C 157 -38.94 -14.31 -5.89
CA VAL C 157 -39.52 -14.24 -4.54
C VAL C 157 -40.89 -14.89 -4.48
N ALA C 158 -41.04 -15.87 -3.59
CA ALA C 158 -42.25 -16.67 -3.48
C ALA C 158 -43.52 -15.83 -3.36
N ALA C 159 -43.54 -14.96 -2.37
CA ALA C 159 -44.74 -14.20 -2.02
C ALA C 159 -45.18 -13.21 -3.11
N LEU C 160 -44.28 -12.86 -4.02
CA LEU C 160 -44.54 -11.78 -4.97
C LEU C 160 -44.94 -12.24 -6.38
N ARG C 161 -44.80 -13.53 -6.70
CA ARG C 161 -45.30 -14.04 -7.99
C ARG C 161 -46.80 -13.83 -8.08
N LEU C 162 -47.32 -13.52 -9.27
CA LEU C 162 -48.75 -13.30 -9.46
C LEU C 162 -49.55 -14.60 -9.48
N ARG C 163 -50.38 -14.79 -8.45
CA ARG C 163 -51.20 -16.00 -8.27
C ARG C 163 -52.53 -15.87 -8.97
N ASP C 164 -53.03 -16.96 -9.55
CA ASP C 164 -54.28 -16.87 -10.32
C ASP C 164 -55.52 -16.76 -9.44
N GLY C 165 -56.33 -15.74 -9.71
CA GLY C 165 -57.57 -15.52 -8.97
C GLY C 165 -57.52 -14.44 -7.89
N GLU C 166 -56.33 -14.20 -7.32
CA GLU C 166 -56.16 -13.26 -6.21
C GLU C 166 -55.87 -11.82 -6.65
N GLU C 167 -56.87 -11.12 -7.17
CA GLU C 167 -56.60 -9.82 -7.77
C GLU C 167 -56.17 -8.66 -6.84
N PRO C 168 -56.77 -8.53 -5.63
CA PRO C 168 -56.21 -7.39 -4.87
C PRO C 168 -54.74 -7.61 -4.39
N LEU C 169 -54.42 -8.84 -3.97
CA LEU C 169 -53.06 -9.19 -3.67
C LEU C 169 -52.15 -8.97 -4.88
N ASN C 170 -52.59 -9.46 -6.05
CA ASN C 170 -51.83 -9.28 -7.28
C ASN C 170 -51.53 -7.82 -7.54
N GLU C 171 -52.51 -6.97 -7.26
CA GLU C 171 -52.31 -5.54 -7.37
C GLU C 171 -51.15 -5.08 -6.49
N LEU C 172 -51.20 -5.44 -5.21
CA LEU C 172 -50.12 -5.02 -4.32
C LEU C 172 -48.75 -5.57 -4.79
N ARG C 173 -48.77 -6.75 -5.43
CA ARG C 173 -47.56 -7.37 -5.94
C ARG C 173 -46.97 -6.59 -7.11
N ARG C 174 -47.82 -6.22 -8.07
CA ARG C 174 -47.43 -5.37 -9.19
C ARG C 174 -46.75 -4.11 -8.69
N LYS C 175 -47.46 -3.41 -7.81
CA LYS C 175 -46.94 -2.16 -7.28
C LYS C 175 -45.57 -2.39 -6.62
N ILE C 176 -45.47 -3.34 -5.70
CA ILE C 176 -44.19 -3.57 -5.05
C ILE C 176 -43.04 -3.88 -6.05
N ARG C 177 -43.26 -4.84 -6.95
CA ARG C 177 -42.21 -5.21 -7.90
C ARG C 177 -41.71 -4.06 -8.72
N GLN C 178 -42.65 -3.30 -9.30
CA GLN C 178 -42.29 -2.11 -10.06
C GLN C 178 -41.58 -1.05 -9.22
N ASP C 179 -42.15 -0.74 -8.07
CA ASP C 179 -41.57 0.27 -7.18
C ASP C 179 -40.13 -0.05 -6.80
N LEU C 180 -39.84 -1.33 -6.54
CA LEU C 180 -38.52 -1.71 -6.06
C LEU C 180 -37.48 -1.64 -7.17
N CYS C 181 -37.94 -1.71 -8.41
CA CYS C 181 -37.02 -1.65 -9.56
C CYS C 181 -36.93 -0.25 -10.14
N HIS C 182 -37.43 0.73 -9.41
CA HIS C 182 -37.34 2.11 -9.85
C HIS C 182 -36.79 3.03 -8.78
N PHE C 183 -35.65 2.64 -8.20
CA PHE C 183 -34.91 3.54 -7.34
C PHE C 183 -34.64 4.80 -8.13
N GLU C 184 -34.70 5.92 -7.44
CA GLU C 184 -34.56 7.20 -8.07
C GLU C 184 -34.10 8.19 -7.00
N GLY C 185 -33.04 8.94 -7.31
CA GLY C 185 -32.50 9.90 -6.36
C GLY C 185 -33.50 10.84 -5.70
N ASN C 186 -34.49 11.28 -6.47
CA ASN C 186 -35.44 12.24 -5.94
C ASN C 186 -36.37 11.59 -4.96
N ALA C 187 -36.88 10.42 -5.36
CA ALA C 187 -37.76 9.62 -4.53
C ALA C 187 -37.06 9.23 -3.23
N GLN C 188 -35.79 8.90 -3.38
CA GLN C 188 -34.98 8.51 -2.26
C GLN C 188 -34.75 9.73 -1.38
N GLY C 189 -34.75 10.90 -1.98
CA GLY C 189 -34.57 12.13 -1.23
C GLY C 189 -35.78 12.49 -0.40
N ILE C 190 -36.97 12.28 -0.95
CA ILE C 190 -38.20 12.43 -0.16
C ILE C 190 -38.20 11.46 1.02
N ARG C 191 -37.90 10.20 0.73
CA ARG C 191 -37.85 9.19 1.77
C ARG C 191 -36.86 9.62 2.84
N LEU C 192 -35.77 10.18 2.37
CA LEU C 192 -34.63 10.44 3.22
C LEU C 192 -34.99 11.55 4.16
N VAL C 193 -35.67 12.54 3.60
CA VAL C 193 -36.03 13.74 4.37
C VAL C 193 -37.19 13.48 5.35
N HIS C 194 -38.06 12.53 5.02
CA HIS C 194 -39.17 12.17 5.88
C HIS C 194 -38.87 11.09 6.92
N THR C 195 -38.53 9.89 6.47
CA THR C 195 -38.42 8.73 7.34
C THR C 195 -37.04 8.50 7.98
N LEU C 196 -35.99 8.82 7.24
CA LEU C 196 -34.67 8.37 7.67
C LEU C 196 -33.99 9.40 8.54
N MET C 197 -33.94 10.65 8.08
CA MET C 197 -33.27 11.70 8.85
C MET C 197 -34.19 12.28 9.93
N ARG C 198 -35.48 11.99 9.79
CA ARG C 198 -36.48 12.46 10.73
C ARG C 198 -36.22 13.94 10.99
N MET C 199 -36.28 14.71 9.91
CA MET C 199 -35.88 16.12 9.96
C MET C 199 -37.04 16.99 10.36
N ASN C 200 -38.26 16.59 10.03
CA ASN C 200 -39.46 17.37 10.37
C ASN C 200 -39.46 18.81 9.84
N LEU C 201 -39.32 18.94 8.52
CA LEU C 201 -39.29 20.25 7.87
C LEU C 201 -40.71 20.75 7.69
N THR C 202 -40.84 21.99 7.22
CA THR C 202 -42.14 22.57 6.92
C THR C 202 -42.68 21.95 5.66
N TRP C 203 -43.99 22.00 5.47
CA TRP C 203 -44.61 21.37 4.32
C TRP C 203 -44.14 22.02 3.03
N ALA C 204 -44.03 23.35 3.05
CA ALA C 204 -43.51 24.09 1.92
C ALA C 204 -42.12 23.60 1.47
N GLN C 205 -41.25 23.30 2.43
CA GLN C 205 -39.88 22.87 2.14
C GLN C 205 -39.84 21.50 1.44
N VAL C 206 -40.63 20.59 1.99
CA VAL C 206 -40.76 19.26 1.44
C VAL C 206 -41.33 19.37 0.05
N GLY C 207 -42.28 20.28 -0.15
CA GLY C 207 -42.83 20.50 -1.47
C GLY C 207 -41.77 20.96 -2.43
N GLY C 208 -40.85 21.78 -1.93
CA GLY C 208 -39.73 22.25 -2.70
C GLY C 208 -38.84 21.12 -3.21
N ILE C 209 -38.67 20.07 -2.42
CA ILE C 209 -37.94 18.91 -2.91
C ILE C 209 -38.66 18.13 -4.04
N LEU C 210 -39.96 17.91 -3.91
CA LEU C 210 -40.72 17.04 -4.82
C LEU C 210 -40.75 17.51 -6.27
N LYS C 211 -39.75 17.11 -7.05
CA LYS C 211 -39.49 17.64 -8.38
C LYS C 211 -40.30 16.93 -9.47
N TYR C 212 -40.48 15.63 -9.35
CA TYR C 212 -41.31 14.88 -10.29
C TYR C 212 -42.46 14.29 -9.50
N THR C 213 -43.53 13.90 -10.17
CA THR C 213 -44.77 13.60 -9.49
C THR C 213 -45.33 12.23 -9.87
N ARG C 214 -44.51 11.44 -10.56
CA ARG C 214 -44.89 10.08 -10.89
C ARG C 214 -44.55 9.13 -9.75
N PRO C 215 -45.52 8.32 -9.34
CA PRO C 215 -45.28 7.21 -8.42
C PRO C 215 -44.26 6.23 -9.03
N ALA C 216 -43.28 5.78 -8.25
CA ALA C 216 -42.32 4.82 -8.75
C ALA C 216 -42.99 3.51 -9.20
N TRP C 217 -44.16 3.21 -8.65
CA TRP C 217 -44.87 1.98 -8.99
C TRP C 217 -45.67 2.09 -10.26
N TRP C 218 -45.58 3.25 -10.91
CA TRP C 218 -46.33 3.56 -12.12
C TRP C 218 -45.97 2.64 -13.27
N ARG C 219 -46.98 2.17 -13.99
CA ARG C 219 -46.77 1.38 -15.21
C ARG C 219 -47.48 2.00 -16.42
N GLY C 220 -46.80 1.96 -17.56
CA GLY C 220 -47.40 2.40 -18.81
C GLY C 220 -47.14 3.85 -19.13
N GLU C 221 -47.79 4.33 -20.18
CA GLU C 221 -47.63 5.70 -20.62
C GLU C 221 -48.19 6.64 -19.56
N THR C 222 -47.54 7.77 -19.35
CA THR C 222 -48.02 8.80 -18.42
C THR C 222 -48.98 9.70 -19.17
N PRO C 223 -49.98 10.26 -18.45
CA PRO C 223 -50.94 11.21 -19.05
C PRO C 223 -50.26 12.28 -19.90
N GLU C 224 -50.86 12.64 -21.02
CA GLU C 224 -50.25 13.60 -21.93
C GLU C 224 -50.23 14.99 -21.29
N THR C 225 -51.25 15.26 -20.46
CA THR C 225 -51.37 16.55 -19.78
C THR C 225 -50.29 16.74 -18.70
N HIS C 226 -49.78 15.63 -18.16
CA HIS C 226 -48.77 15.70 -17.12
C HIS C 226 -47.44 15.08 -17.52
N HIS C 227 -47.22 14.93 -18.83
CA HIS C 227 -46.05 14.24 -19.36
C HIS C 227 -44.73 14.72 -18.76
N TYR C 228 -44.60 16.04 -18.61
CA TYR C 228 -43.33 16.60 -18.18
C TYR C 228 -43.08 16.38 -16.69
N LEU C 229 -44.11 16.60 -15.89
CA LEU C 229 -44.01 16.48 -14.45
C LEU C 229 -43.88 15.04 -13.97
N MET C 230 -44.32 14.12 -14.82
CA MET C 230 -44.25 12.70 -14.47
C MET C 230 -43.16 11.97 -15.27
N LYS C 231 -42.09 12.69 -15.59
CA LYS C 231 -40.97 12.21 -16.38
C LYS C 231 -40.21 11.08 -15.67
N LYS C 232 -39.59 11.38 -14.54
CA LYS C 232 -38.94 10.38 -13.70
C LYS C 232 -39.87 10.07 -12.50
N PRO C 233 -39.55 9.05 -11.68
CA PRO C 233 -40.29 8.85 -10.43
C PRO C 233 -40.02 9.94 -9.39
N GLY C 234 -41.06 10.32 -8.65
CA GLY C 234 -40.92 11.38 -7.65
C GLY C 234 -41.05 10.92 -6.22
N TYR C 235 -41.74 9.81 -6.01
CA TYR C 235 -41.91 9.28 -4.66
C TYR C 235 -42.22 7.79 -4.69
N TYR C 236 -41.87 7.10 -3.59
CA TYR C 236 -42.02 5.66 -3.49
C TYR C 236 -43.36 5.21 -2.91
N LEU C 237 -43.67 3.94 -3.10
CA LEU C 237 -44.88 3.34 -2.55
C LEU C 237 -45.03 3.54 -1.04
N SER C 238 -43.91 3.70 -0.34
CA SER C 238 -43.91 3.86 1.11
C SER C 238 -44.31 5.24 1.50
N GLU C 239 -43.87 6.20 0.69
CA GLU C 239 -44.13 7.60 0.97
C GLU C 239 -45.52 8.07 0.48
N GLU C 240 -46.31 7.14 -0.05
CA GLU C 240 -47.62 7.44 -0.65
C GLU C 240 -48.55 8.24 0.26
N ALA C 241 -48.69 7.77 1.49
CA ALA C 241 -49.57 8.44 2.43
C ALA C 241 -49.04 9.83 2.80
N TYR C 242 -47.73 9.90 3.00
CA TYR C 242 -47.06 11.15 3.31
C TYR C 242 -47.30 12.17 2.20
N ILE C 243 -47.06 11.74 0.97
CA ILE C 243 -47.25 12.59 -0.17
C ILE C 243 -48.71 13.04 -0.29
N ALA C 244 -49.65 12.14 0.02
CA ALA C 244 -51.07 12.51 0.00
C ALA C 244 -51.41 13.64 0.99
N ARG C 245 -50.95 13.46 2.23
CA ARG C 245 -50.98 14.52 3.23
C ARG C 245 -50.33 15.83 2.73
N LEU C 246 -49.17 15.75 2.10
CA LEU C 246 -48.47 16.90 1.55
C LEU C 246 -49.36 17.63 0.53
N ARG C 247 -50.08 16.85 -0.26
CA ARG C 247 -50.94 17.43 -1.27
C ARG C 247 -52.07 18.19 -0.61
N LYS C 248 -52.62 17.60 0.44
CA LYS C 248 -53.67 18.30 1.17
C LYS C 248 -53.13 19.61 1.77
N GLU C 249 -51.90 19.56 2.31
CA GLU C 249 -51.31 20.72 3.00
C GLU C 249 -50.85 21.82 2.05
N LEU C 250 -50.50 21.47 0.82
CA LEU C 250 -49.99 22.46 -0.13
C LEU C 250 -50.99 22.73 -1.25
N ASN C 251 -52.22 22.29 -1.05
CA ASN C 251 -53.29 22.42 -2.06
C ASN C 251 -52.87 22.02 -3.46
N LEU C 252 -52.48 20.75 -3.59
CA LEU C 252 -52.03 20.20 -4.85
C LEU C 252 -52.99 19.17 -5.38
N ALA C 253 -53.36 19.29 -6.65
CA ALA C 253 -54.10 18.23 -7.31
C ALA C 253 -53.22 16.98 -7.42
N LEU C 254 -53.83 15.84 -7.72
CA LEU C 254 -53.05 14.66 -7.98
C LEU C 254 -52.06 14.90 -9.14
N TYR C 255 -50.81 14.52 -8.91
CA TYR C 255 -49.72 14.59 -9.89
C TYR C 255 -49.32 16.04 -10.20
N SER C 256 -49.77 16.98 -9.38
CA SER C 256 -49.38 18.39 -9.52
C SER C 256 -48.14 18.74 -8.69
N ARG C 257 -47.61 19.94 -8.90
CA ARG C 257 -46.30 20.27 -8.34
C ARG C 257 -46.25 21.61 -7.62
N PHE C 258 -45.44 21.69 -6.57
CA PHE C 258 -45.15 22.95 -5.89
C PHE C 258 -44.44 23.94 -6.84
N PRO C 259 -44.78 25.25 -6.80
CA PRO C 259 -44.24 26.26 -7.75
C PRO C 259 -42.71 26.61 -7.68
N LEU C 260 -42.26 26.75 -6.46
CA LEU C 260 -40.86 27.12 -6.28
C LEU C 260 -39.94 26.04 -6.89
N THR C 261 -40.48 24.83 -7.04
CA THR C 261 -39.81 23.76 -7.76
C THR C 261 -39.39 24.15 -9.20
N TRP C 262 -40.29 24.78 -9.94
CA TRP C 262 -39.91 25.33 -11.24
C TRP C 262 -38.69 26.21 -11.10
N ILE C 263 -38.69 27.02 -10.05
CA ILE C 263 -37.47 27.85 -9.90
C ILE C 263 -36.17 27.04 -9.75
N MET C 264 -36.18 26.12 -8.78
CA MET C 264 -34.93 25.42 -8.46
C MET C 264 -34.47 24.56 -9.64
N GLU C 265 -35.41 23.91 -10.31
CA GLU C 265 -35.15 23.23 -11.56
C GLU C 265 -34.38 24.09 -12.61
N ALA C 266 -34.84 25.32 -12.86
CA ALA C 266 -34.09 26.23 -13.74
C ALA C 266 -32.65 26.43 -13.28
N ALA C 267 -32.51 26.62 -11.96
CA ALA C 267 -31.19 26.81 -11.35
C ALA C 267 -30.25 25.62 -11.66
N ASP C 268 -30.84 24.43 -11.58
CA ASP C 268 -30.14 23.18 -11.83
C ASP C 268 -29.61 23.12 -13.25
N ASP C 269 -30.50 23.33 -14.22
CA ASP C 269 -30.10 23.35 -15.64
C ASP C 269 -28.84 24.21 -15.93
N ILE C 270 -29.02 25.52 -15.73
CA ILE C 270 -27.89 26.47 -15.84
C ILE C 270 -26.51 25.96 -15.29
N SER C 271 -26.56 25.64 -13.98
CA SER C 271 -25.36 25.30 -13.25
C SER C 271 -24.67 24.02 -13.73
N TYR C 272 -25.53 23.01 -13.96
CA TYR C 272 -25.20 21.72 -14.60
C TYR C 272 -24.09 21.86 -15.60
N CYS C 273 -24.55 22.35 -16.75
CA CYS C 273 -23.65 22.26 -17.91
C CYS C 273 -22.35 23.05 -17.66
N VAL C 274 -22.51 24.35 -17.28
CA VAL C 274 -21.27 25.17 -17.36
C VAL C 274 -20.16 24.69 -16.38
N ALA C 275 -20.56 24.34 -15.15
CA ALA C 275 -19.58 23.92 -14.16
C ALA C 275 -18.77 22.79 -14.72
N ASP C 276 -19.48 21.81 -15.33
CA ASP C 276 -18.74 20.64 -15.85
C ASP C 276 -17.69 20.99 -16.95
N LEU C 277 -18.02 21.88 -17.89
CA LEU C 277 -16.95 22.28 -18.86
C LEU C 277 -15.74 22.97 -18.23
N GLU C 278 -15.97 23.81 -17.22
CA GLU C 278 -14.82 24.46 -16.58
C GLU C 278 -13.89 23.42 -15.94
N ASP C 279 -14.50 22.45 -15.26
CA ASP C 279 -13.71 21.40 -14.59
C ASP C 279 -12.92 20.64 -15.63
N ALA C 280 -13.57 20.32 -16.75
CA ALA C 280 -12.89 19.58 -17.82
C ALA C 280 -11.69 20.33 -18.36
N VAL C 281 -11.71 21.66 -18.34
CA VAL C 281 -10.48 22.39 -18.73
C VAL C 281 -9.43 22.37 -17.62
N GLU C 282 -9.85 22.44 -16.36
CA GLU C 282 -8.91 22.28 -15.24
C GLU C 282 -8.12 20.97 -15.32
N LYS C 283 -8.83 19.86 -15.56
CA LYS C 283 -8.24 18.52 -15.73
C LYS C 283 -7.42 18.36 -17.02
N ARG C 284 -7.11 19.47 -17.68
CA ARG C 284 -6.26 19.47 -18.87
C ARG C 284 -6.80 18.70 -20.09
N ILE C 285 -8.07 18.30 -20.07
CA ILE C 285 -8.68 17.53 -21.17
C ILE C 285 -8.68 18.25 -22.51
N PHE C 286 -9.25 19.46 -22.56
CA PHE C 286 -8.97 20.37 -23.68
C PHE C 286 -8.58 21.74 -23.14
N THR C 287 -8.02 22.56 -24.02
CA THR C 287 -7.66 23.94 -23.69
C THR C 287 -8.85 24.89 -23.91
N VAL C 288 -8.74 26.11 -23.42
CA VAL C 288 -9.84 27.05 -23.53
C VAL C 288 -10.16 27.35 -25.00
N GLU C 289 -9.14 27.50 -25.84
CA GLU C 289 -9.34 27.77 -27.26
C GLU C 289 -10.06 26.61 -27.98
N GLN C 290 -9.71 25.37 -27.61
CA GLN C 290 -10.38 24.20 -28.16
C GLN C 290 -11.86 24.21 -27.78
N LEU C 291 -12.13 24.54 -26.52
CA LEU C 291 -13.51 24.63 -26.05
C LEU C 291 -14.28 25.69 -26.83
N TYR C 292 -13.69 26.87 -26.95
CA TYR C 292 -14.28 27.95 -27.73
C TYR C 292 -14.62 27.48 -29.13
N HIS C 293 -13.72 26.69 -29.72
CA HIS C 293 -13.97 26.12 -31.03
C HIS C 293 -15.18 25.17 -31.05
N HIS C 294 -15.21 24.22 -30.11
CA HIS C 294 -16.31 23.24 -30.10
C HIS C 294 -17.65 23.91 -29.89
N LEU C 295 -17.65 24.96 -29.07
CA LEU C 295 -18.83 25.78 -28.85
C LEU C 295 -19.26 26.47 -30.14
N HIS C 296 -18.33 27.23 -30.73
CA HIS C 296 -18.59 28.00 -31.93
C HIS C 296 -19.12 27.10 -33.06
N GLU C 297 -18.65 25.85 -33.08
CA GLU C 297 -19.05 24.93 -34.15
C GLU C 297 -20.42 24.37 -33.86
N ALA C 298 -20.61 23.83 -32.67
CA ALA C 298 -21.91 23.27 -32.31
C ALA C 298 -23.06 24.28 -32.42
N TRP C 299 -22.75 25.58 -32.27
CA TRP C 299 -23.76 26.62 -32.40
C TRP C 299 -24.27 26.77 -33.84
N GLY C 300 -23.42 27.29 -34.71
CA GLY C 300 -23.79 27.49 -36.10
C GLY C 300 -24.26 28.89 -36.39
N GLN C 301 -25.19 29.02 -37.33
CA GLN C 301 -25.79 30.31 -37.67
C GLN C 301 -27.25 30.38 -37.20
N HIS C 302 -27.58 31.45 -36.46
CA HIS C 302 -28.96 31.71 -36.02
C HIS C 302 -29.46 33.07 -36.55
N GLU C 303 -29.59 34.04 -35.63
CA GLU C 303 -30.10 35.37 -35.93
C GLU C 303 -29.07 36.49 -35.66
N LYS C 304 -28.31 36.86 -36.70
CA LYS C 304 -27.27 37.92 -36.71
C LYS C 304 -26.66 38.26 -35.35
N GLY C 305 -26.84 39.51 -34.90
CA GLY C 305 -26.43 39.92 -33.57
C GLY C 305 -27.19 39.12 -32.52
N SER C 306 -26.52 38.13 -31.93
CA SER C 306 -27.25 37.07 -31.24
C SER C 306 -26.67 36.73 -29.87
N LEU C 307 -27.22 35.67 -29.28
CA LEU C 307 -26.94 35.34 -27.90
C LEU C 307 -25.52 34.82 -27.73
N PHE C 308 -25.11 33.96 -28.66
CA PHE C 308 -23.79 33.38 -28.60
C PHE C 308 -22.75 34.48 -28.62
N SER C 309 -22.93 35.48 -29.49
CA SER C 309 -22.00 36.61 -29.59
C SER C 309 -21.81 37.29 -28.25
N LEU C 310 -22.90 37.81 -27.69
CA LEU C 310 -22.92 38.39 -26.33
C LEU C 310 -22.28 37.47 -25.31
N VAL C 311 -23.01 36.46 -24.84
CA VAL C 311 -22.45 35.50 -23.87
C VAL C 311 -21.03 34.94 -24.19
N VAL C 312 -20.93 34.03 -25.13
CA VAL C 312 -19.69 33.28 -25.34
C VAL C 312 -18.61 34.13 -26.00
N GLU C 313 -18.94 34.82 -27.08
CA GLU C 313 -17.90 35.51 -27.81
C GLU C 313 -17.38 36.68 -26.97
N ASN C 314 -18.27 37.35 -26.21
CA ASN C 314 -17.79 38.44 -25.36
C ASN C 314 -16.94 37.87 -24.21
N ALA C 315 -17.33 36.72 -23.70
CA ALA C 315 -16.51 36.07 -22.69
C ALA C 315 -15.09 35.87 -23.24
N TRP C 316 -14.96 35.47 -24.48
CA TRP C 316 -13.59 35.41 -24.96
C TRP C 316 -12.97 36.82 -24.92
N GLU C 317 -13.67 37.81 -25.50
CA GLU C 317 -13.14 39.16 -25.63
C GLU C 317 -12.61 39.76 -24.30
N LYS C 318 -13.43 39.74 -23.26
CA LYS C 318 -12.98 40.22 -21.95
C LYS C 318 -11.87 39.33 -21.40
N SER C 319 -11.96 38.01 -21.61
CA SER C 319 -11.01 37.04 -21.02
C SER C 319 -9.55 37.33 -21.28
N ARG C 320 -9.13 37.05 -22.52
CA ARG C 320 -7.73 37.18 -22.94
C ARG C 320 -7.36 38.64 -23.17
N SER C 321 -7.71 39.48 -22.18
CA SER C 321 -7.44 40.91 -22.15
C SER C 321 -6.67 41.34 -20.90
N SER C 325 -2.07 31.74 -20.14
CA SER C 325 -1.82 31.19 -18.81
C SER C 325 -3.06 30.46 -18.28
N ARG C 326 -3.09 30.24 -16.97
CA ARG C 326 -4.27 29.68 -16.30
C ARG C 326 -5.16 30.83 -15.79
N SER C 327 -4.56 32.02 -15.66
CA SER C 327 -5.29 33.26 -15.36
C SER C 327 -6.30 33.59 -16.45
N THR C 328 -5.83 33.73 -17.70
CA THR C 328 -6.72 33.79 -18.87
C THR C 328 -7.92 32.84 -18.73
N GLU C 329 -7.65 31.56 -18.42
CA GLU C 329 -8.71 30.55 -18.29
C GLU C 329 -9.73 30.91 -17.19
N ASP C 330 -9.21 31.31 -16.03
CA ASP C 330 -10.06 31.75 -14.93
C ASP C 330 -10.97 32.88 -15.39
N GLN C 331 -10.39 33.89 -16.05
CA GLN C 331 -11.15 34.99 -16.61
C GLN C 331 -12.25 34.48 -17.53
N PHE C 332 -11.90 33.76 -18.60
CA PHE C 332 -12.91 33.30 -19.55
C PHE C 332 -14.08 32.64 -18.84
N PHE C 333 -13.79 31.72 -17.93
CA PHE C 333 -14.93 31.02 -17.34
C PHE C 333 -15.71 31.90 -16.39
N MET C 334 -15.04 32.86 -15.76
CA MET C 334 -15.71 33.83 -14.90
C MET C 334 -16.72 34.62 -15.73
N TYR C 335 -16.25 35.24 -16.82
CA TYR C 335 -17.11 35.99 -17.71
C TYR C 335 -18.20 35.11 -18.30
N LEU C 336 -17.87 33.86 -18.67
CA LEU C 336 -18.85 32.95 -19.27
C LEU C 336 -20.01 32.70 -18.32
N ARG C 337 -19.68 32.47 -17.06
CA ARG C 337 -20.69 32.30 -16.03
C ARG C 337 -21.50 33.57 -15.82
N VAL C 338 -20.82 34.70 -15.63
CA VAL C 338 -21.50 35.98 -15.47
C VAL C 338 -22.48 36.29 -16.62
N ASN C 339 -22.00 36.26 -17.86
CA ASN C 339 -22.83 36.53 -19.03
C ASN C 339 -24.01 35.57 -19.16
N THR C 340 -23.73 34.28 -18.96
CA THR C 340 -24.79 33.29 -19.00
C THR C 340 -25.87 33.63 -18.00
N LEU C 341 -25.47 33.84 -16.74
CA LEU C 341 -26.43 34.16 -15.68
C LEU C 341 -27.21 35.44 -15.97
N ASN C 342 -26.53 36.49 -16.42
CA ASN C 342 -27.16 37.78 -16.69
C ASN C 342 -28.16 37.72 -17.85
N LYS C 343 -28.05 36.76 -18.75
CA LYS C 343 -29.10 36.61 -19.75
C LYS C 343 -30.18 35.60 -19.34
N LEU C 344 -29.80 34.53 -18.64
CA LEU C 344 -30.72 33.43 -18.38
C LEU C 344 -31.55 33.59 -17.11
N VAL C 345 -30.95 34.15 -16.07
CA VAL C 345 -31.67 34.34 -14.82
C VAL C 345 -32.89 35.26 -15.00
N PRO C 346 -32.71 36.46 -15.62
CA PRO C 346 -33.93 37.24 -15.84
C PRO C 346 -34.90 36.58 -16.82
N TYR C 347 -34.41 35.78 -17.75
CA TYR C 347 -35.32 35.11 -18.66
C TYR C 347 -36.17 34.10 -17.90
N ALA C 348 -35.51 33.35 -17.03
CA ALA C 348 -36.19 32.37 -16.18
C ALA C 348 -37.22 33.08 -15.30
N ALA C 349 -36.83 34.21 -14.72
CA ALA C 349 -37.71 34.98 -13.84
C ALA C 349 -38.98 35.38 -14.58
N GLN C 350 -38.81 36.00 -15.75
CA GLN C 350 -39.96 36.41 -16.55
C GLN C 350 -40.79 35.20 -16.96
N ARG C 351 -40.14 34.11 -17.35
CA ARG C 351 -40.85 32.88 -17.66
C ARG C 351 -41.77 32.44 -16.53
N PHE C 352 -41.24 32.47 -15.31
CA PHE C 352 -42.00 32.18 -14.10
C PHE C 352 -43.21 33.11 -13.96
N ILE C 353 -42.99 34.41 -14.08
CA ILE C 353 -44.09 35.36 -13.89
C ILE C 353 -45.17 35.29 -14.99
N ASP C 354 -44.74 35.11 -16.23
CA ASP C 354 -45.65 35.06 -17.37
C ASP C 354 -46.56 33.83 -17.32
N ASN C 355 -46.15 32.81 -16.57
CA ASN C 355 -46.94 31.59 -16.45
C ASN C 355 -47.43 31.33 -15.04
N LEU C 356 -47.43 32.37 -14.21
CA LEU C 356 -47.71 32.19 -12.79
C LEU C 356 -49.03 31.49 -12.46
N PRO C 357 -50.10 31.74 -13.24
CA PRO C 357 -51.32 30.96 -12.95
C PRO C 357 -51.17 29.44 -13.02
N ALA C 358 -50.53 28.91 -14.06
CA ALA C 358 -50.39 27.45 -14.18
C ALA C 358 -49.29 26.89 -13.29
N ILE C 359 -48.24 27.68 -13.06
CA ILE C 359 -47.17 27.27 -12.18
C ILE C 359 -47.71 27.23 -10.76
N PHE C 360 -48.66 28.10 -10.49
CA PHE C 360 -49.31 28.15 -9.17
C PHE C 360 -50.31 27.00 -9.01
N ALA C 361 -51.06 26.69 -10.06
CA ALA C 361 -51.91 25.50 -10.05
C ALA C 361 -51.09 24.21 -9.93
N GLY C 362 -49.80 24.28 -10.26
CA GLY C 362 -48.91 23.15 -10.21
C GLY C 362 -49.02 22.22 -11.39
N THR C 363 -49.59 22.72 -12.48
CA THR C 363 -49.92 21.89 -13.65
C THR C 363 -49.06 22.17 -14.89
N PHE C 364 -48.47 23.36 -14.94
CA PHE C 364 -47.67 23.86 -16.07
C PHE C 364 -46.69 22.80 -16.62
N ASN C 365 -46.98 22.26 -17.80
CA ASN C 365 -46.23 21.10 -18.31
C ASN C 365 -44.90 21.41 -19.03
N HIS C 366 -44.15 22.38 -18.52
CA HIS C 366 -42.89 22.80 -19.14
C HIS C 366 -41.88 23.28 -18.12
N ALA C 367 -40.61 23.28 -18.50
CA ALA C 367 -39.58 23.93 -17.72
C ALA C 367 -39.56 25.39 -18.08
N LEU C 368 -38.92 26.22 -17.25
CA LEU C 368 -38.83 27.64 -17.61
C LEU C 368 -37.83 27.79 -18.75
N LEU C 369 -36.73 27.02 -18.71
CA LEU C 369 -35.71 27.13 -19.73
C LEU C 369 -35.76 26.02 -20.78
N GLU C 370 -36.87 25.31 -20.85
CA GLU C 370 -37.12 24.37 -21.96
C GLU C 370 -37.96 25.10 -23.01
N ASP C 371 -37.41 25.25 -24.21
CA ASP C 371 -37.93 26.26 -25.11
C ASP C 371 -37.35 26.18 -26.52
N ALA C 372 -37.95 26.96 -27.42
CA ALA C 372 -37.33 27.27 -28.70
C ALA C 372 -36.57 28.58 -28.51
N SER C 373 -36.48 29.01 -27.26
CA SER C 373 -35.73 30.20 -26.88
C SER C 373 -34.26 30.08 -27.26
N GLU C 374 -33.62 31.21 -27.59
CA GLU C 374 -32.18 31.22 -27.80
C GLU C 374 -31.44 30.82 -26.51
N CYS C 375 -31.99 31.22 -25.37
CA CYS C 375 -31.45 30.92 -24.04
C CYS C 375 -31.36 29.42 -23.84
N SER C 376 -32.48 28.76 -24.10
CA SER C 376 -32.55 27.32 -24.01
C SER C 376 -31.51 26.67 -24.92
N ASP C 377 -31.47 27.11 -26.18
CA ASP C 377 -30.50 26.62 -27.15
C ASP C 377 -29.07 26.76 -26.64
N LEU C 378 -28.78 27.84 -25.91
CA LEU C 378 -27.46 28.06 -25.34
C LEU C 378 -27.13 27.03 -24.27
N LEU C 379 -28.08 26.77 -23.38
CA LEU C 379 -27.88 25.69 -22.41
C LEU C 379 -27.66 24.33 -23.08
N LYS C 380 -28.48 24.01 -24.07
CA LYS C 380 -28.32 22.78 -24.85
C LYS C 380 -26.94 22.73 -25.52
N LEU C 381 -26.44 23.87 -25.98
CA LEU C 381 -25.10 23.95 -26.57
C LEU C 381 -24.05 23.48 -25.57
N TYR C 382 -24.04 24.10 -24.40
CA TYR C 382 -23.11 23.66 -23.36
C TYR C 382 -23.23 22.15 -23.10
N LYS C 383 -24.47 21.69 -22.92
CA LYS C 383 -24.70 20.29 -22.56
C LYS C 383 -24.14 19.36 -23.62
N ASN C 384 -24.45 19.62 -24.89
CA ASN C 384 -23.89 18.85 -25.99
C ASN C 384 -22.38 18.80 -25.97
N VAL C 385 -21.72 19.94 -25.89
CA VAL C 385 -20.25 19.94 -25.83
C VAL C 385 -19.71 19.11 -24.64
N ALA C 386 -20.34 19.20 -23.47
CA ALA C 386 -19.91 18.35 -22.35
C ALA C 386 -20.12 16.85 -22.60
N VAL C 387 -21.35 16.48 -22.94
CA VAL C 387 -21.67 15.10 -23.28
C VAL C 387 -20.71 14.49 -24.32
N LYS C 388 -20.47 15.20 -25.41
CA LYS C 388 -19.56 14.69 -26.44
C LYS C 388 -18.10 14.64 -25.96
N HIS C 389 -17.59 15.69 -25.35
CA HIS C 389 -16.15 15.76 -25.11
C HIS C 389 -15.69 15.70 -23.64
N VAL C 390 -16.59 15.45 -22.71
CA VAL C 390 -16.21 15.39 -21.29
C VAL C 390 -16.66 14.08 -20.68
N PHE C 391 -17.96 13.81 -20.74
CA PHE C 391 -18.54 12.60 -20.16
C PHE C 391 -18.13 11.34 -20.91
N SER C 392 -17.40 11.51 -22.00
CA SER C 392 -16.96 10.38 -22.83
C SER C 392 -15.50 10.12 -22.59
N HIS C 393 -14.87 10.94 -21.77
CA HIS C 393 -13.47 10.74 -21.44
C HIS C 393 -13.30 9.41 -20.73
N PRO C 394 -12.28 8.63 -21.14
CA PRO C 394 -12.04 7.26 -20.70
C PRO C 394 -11.95 7.08 -19.19
N ASP C 395 -11.48 8.11 -18.46
CA ASP C 395 -11.38 8.06 -17.00
C ASP C 395 -12.74 8.10 -16.33
N VAL C 396 -13.58 9.00 -16.80
CA VAL C 396 -14.96 9.11 -16.36
C VAL C 396 -15.71 7.79 -16.63
N GLU C 397 -15.48 7.22 -17.81
CA GLU C 397 -16.20 5.98 -18.19
C GLU C 397 -15.74 4.80 -17.33
N ARG C 398 -14.45 4.78 -17.04
CA ARG C 398 -13.92 3.80 -16.10
C ARG C 398 -14.61 3.87 -14.76
N LEU C 399 -14.61 5.05 -14.17
CA LEU C 399 -15.23 5.26 -12.86
C LEU C 399 -16.70 4.82 -12.88
N GLU C 400 -17.39 5.06 -13.99
CA GLU C 400 -18.81 4.68 -14.07
C GLU C 400 -18.95 3.14 -14.01
N LEU C 401 -18.14 2.45 -14.80
CA LEU C 401 -18.10 0.97 -14.73
C LEU C 401 -17.74 0.42 -13.33
N GLN C 402 -16.70 0.98 -12.74
CA GLN C 402 -16.28 0.59 -11.39
C GLN C 402 -17.41 0.76 -10.35
N GLY C 403 -18.01 1.94 -10.31
CA GLY C 403 -19.10 2.17 -9.39
C GLY C 403 -20.23 1.18 -9.58
N TYR C 404 -20.57 0.87 -10.83
CA TYR C 404 -21.57 -0.14 -11.10
C TYR C 404 -21.17 -1.50 -10.51
N ARG C 405 -19.89 -1.85 -10.61
CA ARG C 405 -19.49 -3.10 -9.97
C ARG C 405 -19.56 -3.05 -8.45
N VAL C 406 -18.97 -2.03 -7.84
CA VAL C 406 -19.06 -1.84 -6.39
C VAL C 406 -20.51 -1.91 -5.83
N ILE C 407 -21.47 -1.22 -6.45
CA ILE C 407 -22.83 -1.23 -5.91
C ILE C 407 -23.49 -2.59 -6.16
N SER C 408 -23.26 -3.17 -7.33
CA SER C 408 -23.78 -4.50 -7.61
C SER C 408 -23.27 -5.52 -6.60
N GLY C 409 -22.01 -5.34 -6.23
CA GLY C 409 -21.32 -6.21 -5.33
C GLY C 409 -21.78 -6.10 -3.90
N LEU C 410 -21.98 -4.87 -3.42
CA LEU C 410 -22.52 -4.69 -2.08
C LEU C 410 -23.89 -5.34 -2.02
N LEU C 411 -24.67 -5.16 -3.08
CA LEU C 411 -26.00 -5.78 -3.09
C LEU C 411 -25.92 -7.28 -3.00
N GLU C 412 -24.96 -7.85 -3.71
CA GLU C 412 -24.76 -9.31 -3.65
C GLU C 412 -24.32 -9.80 -2.25
N ILE C 413 -23.41 -9.06 -1.62
CA ILE C 413 -22.99 -9.33 -0.25
C ILE C 413 -24.13 -9.31 0.76
N TYR C 414 -25.03 -8.34 0.67
CA TYR C 414 -26.11 -8.29 1.64
C TYR C 414 -27.30 -9.17 1.24
N ARG C 415 -27.25 -9.76 0.05
CA ARG C 415 -28.34 -10.63 -0.40
C ARG C 415 -28.87 -11.68 0.63
N PRO C 416 -27.97 -12.33 1.41
CA PRO C 416 -28.41 -13.27 2.46
C PRO C 416 -29.57 -12.80 3.34
N LEU C 417 -29.66 -11.50 3.60
CA LEU C 417 -30.77 -10.93 4.36
C LEU C 417 -32.09 -10.96 3.59
N LEU C 418 -32.05 -10.69 2.30
CA LEU C 418 -33.26 -10.76 1.49
C LEU C 418 -33.65 -12.22 1.23
N SER C 419 -32.72 -13.14 1.50
CA SER C 419 -32.99 -14.55 1.25
C SER C 419 -33.66 -15.26 2.42
N LEU C 420 -33.56 -14.70 3.63
CA LEU C 420 -34.21 -15.26 4.81
C LEU C 420 -35.72 -15.29 4.66
N SER C 421 -36.37 -16.16 5.44
CA SER C 421 -37.83 -16.20 5.45
C SER C 421 -38.38 -15.12 6.38
N LEU C 422 -39.68 -14.90 6.32
CA LEU C 422 -40.31 -13.86 7.14
C LEU C 422 -40.06 -14.09 8.62
N SER C 423 -40.32 -15.32 9.07
CA SER C 423 -40.10 -15.69 10.46
C SER C 423 -38.65 -15.53 10.86
N ASP C 424 -37.73 -16.01 10.00
CA ASP C 424 -36.31 -16.00 10.30
C ASP C 424 -35.79 -14.58 10.42
N PHE C 425 -36.18 -13.72 9.48
CA PHE C 425 -35.72 -12.32 9.51
C PHE C 425 -36.31 -11.62 10.71
N THR C 426 -37.59 -11.86 10.99
CA THR C 426 -38.23 -11.23 12.15
C THR C 426 -37.51 -11.63 13.44
N GLU C 427 -37.16 -12.91 13.52
CA GLU C 427 -36.38 -13.45 14.64
C GLU C 427 -35.07 -12.68 14.74
N LEU C 428 -34.42 -12.45 13.60
CA LEU C 428 -33.17 -11.69 13.55
C LEU C 428 -33.31 -10.28 14.06
N VAL C 429 -34.43 -9.64 13.74
CA VAL C 429 -34.69 -8.27 14.18
C VAL C 429 -34.94 -8.19 15.69
N GLU C 430 -35.72 -9.14 16.19
CA GLU C 430 -36.11 -9.16 17.60
C GLU C 430 -35.01 -9.63 18.56
N LYS C 431 -34.44 -10.82 18.30
CA LYS C 431 -33.41 -11.41 19.16
C LYS C 431 -32.05 -10.74 19.04
N GLU C 432 -31.83 -10.00 17.96
CA GLU C 432 -30.57 -9.30 17.63
C GLU C 432 -29.45 -10.24 17.15
N ARG C 433 -28.90 -11.05 18.05
CA ARG C 433 -27.89 -12.04 17.68
C ARG C 433 -28.47 -13.46 17.65
N VAL C 434 -28.68 -14.02 16.45
CA VAL C 434 -29.22 -15.37 16.30
C VAL C 434 -28.12 -16.42 16.11
N LYS C 435 -28.24 -17.54 16.81
CA LYS C 435 -27.17 -18.54 16.85
C LYS C 435 -26.98 -19.26 15.53
N ARG C 436 -28.07 -19.60 14.86
CA ARG C 436 -27.99 -20.37 13.61
C ARG C 436 -27.78 -19.51 12.35
N PHE C 437 -27.66 -18.21 12.54
CA PHE C 437 -27.41 -17.29 11.46
C PHE C 437 -26.29 -16.33 11.81
N PRO C 438 -25.05 -16.82 11.93
CA PRO C 438 -23.92 -15.97 12.32
C PRO C 438 -23.67 -14.85 11.30
N ILE C 439 -23.64 -15.23 10.02
CA ILE C 439 -23.35 -14.31 8.94
C ILE C 439 -24.43 -13.26 8.83
N GLU C 440 -25.69 -13.69 8.66
CA GLU C 440 -26.82 -12.78 8.52
C GLU C 440 -26.92 -11.84 9.71
N SER C 441 -26.70 -12.34 10.93
CA SER C 441 -26.65 -11.47 12.11
C SER C 441 -25.62 -10.36 11.96
N ARG C 442 -24.37 -10.70 11.66
CA ARG C 442 -23.38 -9.62 11.55
C ARG C 442 -23.66 -8.64 10.39
N LEU C 443 -24.16 -9.17 9.27
CA LEU C 443 -24.58 -8.36 8.15
C LEU C 443 -25.64 -7.36 8.59
N PHE C 444 -26.61 -7.85 9.34
CA PHE C 444 -27.69 -7.04 9.85
C PHE C 444 -27.17 -5.94 10.77
N HIS C 445 -26.33 -6.27 11.73
CA HIS C 445 -25.79 -5.20 12.58
C HIS C 445 -25.00 -4.17 11.76
N LYS C 446 -24.54 -4.53 10.55
CA LYS C 446 -23.74 -3.57 9.80
C LYS C 446 -24.63 -2.45 9.20
N LEU C 447 -25.90 -2.76 8.88
CA LEU C 447 -26.90 -1.74 8.52
C LEU C 447 -27.01 -0.66 9.58
N SER C 448 -27.33 0.56 9.14
CA SER C 448 -27.39 1.71 10.05
C SER C 448 -28.56 1.70 11.03
N THR C 449 -28.37 2.33 12.18
CA THR C 449 -29.41 2.32 13.20
C THR C 449 -30.69 3.01 12.71
N ARG C 450 -30.54 4.18 12.09
CA ARG C 450 -31.70 4.92 11.61
C ARG C 450 -32.51 4.11 10.62
N HIS C 451 -31.82 3.35 9.77
CA HIS C 451 -32.48 2.55 8.75
C HIS C 451 -33.27 1.40 9.35
N ARG C 452 -32.65 0.70 10.28
CA ARG C 452 -33.29 -0.40 10.95
C ARG C 452 -34.50 0.08 11.77
N LEU C 453 -34.38 1.28 12.39
CA LEU C 453 -35.51 1.87 13.13
C LEU C 453 -36.66 2.14 12.19
N ALA C 454 -36.34 2.69 11.02
CA ALA C 454 -37.38 2.94 10.01
C ALA C 454 -38.08 1.64 9.57
N TYR C 455 -37.32 0.55 9.45
CA TYR C 455 -37.90 -0.74 9.13
C TYR C 455 -38.87 -1.18 10.21
N VAL C 456 -38.37 -1.18 11.44
CA VAL C 456 -39.16 -1.62 12.59
C VAL C 456 -40.45 -0.81 12.68
N GLU C 457 -40.34 0.51 12.58
CA GLU C 457 -41.49 1.39 12.66
C GLU C 457 -42.50 1.11 11.55
N ALA C 458 -42.02 0.99 10.32
CA ALA C 458 -42.92 0.73 9.20
C ALA C 458 -43.67 -0.60 9.38
N VAL C 459 -42.96 -1.64 9.77
CA VAL C 459 -43.56 -2.96 9.88
C VAL C 459 -44.52 -3.06 11.07
N SER C 460 -44.16 -2.42 12.18
CA SER C 460 -45.00 -2.41 13.36
C SER C 460 -46.39 -1.80 13.10
N LYS C 461 -46.48 -0.89 12.12
CA LYS C 461 -47.74 -0.24 11.76
C LYS C 461 -48.67 -1.12 10.90
N LEU C 462 -48.21 -2.30 10.53
CA LEU C 462 -48.99 -3.20 9.71
C LEU C 462 -49.76 -4.23 10.53
N PRO C 463 -50.97 -4.58 10.07
CA PRO C 463 -51.77 -5.69 10.63
C PRO C 463 -51.14 -7.06 10.32
N SER C 464 -50.59 -7.72 11.33
CA SER C 464 -49.76 -8.90 11.12
C SER C 464 -50.53 -10.15 10.65
N ASP C 465 -51.86 -10.12 10.77
CA ASP C 465 -52.65 -11.26 10.35
C ASP C 465 -53.23 -11.07 8.95
N SER C 466 -53.07 -9.88 8.40
CA SER C 466 -53.50 -9.57 7.03
C SER C 466 -52.75 -10.43 6.02
N PRO C 467 -53.40 -10.76 4.88
CA PRO C 467 -52.70 -11.56 3.87
C PRO C 467 -51.66 -10.72 3.14
N GLU C 468 -51.76 -9.42 3.32
CA GLU C 468 -50.82 -8.48 2.71
C GLU C 468 -49.49 -8.43 3.47
N PHE C 469 -49.50 -8.84 4.74
CA PHE C 469 -48.36 -8.59 5.62
C PHE C 469 -47.02 -9.11 5.08
N PRO C 470 -46.95 -10.38 4.62
CA PRO C 470 -45.64 -10.83 4.12
C PRO C 470 -45.10 -10.02 2.94
N LEU C 471 -46.01 -9.53 2.09
CA LEU C 471 -45.62 -8.68 0.96
C LEU C 471 -45.08 -7.34 1.44
N TRP C 472 -45.83 -6.66 2.29
CA TRP C 472 -45.37 -5.40 2.81
C TRP C 472 -44.04 -5.56 3.52
N GLU C 473 -43.85 -6.67 4.22
CA GLU C 473 -42.61 -6.85 4.97
C GLU C 473 -41.46 -7.02 4.00
N TYR C 474 -41.64 -7.82 2.95
CA TYR C 474 -40.56 -7.98 1.98
C TYR C 474 -40.20 -6.64 1.37
N TYR C 475 -41.24 -5.87 1.00
CA TYR C 475 -41.07 -4.54 0.46
C TYR C 475 -40.20 -3.68 1.39
N TYR C 476 -40.62 -3.54 2.64
CA TYR C 476 -39.88 -2.69 3.55
C TYR C 476 -38.46 -3.23 3.84
N ARG C 477 -38.25 -4.54 3.64
CA ARG C 477 -36.91 -5.12 3.83
C ARG C 477 -35.96 -4.72 2.68
N CYS C 478 -36.46 -4.86 1.45
CA CYS C 478 -35.72 -4.38 0.28
C CYS C 478 -35.45 -2.89 0.38
N ARG C 479 -36.47 -2.17 0.83
CA ARG C 479 -36.41 -0.74 1.06
C ARG C 479 -35.29 -0.47 2.09
N LEU C 480 -35.18 -1.28 3.14
CA LEU C 480 -34.07 -1.17 4.12
C LEU C 480 -32.71 -1.29 3.47
N LEU C 481 -32.56 -2.28 2.58
CA LEU C 481 -31.28 -2.50 1.92
C LEU C 481 -30.89 -1.36 0.97
N GLN C 482 -31.86 -0.91 0.18
CA GLN C 482 -31.63 0.23 -0.70
C GLN C 482 -31.36 1.54 0.09
N ASP C 483 -32.00 1.70 1.25
CA ASP C 483 -31.71 2.82 2.14
C ASP C 483 -30.24 2.78 2.50
N TYR C 484 -29.81 1.63 3.02
CA TYR C 484 -28.44 1.47 3.49
C TYR C 484 -27.44 1.77 2.38
N ILE C 485 -27.60 1.11 1.23
CA ILE C 485 -26.62 1.26 0.15
C ILE C 485 -26.61 2.68 -0.44
N SER C 486 -27.78 3.26 -0.70
CA SER C 486 -27.81 4.59 -1.32
C SER C 486 -27.36 5.67 -0.35
N GLY C 487 -27.28 5.33 0.94
CA GLY C 487 -26.83 6.31 1.90
C GLY C 487 -25.33 6.53 1.99
N MET C 488 -24.58 5.69 1.29
CA MET C 488 -23.13 5.71 1.39
C MET C 488 -22.52 6.77 0.50
N THR C 489 -21.37 7.30 0.91
CA THR C 489 -20.59 8.11 0.00
C THR C 489 -19.87 7.19 -0.97
N ASP C 490 -19.34 7.76 -2.04
CA ASP C 490 -18.64 6.97 -3.05
C ASP C 490 -17.48 6.22 -2.45
N LEU C 491 -16.67 6.93 -1.68
CA LEU C 491 -15.51 6.36 -1.02
C LEU C 491 -15.89 5.27 -0.04
N TYR C 492 -16.92 5.53 0.76
CA TYR C 492 -17.29 4.57 1.77
C TYR C 492 -17.78 3.31 1.11
N ALA C 493 -18.67 3.45 0.15
CA ALA C 493 -19.22 2.30 -0.55
C ALA C 493 -18.10 1.47 -1.15
N TRP C 494 -17.14 2.16 -1.77
CA TRP C 494 -16.00 1.48 -2.38
C TRP C 494 -15.17 0.71 -1.33
N ASP C 495 -14.77 1.40 -0.27
CA ASP C 495 -14.08 0.76 0.85
C ASP C 495 -14.81 -0.45 1.44
N GLU C 496 -16.09 -0.30 1.71
CA GLU C 496 -16.87 -1.38 2.23
C GLU C 496 -16.84 -2.57 1.30
N TYR C 497 -17.05 -2.32 0.01
CA TYR C 497 -16.93 -3.41 -0.96
C TYR C 497 -15.53 -4.08 -0.88
N ARG C 498 -14.48 -3.27 -0.84
CA ARG C 498 -13.14 -3.80 -0.80
C ARG C 498 -12.90 -4.65 0.45
N ARG C 499 -13.42 -4.20 1.58
CA ARG C 499 -13.22 -4.83 2.90
C ARG C 499 -14.01 -6.10 3.06
N LEU C 500 -15.27 -6.02 2.67
CA LEU C 500 -16.16 -7.16 2.76
C LEU C 500 -15.78 -8.25 1.77
N MET C 501 -15.08 -7.88 0.69
CA MET C 501 -14.54 -8.82 -0.29
C MET C 501 -13.17 -9.40 0.14
N ALA C 502 -12.65 -8.88 1.25
CA ALA C 502 -11.45 -9.36 1.90
C ALA C 502 -10.24 -9.05 1.05
N VAL C 503 -10.38 -8.00 0.26
CA VAL C 503 -9.34 -7.60 -0.67
C VAL C 503 -8.37 -6.65 0.05
N GLU C 504 -8.90 -5.90 1.01
CA GLU C 504 -8.05 -5.28 2.01
C GLU C 504 -8.60 -5.57 3.41
N GLN C 505 -7.84 -5.19 4.43
CA GLN C 505 -8.19 -5.53 5.81
C GLN C 505 -9.11 -4.49 6.48
N ALA D 2 -21.49 62.11 17.08
CA ALA D 2 -21.03 60.99 16.26
C ALA D 2 -22.18 60.36 15.46
N GLN D 3 -22.33 60.76 14.21
CA GLN D 3 -23.44 60.27 13.38
C GLN D 3 -23.21 58.81 12.97
N ILE D 4 -24.29 58.03 13.00
CA ILE D 4 -24.24 56.68 12.47
C ILE D 4 -24.87 56.64 11.09
N ASP D 5 -24.03 56.49 10.06
CA ASP D 5 -24.49 56.41 8.68
C ASP D 5 -23.88 55.21 7.98
N PHE D 6 -24.66 54.16 7.79
CA PHE D 6 -24.10 52.93 7.23
C PHE D 6 -23.85 53.06 5.72
N ARG D 7 -24.42 54.08 5.09
CA ARG D 7 -24.13 54.32 3.68
C ARG D 7 -22.66 54.67 3.53
N LYS D 8 -22.07 55.21 4.59
CA LYS D 8 -20.64 55.52 4.59
C LYS D 8 -19.74 54.36 5.01
N LYS D 9 -20.31 53.19 5.29
CA LYS D 9 -19.51 51.99 5.64
C LYS D 9 -19.73 50.86 4.65
N ILE D 10 -20.95 50.70 4.17
CA ILE D 10 -21.23 49.68 3.15
C ILE D 10 -20.78 50.22 1.80
N ASN D 11 -19.48 50.28 1.61
CA ASN D 11 -18.85 50.78 0.38
C ASN D 11 -18.91 49.77 -0.77
N TRP D 12 -19.65 50.09 -1.82
CA TRP D 12 -19.83 49.13 -2.92
C TRP D 12 -18.87 49.40 -4.10
N HIS D 13 -17.84 50.19 -3.87
CA HIS D 13 -16.81 50.44 -4.88
C HIS D 13 -15.76 49.34 -4.86
N ARG D 14 -15.01 49.24 -5.96
CA ARG D 14 -13.95 48.24 -6.09
C ARG D 14 -12.59 48.89 -6.28
N ARG D 15 -11.54 48.07 -6.20
CA ARG D 15 -10.17 48.54 -6.40
C ARG D 15 -9.90 48.81 -7.86
N TYR D 16 -10.24 47.84 -8.69
CA TYR D 16 -10.05 47.92 -10.14
C TYR D 16 -11.41 48.01 -10.82
N ARG D 17 -11.49 48.83 -11.87
CA ARG D 17 -12.64 48.86 -12.75
C ARG D 17 -13.93 48.97 -11.94
N SER D 18 -13.94 49.94 -11.02
CA SER D 18 -15.04 50.08 -10.08
C SER D 18 -16.30 50.63 -10.73
N PRO D 19 -17.47 50.12 -10.31
CA PRO D 19 -18.75 50.76 -10.66
C PRO D 19 -18.74 52.20 -10.16
N GLN D 20 -19.37 53.12 -10.89
CA GLN D 20 -19.20 54.53 -10.53
C GLN D 20 -20.50 55.35 -10.45
N GLY D 21 -20.51 56.29 -9.52
CA GLY D 21 -21.56 57.29 -9.48
C GLY D 21 -22.72 56.99 -8.56
N VAL D 22 -23.92 57.32 -9.02
CA VAL D 22 -25.13 57.15 -8.23
C VAL D 22 -25.86 55.87 -8.63
N LYS D 23 -25.91 54.91 -7.73
CA LYS D 23 -26.57 53.64 -8.04
C LYS D 23 -27.91 53.53 -7.29
N THR D 24 -28.86 52.81 -7.86
CA THR D 24 -30.14 52.56 -7.22
C THR D 24 -30.00 51.45 -6.18
N GLU D 25 -31.04 51.20 -5.39
CA GLU D 25 -30.97 50.10 -4.42
C GLU D 25 -30.70 48.77 -5.13
N HIS D 26 -31.49 48.50 -6.15
CA HIS D 26 -31.36 47.28 -6.95
C HIS D 26 -29.94 47.09 -7.54
N GLU D 27 -29.35 48.14 -8.09
CA GLU D 27 -28.04 48.02 -8.74
C GLU D 27 -26.95 47.71 -7.71
N ILE D 28 -27.11 48.25 -6.50
CA ILE D 28 -26.20 47.95 -5.40
C ILE D 28 -26.35 46.49 -4.92
N LEU D 29 -27.61 46.06 -4.83
CA LEU D 29 -27.89 44.66 -4.57
C LEU D 29 -27.14 43.77 -5.57
N ARG D 30 -27.31 44.02 -6.86
CA ARG D 30 -26.60 43.23 -7.87
C ARG D 30 -25.06 43.29 -7.73
N ILE D 31 -24.51 44.45 -7.37
CA ILE D 31 -23.08 44.52 -7.08
C ILE D 31 -22.67 43.48 -6.02
N PHE D 32 -23.41 43.44 -4.90
CA PHE D 32 -23.05 42.50 -3.82
C PHE D 32 -23.36 41.02 -4.14
N GLU D 33 -24.35 40.77 -4.97
CA GLU D 33 -24.56 39.41 -5.46
C GLU D 33 -23.36 38.96 -6.32
N SER D 34 -22.86 39.87 -7.17
CA SER D 34 -21.67 39.54 -7.96
C SER D 34 -20.52 39.18 -7.03
N ASP D 35 -20.38 39.92 -5.94
CA ASP D 35 -19.43 39.53 -4.91
C ASP D 35 -19.66 38.07 -4.44
N ARG D 36 -20.92 37.71 -4.22
CA ARG D 36 -21.22 36.35 -3.72
C ARG D 36 -20.74 35.29 -4.69
N GLY D 37 -21.24 35.35 -5.92
CA GLY D 37 -20.82 34.36 -6.91
C GLY D 37 -19.32 34.33 -7.17
N ARG D 38 -18.69 35.50 -7.08
CA ARG D 38 -17.25 35.59 -7.17
C ARG D 38 -16.58 34.72 -6.10
N ILE D 39 -17.08 34.79 -4.87
CA ILE D 39 -16.52 34.01 -3.77
C ILE D 39 -16.89 32.51 -3.82
N ILE D 40 -18.17 32.21 -3.96
CA ILE D 40 -18.63 30.83 -4.04
C ILE D 40 -17.95 30.03 -5.15
N ASN D 41 -17.63 30.65 -6.28
CA ASN D 41 -16.98 29.91 -7.37
C ASN D 41 -15.45 29.93 -7.34
N SER D 42 -14.88 30.38 -6.24
CA SER D 42 -13.44 30.44 -6.07
C SER D 42 -12.85 29.08 -5.75
N PRO D 43 -11.68 28.81 -6.30
CA PRO D 43 -10.89 27.62 -5.94
C PRO D 43 -10.58 27.55 -4.44
N ALA D 44 -10.40 28.71 -3.79
CA ALA D 44 -10.11 28.77 -2.36
C ALA D 44 -11.20 28.13 -1.45
N ILE D 45 -12.46 28.29 -1.85
CA ILE D 45 -13.56 27.64 -1.13
C ILE D 45 -13.57 26.08 -1.25
N ARG D 46 -13.47 25.57 -2.47
CA ARG D 46 -13.33 24.14 -2.65
C ARG D 46 -12.10 23.57 -1.87
N ARG D 47 -11.01 24.32 -1.93
CA ARG D 47 -9.85 23.92 -1.17
C ARG D 47 -10.23 23.82 0.29
N LEU D 48 -11.15 24.66 0.76
CA LEU D 48 -11.68 24.46 2.12
C LEU D 48 -12.28 23.07 2.30
N GLN D 49 -12.95 22.54 1.28
CA GLN D 49 -13.51 21.21 1.53
C GLN D 49 -12.44 20.14 1.68
N GLN D 50 -11.20 20.45 1.32
CA GLN D 50 -10.17 19.44 1.69
C GLN D 50 -9.20 19.78 2.84
N LYS D 51 -9.56 20.72 3.69
CA LYS D 51 -8.76 21.07 4.88
C LYS D 51 -9.51 20.66 6.14
N THR D 52 -8.80 20.11 7.13
CA THR D 52 -9.49 19.48 8.26
C THR D 52 -9.82 20.46 9.37
N GLN D 53 -10.87 20.13 10.11
CA GLN D 53 -11.34 20.98 11.20
C GLN D 53 -10.61 20.56 12.48
N VAL D 54 -10.90 19.35 12.95
CA VAL D 54 -10.23 18.81 14.14
C VAL D 54 -9.67 17.43 13.85
N PHE D 55 -10.52 16.55 13.34
CA PHE D 55 -10.14 15.16 13.06
C PHE D 55 -9.66 15.01 11.62
N PRO D 56 -8.82 13.98 11.37
CA PRO D 56 -8.40 13.66 10.00
C PRO D 56 -9.60 13.34 9.12
N LEU D 57 -9.44 13.36 7.80
CA LEU D 57 -10.60 13.21 6.91
C LEU D 57 -11.02 11.75 6.65
N GLU D 58 -12.26 11.47 7.08
CA GLU D 58 -12.85 10.13 7.10
C GLU D 58 -13.19 9.60 5.70
N ALA D 62 -18.31 13.39 6.00
CA ALA D 62 -18.88 12.52 7.04
C ALA D 62 -18.66 13.11 8.44
N VAL D 63 -17.52 13.80 8.59
CA VAL D 63 -17.27 14.70 9.72
C VAL D 63 -16.92 16.07 9.14
N ARG D 64 -16.76 17.05 10.02
CA ARG D 64 -16.62 18.40 9.55
C ARG D 64 -15.28 18.67 8.87
N THR D 65 -15.35 19.19 7.65
CA THR D 65 -14.23 19.86 7.02
C THR D 65 -14.34 21.37 7.26
N ARG D 66 -13.28 22.12 6.98
CA ARG D 66 -13.34 23.58 7.11
C ARG D 66 -14.49 24.20 6.28
N LEU D 67 -14.83 23.58 5.15
CA LEU D 67 -15.96 24.03 4.37
C LEU D 67 -17.32 23.88 5.06
N THR D 68 -17.64 22.69 5.53
CA THR D 68 -18.96 22.50 6.15
C THR D 68 -19.07 23.29 7.43
N HIS D 69 -17.96 23.41 8.15
CA HIS D 69 -17.93 24.31 9.28
C HIS D 69 -18.25 25.72 8.84
N SER D 70 -17.60 26.18 7.78
CA SER D 70 -17.84 27.53 7.31
C SER D 70 -19.31 27.72 6.91
N MET D 71 -19.97 26.68 6.43
CA MET D 71 -21.39 26.79 6.09
C MET D 71 -22.25 26.97 7.35
N GLU D 72 -21.93 26.19 8.38
CA GLU D 72 -22.62 26.32 9.65
C GLU D 72 -22.42 27.71 10.26
N VAL D 73 -21.17 28.14 10.33
CA VAL D 73 -20.85 29.49 10.82
C VAL D 73 -21.61 30.56 10.03
N GLN D 74 -21.62 30.42 8.71
CA GLN D 74 -22.37 31.32 7.85
C GLN D 74 -23.87 31.37 8.20
N GLN D 75 -24.50 30.23 8.49
CA GLN D 75 -25.91 30.28 8.93
C GLN D 75 -26.08 31.02 10.27
N VAL D 76 -25.16 30.80 11.21
CA VAL D 76 -25.26 31.53 12.45
C VAL D 76 -25.09 33.04 12.21
N GLY D 77 -24.16 33.41 11.35
CA GLY D 77 -23.96 34.80 10.97
C GLY D 77 -25.21 35.42 10.36
N ARG D 78 -25.83 34.69 9.45
CA ARG D 78 -27.06 35.13 8.81
C ARG D 78 -28.14 35.41 9.85
N TYR D 79 -28.29 34.48 10.79
CA TYR D 79 -29.28 34.62 11.83
C TYR D 79 -28.98 35.88 12.67
N ILE D 80 -27.76 36.02 13.21
CA ILE D 80 -27.44 37.23 13.98
C ILE D 80 -27.72 38.53 13.22
N ALA D 81 -27.33 38.56 11.94
CA ALA D 81 -27.59 39.72 11.08
C ALA D 81 -29.07 40.04 10.98
N LYS D 82 -29.90 39.04 10.64
CA LYS D 82 -31.35 39.22 10.55
C LYS D 82 -31.97 39.67 11.87
N GLU D 83 -31.46 39.16 12.98
CA GLU D 83 -31.90 39.63 14.29
C GLU D 83 -31.59 41.10 14.48
N ILE D 84 -30.37 41.53 14.15
CA ILE D 84 -29.99 42.93 14.25
C ILE D 84 -30.87 43.84 13.41
N LEU D 85 -31.07 43.45 12.17
CA LEU D 85 -31.92 44.25 11.28
C LEU D 85 -33.37 44.32 11.74
N SER D 86 -33.90 43.20 12.23
CA SER D 86 -35.27 43.16 12.66
C SER D 86 -35.46 43.96 13.95
N ARG D 87 -34.46 43.94 14.83
CA ARG D 87 -34.55 44.65 16.09
C ARG D 87 -34.43 46.16 15.84
N LEU D 88 -33.60 46.53 14.88
CA LEU D 88 -33.51 47.93 14.50
C LEU D 88 -34.80 48.39 13.84
N LYS D 89 -35.45 47.51 13.09
CA LYS D 89 -36.73 47.87 12.48
C LYS D 89 -37.81 48.09 13.55
N GLU D 90 -37.84 47.23 14.56
CA GLU D 90 -38.82 47.39 15.62
C GLU D 90 -38.51 48.65 16.48
N LEU D 91 -37.24 49.08 16.46
CA LEU D 91 -36.87 50.33 17.13
C LEU D 91 -37.07 51.53 16.22
N LYS D 92 -37.56 51.27 15.00
CA LYS D 92 -37.76 52.32 14.02
C LYS D 92 -36.46 53.10 13.76
N LEU D 93 -35.36 52.39 13.53
CA LEU D 93 -34.04 53.03 13.46
C LEU D 93 -33.27 52.74 12.18
N LEU D 94 -33.86 51.97 11.25
CA LEU D 94 -33.16 51.66 10.00
C LEU D 94 -32.83 52.93 9.22
N GLU D 95 -33.86 53.64 8.82
CA GLU D 95 -33.74 54.91 8.11
C GLU D 95 -32.77 55.85 8.85
N ALA D 96 -32.93 55.96 10.17
CA ALA D 96 -32.05 56.77 11.01
C ALA D 96 -30.56 56.42 10.86
N TYR D 97 -30.25 55.15 10.64
CA TYR D 97 -28.86 54.69 10.58
C TYR D 97 -28.35 54.46 9.15
N GLY D 98 -29.22 54.70 8.17
CA GLY D 98 -28.82 54.60 6.77
C GLY D 98 -28.95 53.22 6.17
N LEU D 99 -29.55 52.32 6.93
CA LEU D 99 -29.66 50.92 6.53
C LEU D 99 -30.95 50.60 5.78
N ASP D 100 -31.81 51.58 5.58
CA ASP D 100 -33.14 51.30 5.01
C ASP D 100 -33.07 50.74 3.60
N GLU D 101 -31.96 50.99 2.89
CA GLU D 101 -31.80 50.44 1.55
C GLU D 101 -30.55 49.53 1.42
N LEU D 102 -30.02 49.07 2.55
CA LEU D 102 -28.81 48.28 2.54
C LEU D 102 -28.96 46.98 3.30
N THR D 103 -30.20 46.58 3.53
CA THR D 103 -30.54 45.33 4.21
C THR D 103 -29.85 44.09 3.58
N GLY D 104 -30.05 43.96 2.27
CA GLY D 104 -29.47 42.89 1.48
C GLY D 104 -27.96 42.79 1.63
N PRO D 105 -27.23 43.85 1.24
CA PRO D 105 -25.78 43.92 1.41
C PRO D 105 -25.33 43.64 2.83
N PHE D 106 -26.06 44.13 3.84
CA PHE D 106 -25.72 43.92 5.25
C PHE D 106 -25.60 42.44 5.54
N GLU D 107 -26.75 41.76 5.36
CA GLU D 107 -26.83 40.33 5.60
C GLU D 107 -25.82 39.56 4.75
N SER D 108 -25.81 39.84 3.44
CA SER D 108 -24.90 39.19 2.49
C SER D 108 -23.40 39.33 2.84
N ILE D 109 -22.91 40.54 3.09
CA ILE D 109 -21.55 40.73 3.59
C ILE D 109 -21.27 39.90 4.84
N VAL D 110 -22.21 39.83 5.78
CA VAL D 110 -21.96 38.96 6.93
C VAL D 110 -21.82 37.49 6.49
N GLU D 111 -22.82 36.95 5.79
CA GLU D 111 -22.74 35.57 5.30
C GLU D 111 -21.43 35.23 4.57
N MET D 112 -21.01 36.11 3.67
CA MET D 112 -19.82 35.82 2.87
C MET D 112 -18.55 35.96 3.68
N SER D 113 -18.54 36.88 4.64
CA SER D 113 -17.38 37.00 5.51
C SER D 113 -17.26 35.73 6.32
N CYS D 114 -18.41 35.19 6.73
CA CYS D 114 -18.39 33.93 7.45
C CYS D 114 -17.82 32.83 6.57
N LEU D 115 -18.37 32.71 5.37
CA LEU D 115 -17.94 31.67 4.44
C LEU D 115 -16.45 31.68 4.17
N MET D 116 -15.79 32.82 4.31
CA MET D 116 -14.38 32.79 3.99
C MET D 116 -13.39 33.33 5.04
N HIS D 117 -13.65 33.13 6.33
CA HIS D 117 -12.66 33.51 7.34
C HIS D 117 -11.51 32.49 7.28
N ASP D 118 -11.84 31.23 7.02
CA ASP D 118 -10.85 30.16 7.05
C ASP D 118 -9.97 30.10 5.80
N ILE D 119 -10.23 31.00 4.86
CA ILE D 119 -9.71 30.87 3.52
C ILE D 119 -8.17 30.91 3.45
N GLY D 120 -7.54 31.61 4.40
CA GLY D 120 -6.10 31.80 4.34
C GLY D 120 -5.31 30.88 5.26
N ASN D 121 -6.01 30.04 6.00
CA ASN D 121 -5.38 29.05 6.85
C ASN D 121 -4.49 28.06 6.06
N PRO D 122 -3.28 27.81 6.57
CA PRO D 122 -2.32 26.90 5.94
C PRO D 122 -2.71 25.43 6.18
N PRO D 123 -2.10 24.47 5.47
CA PRO D 123 -2.40 23.08 5.80
C PRO D 123 -2.10 22.78 7.26
N PHE D 124 -2.96 21.98 7.90
CA PHE D 124 -2.80 21.56 9.29
C PHE D 124 -2.93 22.71 10.29
N GLY D 125 -3.51 23.81 9.82
CA GLY D 125 -3.95 24.87 10.71
C GLY D 125 -2.89 25.46 11.62
N HIS D 126 -3.17 25.47 12.93
CA HIS D 126 -2.28 26.13 13.88
C HIS D 126 -0.89 25.54 13.86
N PHE D 127 -0.78 24.29 13.40
CA PHE D 127 0.51 23.68 13.34
C PHE D 127 1.20 23.90 12.02
N GLY D 128 0.43 24.10 10.96
CA GLY D 128 0.96 24.65 9.73
C GLY D 128 1.60 26.00 10.03
N GLU D 129 0.84 26.86 10.72
CA GLU D 129 1.33 28.16 11.15
C GLU D 129 2.59 28.02 11.99
N ALA D 130 2.53 27.16 13.01
CA ALA D 130 3.66 26.98 13.93
C ALA D 130 4.90 26.56 13.17
N ALA D 131 4.74 25.61 12.26
CA ALA D 131 5.83 25.13 11.41
C ALA D 131 6.48 26.24 10.59
N ILE D 132 5.66 26.96 9.83
CA ILE D 132 6.14 28.09 9.01
C ILE D 132 6.90 29.12 9.84
N ASN D 133 6.27 29.58 10.90
CA ASN D 133 6.82 30.63 11.73
C ASN D 133 8.08 30.19 12.40
N ASP D 134 8.12 28.94 12.83
CA ASP D 134 9.29 28.43 13.56
C ASP D 134 10.49 28.30 12.63
N TRP D 135 10.24 27.76 11.44
CA TRP D 135 11.26 27.66 10.40
C TRP D 135 11.86 29.04 10.08
N PHE D 136 10.99 29.98 9.73
CA PHE D 136 11.48 31.30 9.35
C PHE D 136 12.13 32.03 10.53
N ARG D 137 11.71 31.66 11.74
CA ARG D 137 12.24 32.30 12.93
C ARG D 137 13.65 31.79 13.15
N GLN D 138 13.87 30.53 12.79
CA GLN D 138 15.17 29.91 12.93
C GLN D 138 16.14 30.46 11.88
N ARG D 139 15.61 30.91 10.74
CA ARG D 139 16.45 31.57 9.73
C ARG D 139 16.73 33.07 9.99
N LEU D 140 15.74 33.80 10.51
CA LEU D 140 15.79 35.26 10.56
C LEU D 140 15.98 35.88 11.96
N HIS D 141 15.67 35.11 13.00
CA HIS D 141 15.84 35.54 14.40
C HIS D 141 15.41 36.96 14.69
N PRO D 142 14.11 37.25 14.54
CA PRO D 142 13.61 38.64 14.63
C PRO D 142 13.89 39.29 15.98
N GLU D 143 14.00 38.48 17.04
CA GLU D 143 14.31 38.98 18.38
C GLU D 143 15.63 39.75 18.41
N ASP D 144 16.57 39.38 17.55
CA ASP D 144 17.87 40.03 17.51
C ASP D 144 17.82 41.41 16.88
N ALA D 145 16.67 41.72 16.28
CA ALA D 145 16.47 43.04 15.68
C ALA D 145 15.57 43.93 16.55
N GLU D 146 15.52 43.66 17.85
CA GLU D 146 14.67 44.45 18.74
C GLU D 146 15.23 45.85 18.93
N SER D 147 16.34 45.96 19.66
CA SER D 147 16.94 47.27 19.88
C SER D 147 18.14 47.47 18.96
N GLN D 148 19.21 48.06 19.50
CA GLN D 148 20.47 48.29 18.77
C GLN D 148 21.06 46.98 18.20
N PRO D 149 21.94 47.09 17.17
CA PRO D 149 22.52 45.88 16.55
C PRO D 149 23.37 45.00 17.48
N LEU D 150 23.09 43.70 17.46
CA LEU D 150 23.75 42.73 18.35
C LEU D 150 25.10 42.23 17.79
N THR D 151 26.09 42.05 18.66
CA THR D 151 27.48 41.79 18.23
C THR D 151 27.67 40.48 17.48
N ASP D 152 26.60 39.71 17.34
CA ASP D 152 26.65 38.50 16.52
C ASP D 152 25.24 38.15 16.03
N ASP D 153 24.53 39.19 15.55
CA ASP D 153 23.21 39.08 14.94
C ASP D 153 23.02 37.74 14.26
N ARG D 154 22.15 36.90 14.83
CA ARG D 154 22.05 35.51 14.42
C ARG D 154 21.33 35.30 13.08
N CYS D 155 20.89 36.38 12.46
CA CYS D 155 20.22 36.30 11.16
C CYS D 155 21.15 35.67 10.14
N SER D 156 20.63 34.71 9.39
CA SER D 156 21.46 33.95 8.46
C SER D 156 21.46 34.55 7.06
N VAL D 157 20.57 35.53 6.84
CA VAL D 157 20.52 36.23 5.57
C VAL D 157 21.39 37.49 5.59
N ALA D 158 22.31 37.57 4.63
CA ALA D 158 23.28 38.67 4.57
C ALA D 158 22.65 40.06 4.63
N ALA D 159 21.72 40.31 3.70
CA ALA D 159 21.15 41.63 3.52
C ALA D 159 20.30 42.10 4.71
N LEU D 160 19.90 41.16 5.55
CA LEU D 160 18.93 41.47 6.60
C LEU D 160 19.51 41.66 8.01
N ARG D 161 20.78 41.33 8.23
CA ARG D 161 21.42 41.64 9.50
C ARG D 161 21.46 43.15 9.71
N LEU D 162 21.30 43.59 10.97
CA LEU D 162 21.33 45.02 11.29
C LEU D 162 22.76 45.60 11.28
N ARG D 163 23.04 46.47 10.31
CA ARG D 163 24.35 47.09 10.18
C ARG D 163 24.43 48.39 10.97
N ASP D 164 25.62 48.69 11.48
CA ASP D 164 25.83 49.87 12.34
C ASP D 164 25.78 51.19 11.57
N GLY D 165 24.92 52.11 11.99
CA GLY D 165 24.86 53.42 11.37
C GLY D 165 23.73 53.62 10.37
N GLU D 166 23.28 52.54 9.75
CA GLU D 166 22.24 52.61 8.70
C GLU D 166 20.81 52.51 9.24
N GLU D 167 20.31 53.53 9.89
CA GLU D 167 19.00 53.43 10.54
C GLU D 167 17.75 53.24 9.64
N PRO D 168 17.69 53.90 8.46
CA PRO D 168 16.47 53.67 7.67
C PRO D 168 16.36 52.22 7.16
N LEU D 169 17.49 51.75 6.64
CA LEU D 169 17.61 50.36 6.20
C LEU D 169 17.33 49.39 7.34
N ASN D 170 17.96 49.63 8.49
CA ASN D 170 17.71 48.82 9.68
C ASN D 170 16.23 48.75 10.03
N GLU D 171 15.53 49.88 9.87
CA GLU D 171 14.09 49.89 10.09
C GLU D 171 13.43 48.89 9.15
N LEU D 172 13.71 49.01 7.85
CA LEU D 172 13.08 48.08 6.90
C LEU D 172 13.41 46.62 7.22
N ARG D 173 14.62 46.39 7.74
CA ARG D 173 15.07 45.05 8.13
C ARG D 173 14.28 44.50 9.32
N ARG D 174 14.16 45.28 10.38
CA ARG D 174 13.29 44.93 11.52
C ARG D 174 11.90 44.50 11.04
N LYS D 175 11.25 45.39 10.29
CA LYS D 175 9.92 45.12 9.79
C LYS D 175 9.88 43.79 9.02
N ILE D 176 10.80 43.61 8.07
CA ILE D 176 10.77 42.40 7.26
C ILE D 176 10.94 41.13 8.11
N ARG D 177 11.99 41.09 8.95
CA ARG D 177 12.23 39.92 9.79
C ARG D 177 11.02 39.54 10.63
N GLN D 178 10.51 40.53 11.37
CA GLN D 178 9.33 40.29 12.19
C GLN D 178 8.14 39.79 11.37
N ASP D 179 7.83 40.52 10.29
CA ASP D 179 6.69 40.19 9.43
C ASP D 179 6.75 38.76 8.90
N LEU D 180 7.94 38.34 8.47
CA LEU D 180 8.10 37.00 7.91
C LEU D 180 7.94 35.93 8.97
N CYS D 181 8.23 36.26 10.23
CA CYS D 181 8.05 35.25 11.28
C CYS D 181 6.67 35.27 11.93
N HIS D 182 5.74 36.00 11.34
CA HIS D 182 4.39 36.07 11.88
C HIS D 182 3.33 35.76 10.84
N PHE D 183 3.52 34.63 10.15
CA PHE D 183 2.47 34.13 9.30
C PHE D 183 1.19 33.97 10.16
N GLU D 184 0.06 34.26 9.55
CA GLU D 184 -1.20 34.26 10.25
C GLU D 184 -2.31 34.06 9.24
N GLY D 185 -3.20 33.12 9.51
CA GLY D 185 -4.26 32.78 8.59
C GLY D 185 -5.10 33.96 8.09
N ASN D 186 -5.33 34.94 8.95
CA ASN D 186 -6.16 36.07 8.58
C ASN D 186 -5.43 37.00 7.63
N ALA D 187 -4.18 37.28 7.98
CA ALA D 187 -3.30 38.10 7.15
C ALA D 187 -3.11 37.48 5.78
N GLN D 188 -2.92 36.17 5.80
CA GLN D 188 -2.76 35.41 4.58
C GLN D 188 -4.04 35.44 3.80
N GLY D 189 -5.17 35.54 4.48
CA GLY D 189 -6.46 35.64 3.82
C GLY D 189 -6.67 36.96 3.11
N ILE D 190 -6.24 38.05 3.74
CA ILE D 190 -6.26 39.36 3.08
C ILE D 190 -5.37 39.35 1.84
N ARG D 191 -4.15 38.86 2.00
CA ARG D 191 -3.22 38.71 0.88
C ARG D 191 -3.84 37.85 -0.22
N LEU D 192 -4.52 36.81 0.19
CA LEU D 192 -5.06 35.85 -0.74
C LEU D 192 -6.14 36.50 -1.56
N VAL D 193 -7.00 37.25 -0.88
CA VAL D 193 -8.17 37.82 -1.51
C VAL D 193 -7.78 39.00 -2.41
N HIS D 194 -6.67 39.68 -2.07
CA HIS D 194 -6.22 40.82 -2.86
C HIS D 194 -5.26 40.47 -4.01
N THR D 195 -4.10 39.91 -3.68
CA THR D 195 -3.02 39.73 -4.63
C THR D 195 -3.03 38.39 -5.38
N LEU D 196 -3.41 37.31 -4.71
CA LEU D 196 -3.25 35.98 -5.30
C LEU D 196 -4.44 35.55 -6.15
N MET D 197 -5.64 35.63 -5.60
CA MET D 197 -6.81 35.19 -6.35
C MET D 197 -7.32 36.30 -7.28
N ARG D 198 -6.79 37.52 -7.09
CA ARG D 198 -7.22 38.67 -7.86
C ARG D 198 -8.73 38.64 -8.04
N MET D 199 -9.42 38.68 -6.91
CA MET D 199 -10.88 38.54 -6.88
C MET D 199 -11.60 39.87 -7.11
N ASN D 200 -11.00 40.98 -6.70
CA ASN D 200 -11.58 42.31 -6.90
C ASN D 200 -12.96 42.47 -6.25
N LEU D 201 -13.04 42.17 -4.96
CA LEU D 201 -14.30 42.32 -4.23
C LEU D 201 -14.58 43.80 -3.93
N THR D 202 -15.74 44.06 -3.35
CA THR D 202 -16.09 45.40 -2.88
C THR D 202 -15.33 45.72 -1.61
N TRP D 203 -15.18 47.00 -1.30
CA TRP D 203 -14.37 47.40 -0.17
C TRP D 203 -14.99 46.90 1.13
N ALA D 204 -16.31 46.95 1.17
CA ALA D 204 -17.06 46.47 2.32
C ALA D 204 -16.75 45.02 2.63
N GLN D 205 -16.67 44.21 1.58
CA GLN D 205 -16.44 42.77 1.73
C GLN D 205 -15.06 42.46 2.32
N VAL D 206 -14.07 43.12 1.75
CA VAL D 206 -12.70 43.03 2.23
C VAL D 206 -12.63 43.49 3.68
N GLY D 207 -13.37 44.54 4.01
CA GLY D 207 -13.43 45.00 5.38
C GLY D 207 -13.97 43.91 6.27
N GLY D 208 -14.94 43.16 5.74
CA GLY D 208 -15.55 42.06 6.45
C GLY D 208 -14.55 40.98 6.81
N ILE D 209 -13.57 40.75 5.94
CA ILE D 209 -12.50 39.80 6.29
C ILE D 209 -11.54 40.27 7.40
N LEU D 210 -11.14 41.54 7.36
CA LEU D 210 -10.10 42.07 8.26
C LEU D 210 -10.49 42.04 9.75
N LYS D 211 -10.19 40.91 10.40
CA LYS D 211 -10.67 40.61 11.75
C LYS D 211 -9.79 41.19 12.85
N TYR D 212 -8.48 41.19 12.63
CA TYR D 212 -7.57 41.81 13.57
C TYR D 212 -6.87 42.94 12.84
N THR D 213 -6.27 43.87 13.59
CA THR D 213 -5.81 45.12 13.00
C THR D 213 -4.36 45.42 13.32
N ARG D 214 -3.67 44.43 13.85
CA ARG D 214 -2.24 44.56 14.13
C ARG D 214 -1.43 44.19 12.91
N PRO D 215 -0.50 45.07 12.51
CA PRO D 215 0.51 44.76 11.49
C PRO D 215 1.36 43.57 11.92
N ALA D 216 1.63 42.64 11.01
CA ALA D 216 2.43 41.47 11.38
C ALA D 216 3.84 41.88 11.79
N TRP D 217 4.29 43.05 11.31
CA TRP D 217 5.64 43.52 11.61
C TRP D 217 5.73 44.21 12.97
N TRP D 218 4.60 44.26 13.68
CA TRP D 218 4.50 44.91 14.98
C TRP D 218 5.41 44.30 16.05
N ARG D 219 6.08 45.16 16.81
CA ARG D 219 6.91 44.71 17.93
C ARG D 219 6.48 45.39 19.23
N GLY D 220 6.49 44.61 20.31
CA GLY D 220 6.22 45.15 21.63
C GLY D 220 4.77 45.07 22.05
N GLU D 221 4.45 45.70 23.18
CA GLU D 221 3.10 45.70 23.69
C GLU D 221 2.20 46.49 22.74
N THR D 222 0.96 46.02 22.57
CA THR D 222 -0.03 46.74 21.78
C THR D 222 -0.74 47.77 22.67
N PRO D 223 -1.19 48.90 22.08
CA PRO D 223 -1.93 49.93 22.81
C PRO D 223 -3.03 49.34 23.69
N GLU D 224 -3.23 49.88 24.88
CA GLU D 224 -4.22 49.35 25.79
C GLU D 224 -5.63 49.60 25.25
N THR D 225 -5.79 50.72 24.55
CA THR D 225 -7.07 51.10 23.98
C THR D 225 -7.49 50.15 22.85
N HIS D 226 -6.51 49.55 22.18
CA HIS D 226 -6.82 48.65 21.06
C HIS D 226 -6.39 47.21 21.31
N HIS D 227 -6.19 46.85 22.58
CA HIS D 227 -5.65 45.54 22.97
C HIS D 227 -6.36 44.37 22.30
N TYR D 228 -7.68 44.43 22.25
CA TYR D 228 -8.46 43.30 21.75
C TYR D 228 -8.36 43.15 20.23
N LEU D 229 -8.49 44.28 19.52
CA LEU D 229 -8.48 44.31 18.06
C LEU D 229 -7.09 44.02 17.50
N MET D 230 -6.07 44.22 18.31
CA MET D 230 -4.70 43.99 17.85
C MET D 230 -4.11 42.74 18.49
N LYS D 231 -4.98 41.77 18.78
CA LYS D 231 -4.61 40.51 19.43
C LYS D 231 -3.65 39.66 18.57
N LYS D 232 -4.13 39.18 17.43
CA LYS D 232 -3.31 38.49 16.43
C LYS D 232 -2.95 39.47 15.29
N PRO D 233 -2.02 39.09 14.40
CA PRO D 233 -1.77 39.91 13.19
C PRO D 233 -2.93 39.91 12.21
N GLY D 234 -3.16 41.04 11.56
CA GLY D 234 -4.31 41.13 10.66
C GLY D 234 -3.93 41.33 9.22
N TYR D 235 -2.73 41.83 8.99
CA TYR D 235 -2.29 42.09 7.63
C TYR D 235 -0.77 42.19 7.57
N TYR D 236 -0.22 41.86 6.41
CA TYR D 236 1.22 41.79 6.21
C TYR D 236 1.82 43.09 5.71
N LEU D 237 3.15 43.19 5.79
CA LEU D 237 3.90 44.34 5.31
C LEU D 237 3.62 44.67 3.85
N SER D 238 3.28 43.65 3.05
CA SER D 238 3.02 43.84 1.63
C SER D 238 1.67 44.49 1.41
N GLU D 239 0.70 44.09 2.23
CA GLU D 239 -0.65 44.59 2.06
C GLU D 239 -0.86 45.97 2.70
N GLU D 240 0.22 46.56 3.21
CA GLU D 240 0.16 47.81 3.98
C GLU D 240 -0.54 48.95 3.23
N ALA D 241 -0.14 49.15 1.98
CA ALA D 241 -0.73 50.20 1.15
C ALA D 241 -2.19 49.92 0.83
N TYR D 242 -2.48 48.65 0.54
CA TYR D 242 -3.84 48.20 0.29
C TYR D 242 -4.72 48.47 1.49
N ILE D 243 -4.24 48.07 2.66
CA ILE D 243 -4.99 48.27 3.89
C ILE D 243 -5.20 49.76 4.17
N ALA D 244 -4.21 50.60 3.87
CA ALA D 244 -4.36 52.04 4.02
C ALA D 244 -5.49 52.57 3.13
N ARG D 245 -5.46 52.18 1.86
CA ARG D 245 -6.53 52.51 0.94
C ARG D 245 -7.90 52.05 1.44
N LEU D 246 -7.96 50.83 1.97
CA LEU D 246 -9.18 50.27 2.57
C LEU D 246 -9.70 51.14 3.72
N ARG D 247 -8.78 51.66 4.53
CA ARG D 247 -9.15 52.51 5.65
C ARG D 247 -9.76 53.80 5.13
N LYS D 248 -9.15 54.36 4.09
CA LYS D 248 -9.72 55.55 3.48
C LYS D 248 -11.14 55.25 2.96
N GLU D 249 -11.32 54.10 2.33
CA GLU D 249 -12.59 53.76 1.69
C GLU D 249 -13.70 53.39 2.66
N LEU D 250 -13.32 52.91 3.83
CA LEU D 250 -14.31 52.44 4.79
C LEU D 250 -14.34 53.34 6.01
N ASN D 251 -13.73 54.52 5.88
CA ASN D 251 -13.65 55.50 6.97
C ASN D 251 -13.24 54.88 8.31
N LEU D 252 -12.05 54.28 8.30
CA LEU D 252 -11.49 53.66 9.49
C LEU D 252 -10.28 54.41 10.01
N ALA D 253 -10.25 54.63 11.32
CA ALA D 253 -9.05 55.14 11.98
C ALA D 253 -7.96 54.09 11.89
N LEU D 254 -6.72 54.49 12.13
CA LEU D 254 -5.64 53.51 12.23
C LEU D 254 -5.99 52.51 13.32
N TYR D 255 -5.83 51.23 12.98
CA TYR D 255 -6.00 50.07 13.87
C TYR D 255 -7.46 49.84 14.23
N SER D 256 -8.38 50.53 13.54
CA SER D 256 -9.81 50.35 13.76
C SER D 256 -10.37 49.25 12.87
N ARG D 257 -11.63 48.87 13.12
CA ARG D 257 -12.21 47.69 12.49
C ARG D 257 -13.61 47.91 11.87
N PHE D 258 -13.88 47.26 10.75
CA PHE D 258 -15.20 47.24 10.15
C PHE D 258 -16.23 46.59 11.11
N PRO D 259 -17.45 47.14 11.20
CA PRO D 259 -18.48 46.69 12.15
C PRO D 259 -19.03 45.28 11.95
N LEU D 260 -19.32 44.92 10.71
CA LEU D 260 -19.96 43.62 10.52
C LEU D 260 -19.01 42.48 11.01
N THR D 261 -17.73 42.80 11.07
CA THR D 261 -16.72 41.91 11.62
C THR D 261 -17.07 41.41 13.02
N TRP D 262 -17.58 42.30 13.88
CA TRP D 262 -18.06 41.91 15.21
C TRP D 262 -19.14 40.83 15.14
N ILE D 263 -20.03 40.97 14.16
CA ILE D 263 -21.03 39.94 13.92
C ILE D 263 -20.40 38.59 13.54
N MET D 264 -19.58 38.59 12.50
CA MET D 264 -19.07 37.30 12.02
C MET D 264 -18.23 36.62 13.10
N GLU D 265 -17.45 37.40 13.83
CA GLU D 265 -16.70 36.90 14.99
C GLU D 265 -17.59 36.19 16.02
N ALA D 266 -18.76 36.76 16.32
CA ALA D 266 -19.71 36.11 17.24
C ALA D 266 -20.17 34.74 16.71
N ALA D 267 -20.53 34.76 15.42
CA ALA D 267 -20.89 33.52 14.71
C ALA D 267 -19.82 32.41 14.84
N ASP D 268 -18.56 32.82 14.66
CA ASP D 268 -17.43 31.93 14.81
C ASP D 268 -17.38 31.28 16.20
N ASP D 269 -17.39 32.10 17.25
CA ASP D 269 -17.37 31.57 18.65
C ASP D 269 -18.37 30.43 18.93
N ILE D 270 -19.64 30.81 18.86
CA ILE D 270 -20.75 29.83 18.91
C ILE D 270 -20.48 28.46 18.19
N SER D 271 -20.28 28.60 16.87
CA SER D 271 -20.16 27.40 16.03
C SER D 271 -18.95 26.49 16.36
N TYR D 272 -17.79 27.14 16.52
CA TYR D 272 -16.56 26.58 17.08
C TYR D 272 -16.83 25.43 18.00
N CYS D 273 -17.17 25.85 19.21
CA CYS D 273 -17.14 24.85 20.26
C CYS D 273 -18.14 23.71 19.97
N VAL D 274 -19.40 24.08 19.69
CA VAL D 274 -20.39 22.98 19.73
C VAL D 274 -20.18 21.91 18.64
N ALA D 275 -19.85 22.37 17.42
CA ALA D 275 -19.63 21.42 16.34
C ALA D 275 -18.57 20.41 16.73
N ASP D 276 -17.47 20.92 17.31
CA ASP D 276 -16.41 19.96 17.68
C ASP D 276 -16.87 18.88 18.70
N LEU D 277 -17.64 19.26 19.73
CA LEU D 277 -18.14 18.19 20.65
C LEU D 277 -19.01 17.14 19.96
N GLU D 278 -19.88 17.58 19.03
CA GLU D 278 -20.74 16.59 18.36
C GLU D 278 -19.91 15.60 17.58
N ASP D 279 -18.90 16.12 16.86
CA ASP D 279 -18.03 15.25 16.07
C ASP D 279 -17.32 14.26 16.99
N ALA D 280 -16.79 14.75 18.11
CA ALA D 280 -16.13 13.87 19.08
C ALA D 280 -17.04 12.74 19.58
N VAL D 281 -18.35 12.96 19.71
CA VAL D 281 -19.23 11.82 20.02
C VAL D 281 -19.45 10.90 18.81
N GLU D 282 -19.51 11.45 17.60
CA GLU D 282 -19.58 10.61 16.39
C GLU D 282 -18.40 9.62 16.30
N LYS D 283 -17.20 10.12 16.53
CA LYS D 283 -15.97 9.32 16.53
C LYS D 283 -15.85 8.34 17.74
N ARG D 284 -16.95 8.15 18.45
CA ARG D 284 -17.06 7.25 19.60
C ARG D 284 -16.07 7.50 20.76
N ILE D 285 -15.50 8.70 20.83
CA ILE D 285 -14.58 9.10 21.91
C ILE D 285 -15.23 9.08 23.30
N PHE D 286 -16.33 9.79 23.48
CA PHE D 286 -17.20 9.56 24.64
C PHE D 286 -18.64 9.43 24.18
N THR D 287 -19.48 8.92 25.07
CA THR D 287 -20.92 8.81 24.79
C THR D 287 -21.65 10.09 25.20
N VAL D 288 -22.92 10.21 24.82
CA VAL D 288 -23.66 11.43 25.08
C VAL D 288 -23.79 11.67 26.58
N GLU D 289 -24.04 10.61 27.35
CA GLU D 289 -24.18 10.70 28.81
C GLU D 289 -22.89 11.17 29.49
N GLN D 290 -21.74 10.68 29.01
CA GLN D 290 -20.45 11.12 29.52
C GLN D 290 -20.25 12.60 29.27
N LEU D 291 -20.63 13.05 28.07
CA LEU D 291 -20.53 14.45 27.71
C LEU D 291 -21.40 15.30 28.62
N TYR D 292 -22.65 14.86 28.80
CA TYR D 292 -23.59 15.54 29.69
C TYR D 292 -22.96 15.69 31.07
N HIS D 293 -22.28 14.64 31.51
CA HIS D 293 -21.63 14.68 32.81
C HIS D 293 -20.49 15.71 32.86
N HIS D 294 -19.59 15.68 31.88
CA HIS D 294 -18.47 16.62 31.89
C HIS D 294 -18.95 18.07 31.83
N LEU D 295 -20.04 18.28 31.09
CA LEU D 295 -20.66 19.60 31.02
C LEU D 295 -21.20 20.00 32.40
N HIS D 296 -22.04 19.13 32.95
CA HIS D 296 -22.68 19.39 34.24
C HIS D 296 -21.66 19.65 35.34
N GLU D 297 -20.51 19.01 35.26
CA GLU D 297 -19.47 19.20 36.25
C GLU D 297 -18.72 20.50 36.05
N ALA D 298 -18.21 20.71 34.84
CA ALA D 298 -17.48 21.94 34.54
C ALA D 298 -18.32 23.21 34.83
N TRP D 299 -19.65 23.11 34.74
CA TRP D 299 -20.51 24.25 35.03
C TRP D 299 -20.44 24.66 36.52
N GLY D 300 -20.90 23.80 37.43
CA GLY D 300 -20.73 24.00 38.86
C GLY D 300 -21.63 25.03 39.54
N GLN D 301 -22.46 24.55 40.47
CA GLN D 301 -23.51 25.35 41.14
C GLN D 301 -24.58 25.82 40.15
N HIS D 302 -25.71 25.11 40.13
CA HIS D 302 -26.73 25.29 39.10
C HIS D 302 -28.05 25.77 39.70
N GLU D 303 -28.45 26.98 39.33
CA GLU D 303 -29.64 27.63 39.88
C GLU D 303 -30.92 26.84 39.61
N LYS D 304 -30.93 26.04 38.54
CA LYS D 304 -32.14 25.38 38.05
C LYS D 304 -33.21 26.44 37.72
N GLY D 305 -33.03 27.06 36.56
CA GLY D 305 -33.78 28.23 36.14
C GLY D 305 -32.76 29.08 35.42
N SER D 306 -31.49 28.70 35.60
CA SER D 306 -30.36 29.35 34.93
C SER D 306 -30.17 28.85 33.48
N LEU D 307 -29.08 29.30 32.87
CA LEU D 307 -28.89 29.11 31.45
C LEU D 307 -28.61 27.65 31.13
N PHE D 308 -27.76 27.04 31.95
CA PHE D 308 -27.40 25.64 31.77
C PHE D 308 -28.65 24.78 31.77
N SER D 309 -29.55 25.04 32.72
CA SER D 309 -30.79 24.28 32.83
C SER D 309 -31.55 24.32 31.51
N LEU D 310 -31.93 25.52 31.08
CA LEU D 310 -32.60 25.74 29.80
C LEU D 310 -31.87 25.08 28.66
N VAL D 311 -30.79 25.68 28.18
CA VAL D 311 -29.98 25.08 27.09
C VAL D 311 -29.64 23.57 27.24
N VAL D 312 -28.69 23.26 28.13
CA VAL D 312 -28.13 21.90 28.17
C VAL D 312 -29.06 20.88 28.82
N GLU D 313 -29.65 21.22 29.96
CA GLU D 313 -30.44 20.22 30.64
C GLU D 313 -31.72 19.99 29.84
N ASN D 314 -32.29 21.02 29.20
CA ASN D 314 -33.51 20.78 28.42
C ASN D 314 -33.14 19.95 27.20
N ALA D 315 -31.97 20.21 26.62
CA ALA D 315 -31.53 19.39 25.51
C ALA D 315 -31.46 17.91 25.93
N TRP D 316 -30.89 17.68 27.11
CA TRP D 316 -30.75 16.32 27.64
C TRP D 316 -32.12 15.69 27.94
N GLU D 317 -32.84 16.21 28.92
CA GLU D 317 -34.17 15.70 29.25
C GLU D 317 -35.13 15.64 28.05
N LYS D 318 -34.77 16.25 26.94
CA LYS D 318 -35.51 16.04 25.69
C LYS D 318 -35.00 14.80 24.97
N SER D 319 -33.68 14.60 25.01
CA SER D 319 -33.06 13.48 24.31
C SER D 319 -33.05 12.15 25.09
N ARG D 320 -32.97 12.22 26.42
CA ARG D 320 -33.08 11.02 27.26
C ARG D 320 -34.54 10.57 27.38
N SER D 321 -35.37 11.03 26.44
CA SER D 321 -36.74 10.55 26.26
C SER D 321 -37.08 10.55 24.77
N ASN D 322 -37.01 9.38 24.13
CA ASN D 322 -37.48 9.23 22.76
C ASN D 322 -38.90 8.65 22.73
N SER D 323 -39.78 9.24 23.54
CA SER D 323 -41.24 9.08 23.39
C SER D 323 -41.76 10.22 22.51
N LEU D 324 -40.82 10.86 21.80
CA LEU D 324 -41.11 11.84 20.74
C LEU D 324 -40.49 11.35 19.41
N SER D 325 -39.93 10.13 19.45
CA SER D 325 -39.48 9.34 18.29
C SER D 325 -38.34 9.96 17.44
N ARG D 326 -37.24 9.21 17.32
CA ARG D 326 -36.08 9.43 16.43
C ARG D 326 -34.92 8.64 17.01
N SER D 327 -33.69 9.10 16.77
CA SER D 327 -32.52 8.54 17.45
C SER D 327 -32.33 9.31 18.76
N THR D 328 -31.25 9.04 19.50
CA THR D 328 -31.03 9.81 20.73
C THR D 328 -29.93 10.85 20.58
N GLU D 329 -28.74 10.43 20.14
CA GLU D 329 -27.59 11.34 20.03
C GLU D 329 -27.86 12.50 19.07
N ASP D 330 -28.43 12.15 17.90
CA ASP D 330 -28.79 13.14 16.91
C ASP D 330 -29.74 14.15 17.53
N GLN D 331 -30.73 13.65 18.24
CA GLN D 331 -31.68 14.53 18.94
C GLN D 331 -30.98 15.47 19.91
N PHE D 332 -30.28 14.93 20.91
CA PHE D 332 -29.57 15.76 21.88
C PHE D 332 -28.74 16.86 21.25
N PHE D 333 -27.95 16.54 20.23
CA PHE D 333 -27.14 17.61 19.67
C PHE D 333 -27.97 18.60 18.85
N MET D 334 -29.06 18.12 18.26
CA MET D 334 -29.97 19.00 17.53
C MET D 334 -30.52 20.04 18.48
N TYR D 335 -31.12 19.57 19.57
CA TYR D 335 -31.66 20.44 20.60
C TYR D 335 -30.59 21.33 21.23
N LEU D 336 -29.39 20.81 21.43
CA LEU D 336 -28.31 21.58 22.05
C LEU D 336 -27.94 22.76 21.18
N ARG D 337 -27.84 22.52 19.87
CA ARG D 337 -27.58 23.59 18.92
C ARG D 337 -28.74 24.59 18.89
N VAL D 338 -29.96 24.10 18.76
CA VAL D 338 -31.13 24.96 18.73
C VAL D 338 -31.22 25.88 19.96
N ASN D 339 -31.18 25.30 21.15
CA ASN D 339 -31.23 26.05 22.39
C ASN D 339 -30.09 27.06 22.54
N THR D 340 -28.87 26.61 22.26
CA THR D 340 -27.73 27.52 22.30
C THR D 340 -27.96 28.72 21.39
N LEU D 341 -28.29 28.47 20.13
CA LEU D 341 -28.55 29.54 19.18
C LEU D 341 -29.69 30.47 19.63
N ASN D 342 -30.78 29.91 20.13
CA ASN D 342 -31.94 30.69 20.54
C ASN D 342 -31.71 31.57 21.78
N LYS D 343 -30.71 31.24 22.59
CA LYS D 343 -30.33 32.19 23.64
C LYS D 343 -29.18 33.13 23.23
N LEU D 344 -28.22 32.65 22.42
CA LEU D 344 -27.01 33.43 22.17
C LEU D 344 -27.13 34.38 20.99
N VAL D 345 -27.85 33.98 19.94
CA VAL D 345 -27.99 34.82 18.76
C VAL D 345 -28.69 36.14 19.10
N PRO D 346 -29.84 36.08 19.81
CA PRO D 346 -30.42 37.38 20.19
C PRO D 346 -29.56 38.16 21.18
N TYR D 347 -28.81 37.49 22.03
CA TYR D 347 -27.93 38.21 22.95
C TYR D 347 -26.85 38.95 22.20
N ALA D 348 -26.27 38.27 21.19
CA ALA D 348 -25.26 38.86 20.33
C ALA D 348 -25.85 40.05 19.61
N ALA D 349 -27.06 39.89 19.08
CA ALA D 349 -27.74 40.96 18.35
C ALA D 349 -27.88 42.18 19.20
N GLN D 350 -28.47 42.02 20.40
CA GLN D 350 -28.63 43.15 21.33
C GLN D 350 -27.28 43.74 21.71
N ARG D 351 -26.28 42.90 21.95
CA ARG D 351 -24.93 43.38 22.23
C ARG D 351 -24.42 44.33 21.15
N PHE D 352 -24.62 43.92 19.89
CA PHE D 352 -24.28 44.74 18.73
C PHE D 352 -25.01 46.07 18.75
N ILE D 353 -26.33 46.05 18.97
CA ILE D 353 -27.10 47.29 18.94
C ILE D 353 -26.79 48.23 20.11
N ASP D 354 -26.61 47.66 21.30
CA ASP D 354 -26.35 48.45 22.51
C ASP D 354 -24.99 49.15 22.44
N ASN D 355 -24.10 48.66 21.59
CA ASN D 355 -22.78 49.27 21.44
C ASN D 355 -22.53 49.86 20.06
N LEU D 356 -23.61 50.10 19.32
CA LEU D 356 -23.48 50.45 17.91
C LEU D 356 -22.60 51.69 17.65
N PRO D 357 -22.63 52.72 18.53
CA PRO D 357 -21.70 53.84 18.28
C PRO D 357 -20.20 53.45 18.22
N ALA D 358 -19.73 52.62 19.14
CA ALA D 358 -18.31 52.26 19.16
C ALA D 358 -17.98 51.18 18.15
N ILE D 359 -18.92 50.29 17.90
CA ILE D 359 -18.74 49.26 16.89
C ILE D 359 -18.71 49.93 15.52
N PHE D 360 -19.45 51.02 15.38
CA PHE D 360 -19.46 51.77 14.13
C PHE D 360 -18.19 52.59 13.98
N ALA D 361 -17.71 53.18 15.07
CA ALA D 361 -16.41 53.85 15.05
C ALA D 361 -15.28 52.89 14.78
N GLY D 362 -15.54 51.60 15.00
CA GLY D 362 -14.56 50.54 14.77
C GLY D 362 -13.55 50.39 15.89
N THR D 363 -13.88 50.94 17.06
CA THR D 363 -12.92 51.02 18.17
C THR D 363 -13.26 50.12 19.36
N PHE D 364 -14.53 49.71 19.45
CA PHE D 364 -15.06 48.88 20.54
C PHE D 364 -14.15 47.71 20.92
N ASN D 365 -13.50 47.80 22.08
CA ASN D 365 -12.44 46.85 22.44
C ASN D 365 -12.90 45.53 23.07
N HIS D 366 -14.02 44.98 22.58
CA HIS D 366 -14.58 43.75 23.13
C HIS D 366 -15.27 42.92 22.06
N ALA D 367 -15.43 41.62 22.33
CA ALA D 367 -16.29 40.79 21.53
C ALA D 367 -17.73 40.97 21.98
N LEU D 368 -18.69 40.55 21.17
CA LEU D 368 -20.07 40.61 21.63
C LEU D 368 -20.31 39.54 22.69
N LEU D 369 -19.74 38.35 22.51
CA LEU D 369 -19.95 37.26 23.47
C LEU D 369 -18.78 37.05 24.41
N GLU D 370 -17.90 38.05 24.53
CA GLU D 370 -16.86 38.05 25.57
C GLU D 370 -17.39 38.89 26.72
N ASP D 371 -17.55 38.25 27.88
CA ASP D 371 -18.41 38.81 28.91
C ASP D 371 -18.33 38.11 30.25
N ALA D 372 -18.95 38.74 31.25
CA ALA D 372 -19.28 38.07 32.49
C ALA D 372 -20.71 37.51 32.36
N SER D 373 -21.23 37.62 31.14
CA SER D 373 -22.55 37.10 30.80
C SER D 373 -22.62 35.59 31.05
N GLU D 374 -23.81 35.11 31.37
CA GLU D 374 -24.03 33.66 31.47
C GLU D 374 -23.83 32.99 30.10
N CYS D 375 -24.24 33.69 29.04
CA CYS D 375 -24.09 33.23 27.66
C CYS D 375 -22.62 32.95 27.34
N SER D 376 -21.79 33.94 27.63
CA SER D 376 -20.36 33.80 27.46
C SER D 376 -19.82 32.60 28.23
N ASP D 377 -20.21 32.51 29.50
CA ASP D 377 -19.80 31.38 30.35
C ASP D 377 -20.19 30.03 29.74
N LEU D 378 -21.34 29.98 29.07
CA LEU D 378 -21.79 28.75 28.42
C LEU D 378 -20.87 28.36 27.27
N LEU D 379 -20.55 29.35 26.41
CA LEU D 379 -19.57 29.09 25.35
C LEU D 379 -18.23 28.60 25.91
N LYS D 380 -17.72 29.28 26.94
CA LYS D 380 -16.49 28.87 27.61
C LYS D 380 -16.59 27.46 28.17
N LEU D 381 -17.78 27.08 28.63
CA LEU D 381 -18.02 25.72 29.13
C LEU D 381 -17.79 24.69 28.03
N TYR D 382 -18.48 24.88 26.91
CA TYR D 382 -18.26 24.01 25.75
C TYR D 382 -16.77 23.94 25.37
N LYS D 383 -16.13 25.10 25.27
CA LYS D 383 -14.73 25.15 24.83
C LYS D 383 -13.83 24.36 25.77
N ASN D 384 -13.98 24.59 27.08
CA ASN D 384 -13.23 23.83 28.07
C ASN D 384 -13.41 22.33 27.93
N VAL D 385 -14.65 21.87 27.87
CA VAL D 385 -14.88 20.43 27.68
C VAL D 385 -14.21 19.87 26.41
N ALA D 386 -14.27 20.60 25.30
CA ALA D 386 -13.57 20.16 24.09
C ALA D 386 -12.05 20.11 24.26
N VAL D 387 -11.46 21.23 24.68
CA VAL D 387 -10.02 21.33 24.92
C VAL D 387 -9.52 20.20 25.82
N LYS D 388 -10.18 19.97 26.95
CA LYS D 388 -9.77 18.90 27.86
C LYS D 388 -9.97 17.50 27.26
N HIS D 389 -11.14 17.21 26.69
CA HIS D 389 -11.44 15.82 26.33
C HIS D 389 -11.55 15.51 24.82
N VAL D 390 -11.23 16.46 23.95
CA VAL D 390 -11.30 16.20 22.51
C VAL D 390 -9.97 16.50 21.82
N PHE D 391 -9.49 17.73 21.98
CA PHE D 391 -8.25 18.17 21.37
C PHE D 391 -7.01 17.51 21.99
N SER D 392 -7.23 16.72 23.04
CA SER D 392 -6.15 16.03 23.72
C SER D 392 -6.13 14.56 23.36
N HIS D 393 -7.09 14.14 22.55
CA HIS D 393 -7.14 12.76 22.08
C HIS D 393 -5.88 12.46 21.26
N PRO D 394 -5.25 11.33 21.55
CA PRO D 394 -3.97 10.92 20.95
C PRO D 394 -3.93 10.98 19.42
N ASP D 395 -5.05 10.73 18.76
CA ASP D 395 -5.09 10.75 17.28
C ASP D 395 -4.97 12.15 16.72
N VAL D 396 -5.70 13.07 17.33
CA VAL D 396 -5.62 14.48 17.00
C VAL D 396 -4.20 15.01 17.23
N GLU D 397 -3.60 14.64 18.37
CA GLU D 397 -2.25 15.12 18.69
C GLU D 397 -1.21 14.56 17.71
N ARG D 398 -1.38 13.29 17.33
CA ARG D 398 -0.54 12.69 16.30
C ARG D 398 -0.58 13.51 15.03
N LEU D 399 -1.80 13.74 14.54
CA LEU D 399 -1.97 14.50 13.31
C LEU D 399 -1.34 15.89 13.39
N GLU D 400 -1.40 16.52 14.54
CA GLU D 400 -0.78 17.84 14.71
C GLU D 400 0.75 17.75 14.55
N LEU D 401 1.37 16.80 15.25
CA LEU D 401 2.80 16.54 15.08
C LEU D 401 3.21 16.23 13.61
N GLN D 402 2.45 15.33 12.98
CA GLN D 402 2.69 14.98 11.60
C GLN D 402 2.65 16.21 10.70
N GLY D 403 1.56 16.97 10.75
CA GLY D 403 1.45 18.16 9.94
C GLY D 403 2.60 19.12 10.14
N TYR D 404 3.01 19.31 11.39
CA TYR D 404 4.19 20.12 11.66
C TYR D 404 5.42 19.58 10.92
N ARG D 405 5.61 18.25 10.90
CA ARG D 405 6.77 17.72 10.15
C ARG D 405 6.61 17.96 8.65
N VAL D 406 5.46 17.61 8.08
CA VAL D 406 5.20 17.82 6.66
C VAL D 406 5.49 19.27 6.22
N ILE D 407 4.99 20.26 6.95
CA ILE D 407 5.19 21.65 6.52
C ILE D 407 6.65 22.10 6.73
N SER D 408 7.25 21.67 7.84
CA SER D 408 8.66 21.96 8.05
C SER D 408 9.53 21.39 6.93
N GLY D 409 9.15 20.21 6.48
CA GLY D 409 9.87 19.51 5.46
C GLY D 409 9.72 20.10 4.08
N LEU D 410 8.51 20.49 3.71
CA LEU D 410 8.32 21.16 2.44
C LEU D 410 9.16 22.45 2.44
N LEU D 411 9.16 23.16 3.57
CA LEU D 411 9.98 24.36 3.64
C LEU D 411 11.46 24.04 3.42
N GLU D 412 11.92 22.95 4.01
CA GLU D 412 13.34 22.56 3.84
C GLU D 412 13.66 22.16 2.39
N ILE D 413 12.76 21.43 1.74
CA ILE D 413 12.88 21.10 0.32
C ILE D 413 12.99 22.34 -0.58
N TYR D 414 12.17 23.36 -0.34
CA TYR D 414 12.23 24.51 -1.24
C TYR D 414 13.26 25.53 -0.80
N ARG D 415 13.91 25.29 0.33
CA ARG D 415 14.98 26.19 0.80
C ARG D 415 16.05 26.64 -0.25
N PRO D 416 16.51 25.73 -1.14
CA PRO D 416 17.44 26.12 -2.21
C PRO D 416 17.08 27.42 -2.94
N LEU D 417 15.80 27.73 -3.09
CA LEU D 417 15.37 28.95 -3.75
C LEU D 417 15.65 30.18 -2.88
N LEU D 418 15.48 30.05 -1.58
CA LEU D 418 15.77 31.16 -0.67
C LEU D 418 17.26 31.30 -0.48
N SER D 419 18.01 30.28 -0.90
CA SER D 419 19.46 30.32 -0.72
C SER D 419 20.19 31.01 -1.88
N LEU D 420 19.54 31.10 -3.05
CA LEU D 420 20.14 31.75 -4.22
C LEU D 420 20.41 33.22 -3.95
N SER D 421 21.33 33.81 -4.72
CA SER D 421 21.58 35.23 -4.62
C SER D 421 20.54 36.02 -5.42
N LEU D 422 20.54 37.34 -5.26
CA LEU D 422 19.56 38.19 -5.94
C LEU D 422 19.67 38.04 -7.45
N SER D 423 20.89 38.15 -7.98
CA SER D 423 21.13 38.01 -9.41
C SER D 423 20.74 36.62 -9.91
N ASP D 424 21.12 35.59 -9.16
CA ASP D 424 20.85 34.21 -9.57
C ASP D 424 19.36 33.93 -9.62
N PHE D 425 18.63 34.34 -8.59
CA PHE D 425 17.19 34.11 -8.57
C PHE D 425 16.51 34.92 -9.66
N THR D 426 16.97 36.16 -9.87
CA THR D 426 16.36 36.99 -10.92
C THR D 426 16.55 36.33 -12.27
N GLU D 427 17.75 35.79 -12.48
CA GLU D 427 18.09 35.05 -13.68
C GLU D 427 17.14 33.88 -13.85
N LEU D 428 16.89 33.17 -12.75
CA LEU D 428 15.98 32.05 -12.77
C LEU D 428 14.54 32.47 -13.16
N VAL D 429 14.10 33.65 -12.69
CA VAL D 429 12.75 34.13 -13.00
C VAL D 429 12.63 34.52 -14.47
N GLU D 430 13.67 35.18 -14.98
CA GLU D 430 13.66 35.70 -16.35
C GLU D 430 13.90 34.65 -17.43
N LYS D 431 14.98 33.89 -17.29
CA LYS D 431 15.36 32.86 -18.27
C LYS D 431 14.48 31.60 -18.22
N GLU D 432 13.78 31.40 -17.09
CA GLU D 432 12.92 30.24 -16.84
C GLU D 432 13.71 28.97 -16.51
N ARG D 433 14.37 28.38 -17.51
CA ARG D 433 15.20 27.20 -17.29
C ARG D 433 16.70 27.54 -17.34
N VAL D 434 17.34 27.57 -16.17
CA VAL D 434 18.77 27.89 -16.08
C VAL D 434 19.64 26.62 -16.06
N LYS D 435 20.74 26.64 -16.83
CA LYS D 435 21.55 25.44 -17.02
C LYS D 435 22.31 25.00 -15.76
N ARG D 436 22.86 25.97 -15.04
CA ARG D 436 23.69 25.68 -13.87
C ARG D 436 22.90 25.47 -12.58
N PHE D 437 21.58 25.55 -12.67
CA PHE D 437 20.69 25.34 -11.52
C PHE D 437 19.54 24.42 -11.89
N PRO D 438 19.82 23.14 -12.12
CA PRO D 438 18.78 22.17 -12.55
C PRO D 438 17.70 22.00 -11.49
N ILE D 439 18.17 21.81 -10.26
CA ILE D 439 17.28 21.59 -9.13
C ILE D 439 16.40 22.80 -8.84
N GLU D 440 17.05 23.94 -8.62
CA GLU D 440 16.33 25.18 -8.35
C GLU D 440 15.33 25.52 -9.45
N SER D 441 15.73 25.32 -10.71
CA SER D 441 14.81 25.50 -11.84
C SER D 441 13.55 24.67 -11.69
N ARG D 442 13.71 23.36 -11.47
CA ARG D 442 12.51 22.51 -11.37
C ARG D 442 11.65 22.82 -10.13
N LEU D 443 12.33 23.14 -9.02
CA LEU D 443 11.65 23.61 -7.82
C LEU D 443 10.80 24.83 -8.11
N PHE D 444 11.39 25.79 -8.81
CA PHE D 444 10.74 27.02 -9.18
C PHE D 444 9.50 26.76 -10.03
N HIS D 445 9.64 25.91 -11.04
CA HIS D 445 8.47 25.61 -11.88
C HIS D 445 7.37 24.92 -11.09
N LYS D 446 7.73 24.30 -9.97
CA LYS D 446 6.70 23.63 -9.19
C LYS D 446 5.76 24.63 -8.44
N LEU D 447 6.27 25.81 -8.06
CA LEU D 447 5.44 26.91 -7.54
C LEU D 447 4.34 27.31 -8.50
N SER D 448 3.20 27.74 -7.95
CA SER D 448 2.01 28.03 -8.77
C SER D 448 2.19 29.26 -9.64
N THR D 449 1.48 29.28 -10.76
CA THR D 449 1.55 30.42 -11.67
C THR D 449 1.11 31.74 -11.02
N ARG D 450 -0.05 31.73 -10.37
CA ARG D 450 -0.57 32.92 -9.72
C ARG D 450 0.44 33.50 -8.73
N HIS D 451 1.11 32.62 -7.99
CA HIS D 451 2.07 33.05 -6.98
C HIS D 451 3.28 33.73 -7.58
N ARG D 452 3.83 33.10 -8.62
CA ARG D 452 4.98 33.65 -9.32
C ARG D 452 4.64 34.97 -10.02
N LEU D 453 3.42 35.08 -10.55
CA LEU D 453 2.96 36.33 -11.13
C LEU D 453 2.94 37.41 -10.07
N ALA D 454 2.41 37.09 -8.89
CA ALA D 454 2.37 38.05 -7.78
C ALA D 454 3.76 38.52 -7.39
N TYR D 455 4.73 37.60 -7.45
CA TYR D 455 6.12 37.95 -7.15
C TYR D 455 6.65 38.93 -8.18
N VAL D 456 6.49 38.56 -9.44
CA VAL D 456 6.98 39.39 -10.55
C VAL D 456 6.37 40.80 -10.50
N GLU D 457 5.06 40.86 -10.34
CA GLU D 457 4.38 42.14 -10.23
C GLU D 457 4.89 42.98 -9.07
N ALA D 458 5.00 42.37 -7.89
CA ALA D 458 5.46 43.09 -6.71
C ALA D 458 6.86 43.66 -6.90
N VAL D 459 7.76 42.84 -7.44
CA VAL D 459 9.17 43.24 -7.60
C VAL D 459 9.33 44.29 -8.70
N SER D 460 8.55 44.15 -9.77
CA SER D 460 8.61 45.10 -10.88
C SER D 460 8.24 46.53 -10.46
N LYS D 461 7.42 46.65 -9.42
CA LYS D 461 6.98 47.96 -8.90
C LYS D 461 8.05 48.65 -8.05
N LEU D 462 9.17 47.98 -7.82
CA LEU D 462 10.24 48.55 -7.00
C LEU D 462 11.32 49.24 -7.83
N PRO D 463 11.88 50.34 -7.30
CA PRO D 463 13.06 51.00 -7.86
C PRO D 463 14.33 50.15 -7.71
N SER D 464 14.83 49.62 -8.82
CA SER D 464 15.90 48.60 -8.77
C SER D 464 17.27 49.13 -8.34
N ASP D 465 17.43 50.46 -8.33
CA ASP D 465 18.71 51.05 -7.93
C ASP D 465 18.70 51.52 -6.48
N SER D 466 17.53 51.49 -5.86
CA SER D 466 17.39 51.82 -4.44
C SER D 466 18.19 50.84 -3.57
N PRO D 467 18.71 51.32 -2.41
CA PRO D 467 19.44 50.41 -1.52
C PRO D 467 18.48 49.45 -0.82
N GLU D 468 17.19 49.76 -0.88
CA GLU D 468 16.16 48.92 -0.29
C GLU D 468 15.85 47.69 -1.15
N PHE D 469 16.20 47.74 -2.43
CA PHE D 469 15.73 46.75 -3.38
C PHE D 469 16.05 45.30 -3.02
N PRO D 470 17.32 44.99 -2.65
CA PRO D 470 17.59 43.59 -2.30
C PRO D 470 16.76 43.08 -1.10
N LEU D 471 16.50 43.94 -0.12
CA LEU D 471 15.66 43.59 1.03
C LEU D 471 14.23 43.29 0.60
N TRP D 472 13.62 44.23 -0.12
CA TRP D 472 12.27 44.03 -0.62
C TRP D 472 12.16 42.74 -1.45
N GLU D 473 13.18 42.47 -2.25
CA GLU D 473 13.14 41.30 -3.09
C GLU D 473 13.19 40.04 -2.24
N TYR D 474 14.08 40.00 -1.22
CA TYR D 474 14.12 38.82 -0.36
C TYR D 474 12.78 38.62 0.33
N TYR D 475 12.21 39.73 0.82
CA TYR D 475 10.90 39.70 1.44
C TYR D 475 9.89 39.06 0.50
N TYR D 476 9.74 39.60 -0.71
CA TYR D 476 8.72 39.09 -1.62
C TYR D 476 9.00 37.64 -2.06
N ARG D 477 10.25 37.20 -1.97
CA ARG D 477 10.61 35.82 -2.29
C ARG D 477 10.14 34.86 -1.19
N CYS D 478 10.42 35.21 0.06
CA CYS D 478 9.92 34.44 1.20
C CYS D 478 8.39 34.41 1.19
N ARG D 479 7.83 35.56 0.83
CA ARG D 479 6.39 35.75 0.72
C ARG D 479 5.87 34.78 -0.36
N LEU D 480 6.61 34.64 -1.48
CA LEU D 480 6.26 33.65 -2.52
C LEU D 480 6.23 32.20 -2.02
N LEU D 481 7.22 31.84 -1.22
CA LEU D 481 7.27 30.48 -0.67
C LEU D 481 6.14 30.20 0.32
N GLN D 482 5.89 31.17 1.21
CA GLN D 482 4.80 31.02 2.16
C GLN D 482 3.43 31.00 1.45
N ASP D 483 3.33 31.74 0.35
CA ASP D 483 2.11 31.73 -0.46
C ASP D 483 1.87 30.32 -0.94
N TYR D 484 2.90 29.77 -1.57
CA TYR D 484 2.82 28.44 -2.16
C TYR D 484 2.45 27.38 -1.12
N ILE D 485 3.19 27.35 0.00
CA ILE D 485 2.96 26.31 1.01
C ILE D 485 1.59 26.46 1.69
N SER D 486 1.21 27.68 2.06
CA SER D 486 -0.05 27.86 2.78
C SER D 486 -1.25 27.69 1.86
N GLY D 487 -1.00 27.65 0.56
CA GLY D 487 -2.05 27.44 -0.41
C GLY D 487 -2.52 26.00 -0.60
N MET D 488 -1.79 25.06 -0.01
CA MET D 488 -2.06 23.66 -0.22
C MET D 488 -3.17 23.14 0.68
N THR D 489 -3.87 22.12 0.21
CA THR D 489 -4.72 21.38 1.13
C THR D 489 -3.86 20.44 1.98
N ASP D 490 -4.43 19.92 3.07
CA ASP D 490 -3.71 19.02 3.96
C ASP D 490 -3.19 17.81 3.20
N LEU D 491 -4.08 17.19 2.43
CA LEU D 491 -3.73 16.02 1.64
C LEU D 491 -2.65 16.31 0.62
N TYR D 492 -2.81 17.41 -0.12
CA TYR D 492 -1.85 17.74 -1.16
C TYR D 492 -0.49 17.98 -0.54
N ALA D 493 -0.43 18.83 0.47
CA ALA D 493 0.82 19.11 1.15
C ALA D 493 1.50 17.84 1.59
N TRP D 494 0.71 16.93 2.16
CA TRP D 494 1.24 15.66 2.65
C TRP D 494 1.81 14.84 1.50
N ASP D 495 1.01 14.61 0.46
CA ASP D 495 1.46 13.92 -0.76
C ASP D 495 2.73 14.51 -1.36
N GLU D 496 2.76 15.82 -1.54
CA GLU D 496 3.92 16.50 -2.08
C GLU D 496 5.15 16.22 -1.24
N TYR D 497 5.02 16.31 0.08
CA TYR D 497 6.14 15.97 0.95
C TYR D 497 6.57 14.50 0.75
N ARG D 498 5.62 13.59 0.64
CA ARG D 498 5.94 12.19 0.50
C ARG D 498 6.66 11.95 -0.83
N ARG D 499 6.22 12.62 -1.90
CA ARG D 499 6.77 12.41 -3.24
C ARG D 499 8.13 13.04 -3.41
N LEU D 500 8.26 14.27 -2.91
CA LEU D 500 9.51 14.98 -3.06
C LEU D 500 10.59 14.36 -2.19
N MET D 501 10.17 13.62 -1.17
CA MET D 501 11.09 12.88 -0.29
C MET D 501 11.45 11.51 -0.87
N ALA D 502 10.79 11.16 -1.98
CA ALA D 502 11.03 9.93 -2.73
C ALA D 502 10.59 8.72 -1.93
N VAL D 503 9.60 8.92 -1.09
CA VAL D 503 9.09 7.88 -0.25
C VAL D 503 7.97 7.16 -1.01
N GLU D 504 7.28 7.89 -1.87
CA GLU D 504 6.40 7.29 -2.86
C GLU D 504 6.73 7.85 -4.25
N GLN D 505 6.18 7.26 -5.31
CA GLN D 505 6.45 7.68 -6.68
C GLN D 505 5.59 8.87 -7.12
N ALA E 2 -16.69 -50.05 41.75
CA ALA E 2 -15.90 -48.89 41.29
C ALA E 2 -14.90 -48.44 42.35
N GLN E 3 -13.64 -48.87 42.22
CA GLN E 3 -12.56 -48.39 43.10
C GLN E 3 -11.65 -47.42 42.37
N ILE E 4 -11.29 -46.32 43.04
CA ILE E 4 -10.55 -45.25 42.39
C ILE E 4 -9.03 -45.50 42.38
N ASP E 5 -8.49 -45.80 41.21
CA ASP E 5 -7.06 -46.05 41.04
C ASP E 5 -6.48 -45.25 39.88
N PHE E 6 -5.76 -44.18 40.20
CA PHE E 6 -5.30 -43.28 39.16
C PHE E 6 -4.13 -43.89 38.36
N ARG E 7 -3.52 -44.92 38.91
CA ARG E 7 -2.48 -45.64 38.16
C ARG E 7 -3.10 -46.27 36.91
N LYS E 8 -4.39 -46.57 36.96
CA LYS E 8 -5.11 -47.10 35.82
C LYS E 8 -5.65 -46.03 34.85
N LYS E 9 -5.40 -44.75 35.14
CA LYS E 9 -5.83 -43.67 34.26
C LYS E 9 -4.63 -42.87 33.70
N ILE E 10 -3.64 -42.63 34.55
CA ILE E 10 -2.45 -41.92 34.10
C ILE E 10 -1.57 -42.91 33.33
N ASN E 11 -2.02 -43.28 32.13
CA ASN E 11 -1.33 -44.21 31.24
C ASN E 11 -0.11 -43.57 30.55
N TRP E 12 1.09 -44.05 30.89
CA TRP E 12 2.31 -43.49 30.33
C TRP E 12 2.84 -44.24 29.11
N HIS E 13 2.02 -45.09 28.51
CA HIS E 13 2.39 -45.81 27.29
C HIS E 13 2.12 -44.96 26.06
N ARG E 14 2.76 -45.31 24.95
CA ARG E 14 2.55 -44.61 23.69
C ARG E 14 1.98 -45.51 22.61
N ARG E 15 1.59 -44.91 21.49
CA ARG E 15 1.05 -45.65 20.36
C ARG E 15 2.14 -46.38 19.61
N TYR E 16 3.22 -45.66 19.29
CA TYR E 16 4.36 -46.21 18.59
C TYR E 16 5.57 -46.25 19.50
N ARG E 17 6.35 -47.33 19.41
CA ARG E 17 7.63 -47.44 20.11
C ARG E 17 7.47 -47.07 21.58
N SER E 18 6.49 -47.68 22.22
CA SER E 18 6.15 -47.36 23.59
C SER E 18 7.18 -47.85 24.59
N PRO E 19 7.44 -47.04 25.64
CA PRO E 19 8.20 -47.52 26.80
C PRO E 19 7.50 -48.74 27.40
N GLN E 20 8.23 -49.70 27.95
CA GLN E 20 7.57 -50.94 28.34
C GLN E 20 7.92 -51.44 29.73
N GLY E 21 6.94 -52.04 30.38
CA GLY E 21 7.20 -52.81 31.59
C GLY E 21 6.98 -52.05 32.88
N VAL E 22 7.84 -52.29 33.85
CA VAL E 22 7.75 -51.69 35.16
C VAL E 22 8.67 -50.48 35.29
N LYS E 23 8.09 -49.29 35.40
CA LYS E 23 8.91 -48.10 35.50
C LYS E 23 8.90 -47.52 36.91
N THR E 24 9.98 -46.84 37.29
CA THR E 24 10.07 -46.20 38.59
C THR E 24 9.32 -44.87 38.55
N GLU E 25 9.15 -44.23 39.70
CA GLU E 25 8.49 -42.93 39.73
C GLU E 25 9.24 -41.95 38.84
N HIS E 26 10.54 -41.87 39.06
CA HIS E 26 11.41 -40.98 38.28
C HIS E 26 11.34 -41.22 36.76
N GLU E 27 11.34 -42.48 36.32
CA GLU E 27 11.32 -42.77 34.88
C GLU E 27 9.99 -42.38 34.25
N ILE E 28 8.90 -42.52 35.01
CA ILE E 28 7.58 -42.04 34.56
C ILE E 28 7.54 -40.51 34.47
N LEU E 29 8.07 -39.85 35.49
CA LEU E 29 8.26 -38.40 35.43
C LEU E 29 8.97 -38.00 34.13
N ARG E 30 10.11 -38.61 33.84
CA ARG E 30 10.83 -38.28 32.61
C ARG E 30 9.98 -38.55 31.34
N ILE E 31 9.18 -39.61 31.35
CA ILE E 31 8.28 -39.85 30.21
C ILE E 31 7.37 -38.62 29.97
N PHE E 32 6.74 -38.13 31.04
CA PHE E 32 5.83 -36.99 30.88
C PHE E 32 6.56 -35.66 30.59
N GLU E 33 7.77 -35.50 31.09
CA GLU E 33 8.54 -34.33 30.67
C GLU E 33 8.86 -34.38 29.18
N SER E 34 9.17 -35.58 28.65
CA SER E 34 9.38 -35.70 27.20
C SER E 34 8.12 -35.29 26.45
N ASP E 35 6.96 -35.66 26.98
CA ASP E 35 5.72 -35.14 26.43
C ASP E 35 5.71 -33.59 26.38
N ARG E 36 6.12 -32.97 27.48
CA ARG E 36 6.10 -31.51 27.54
C ARG E 36 6.93 -30.92 26.45
N GLY E 37 8.19 -31.29 26.39
CA GLY E 37 9.05 -30.68 25.41
C GLY E 37 8.56 -30.96 23.99
N ARG E 38 7.95 -32.12 23.84
CA ARG E 38 7.44 -32.51 22.54
C ARG E 38 6.38 -31.51 22.10
N ILE E 39 5.55 -31.09 23.04
CA ILE E 39 4.47 -30.12 22.75
C ILE E 39 5.00 -28.68 22.63
N ILE E 40 5.78 -28.23 23.60
CA ILE E 40 6.29 -26.88 23.59
C ILE E 40 7.08 -26.56 22.32
N ASN E 41 7.79 -27.54 21.77
CA ASN E 41 8.60 -27.28 20.58
C ASN E 41 7.88 -27.52 19.26
N SER E 42 6.58 -27.73 19.33
CA SER E 42 5.79 -28.00 18.15
C SER E 42 5.50 -26.73 17.38
N PRO E 43 5.50 -26.83 16.06
CA PRO E 43 5.06 -25.75 15.18
C PRO E 43 3.61 -25.28 15.49
N ALA E 44 2.75 -26.20 15.90
CA ALA E 44 1.37 -25.89 16.23
C ALA E 44 1.22 -24.83 17.33
N ILE E 45 2.09 -24.87 18.33
CA ILE E 45 2.09 -23.87 19.40
C ILE E 45 2.49 -22.44 18.90
N ARG E 46 3.58 -22.36 18.17
CA ARG E 46 3.97 -21.07 17.60
C ARG E 46 2.87 -20.50 16.67
N ARG E 47 2.29 -21.39 15.88
CA ARG E 47 1.17 -20.98 15.06
C ARG E 47 0.06 -20.39 15.95
N LEU E 48 -0.12 -20.91 17.18
CA LEU E 48 -1.01 -20.21 18.12
C LEU E 48 -0.60 -18.78 18.32
N GLN E 49 0.69 -18.47 18.37
CA GLN E 49 0.98 -17.04 18.58
C GLN E 49 0.57 -16.17 17.37
N GLN E 50 0.27 -16.79 16.24
CA GLN E 50 -0.32 -15.92 15.20
C GLN E 50 -1.81 -16.08 14.89
N LYS E 51 -2.58 -16.65 15.81
CA LYS E 51 -4.04 -16.73 15.68
C LYS E 51 -4.71 -15.84 16.73
N THR E 52 -5.78 -15.15 16.34
CA THR E 52 -6.34 -14.10 17.20
C THR E 52 -7.35 -14.64 18.21
N GLN E 53 -7.44 -13.94 19.35
CA GLN E 53 -8.35 -14.33 20.41
C GLN E 53 -9.73 -13.66 20.19
N VAL E 54 -9.76 -12.33 20.27
CA VAL E 54 -10.99 -11.60 19.96
C VAL E 54 -10.70 -10.49 18.95
N PHE E 55 -9.68 -9.68 19.24
CA PHE E 55 -9.37 -8.51 18.43
C PHE E 55 -8.32 -8.88 17.38
N PRO E 56 -8.28 -8.13 16.26
CA PRO E 56 -7.21 -8.30 15.28
C PRO E 56 -5.83 -8.06 15.90
N LEU E 57 -4.77 -8.50 15.24
CA LEU E 57 -3.44 -8.41 15.85
C LEU E 57 -2.79 -7.02 15.68
N ALA E 61 2.46 -5.77 21.45
CA ALA E 61 1.25 -6.60 21.42
C ALA E 61 0.48 -6.47 22.71
N ALA E 62 -0.18 -5.32 22.88
CA ALA E 62 -1.04 -5.07 24.02
C ALA E 62 -1.94 -6.28 24.28
N VAL E 63 -2.63 -6.69 23.23
CA VAL E 63 -3.73 -7.65 23.26
C VAL E 63 -3.27 -9.13 23.18
N ARG E 64 -4.04 -10.03 23.81
CA ARG E 64 -3.79 -11.47 23.74
C ARG E 64 -3.84 -12.00 22.31
N THR E 65 -3.08 -13.08 22.10
CA THR E 65 -3.21 -14.00 20.97
C THR E 65 -3.65 -15.31 21.57
N ARG E 66 -4.05 -16.28 20.75
CA ARG E 66 -4.41 -17.61 21.27
C ARG E 66 -3.28 -18.24 22.13
N LEU E 67 -2.02 -17.96 21.80
CA LEU E 67 -0.92 -18.43 22.62
C LEU E 67 -0.91 -17.85 24.04
N THR E 68 -0.92 -16.54 24.18
CA THR E 68 -0.79 -15.93 25.51
C THR E 68 -2.00 -16.28 26.36
N HIS E 69 -3.16 -16.37 25.71
CA HIS E 69 -4.34 -16.86 26.38
C HIS E 69 -4.08 -18.27 26.89
N SER E 70 -3.54 -19.13 26.02
CA SER E 70 -3.29 -20.49 26.43
C SER E 70 -2.32 -20.55 27.62
N MET E 71 -1.39 -19.60 27.70
CA MET E 71 -0.46 -19.55 28.83
C MET E 71 -1.19 -19.21 30.11
N GLU E 72 -2.10 -18.24 30.02
CA GLU E 72 -2.93 -17.84 31.17
C GLU E 72 -3.81 -18.99 31.65
N VAL E 73 -4.52 -19.60 30.70
CA VAL E 73 -5.34 -20.76 30.97
C VAL E 73 -4.53 -21.82 31.68
N GLN E 74 -3.35 -22.08 31.15
CA GLN E 74 -2.43 -23.07 31.70
C GLN E 74 -2.11 -22.77 33.16
N GLN E 75 -1.87 -21.51 33.50
CA GLN E 75 -1.61 -21.20 34.92
C GLN E 75 -2.80 -21.45 35.82
N VAL E 76 -4.00 -21.14 35.30
CA VAL E 76 -5.20 -21.43 36.09
C VAL E 76 -5.35 -22.93 36.28
N GLY E 77 -5.08 -23.72 35.23
CA GLY E 77 -5.13 -25.15 35.32
C GLY E 77 -4.16 -25.70 36.37
N ARG E 78 -2.94 -25.18 36.37
CA ARG E 78 -1.91 -25.63 37.29
C ARG E 78 -2.39 -25.37 38.70
N TYR E 79 -2.94 -24.20 38.91
CA TYR E 79 -3.45 -23.82 40.22
C TYR E 79 -4.54 -24.81 40.68
N ILE E 80 -5.55 -25.05 39.84
CA ILE E 80 -6.64 -25.95 40.24
C ILE E 80 -6.09 -27.33 40.56
N ALA E 81 -5.15 -27.80 39.73
CA ALA E 81 -4.55 -29.11 39.94
C ALA E 81 -3.85 -29.19 41.30
N LYS E 82 -2.99 -28.22 41.59
CA LYS E 82 -2.26 -28.19 42.85
C LYS E 82 -3.21 -28.12 44.03
N GLU E 83 -4.33 -27.43 43.86
CA GLU E 83 -5.34 -27.37 44.92
C GLU E 83 -5.97 -28.72 45.17
N ILE E 84 -6.29 -29.45 44.10
CA ILE E 84 -6.87 -30.79 44.24
C ILE E 84 -5.88 -31.76 44.92
N LEU E 85 -4.63 -31.72 44.48
CA LEU E 85 -3.62 -32.59 45.08
C LEU E 85 -3.39 -32.25 46.55
N SER E 86 -3.33 -30.98 46.89
CA SER E 86 -3.07 -30.57 48.27
C SER E 86 -4.26 -30.90 49.18
N ARG E 87 -5.47 -30.72 48.65
CA ARG E 87 -6.67 -31.03 49.40
C ARG E 87 -6.81 -32.53 49.62
N LEU E 88 -6.40 -33.33 48.63
CA LEU E 88 -6.41 -34.79 48.80
C LEU E 88 -5.34 -35.20 49.81
N LYS E 89 -4.21 -34.50 49.82
CA LYS E 89 -3.16 -34.79 50.79
C LYS E 89 -3.63 -34.48 52.21
N GLU E 90 -4.33 -33.36 52.40
CA GLU E 90 -4.88 -33.01 53.72
C GLU E 90 -5.98 -34.00 54.14
N LEU E 91 -6.63 -34.64 53.17
CA LEU E 91 -7.62 -35.67 53.49
C LEU E 91 -6.97 -37.04 53.65
N LYS E 92 -5.64 -37.08 53.47
CA LYS E 92 -4.85 -38.31 53.52
C LYS E 92 -5.41 -39.35 52.54
N LEU E 93 -5.57 -38.97 51.28
CA LEU E 93 -6.23 -39.81 50.31
C LEU E 93 -5.42 -40.05 49.04
N LEU E 94 -4.21 -39.49 48.97
CA LEU E 94 -3.37 -39.68 47.78
C LEU E 94 -3.08 -41.17 47.57
N GLU E 95 -2.41 -41.79 48.54
CA GLU E 95 -2.13 -43.23 48.52
C GLU E 95 -3.37 -44.04 48.18
N ALA E 96 -4.45 -43.75 48.90
CA ALA E 96 -5.73 -44.40 48.67
C ALA E 96 -6.22 -44.37 47.20
N TYR E 97 -5.92 -43.28 46.49
CA TYR E 97 -6.41 -43.10 45.13
C TYR E 97 -5.36 -43.40 44.05
N GLY E 98 -4.15 -43.76 44.48
CA GLY E 98 -3.12 -44.18 43.55
C GLY E 98 -2.26 -43.03 43.05
N LEU E 99 -2.47 -41.86 43.62
CA LEU E 99 -1.80 -40.64 43.17
C LEU E 99 -0.49 -40.33 43.89
N ASP E 100 -0.11 -41.17 44.86
CA ASP E 100 1.03 -40.85 45.70
C ASP E 100 2.34 -40.74 44.90
N GLU E 101 2.40 -41.39 43.74
CA GLU E 101 3.60 -41.31 42.91
C GLU E 101 3.33 -40.72 41.52
N LEU E 102 2.19 -40.06 41.36
CA LEU E 102 1.79 -39.51 40.07
C LEU E 102 1.45 -38.03 40.13
N THR E 103 1.88 -37.36 41.20
CA THR E 103 1.68 -35.94 41.39
C THR E 103 2.18 -35.08 40.20
N GLY E 104 3.43 -35.31 39.82
CA GLY E 104 4.06 -34.65 38.70
C GLY E 104 3.26 -34.78 37.43
N PRO E 105 3.05 -36.02 36.96
CA PRO E 105 2.24 -36.28 35.76
C PRO E 105 0.86 -35.67 35.84
N PHE E 106 0.22 -35.71 37.00
CA PHE E 106 -1.12 -35.14 37.18
C PHE E 106 -1.14 -33.67 36.78
N GLU E 107 -0.37 -32.89 37.54
CA GLU E 107 -0.25 -31.47 37.28
C GLU E 107 0.22 -31.18 35.84
N SER E 108 1.27 -31.86 35.40
CA SER E 108 1.82 -31.67 34.05
C SER E 108 0.81 -31.95 32.92
N ILE E 109 0.11 -33.07 32.96
CA ILE E 109 -0.95 -33.35 32.00
C ILE E 109 -2.01 -32.25 31.98
N VAL E 110 -2.38 -31.75 33.16
CA VAL E 110 -3.33 -30.62 33.15
C VAL E 110 -2.71 -29.41 32.43
N GLU E 111 -1.55 -28.94 32.87
CA GLU E 111 -0.89 -27.81 32.21
C GLU E 111 -0.78 -27.94 30.70
N MET E 112 -0.38 -29.11 30.22
CA MET E 112 -0.15 -29.27 28.78
C MET E 112 -1.46 -29.39 28.04
N SER E 113 -2.47 -29.98 28.66
CA SER E 113 -3.78 -30.02 28.02
C SER E 113 -4.29 -28.59 27.87
N CYS E 114 -4.05 -27.75 28.87
CA CYS E 114 -4.43 -26.36 28.78
C CYS E 114 -3.70 -25.70 27.63
N LEU E 115 -2.38 -25.85 27.61
CA LEU E 115 -1.55 -25.23 26.59
C LEU E 115 -1.98 -25.59 25.19
N MET E 116 -2.64 -26.72 25.00
CA MET E 116 -3.00 -27.04 23.62
C MET E 116 -4.45 -27.43 23.34
N HIS E 117 -5.42 -26.79 24.00
CA HIS E 117 -6.84 -26.99 23.61
C HIS E 117 -7.12 -26.24 22.30
N ASP E 118 -6.49 -25.08 22.11
CA ASP E 118 -6.76 -24.25 20.96
C ASP E 118 -6.06 -24.73 19.69
N ILE E 119 -5.30 -25.80 19.81
CA ILE E 119 -4.34 -26.16 18.78
C ILE E 119 -5.00 -26.49 17.43
N GLY E 120 -6.25 -26.94 17.45
CA GLY E 120 -6.87 -27.41 16.22
C GLY E 120 -7.85 -26.42 15.60
N ASN E 121 -7.99 -25.27 16.25
CA ASN E 121 -8.85 -24.20 15.77
C ASN E 121 -8.37 -23.67 14.42
N PRO E 122 -9.32 -23.51 13.47
CA PRO E 122 -9.03 -23.00 12.13
C PRO E 122 -8.78 -21.49 12.18
N PRO E 123 -8.28 -20.90 11.08
CA PRO E 123 -8.13 -19.44 11.08
C PRO E 123 -9.48 -18.76 11.30
N PHE E 124 -9.49 -17.66 12.04
CA PHE E 124 -10.70 -16.89 12.31
C PHE E 124 -11.73 -17.64 13.18
N GLY E 125 -11.30 -18.75 13.80
CA GLY E 125 -12.04 -19.41 14.86
C GLY E 125 -13.42 -19.90 14.48
N HIS E 126 -14.44 -19.46 15.22
CA HIS E 126 -15.80 -19.93 15.01
C HIS E 126 -16.29 -19.62 13.62
N PHE E 127 -15.71 -18.60 13.01
CA PHE E 127 -16.11 -18.24 11.66
C PHE E 127 -15.34 -18.98 10.60
N GLY E 128 -14.11 -19.37 10.93
CA GLY E 128 -13.38 -20.30 10.09
C GLY E 128 -14.22 -21.57 10.04
N GLU E 129 -14.60 -22.07 11.22
CA GLU E 129 -15.45 -23.25 11.33
C GLU E 129 -16.72 -23.08 10.51
N ALA E 130 -17.44 -21.98 10.76
CA ALA E 130 -18.70 -21.71 10.09
C ALA E 130 -18.53 -21.76 8.58
N ALA E 131 -17.50 -21.10 8.08
CA ALA E 131 -17.15 -21.10 6.65
C ALA E 131 -16.95 -22.51 6.09
N ILE E 132 -16.06 -23.27 6.73
CA ILE E 132 -15.78 -24.63 6.28
C ILE E 132 -17.05 -25.49 6.24
N ASN E 133 -17.74 -25.53 7.38
CA ASN E 133 -18.92 -26.36 7.50
C ASN E 133 -20.01 -25.96 6.54
N ASP E 134 -20.14 -24.65 6.30
CA ASP E 134 -21.20 -24.15 5.43
C ASP E 134 -20.90 -24.54 3.98
N TRP E 135 -19.67 -24.35 3.57
CA TRP E 135 -19.22 -24.74 2.23
C TRP E 135 -19.48 -26.19 1.98
N PHE E 136 -18.96 -27.03 2.87
CA PHE E 136 -19.11 -28.47 2.67
C PHE E 136 -20.56 -28.89 2.76
N ARG E 137 -21.35 -28.15 3.53
CA ARG E 137 -22.74 -28.48 3.73
C ARG E 137 -23.50 -28.17 2.42
N GLN E 138 -23.06 -27.12 1.75
CA GLN E 138 -23.63 -26.74 0.46
C GLN E 138 -23.25 -27.76 -0.65
N ARG E 139 -22.08 -28.42 -0.56
CA ARG E 139 -21.79 -29.53 -1.53
C ARG E 139 -22.43 -30.88 -1.16
N LEU E 140 -22.56 -31.20 0.12
CA LEU E 140 -22.91 -32.57 0.51
C LEU E 140 -24.30 -32.75 1.10
N HIS E 141 -24.94 -31.67 1.55
CA HIS E 141 -26.32 -31.68 2.08
C HIS E 141 -26.68 -32.83 2.99
N PRO E 142 -25.96 -32.97 4.11
CA PRO E 142 -26.09 -34.16 4.97
C PRO E 142 -27.52 -34.42 5.46
N GLU E 143 -28.34 -33.36 5.56
CA GLU E 143 -29.72 -33.48 5.96
C GLU E 143 -30.49 -34.43 5.05
N ASP E 144 -30.11 -34.48 3.77
CA ASP E 144 -30.81 -35.31 2.82
C ASP E 144 -30.53 -36.81 3.04
N ALA E 145 -29.72 -37.15 4.04
CA ALA E 145 -29.40 -38.56 4.31
C ALA E 145 -29.71 -39.04 5.73
N GLU E 146 -30.77 -38.53 6.35
CA GLU E 146 -30.96 -38.79 7.76
C GLU E 146 -31.32 -40.25 8.01
N SER E 147 -32.23 -40.77 7.19
CA SER E 147 -32.59 -42.19 7.24
C SER E 147 -32.76 -42.63 5.81
N GLN E 148 -33.82 -43.41 5.54
CA GLN E 148 -34.10 -43.99 4.20
C GLN E 148 -33.80 -43.01 3.03
N PRO E 149 -33.40 -43.54 1.85
CA PRO E 149 -32.96 -42.57 0.83
C PRO E 149 -34.08 -41.76 0.22
N LEU E 150 -33.73 -40.54 -0.20
CA LEU E 150 -34.66 -39.64 -0.88
C LEU E 150 -34.38 -39.63 -2.38
N THR E 151 -35.42 -39.39 -3.18
CA THR E 151 -35.25 -39.39 -4.63
C THR E 151 -34.51 -38.15 -5.10
N ASP E 152 -34.83 -37.00 -4.51
CA ASP E 152 -34.15 -35.75 -4.87
C ASP E 152 -33.02 -35.48 -3.89
N ASP E 153 -31.97 -36.27 -3.98
CA ASP E 153 -30.81 -36.13 -3.10
C ASP E 153 -29.90 -35.02 -3.62
N ARG E 154 -29.83 -33.92 -2.87
CA ARG E 154 -29.14 -32.71 -3.33
C ARG E 154 -27.62 -32.78 -3.27
N CYS E 155 -27.08 -33.92 -2.82
CA CYS E 155 -25.65 -34.15 -2.81
C CYS E 155 -25.06 -34.02 -4.22
N SER E 156 -23.99 -33.24 -4.36
CA SER E 156 -23.43 -32.94 -5.67
C SER E 156 -22.33 -33.95 -6.03
N VAL E 157 -21.92 -34.77 -5.05
CA VAL E 157 -20.93 -35.80 -5.29
C VAL E 157 -21.59 -37.13 -5.68
N ALA E 158 -21.18 -37.65 -6.83
CA ALA E 158 -21.76 -38.85 -7.41
C ALA E 158 -21.81 -40.02 -6.43
N ALA E 159 -20.64 -40.40 -5.93
CA ALA E 159 -20.48 -41.60 -5.11
C ALA E 159 -21.21 -41.53 -3.79
N LEU E 160 -21.56 -40.32 -3.35
CA LEU E 160 -22.09 -40.13 -2.00
C LEU E 160 -23.62 -39.98 -1.90
N ARG E 161 -24.33 -39.84 -3.02
CA ARG E 161 -25.80 -39.84 -2.99
C ARG E 161 -26.29 -41.21 -2.54
N LEU E 162 -27.37 -41.23 -1.77
CA LEU E 162 -27.92 -42.50 -1.26
C LEU E 162 -28.68 -43.29 -2.32
N ARG E 163 -28.13 -44.44 -2.70
CA ARG E 163 -28.76 -45.28 -3.73
C ARG E 163 -29.75 -46.25 -3.12
N ASP E 164 -30.77 -46.60 -3.88
CA ASP E 164 -31.84 -47.46 -3.38
C ASP E 164 -31.41 -48.92 -3.29
N GLY E 165 -31.57 -49.52 -2.12
CA GLY E 165 -31.24 -50.93 -1.93
C GLY E 165 -29.91 -51.19 -1.23
N GLU E 166 -28.95 -50.27 -1.40
CA GLU E 166 -27.60 -50.46 -0.89
C GLU E 166 -27.39 -49.99 0.56
N GLU E 167 -27.97 -50.69 1.54
CA GLU E 167 -27.89 -50.22 2.94
C GLU E 167 -26.48 -50.05 3.57
N PRO E 168 -25.58 -51.02 3.36
CA PRO E 168 -24.26 -50.85 4.01
C PRO E 168 -23.48 -49.63 3.51
N LEU E 169 -23.48 -49.51 2.19
CA LEU E 169 -22.89 -48.36 1.52
C LEU E 169 -23.54 -47.08 1.96
N ASN E 170 -24.87 -47.05 1.92
CA ASN E 170 -25.64 -45.90 2.38
C ASN E 170 -25.23 -45.48 3.79
N GLU E 171 -24.97 -46.45 4.64
CA GLU E 171 -24.54 -46.15 5.98
C GLU E 171 -23.22 -45.39 5.91
N LEU E 172 -22.28 -45.92 5.12
CA LEU E 172 -20.99 -45.25 5.05
C LEU E 172 -21.11 -43.83 4.48
N ARG E 173 -22.02 -43.66 3.53
CA ARG E 173 -22.33 -42.36 2.96
C ARG E 173 -22.90 -41.34 3.97
N ARG E 174 -23.94 -41.74 4.72
CA ARG E 174 -24.46 -40.93 5.83
C ARG E 174 -23.34 -40.43 6.73
N LYS E 175 -22.53 -41.38 7.22
CA LYS E 175 -21.43 -41.05 8.13
C LYS E 175 -20.48 -40.03 7.49
N ILE E 176 -20.07 -40.28 6.27
CA ILE E 176 -19.13 -39.37 5.62
C ILE E 176 -19.74 -37.94 5.47
N ARG E 177 -20.90 -37.85 4.84
CA ARG E 177 -21.52 -36.54 4.65
C ARG E 177 -21.64 -35.72 5.94
N GLN E 178 -22.26 -36.34 6.95
CA GLN E 178 -22.36 -35.68 8.24
C GLN E 178 -21.00 -35.27 8.82
N ASP E 179 -20.06 -36.22 8.86
CA ASP E 179 -18.74 -35.97 9.43
C ASP E 179 -18.02 -34.78 8.76
N LEU E 180 -18.11 -34.71 7.44
CA LEU E 180 -17.42 -33.67 6.69
C LEU E 180 -18.05 -32.31 6.93
N CYS E 181 -19.34 -32.28 7.27
CA CYS E 181 -19.97 -31.01 7.56
C CYS E 181 -19.93 -30.60 9.02
N HIS E 182 -19.10 -31.29 9.81
CA HIS E 182 -18.99 -30.98 11.23
C HIS E 182 -17.53 -30.83 11.66
N PHE E 183 -16.80 -30.03 10.91
CA PHE E 183 -15.48 -29.61 11.33
C PHE E 183 -15.64 -28.99 12.70
N GLU E 184 -14.66 -29.24 13.57
CA GLU E 184 -14.71 -28.81 14.95
C GLU E 184 -13.28 -28.69 15.45
N GLY E 185 -12.94 -27.56 16.05
CA GLY E 185 -11.60 -27.34 16.58
C GLY E 185 -11.03 -28.47 17.44
N ASN E 186 -11.87 -29.11 18.24
CA ASN E 186 -11.37 -30.15 19.15
C ASN E 186 -11.06 -31.43 18.40
N ALA E 187 -11.97 -31.80 17.52
CA ALA E 187 -11.82 -32.96 16.67
C ALA E 187 -10.59 -32.83 15.79
N GLN E 188 -10.43 -31.63 15.25
CA GLN E 188 -9.29 -31.31 14.43
C GLN E 188 -8.03 -31.35 15.25
N GLY E 189 -8.12 -31.03 16.53
CA GLY E 189 -6.96 -31.10 17.39
C GLY E 189 -6.54 -32.54 17.70
N ILE E 190 -7.50 -33.44 17.88
CA ILE E 190 -7.17 -34.86 18.02
C ILE E 190 -6.48 -35.36 16.75
N ARG E 191 -7.07 -35.05 15.61
CA ARG E 191 -6.49 -35.42 14.32
C ARG E 191 -5.10 -34.87 14.19
N LEU E 192 -4.95 -33.63 14.63
CA LEU E 192 -3.70 -32.91 14.46
C LEU E 192 -2.62 -33.56 15.29
N VAL E 193 -2.97 -33.91 16.52
CA VAL E 193 -2.00 -34.45 17.45
C VAL E 193 -1.63 -35.90 17.07
N HIS E 194 -2.55 -36.63 16.45
CA HIS E 194 -2.29 -38.03 16.07
C HIS E 194 -1.67 -38.18 14.67
N THR E 195 -2.38 -37.76 13.63
CA THR E 195 -2.01 -38.06 12.27
C THR E 195 -1.10 -37.04 11.61
N LEU E 196 -1.29 -35.76 11.89
CA LEU E 196 -0.58 -34.75 11.13
C LEU E 196 0.78 -34.40 11.71
N MET E 197 0.83 -34.07 13.01
CA MET E 197 2.08 -33.69 13.64
C MET E 197 2.91 -34.93 14.02
N ARG E 198 2.26 -36.10 14.00
CA ARG E 198 2.91 -37.35 14.37
C ARG E 198 3.75 -37.13 15.63
N MET E 199 3.09 -36.73 16.70
CA MET E 199 3.76 -36.30 17.91
C MET E 199 4.01 -37.47 18.83
N ASN E 200 3.21 -38.52 18.72
CA ASN E 200 3.35 -39.71 19.57
C ASN E 200 3.36 -39.40 21.09
N LEU E 201 2.32 -38.75 21.57
CA LEU E 201 2.20 -38.45 23.01
C LEU E 201 1.78 -39.68 23.81
N THR E 202 1.77 -39.54 25.15
CA THR E 202 1.26 -40.60 26.02
C THR E 202 -0.25 -40.67 25.96
N TRP E 203 -0.81 -41.81 26.31
CA TRP E 203 -2.25 -42.00 26.14
C TRP E 203 -2.98 -41.04 27.05
N ALA E 204 -2.45 -40.85 28.24
CA ALA E 204 -3.02 -39.92 29.21
C ALA E 204 -3.12 -38.48 28.65
N GLN E 205 -2.09 -38.05 27.93
CA GLN E 205 -2.04 -36.69 27.38
C GLN E 205 -3.10 -36.47 26.30
N VAL E 206 -3.22 -37.46 25.42
CA VAL E 206 -4.23 -37.45 24.39
C VAL E 206 -5.60 -37.46 25.01
N GLY E 207 -5.76 -38.22 26.10
CA GLY E 207 -7.01 -38.23 26.82
C GLY E 207 -7.35 -36.84 27.33
N GLY E 208 -6.31 -36.15 27.79
CA GLY E 208 -6.44 -34.79 28.26
C GLY E 208 -6.98 -33.84 27.22
N ILE E 209 -6.64 -34.06 25.95
CA ILE E 209 -7.21 -33.24 24.88
C ILE E 209 -8.69 -33.51 24.62
N LEU E 210 -9.09 -34.79 24.62
CA LEU E 210 -10.44 -35.20 24.21
C LEU E 210 -11.57 -34.65 25.12
N LYS E 211 -12.06 -33.45 24.80
CA LYS E 211 -12.95 -32.68 25.65
C LYS E 211 -14.42 -33.05 25.47
N TYR E 212 -14.83 -33.33 24.24
CA TYR E 212 -16.19 -33.80 23.96
C TYR E 212 -16.11 -35.19 23.37
N THR E 213 -17.21 -35.93 23.40
CA THR E 213 -17.11 -37.37 23.15
C THR E 213 -18.11 -37.80 22.10
N ARG E 214 -18.68 -36.83 21.42
CA ARG E 214 -19.60 -37.13 20.34
C ARG E 214 -18.84 -37.28 19.05
N PRO E 215 -19.07 -38.39 18.33
CA PRO E 215 -18.59 -38.58 16.97
C PRO E 215 -19.13 -37.50 16.04
N ALA E 216 -18.29 -36.92 15.19
CA ALA E 216 -18.74 -35.86 14.29
C ALA E 216 -19.80 -36.38 13.32
N TRP E 217 -19.83 -37.70 13.11
CA TRP E 217 -20.80 -38.27 12.19
C TRP E 217 -22.16 -38.55 12.82
N TRP E 218 -22.28 -38.21 14.10
CA TRP E 218 -23.49 -38.38 14.89
C TRP E 218 -24.68 -37.64 14.32
N ARG E 219 -25.83 -38.33 14.26
CA ARG E 219 -27.10 -37.71 13.88
C ARG E 219 -28.16 -37.88 14.95
N GLY E 220 -28.97 -36.83 15.15
CA GLY E 220 -30.08 -36.89 16.07
C GLY E 220 -29.76 -36.42 17.48
N GLU E 221 -30.73 -36.63 18.37
CA GLU E 221 -30.57 -36.24 19.77
C GLU E 221 -29.49 -37.12 20.39
N THR E 222 -28.69 -36.51 21.26
CA THR E 222 -27.70 -37.27 22.03
C THR E 222 -28.35 -37.83 23.28
N PRO E 223 -27.85 -38.99 23.77
CA PRO E 223 -28.35 -39.61 25.01
C PRO E 223 -28.50 -38.60 26.14
N GLU E 224 -29.56 -38.70 26.93
CA GLU E 224 -29.79 -37.75 28.00
C GLU E 224 -28.71 -37.90 29.09
N THR E 225 -28.24 -39.14 29.27
CA THR E 225 -27.24 -39.46 30.29
C THR E 225 -25.89 -38.85 29.94
N HIS E 226 -25.64 -38.64 28.65
CA HIS E 226 -24.37 -38.09 28.22
C HIS E 226 -24.52 -36.73 27.52
N HIS E 227 -25.61 -36.04 27.75
CA HIS E 227 -25.93 -34.80 27.06
C HIS E 227 -24.79 -33.78 27.08
N TYR E 228 -24.17 -33.61 28.23
CA TYR E 228 -23.17 -32.57 28.41
C TYR E 228 -21.86 -32.93 27.70
N LEU E 229 -21.38 -34.16 27.87
CA LEU E 229 -20.14 -34.63 27.27
C LEU E 229 -20.20 -34.76 25.75
N MET E 230 -21.42 -34.90 25.22
CA MET E 230 -21.61 -35.05 23.78
C MET E 230 -22.18 -33.77 23.16
N LYS E 231 -21.88 -32.63 23.77
CA LYS E 231 -22.33 -31.32 23.33
C LYS E 231 -21.85 -30.96 21.90
N LYS E 232 -20.55 -30.73 21.75
CA LYS E 232 -19.93 -30.54 20.44
C LYS E 232 -19.28 -31.87 19.96
N PRO E 233 -18.87 -31.94 18.68
CA PRO E 233 -18.09 -33.09 18.22
C PRO E 233 -16.71 -33.18 18.86
N GLY E 234 -16.26 -34.39 19.16
CA GLY E 234 -14.98 -34.55 19.82
C GLY E 234 -13.93 -35.22 18.95
N TYR E 235 -14.37 -35.99 17.96
CA TYR E 235 -13.45 -36.73 17.11
C TYR E 235 -14.10 -37.10 15.78
N TYR E 236 -13.27 -37.22 14.74
CA TYR E 236 -13.75 -37.49 13.39
C TYR E 236 -13.84 -38.97 13.04
N LEU E 237 -14.52 -39.25 11.94
CA LEU E 237 -14.69 -40.61 11.43
C LEU E 237 -13.37 -41.32 11.20
N SER E 238 -12.33 -40.55 10.84
CA SER E 238 -10.99 -41.09 10.62
C SER E 238 -10.30 -41.53 11.88
N GLU E 239 -10.47 -40.75 12.95
CA GLU E 239 -9.83 -41.05 14.21
C GLU E 239 -10.58 -42.11 15.04
N GLU E 240 -11.65 -42.67 14.47
CA GLU E 240 -12.52 -43.61 15.18
C GLU E 240 -11.75 -44.75 15.84
N ALA E 241 -10.89 -45.40 15.06
CA ALA E 241 -10.15 -46.55 15.55
C ALA E 241 -9.14 -46.13 16.62
N TYR E 242 -8.52 -44.98 16.40
CA TYR E 242 -7.57 -44.41 17.35
C TYR E 242 -8.24 -44.14 18.68
N ILE E 243 -9.39 -43.50 18.61
CA ILE E 243 -10.15 -43.19 19.80
C ILE E 243 -10.59 -44.48 20.51
N ALA E 244 -10.96 -45.51 19.76
CA ALA E 244 -11.33 -46.79 20.37
C ALA E 244 -10.15 -47.34 21.18
N ARG E 245 -8.97 -47.35 20.54
CA ARG E 245 -7.75 -47.77 21.20
C ARG E 245 -7.52 -46.96 22.47
N LEU E 246 -7.72 -45.65 22.38
CA LEU E 246 -7.54 -44.75 23.52
C LEU E 246 -8.48 -45.11 24.66
N ARG E 247 -9.68 -45.56 24.32
CA ARG E 247 -10.64 -45.93 25.34
C ARG E 247 -10.18 -47.17 26.03
N LYS E 248 -9.66 -48.12 25.25
CA LYS E 248 -9.12 -49.35 25.85
C LYS E 248 -7.96 -48.98 26.79
N GLU E 249 -7.09 -48.06 26.37
CA GLU E 249 -5.87 -47.73 27.12
C GLU E 249 -6.15 -46.90 28.39
N LEU E 250 -7.22 -46.12 28.37
CA LEU E 250 -7.53 -45.24 29.50
C LEU E 250 -8.74 -45.73 30.29
N ASN E 251 -9.19 -46.95 30.01
CA ASN E 251 -10.36 -47.57 30.64
C ASN E 251 -11.57 -46.65 30.62
N LEU E 252 -12.02 -46.32 29.42
CA LEU E 252 -13.17 -45.46 29.22
C LEU E 252 -14.32 -46.21 28.56
N ALA E 253 -15.50 -46.08 29.14
CA ALA E 253 -16.70 -46.55 28.48
C ALA E 253 -16.92 -45.76 27.18
N LEU E 254 -17.78 -46.28 26.32
CA LEU E 254 -18.17 -45.52 25.16
C LEU E 254 -18.79 -44.18 25.58
N TYR E 255 -18.30 -43.12 24.94
CA TYR E 255 -18.77 -41.74 25.10
C TYR E 255 -18.38 -41.15 26.48
N SER E 256 -17.47 -41.82 27.19
CA SER E 256 -16.97 -41.34 28.48
C SER E 256 -15.70 -40.52 28.30
N ARG E 257 -15.26 -39.90 29.38
CA ARG E 257 -14.24 -38.86 29.29
C ARG E 257 -13.13 -39.00 30.33
N PHE E 258 -11.91 -38.63 29.95
CA PHE E 258 -10.79 -38.58 30.88
C PHE E 258 -11.05 -37.52 31.97
N PRO E 259 -10.66 -37.79 33.22
CA PRO E 259 -10.93 -36.87 34.36
C PRO E 259 -10.26 -35.45 34.40
N LEU E 260 -8.99 -35.46 34.07
CA LEU E 260 -8.23 -34.22 34.13
C LEU E 260 -8.87 -33.21 33.14
N THR E 261 -9.57 -33.71 32.15
CA THR E 261 -10.34 -32.87 31.24
C THR E 261 -11.32 -31.93 31.97
N TRP E 262 -12.07 -32.45 32.94
CA TRP E 262 -12.87 -31.62 33.84
C TRP E 262 -12.04 -30.48 34.39
N ILE E 263 -10.83 -30.82 34.85
CA ILE E 263 -10.00 -29.69 35.35
C ILE E 263 -9.68 -28.61 34.30
N MET E 264 -9.17 -29.02 33.14
CA MET E 264 -8.73 -28.02 32.16
C MET E 264 -9.94 -27.20 31.68
N GLU E 265 -11.08 -27.87 31.46
CA GLU E 265 -12.34 -27.18 31.13
C GLU E 265 -12.69 -26.04 32.12
N ALA E 266 -12.56 -26.30 33.43
CA ALA E 266 -12.77 -25.23 34.41
C ALA E 266 -11.83 -24.05 34.21
N ALA E 267 -10.54 -24.38 34.04
CA ALA E 267 -9.51 -23.36 33.71
C ALA E 267 -9.88 -22.47 32.50
N ASP E 268 -10.37 -23.13 31.46
CA ASP E 268 -10.84 -22.44 30.26
C ASP E 268 -11.95 -21.44 30.57
N ASP E 269 -13.02 -21.88 31.24
CA ASP E 269 -14.15 -20.98 31.63
C ASP E 269 -13.72 -19.64 32.29
N ILE E 270 -13.14 -19.81 33.47
CA ILE E 270 -12.50 -18.68 34.17
C ILE E 270 -11.72 -17.65 33.26
N SER E 271 -10.71 -18.21 32.60
CA SER E 271 -9.80 -17.38 31.83
C SER E 271 -10.47 -16.62 30.68
N TYR E 272 -11.30 -17.39 29.95
CA TYR E 272 -12.22 -16.90 28.90
C TYR E 272 -12.65 -15.50 29.14
N CYS E 273 -13.62 -15.47 30.04
CA CYS E 273 -14.35 -14.21 30.13
C CYS E 273 -13.41 -13.08 30.57
N VAL E 274 -12.69 -13.30 31.70
CA VAL E 274 -12.05 -12.08 32.26
C VAL E 274 -11.01 -11.42 31.33
N ALA E 275 -10.17 -12.27 30.70
CA ALA E 275 -9.13 -11.77 29.81
C ALA E 275 -9.77 -10.87 28.76
N ASP E 276 -10.87 -11.36 28.16
CA ASP E 276 -11.49 -10.55 27.10
C ASP E 276 -11.95 -9.15 27.60
N LEU E 277 -12.58 -9.05 28.78
CA LEU E 277 -12.93 -7.68 29.27
C LEU E 277 -11.72 -6.75 29.46
N GLU E 278 -10.62 -7.29 29.98
CA GLU E 278 -9.46 -6.41 30.18
C GLU E 278 -8.95 -5.88 28.86
N ASP E 279 -8.91 -6.76 27.86
CA ASP E 279 -8.44 -6.33 26.53
C ASP E 279 -9.35 -5.24 25.97
N ALA E 280 -10.66 -5.45 26.12
CA ALA E 280 -11.64 -4.45 25.67
C ALA E 280 -11.43 -3.09 26.31
N VAL E 281 -10.99 -3.04 27.57
CA VAL E 281 -10.63 -1.75 28.16
C VAL E 281 -9.32 -1.17 27.62
N GLU E 282 -8.33 -2.03 27.36
CA GLU E 282 -7.09 -1.58 26.69
C GLU E 282 -7.37 -0.88 25.35
N LYS E 283 -8.20 -1.52 24.53
CA LYS E 283 -8.63 -0.97 23.23
C LYS E 283 -9.55 0.29 23.33
N ARG E 284 -9.62 0.87 24.52
CA ARG E 284 -10.38 2.09 24.78
C ARG E 284 -11.88 2.01 24.43
N ILE E 285 -12.42 0.81 24.31
CA ILE E 285 -13.86 0.60 24.05
C ILE E 285 -14.78 1.14 25.16
N PHE E 286 -14.58 0.69 26.40
CA PHE E 286 -15.14 1.43 27.52
C PHE E 286 -14.06 1.66 28.58
N THR E 287 -14.35 2.55 29.53
CA THR E 287 -13.44 2.82 30.64
C THR E 287 -13.71 1.88 31.80
N VAL E 288 -12.83 1.87 32.79
CA VAL E 288 -12.97 0.93 33.90
C VAL E 288 -14.27 1.18 34.68
N GLU E 289 -14.60 2.45 34.86
CA GLU E 289 -15.82 2.83 35.60
C GLU E 289 -17.09 2.36 34.88
N GLN E 290 -17.09 2.49 33.55
CA GLN E 290 -18.21 2.00 32.75
C GLN E 290 -18.36 0.50 32.89
N LEU E 291 -17.24 -0.21 32.84
CA LEU E 291 -17.24 -1.65 33.05
C LEU E 291 -17.81 -2.01 34.42
N TYR E 292 -17.30 -1.35 35.45
CA TYR E 292 -17.79 -1.55 36.82
C TYR E 292 -19.30 -1.37 36.86
N HIS E 293 -19.80 -0.36 36.16
CA HIS E 293 -21.24 -0.14 36.08
C HIS E 293 -22.00 -1.29 35.40
N HIS E 294 -21.55 -1.71 34.23
CA HIS E 294 -22.24 -2.78 33.52
C HIS E 294 -22.25 -4.07 34.33
N LEU E 295 -21.16 -4.29 35.07
CA LEU E 295 -21.06 -5.44 35.96
C LEU E 295 -22.09 -5.33 37.08
N HIS E 296 -22.00 -4.23 37.81
CA HIS E 296 -22.91 -3.95 38.93
C HIS E 296 -24.39 -4.05 38.54
N GLU E 297 -24.71 -3.66 37.30
CA GLU E 297 -26.08 -3.72 36.85
C GLU E 297 -26.48 -5.14 36.49
N ALA E 298 -25.71 -5.78 35.63
CA ALA E 298 -26.04 -7.14 35.22
C ALA E 298 -26.16 -8.09 36.42
N TRP E 299 -25.47 -7.78 37.52
CA TRP E 299 -25.54 -8.63 38.72
C TRP E 299 -26.94 -8.57 39.34
N GLY E 300 -27.36 -7.40 39.79
CA GLY E 300 -28.72 -7.20 40.31
C GLY E 300 -28.95 -7.46 41.79
N GLN E 301 -29.14 -8.74 42.16
CA GLN E 301 -29.38 -9.15 43.55
C GLN E 301 -28.21 -8.80 44.48
N HIS E 302 -28.06 -7.50 44.78
CA HIS E 302 -26.87 -6.99 45.45
C HIS E 302 -27.06 -6.60 46.93
N GLU E 303 -26.84 -7.57 47.82
CA GLU E 303 -26.70 -7.31 49.26
C GLU E 303 -25.29 -7.73 49.68
N LYS E 304 -24.58 -6.87 50.40
CA LYS E 304 -23.17 -7.08 50.76
C LYS E 304 -22.92 -8.43 51.45
N GLY E 305 -21.65 -8.79 51.58
CA GLY E 305 -21.31 -10.11 52.08
C GLY E 305 -21.43 -11.19 51.00
N SER E 306 -21.92 -10.81 49.81
CA SER E 306 -22.00 -11.77 48.73
C SER E 306 -20.72 -11.78 47.87
N LEU E 307 -20.75 -12.57 46.80
CA LEU E 307 -19.56 -12.84 46.00
C LEU E 307 -19.13 -11.62 45.20
N PHE E 308 -20.11 -10.96 44.61
CA PHE E 308 -19.83 -9.74 43.85
C PHE E 308 -19.11 -8.71 44.69
N SER E 309 -19.58 -8.51 45.93
CA SER E 309 -18.95 -7.57 46.85
C SER E 309 -17.47 -7.87 47.02
N LEU E 310 -17.16 -9.06 47.52
CA LEU E 310 -15.79 -9.53 47.66
C LEU E 310 -14.99 -9.37 46.36
N VAL E 311 -15.19 -10.27 45.40
CA VAL E 311 -14.49 -10.17 44.11
C VAL E 311 -14.50 -8.77 43.44
N VAL E 312 -15.61 -8.40 42.83
CA VAL E 312 -15.64 -7.20 42.00
C VAL E 312 -15.57 -5.90 42.79
N GLU E 313 -16.38 -5.77 43.84
CA GLU E 313 -16.42 -4.49 44.54
C GLU E 313 -15.10 -4.28 45.30
N ASN E 314 -14.49 -5.34 45.84
CA ASN E 314 -13.21 -5.13 46.50
C ASN E 314 -12.15 -4.80 45.47
N ALA E 315 -12.23 -5.41 44.29
CA ALA E 315 -11.32 -5.04 43.23
C ALA E 315 -11.43 -3.53 42.94
N TRP E 316 -12.65 -3.02 42.95
CA TRP E 316 -12.94 -1.61 42.63
C TRP E 316 -12.61 -0.57 43.72
N GLU E 317 -12.82 -0.95 44.99
CA GLU E 317 -12.49 -0.06 46.09
C GLU E 317 -10.98 -0.09 46.34
N LYS E 318 -10.38 -1.27 46.22
CA LYS E 318 -8.93 -1.42 46.30
C LYS E 318 -8.23 -0.72 45.14
N SER E 319 -8.92 -0.57 44.02
CA SER E 319 -8.33 0.09 42.86
C SER E 319 -8.53 1.60 42.85
N ARG E 320 -9.79 2.02 42.69
CA ARG E 320 -10.13 3.42 42.47
C ARG E 320 -9.71 4.34 43.62
N SER E 321 -9.36 3.76 44.78
CA SER E 321 -8.83 4.51 45.90
C SER E 321 -8.25 3.56 46.94
N SER E 327 -2.05 4.53 37.62
CA SER E 327 -1.75 3.15 37.98
C SER E 327 -3.03 2.29 38.03
N THR E 328 -4.17 2.89 37.68
CA THR E 328 -5.47 2.43 38.17
C THR E 328 -6.07 1.21 37.44
N GLU E 329 -6.13 1.26 36.10
CA GLU E 329 -6.75 0.19 35.33
C GLU E 329 -6.02 -1.13 35.51
N ASP E 330 -4.69 -1.06 35.44
CA ASP E 330 -3.87 -2.24 35.66
C ASP E 330 -4.17 -2.84 37.03
N GLN E 331 -4.23 -2.00 38.05
CA GLN E 331 -4.58 -2.45 39.40
C GLN E 331 -5.94 -3.16 39.44
N PHE E 332 -7.00 -2.47 39.02
CA PHE E 332 -8.33 -3.08 39.03
C PHE E 332 -8.35 -4.45 38.41
N PHE E 333 -7.78 -4.58 37.21
CA PHE E 333 -7.87 -5.89 36.57
C PHE E 333 -6.98 -6.93 37.26
N MET E 334 -5.89 -6.46 37.86
CA MET E 334 -5.01 -7.34 38.61
C MET E 334 -5.78 -7.95 39.77
N TYR E 335 -6.37 -7.08 40.58
CA TYR E 335 -7.18 -7.50 41.72
C TYR E 335 -8.40 -8.32 41.30
N LEU E 336 -9.03 -7.96 40.18
CA LEU E 336 -10.20 -8.69 39.70
C LEU E 336 -9.83 -10.12 39.37
N ARG E 337 -8.68 -10.30 38.70
CA ARG E 337 -8.17 -11.63 38.39
C ARG E 337 -7.82 -12.40 39.66
N VAL E 338 -7.05 -11.76 40.54
CA VAL E 338 -6.68 -12.39 41.80
C VAL E 338 -7.88 -12.87 42.63
N ASN E 339 -8.82 -11.96 42.90
CA ASN E 339 -10.03 -12.30 43.66
C ASN E 339 -10.87 -13.39 43.00
N THR E 340 -11.09 -13.26 41.69
CA THR E 340 -11.83 -14.29 40.97
C THR E 340 -11.18 -15.64 41.16
N LEU E 341 -9.87 -15.72 40.90
CA LEU E 341 -9.13 -16.96 41.05
C LEU E 341 -9.21 -17.53 42.47
N ASN E 342 -9.04 -16.65 43.46
CA ASN E 342 -9.00 -17.08 44.86
C ASN E 342 -10.35 -17.58 45.37
N LYS E 343 -11.45 -17.20 44.72
CA LYS E 343 -12.73 -17.82 45.07
C LYS E 343 -13.09 -19.01 44.18
N LEU E 344 -12.72 -18.97 42.91
CA LEU E 344 -13.19 -19.99 41.96
C LEU E 344 -12.30 -21.22 41.89
N VAL E 345 -10.99 -21.03 42.01
CA VAL E 345 -10.06 -22.15 41.91
C VAL E 345 -10.30 -23.17 43.02
N PRO E 346 -10.40 -22.71 44.28
CA PRO E 346 -10.73 -23.71 45.30
C PRO E 346 -12.12 -24.29 45.16
N TYR E 347 -13.05 -23.51 44.66
CA TYR E 347 -14.38 -24.07 44.45
C TYR E 347 -14.34 -25.19 43.41
N ALA E 348 -13.62 -24.95 42.32
CA ALA E 348 -13.46 -25.94 41.27
C ALA E 348 -12.79 -27.19 41.84
N ALA E 349 -11.75 -26.98 42.64
CA ALA E 349 -11.02 -28.08 43.23
C ALA E 349 -11.93 -28.96 44.08
N GLN E 350 -12.65 -28.35 45.01
CA GLN E 350 -13.56 -29.15 45.83
C GLN E 350 -14.66 -29.78 44.97
N ARG E 351 -15.17 -29.07 43.96
CA ARG E 351 -16.13 -29.67 43.03
C ARG E 351 -15.60 -30.99 42.44
N PHE E 352 -14.34 -30.94 41.98
CA PHE E 352 -13.64 -32.11 41.47
C PHE E 352 -13.59 -33.23 42.50
N ILE E 353 -13.17 -32.92 43.72
CA ILE E 353 -13.04 -33.95 44.75
C ILE E 353 -14.38 -34.52 45.21
N ASP E 354 -15.38 -33.68 45.35
CA ASP E 354 -16.72 -34.11 45.80
C ASP E 354 -17.41 -35.03 44.80
N ASN E 355 -16.98 -34.98 43.55
CA ASN E 355 -17.56 -35.82 42.52
C ASN E 355 -16.58 -36.84 41.91
N LEU E 356 -15.49 -37.09 42.63
CA LEU E 356 -14.41 -37.87 42.08
C LEU E 356 -14.82 -39.26 41.56
N PRO E 357 -15.76 -39.97 42.23
CA PRO E 357 -16.17 -41.24 41.63
C PRO E 357 -16.74 -41.15 40.20
N ALA E 358 -17.59 -40.17 39.89
CA ALA E 358 -18.19 -40.09 38.56
C ALA E 358 -17.24 -39.44 37.56
N ILE E 359 -16.42 -38.50 38.05
CA ILE E 359 -15.43 -37.86 37.20
C ILE E 359 -14.39 -38.90 36.83
N PHE E 360 -14.14 -39.82 37.73
CA PHE E 360 -13.21 -40.93 37.47
C PHE E 360 -13.80 -41.97 36.52
N ALA E 361 -15.07 -42.30 36.71
CA ALA E 361 -15.77 -43.14 35.74
C ALA E 361 -15.85 -42.50 34.35
N GLY E 362 -15.70 -41.17 34.30
CA GLY E 362 -15.75 -40.43 33.06
C GLY E 362 -17.15 -40.13 32.59
N THR E 363 -18.12 -40.20 33.50
CA THR E 363 -19.53 -40.13 33.11
C THR E 363 -20.23 -38.87 33.60
N PHE E 364 -19.64 -38.23 34.62
CA PHE E 364 -20.20 -37.03 35.29
C PHE E 364 -20.73 -35.98 34.31
N ASN E 365 -22.04 -35.84 34.22
CA ASN E 365 -22.65 -35.02 33.15
C ASN E 365 -22.73 -33.52 33.43
N HIS E 366 -21.69 -32.96 34.05
CA HIS E 366 -21.66 -31.54 34.44
C HIS E 366 -20.28 -30.96 34.39
N ALA E 367 -20.18 -29.65 34.27
CA ALA E 367 -18.93 -28.94 34.45
C ALA E 367 -18.71 -28.72 35.93
N LEU E 368 -17.48 -28.44 36.34
CA LEU E 368 -17.28 -28.11 37.75
C LEU E 368 -17.89 -26.73 38.07
N LEU E 369 -17.77 -25.76 37.15
CA LEU E 369 -18.28 -24.43 37.41
C LEU E 369 -19.58 -24.17 36.68
N GLU E 370 -20.28 -25.21 36.26
CA GLU E 370 -21.64 -25.07 35.75
C GLU E 370 -22.58 -25.40 36.91
N ASP E 371 -23.40 -24.43 37.32
CA ASP E 371 -23.99 -24.50 38.63
C ASP E 371 -25.07 -23.44 38.89
N ALA E 372 -25.78 -23.63 39.99
CA ALA E 372 -26.57 -22.58 40.58
C ALA E 372 -25.70 -21.87 41.60
N SER E 373 -24.42 -22.23 41.58
CA SER E 373 -23.41 -21.63 42.45
C SER E 373 -23.30 -20.12 42.21
N GLU E 374 -22.97 -19.36 43.25
CA GLU E 374 -22.68 -17.94 43.07
C GLU E 374 -21.45 -17.76 42.17
N CYS E 375 -20.48 -18.67 42.30
CA CYS E 375 -19.25 -18.67 41.50
C CYS E 375 -19.60 -18.74 40.02
N SER E 376 -20.40 -19.73 39.69
CA SER E 376 -20.87 -19.90 38.33
C SER E 376 -21.55 -18.63 37.83
N ASP E 377 -22.47 -18.10 38.63
CA ASP E 377 -23.17 -16.87 38.29
C ASP E 377 -22.21 -15.71 38.01
N LEU E 378 -21.10 -15.66 38.73
CA LEU E 378 -20.08 -14.62 38.53
C LEU E 378 -19.41 -14.77 37.17
N LEU E 379 -19.02 -16.00 36.82
CA LEU E 379 -18.48 -16.24 35.48
C LEU E 379 -19.49 -15.84 34.40
N LYS E 380 -20.75 -16.24 34.56
CA LYS E 380 -21.82 -15.89 33.62
C LYS E 380 -21.98 -14.39 33.50
N LEU E 381 -21.79 -13.68 34.61
CA LEU E 381 -21.84 -12.21 34.64
C LEU E 381 -20.79 -11.60 33.74
N TYR E 382 -19.51 -11.98 33.95
CA TYR E 382 -18.45 -11.55 33.04
C TYR E 382 -18.81 -11.86 31.57
N LYS E 383 -19.24 -13.11 31.31
CA LYS E 383 -19.48 -13.55 29.93
C LYS E 383 -20.52 -12.67 29.29
N ASN E 384 -21.64 -12.46 29.99
CA ASN E 384 -22.71 -11.58 29.51
C ASN E 384 -22.23 -10.18 29.17
N VAL E 385 -21.53 -9.54 30.10
CA VAL E 385 -20.98 -8.22 29.80
C VAL E 385 -20.05 -8.21 28.57
N ALA E 386 -19.20 -9.22 28.40
CA ALA E 386 -18.37 -9.28 27.18
C ALA E 386 -19.21 -9.46 25.92
N VAL E 387 -20.05 -10.48 25.90
CA VAL E 387 -20.94 -10.74 24.77
C VAL E 387 -21.73 -9.48 24.35
N LYS E 388 -22.34 -8.80 25.31
CA LYS E 388 -23.12 -7.62 24.98
C LYS E 388 -22.25 -6.45 24.52
N HIS E 389 -21.16 -6.15 25.22
CA HIS E 389 -20.45 -4.90 24.94
C HIS E 389 -19.04 -5.04 24.35
N VAL E 390 -18.60 -6.24 23.99
CA VAL E 390 -17.26 -6.40 23.43
C VAL E 390 -17.33 -7.13 22.09
N PHE E 391 -17.90 -8.33 22.10
CA PHE E 391 -18.02 -9.14 20.89
C PHE E 391 -19.01 -8.54 19.87
N SER E 392 -19.66 -7.45 20.26
CA SER E 392 -20.62 -6.80 19.39
C SER E 392 -20.03 -5.53 18.80
N HIS E 393 -18.80 -5.23 19.20
CA HIS E 393 -18.10 -4.06 18.66
C HIS E 393 -17.88 -4.24 17.16
N PRO E 394 -18.20 -3.20 16.39
CA PRO E 394 -18.21 -3.20 14.93
C PRO E 394 -16.93 -3.71 14.30
N ASP E 395 -15.78 -3.50 14.94
CA ASP E 395 -14.49 -3.95 14.42
C ASP E 395 -14.31 -5.47 14.49
N VAL E 396 -14.68 -6.01 15.63
CA VAL E 396 -14.69 -7.45 15.83
C VAL E 396 -15.66 -8.12 14.83
N GLU E 397 -16.86 -7.55 14.65
CA GLU E 397 -17.84 -8.13 13.75
C GLU E 397 -17.34 -8.08 12.30
N ARG E 398 -16.67 -6.99 11.93
CA ARG E 398 -16.06 -6.87 10.61
C ARG E 398 -15.11 -8.00 10.37
N LEU E 399 -14.16 -8.15 11.30
CA LEU E 399 -13.18 -9.20 11.21
C LEU E 399 -13.78 -10.60 11.08
N GLU E 400 -14.87 -10.86 11.79
CA GLU E 400 -15.56 -12.15 11.67
C GLU E 400 -16.12 -12.35 10.24
N LEU E 401 -16.80 -11.34 9.70
CA LEU E 401 -17.27 -11.41 8.31
C LEU E 401 -16.13 -11.62 7.30
N GLN E 402 -15.05 -10.86 7.46
CA GLN E 402 -13.87 -10.96 6.60
C GLN E 402 -13.30 -12.39 6.62
N GLY E 403 -13.02 -12.89 7.81
CA GLY E 403 -12.53 -14.24 7.94
C GLY E 403 -13.40 -15.28 7.27
N TYR E 404 -14.71 -15.17 7.47
CA TYR E 404 -15.63 -16.05 6.76
C TYR E 404 -15.44 -15.97 5.24
N ARG E 405 -15.26 -14.74 4.68
CA ARG E 405 -15.04 -14.67 3.24
C ARG E 405 -13.70 -15.32 2.85
N VAL E 406 -12.62 -14.96 3.53
CA VAL E 406 -11.32 -15.55 3.28
C VAL E 406 -11.33 -17.10 3.26
N ILE E 407 -11.92 -17.73 4.26
CA ILE E 407 -11.91 -19.20 4.32
C ILE E 407 -12.84 -19.80 3.26
N SER E 408 -13.99 -19.17 3.04
CA SER E 408 -14.89 -19.61 1.96
C SER E 408 -14.21 -19.54 0.59
N GLY E 409 -13.40 -18.51 0.42
CA GLY E 409 -12.69 -18.27 -0.81
C GLY E 409 -11.55 -19.21 -1.05
N LEU E 410 -10.74 -19.49 -0.03
CA LEU E 410 -9.68 -20.49 -0.18
C LEU E 410 -10.32 -21.82 -0.54
N LEU E 411 -11.42 -22.17 0.12
CA LEU E 411 -12.10 -23.42 -0.24
C LEU E 411 -12.54 -23.43 -1.71
N GLU E 412 -13.04 -22.30 -2.20
CA GLU E 412 -13.46 -22.23 -3.60
C GLU E 412 -12.27 -22.36 -4.57
N ILE E 413 -11.14 -21.74 -4.21
CA ILE E 413 -9.91 -21.84 -4.99
C ILE E 413 -9.41 -23.29 -5.11
N TYR E 414 -9.43 -24.04 -4.00
CA TYR E 414 -8.91 -25.39 -4.08
C TYR E 414 -9.96 -26.40 -4.53
N ARG E 415 -11.19 -25.94 -4.73
CA ARG E 415 -12.28 -26.84 -5.20
C ARG E 415 -11.94 -27.75 -6.41
N PRO E 416 -11.18 -27.26 -7.42
CA PRO E 416 -10.75 -28.10 -8.55
C PRO E 416 -10.21 -29.49 -8.17
N LEU E 417 -9.53 -29.58 -7.02
CA LEU E 417 -9.03 -30.85 -6.54
C LEU E 417 -10.15 -31.79 -6.12
N LEU E 418 -11.19 -31.25 -5.48
CA LEU E 418 -12.32 -32.07 -5.05
C LEU E 418 -13.19 -32.41 -6.25
N SER E 419 -12.96 -31.71 -7.35
CA SER E 419 -13.78 -31.95 -8.54
C SER E 419 -13.24 -33.05 -9.43
N LEU E 420 -11.94 -33.36 -9.33
CA LEU E 420 -11.34 -34.44 -10.13
C LEU E 420 -11.99 -35.79 -9.82
N SER E 421 -11.84 -36.73 -10.75
CA SER E 421 -12.31 -38.09 -10.53
C SER E 421 -11.30 -38.89 -9.70
N LEU E 422 -11.69 -40.09 -9.28
CA LEU E 422 -10.83 -40.91 -8.44
C LEU E 422 -9.53 -41.22 -9.14
N SER E 423 -9.65 -41.69 -10.39
CA SER E 423 -8.49 -42.02 -11.20
C SER E 423 -7.60 -40.82 -11.46
N ASP E 424 -8.21 -39.69 -11.79
CA ASP E 424 -7.48 -38.46 -12.11
C ASP E 424 -6.71 -37.94 -10.91
N PHE E 425 -7.35 -37.92 -9.75
CA PHE E 425 -6.67 -37.44 -8.56
C PHE E 425 -5.57 -38.42 -8.19
N THR E 426 -5.84 -39.72 -8.31
CA THR E 426 -4.83 -40.72 -7.94
C THR E 426 -3.60 -40.55 -8.81
N GLU E 427 -3.85 -40.31 -10.09
CA GLU E 427 -2.81 -40.03 -11.07
C GLU E 427 -2.01 -38.80 -10.65
N LEU E 428 -2.71 -37.78 -10.20
CA LEU E 428 -2.06 -36.57 -9.71
C LEU E 428 -1.15 -36.84 -8.50
N VAL E 429 -1.58 -37.73 -7.60
CA VAL E 429 -0.81 -38.02 -6.40
C VAL E 429 0.44 -38.80 -6.75
N GLU E 430 0.29 -39.77 -7.66
CA GLU E 430 1.38 -40.68 -8.05
C GLU E 430 2.41 -40.06 -8.99
N LYS E 431 1.96 -39.52 -10.12
CA LYS E 431 2.84 -38.88 -11.11
C LYS E 431 3.44 -37.53 -10.68
N GLU E 432 2.81 -36.88 -9.70
CA GLU E 432 3.20 -35.57 -9.16
C GLU E 432 2.80 -34.39 -10.09
N ARG E 433 3.48 -34.27 -11.23
CA ARG E 433 3.16 -33.23 -12.21
C ARG E 433 2.45 -33.83 -13.43
N VAL E 434 1.13 -33.63 -13.52
CA VAL E 434 0.34 -34.14 -14.65
C VAL E 434 0.16 -33.11 -15.77
N LYS E 435 0.32 -33.54 -17.02
CA LYS E 435 0.37 -32.61 -18.15
C LYS E 435 -0.98 -31.97 -18.47
N ARG E 436 -2.06 -32.73 -18.39
CA ARG E 436 -3.36 -32.17 -18.76
C ARG E 436 -4.10 -31.51 -17.58
N PHE E 437 -3.44 -31.41 -16.44
CA PHE E 437 -3.98 -30.72 -15.27
C PHE E 437 -2.95 -29.78 -14.67
N PRO E 438 -2.62 -28.69 -15.38
CA PRO E 438 -1.60 -27.73 -14.91
C PRO E 438 -1.99 -27.06 -13.59
N ILE E 439 -3.24 -26.61 -13.56
CA ILE E 439 -3.78 -25.89 -12.42
C ILE E 439 -3.86 -26.80 -11.21
N GLU E 440 -4.61 -27.90 -11.34
CA GLU E 440 -4.74 -28.84 -10.26
C GLU E 440 -3.39 -29.32 -9.73
N SER E 441 -2.44 -29.58 -10.64
CA SER E 441 -1.07 -29.92 -10.24
C SER E 441 -0.46 -28.91 -9.30
N ARG E 442 -0.45 -27.64 -9.73
CA ARG E 442 0.16 -26.61 -8.86
C ARG E 442 -0.59 -26.38 -7.55
N LEU E 443 -1.92 -26.49 -7.60
CA LEU E 443 -2.75 -26.42 -6.40
C LEU E 443 -2.36 -27.52 -5.42
N PHE E 444 -2.21 -28.71 -5.95
CA PHE E 444 -1.83 -29.88 -5.16
C PHE E 444 -0.47 -29.67 -4.50
N HIS E 445 0.52 -29.21 -5.26
CA HIS E 445 1.83 -28.99 -4.64
C HIS E 445 1.77 -27.91 -3.57
N LYS E 446 0.74 -27.06 -3.61
CA LYS E 446 0.68 -26.01 -2.61
C LYS E 446 0.27 -26.57 -1.21
N LEU E 447 -0.53 -27.63 -1.18
CA LEU E 447 -0.83 -28.36 0.08
C LEU E 447 0.43 -28.81 0.79
N SER E 448 0.38 -28.88 2.11
CA SER E 448 1.56 -29.21 2.92
C SER E 448 1.99 -30.66 2.78
N THR E 449 3.30 -30.88 2.96
CA THR E 449 3.84 -32.23 2.85
C THR E 449 3.21 -33.19 3.87
N ARG E 450 3.19 -32.78 5.15
CA ARG E 450 2.63 -33.63 6.19
C ARG E 450 1.19 -34.06 5.88
N HIS E 451 0.41 -33.13 5.32
CA HIS E 451 -0.99 -33.38 4.99
C HIS E 451 -1.14 -34.41 3.89
N ARG E 452 -0.36 -34.22 2.82
CA ARG E 452 -0.38 -35.14 1.70
C ARG E 452 0.11 -36.53 2.12
N LEU E 453 1.12 -36.59 3.00
CA LEU E 453 1.58 -37.88 3.53
C LEU E 453 0.46 -38.56 4.26
N ALA E 454 -0.28 -37.79 5.06
CA ALA E 454 -1.39 -38.37 5.83
C ALA E 454 -2.44 -38.94 4.89
N TYR E 455 -2.64 -38.26 3.76
CA TYR E 455 -3.62 -38.73 2.77
C TYR E 455 -3.16 -40.05 2.18
N VAL E 456 -1.92 -40.05 1.71
CA VAL E 456 -1.35 -41.24 1.10
C VAL E 456 -1.40 -42.43 2.06
N GLU E 457 -0.98 -42.21 3.32
CA GLU E 457 -0.97 -43.27 4.32
C GLU E 457 -2.38 -43.80 4.55
N ALA E 458 -3.34 -42.90 4.70
CA ALA E 458 -4.71 -43.31 4.98
C ALA E 458 -5.28 -44.16 3.86
N VAL E 459 -5.06 -43.71 2.62
CA VAL E 459 -5.65 -44.36 1.45
C VAL E 459 -4.98 -45.69 1.15
N SER E 460 -3.67 -45.75 1.36
CA SER E 460 -2.91 -46.98 1.16
C SER E 460 -3.39 -48.13 2.06
N LYS E 461 -3.92 -47.82 3.25
CA LYS E 461 -4.41 -48.86 4.17
C LYS E 461 -5.80 -49.40 3.78
N LEU E 462 -6.38 -48.89 2.69
CA LEU E 462 -7.69 -49.34 2.26
C LEU E 462 -7.60 -50.40 1.19
N PRO E 463 -8.53 -51.37 1.23
CA PRO E 463 -8.70 -52.39 0.16
C PRO E 463 -9.24 -51.77 -1.14
N SER E 464 -8.41 -51.70 -2.17
CA SER E 464 -8.74 -50.90 -3.36
C SER E 464 -9.84 -51.50 -4.24
N ASP E 465 -10.19 -52.76 -4.00
CA ASP E 465 -11.21 -53.41 -4.80
C ASP E 465 -12.56 -53.40 -4.09
N SER E 466 -12.57 -52.99 -2.83
CA SER E 466 -13.80 -52.86 -2.04
C SER E 466 -14.74 -51.81 -2.68
N PRO E 467 -16.06 -52.02 -2.56
CA PRO E 467 -16.98 -51.02 -3.11
C PRO E 467 -16.99 -49.74 -2.26
N GLU E 468 -16.42 -49.83 -1.06
CA GLU E 468 -16.29 -48.69 -0.17
C GLU E 468 -15.17 -47.74 -0.60
N PHE E 469 -14.23 -48.23 -1.41
CA PHE E 469 -12.99 -47.51 -1.65
C PHE E 469 -13.17 -46.08 -2.19
N PRO E 470 -13.98 -45.92 -3.24
CA PRO E 470 -14.14 -44.53 -3.73
C PRO E 470 -14.70 -43.55 -2.68
N LEU E 471 -15.63 -44.01 -1.83
CA LEU E 471 -16.16 -43.20 -0.75
C LEU E 471 -15.07 -42.81 0.23
N TRP E 472 -14.34 -43.80 0.74
CA TRP E 472 -13.28 -43.53 1.70
C TRP E 472 -12.25 -42.59 1.12
N GLU E 473 -12.00 -42.70 -0.18
CA GLU E 473 -11.00 -41.86 -0.80
C GLU E 473 -11.51 -40.43 -0.87
N TYR E 474 -12.78 -40.24 -1.27
CA TYR E 474 -13.33 -38.88 -1.29
C TYR E 474 -13.30 -38.25 0.10
N TYR E 475 -13.68 -39.05 1.10
CA TYR E 475 -13.59 -38.64 2.48
C TYR E 475 -12.18 -38.13 2.81
N TYR E 476 -11.18 -38.98 2.61
CA TYR E 476 -9.83 -38.59 3.00
C TYR E 476 -9.30 -37.42 2.18
N ARG E 477 -9.86 -37.20 0.99
CA ARG E 477 -9.48 -36.06 0.16
C ARG E 477 -10.04 -34.73 0.70
N CYS E 478 -11.32 -34.74 1.05
CA CYS E 478 -11.92 -33.60 1.73
C CYS E 478 -11.19 -33.31 3.06
N ARG E 479 -10.87 -34.39 3.74
CA ARG E 479 -10.18 -34.34 5.00
C ARG E 479 -8.81 -33.66 4.75
N LEU E 480 -8.16 -33.97 3.63
CA LEU E 480 -6.88 -33.33 3.24
C LEU E 480 -7.02 -31.82 3.09
N LEU E 481 -8.11 -31.41 2.42
CA LEU E 481 -8.34 -29.99 2.18
C LEU E 481 -8.64 -29.22 3.49
N GLN E 482 -9.50 -29.79 4.32
CA GLN E 482 -9.78 -29.20 5.61
C GLN E 482 -8.52 -29.15 6.50
N ASP E 483 -7.67 -30.17 6.39
CA ASP E 483 -6.41 -30.21 7.13
C ASP E 483 -5.61 -28.98 6.76
N TYR E 484 -5.43 -28.83 5.44
CA TYR E 484 -4.62 -27.74 4.91
C TYR E 484 -5.14 -26.38 5.33
N ILE E 485 -6.44 -26.14 5.12
CA ILE E 485 -7.01 -24.81 5.43
C ILE E 485 -6.99 -24.51 6.93
N SER E 486 -7.36 -25.49 7.76
CA SER E 486 -7.47 -25.23 9.20
C SER E 486 -6.10 -25.15 9.85
N GLY E 487 -5.09 -25.53 9.11
CA GLY E 487 -3.73 -25.42 9.61
C GLY E 487 -3.07 -24.07 9.49
N MET E 488 -3.73 -23.14 8.80
CA MET E 488 -3.17 -21.82 8.57
C MET E 488 -3.36 -20.88 9.73
N THR E 489 -2.45 -19.94 9.90
CA THR E 489 -2.70 -18.83 10.81
C THR E 489 -3.62 -17.84 10.10
N ASP E 490 -4.19 -16.91 10.87
CA ASP E 490 -5.13 -15.95 10.33
C ASP E 490 -4.48 -15.15 9.23
N LEU E 491 -3.30 -14.61 9.53
CA LEU E 491 -2.54 -13.81 8.57
C LEU E 491 -2.18 -14.59 7.32
N TYR E 492 -1.72 -15.82 7.50
CA TYR E 492 -1.29 -16.61 6.36
C TYR E 492 -2.47 -16.89 5.46
N ALA E 493 -3.57 -17.40 6.05
CA ALA E 493 -4.78 -17.66 5.28
C ALA E 493 -5.21 -16.43 4.50
N TRP E 494 -5.17 -15.28 5.16
CA TRP E 494 -5.59 -14.04 4.53
C TRP E 494 -4.70 -13.70 3.34
N ASP E 495 -3.38 -13.64 3.56
CA ASP E 495 -2.41 -13.46 2.50
C ASP E 495 -2.57 -14.44 1.33
N GLU E 496 -2.70 -15.71 1.63
CA GLU E 496 -2.87 -16.71 0.58
C GLU E 496 -4.08 -16.39 -0.25
N TYR E 497 -5.20 -16.08 0.41
CA TYR E 497 -6.41 -15.68 -0.31
C TYR E 497 -6.17 -14.43 -1.18
N ARG E 498 -5.50 -13.41 -0.65
CA ARG E 498 -5.20 -12.22 -1.42
C ARG E 498 -4.30 -12.51 -2.65
N ARG E 499 -3.27 -13.33 -2.49
CA ARG E 499 -2.32 -13.63 -3.57
C ARG E 499 -2.93 -14.56 -4.63
N LEU E 500 -3.63 -15.60 -4.18
CA LEU E 500 -4.24 -16.52 -5.11
C LEU E 500 -5.36 -15.86 -5.91
N MET E 501 -5.90 -14.77 -5.37
CA MET E 501 -6.95 -13.98 -6.02
C MET E 501 -6.36 -12.94 -6.96
N ALA E 502 -5.04 -12.84 -6.93
CA ALA E 502 -4.27 -11.94 -7.78
C ALA E 502 -4.55 -10.48 -7.43
N VAL E 503 -4.85 -10.28 -6.16
CA VAL E 503 -5.12 -8.96 -5.66
C VAL E 503 -3.82 -8.31 -5.19
N GLU E 504 -2.91 -9.11 -4.66
CA GLU E 504 -1.52 -8.68 -4.52
C GLU E 504 -0.58 -9.73 -5.16
N GLN E 505 0.71 -9.38 -5.31
CA GLN E 505 1.69 -10.27 -5.94
C GLN E 505 2.19 -11.37 -4.99
N ALA F 2 28.39 -28.85 53.33
CA ALA F 2 28.35 -28.03 54.54
C ALA F 2 28.20 -26.54 54.19
N GLN F 3 27.85 -25.74 55.20
CA GLN F 3 27.67 -24.28 55.11
C GLN F 3 26.69 -23.89 53.98
N ILE F 4 25.59 -24.62 53.90
CA ILE F 4 24.62 -24.41 52.81
C ILE F 4 23.18 -24.55 53.30
N ASP F 5 22.48 -23.41 53.35
CA ASP F 5 21.08 -23.35 53.80
C ASP F 5 20.22 -22.59 52.81
N PHE F 6 19.46 -23.31 51.99
CA PHE F 6 18.67 -22.67 50.95
C PHE F 6 17.47 -21.90 51.53
N ARG F 7 17.11 -22.17 52.77
CA ARG F 7 16.04 -21.40 53.41
C ARG F 7 16.49 -19.95 53.53
N LYS F 8 17.80 -19.73 53.59
CA LYS F 8 18.36 -18.39 53.66
C LYS F 8 18.57 -17.73 52.28
N LYS F 9 18.21 -18.42 51.19
CA LYS F 9 18.34 -17.86 49.84
C LYS F 9 17.00 -17.76 49.14
N ILE F 10 16.13 -18.75 49.34
CA ILE F 10 14.79 -18.71 48.77
C ILE F 10 13.93 -17.81 49.64
N ASN F 11 14.20 -16.51 49.56
CA ASN F 11 13.47 -15.49 50.31
C ASN F 11 12.08 -15.19 49.74
N TRP F 12 11.03 -15.50 50.51
CA TRP F 12 9.67 -15.33 50.02
C TRP F 12 9.01 -14.03 50.47
N HIS F 13 9.81 -13.09 50.97
CA HIS F 13 9.33 -11.77 51.34
C HIS F 13 9.26 -10.84 50.14
N ARG F 14 8.48 -9.77 50.28
CA ARG F 14 8.36 -8.79 49.21
C ARG F 14 8.84 -7.41 49.66
N ARG F 15 8.93 -6.49 48.70
CA ARG F 15 9.34 -5.12 48.97
C ARG F 15 8.23 -4.36 49.66
N TYR F 16 7.04 -4.41 49.08
CA TYR F 16 5.86 -3.74 49.61
C TYR F 16 4.85 -4.78 50.11
N ARG F 17 4.16 -4.42 51.19
CA ARG F 17 3.09 -5.21 51.81
C ARG F 17 3.46 -6.69 51.81
N SER F 18 4.62 -6.98 52.40
CA SER F 18 5.17 -8.33 52.40
C SER F 18 4.40 -9.27 53.32
N PRO F 19 4.22 -10.53 52.90
CA PRO F 19 3.76 -11.58 53.83
C PRO F 19 4.72 -11.66 55.01
N GLN F 20 4.22 -11.96 56.21
CA GLN F 20 5.08 -11.86 57.38
C GLN F 20 5.06 -13.07 58.32
N GLY F 21 6.21 -13.36 58.92
CA GLY F 21 6.28 -14.31 60.02
C GLY F 21 6.64 -15.73 59.62
N VAL F 22 5.98 -16.68 60.27
CA VAL F 22 6.25 -18.09 60.05
C VAL F 22 5.21 -18.71 59.11
N LYS F 23 5.65 -19.13 57.93
CA LYS F 23 4.72 -19.69 56.96
C LYS F 23 4.94 -21.20 56.84
N THR F 24 3.86 -21.92 56.50
CA THR F 24 3.95 -23.36 56.27
C THR F 24 4.52 -23.62 54.88
N GLU F 25 4.81 -24.88 54.56
CA GLU F 25 5.30 -25.21 53.23
C GLU F 25 4.28 -24.78 52.17
N HIS F 26 3.02 -25.16 52.39
CA HIS F 26 1.92 -24.84 51.49
C HIS F 26 1.75 -23.32 51.26
N GLU F 27 1.84 -22.53 52.32
CA GLU F 27 1.64 -21.09 52.20
C GLU F 27 2.76 -20.43 51.39
N ILE F 28 3.97 -20.95 51.55
CA ILE F 28 5.11 -20.50 50.75
C ILE F 28 4.94 -20.87 49.27
N LEU F 29 4.50 -22.11 49.03
CA LEU F 29 4.15 -22.53 47.69
C LEU F 29 3.17 -21.52 47.06
N ARG F 30 2.09 -21.22 47.77
CA ARG F 30 1.12 -20.24 47.23
C ARG F 30 1.72 -18.85 46.97
N ILE F 31 2.62 -18.40 47.84
CA ILE F 31 3.34 -17.15 47.57
C ILE F 31 4.03 -17.19 46.21
N PHE F 32 4.79 -18.27 45.93
CA PHE F 32 5.50 -18.35 44.66
C PHE F 32 4.58 -18.57 43.44
N GLU F 33 3.45 -19.23 43.63
CA GLU F 33 2.48 -19.34 42.56
C GLU F 33 1.92 -17.95 42.22
N SER F 34 1.66 -17.14 43.25
CA SER F 34 1.23 -15.77 43.00
C SER F 34 2.27 -15.01 42.17
N ASP F 35 3.54 -15.23 42.48
CA ASP F 35 4.58 -14.72 41.60
C ASP F 35 4.40 -15.14 40.13
N ARG F 36 4.10 -16.42 39.93
CA ARG F 36 3.97 -16.92 38.56
C ARG F 36 2.86 -16.20 37.84
N GLY F 37 1.65 -16.20 38.42
CA GLY F 37 0.52 -15.58 37.77
C GLY F 37 0.76 -14.10 37.52
N ARG F 38 1.49 -13.50 38.45
CA ARG F 38 1.84 -12.11 38.32
C ARG F 38 2.66 -11.86 37.07
N ILE F 39 3.61 -12.77 36.80
CA ILE F 39 4.49 -12.65 35.64
C ILE F 39 3.78 -13.03 34.33
N ILE F 40 3.14 -14.19 34.31
CA ILE F 40 2.45 -14.69 33.13
C ILE F 40 1.40 -13.68 32.61
N ASN F 41 0.75 -12.96 33.51
CA ASN F 41 -0.29 -12.02 33.06
C ASN F 41 0.21 -10.60 32.80
N SER F 42 1.52 -10.44 32.79
CA SER F 42 2.12 -9.14 32.55
C SER F 42 2.11 -8.76 31.07
N PRO F 43 1.88 -7.47 30.79
CA PRO F 43 2.01 -6.92 29.44
C PRO F 43 3.40 -7.15 28.84
N ALA F 44 4.45 -7.12 29.67
CA ALA F 44 5.82 -7.37 29.23
C ALA F 44 6.04 -8.73 28.52
N ILE F 45 5.36 -9.77 29.00
CA ILE F 45 5.42 -11.09 28.36
C ILE F 45 4.77 -11.10 26.95
N ARG F 46 3.55 -10.59 26.85
CA ARG F 46 2.91 -10.51 25.54
C ARG F 46 3.76 -9.65 24.54
N ARG F 47 4.28 -8.56 25.06
CA ARG F 47 5.16 -7.78 24.25
C ARG F 47 6.34 -8.63 23.76
N LEU F 48 6.79 -9.60 24.56
CA LEU F 48 7.75 -10.56 24.02
C LEU F 48 7.19 -11.25 22.76
N GLN F 49 5.91 -11.54 22.72
CA GLN F 49 5.48 -12.25 21.49
C GLN F 49 5.54 -11.35 20.28
N GLN F 50 5.72 -10.05 20.48
CA GLN F 50 6.01 -9.27 19.25
C GLN F 50 7.44 -8.73 19.03
N LYS F 51 8.42 -9.29 19.71
CA LYS F 51 9.83 -8.94 19.51
C LYS F 51 10.56 -10.12 18.83
N THR F 52 11.44 -9.83 17.87
CA THR F 52 12.01 -10.90 17.04
C THR F 52 13.25 -11.54 17.66
N GLN F 53 13.45 -12.81 17.29
CA GLN F 53 14.59 -13.58 17.80
C GLN F 53 15.82 -13.39 16.89
N VAL F 54 15.71 -13.86 15.65
CA VAL F 54 16.75 -13.63 14.65
C VAL F 54 16.18 -13.07 13.36
N PHE F 55 15.15 -13.74 12.84
CA PHE F 55 14.53 -13.35 11.58
C PHE F 55 13.35 -12.40 11.82
N PRO F 56 13.01 -11.58 10.80
CA PRO F 56 11.81 -10.73 10.87
C PRO F 56 10.53 -11.57 11.07
N LEU F 57 9.44 -10.97 11.49
CA LEU F 57 8.23 -11.74 11.79
C LEU F 57 7.40 -12.05 10.52
N GLU F 58 7.44 -13.29 10.05
CA GLU F 58 6.95 -13.59 8.69
C GLU F 58 5.55 -14.21 8.63
N ALA F 62 6.29 -20.10 10.77
CA ALA F 62 6.23 -20.51 12.17
C ALA F 62 7.56 -20.25 12.89
N VAL F 63 8.11 -19.06 12.70
CA VAL F 63 9.45 -18.73 13.20
C VAL F 63 9.40 -18.25 14.66
N ARG F 64 10.49 -18.39 15.38
CA ARG F 64 10.48 -18.03 16.78
C ARG F 64 10.39 -16.54 17.00
N THR F 65 9.62 -16.21 18.02
CA THR F 65 9.64 -14.89 18.59
C THR F 65 10.35 -14.98 19.94
N ARG F 66 10.66 -13.85 20.56
CA ARG F 66 11.30 -13.88 21.88
C ARG F 66 10.45 -14.65 22.89
N LEU F 67 9.14 -14.64 22.72
CA LEU F 67 8.24 -15.39 23.61
C LEU F 67 8.41 -16.91 23.48
N THR F 68 8.25 -17.45 22.26
CA THR F 68 8.33 -18.89 22.10
C THR F 68 9.73 -19.41 22.45
N HIS F 69 10.75 -18.62 22.14
CA HIS F 69 12.08 -18.91 22.63
C HIS F 69 12.10 -19.01 24.13
N SER F 70 11.51 -18.02 24.79
CA SER F 70 11.50 -18.01 26.25
C SER F 70 10.76 -19.22 26.83
N MET F 71 9.76 -19.72 26.14
CA MET F 71 9.07 -20.95 26.54
C MET F 71 9.98 -22.17 26.46
N GLU F 72 10.70 -22.27 25.34
CA GLU F 72 11.68 -23.33 25.12
C GLU F 72 12.78 -23.29 26.22
N VAL F 73 13.34 -22.11 26.43
CA VAL F 73 14.37 -21.91 27.44
C VAL F 73 13.85 -22.33 28.78
N GLN F 74 12.61 -21.95 29.04
CA GLN F 74 11.95 -22.30 30.29
C GLN F 74 11.83 -23.80 30.51
N GLN F 75 11.54 -24.55 29.45
CA GLN F 75 11.49 -26.02 29.62
C GLN F 75 12.87 -26.60 29.92
N VAL F 76 13.90 -26.07 29.25
CA VAL F 76 15.25 -26.55 29.53
C VAL F 76 15.60 -26.24 30.99
N GLY F 77 15.24 -25.04 31.44
CA GLY F 77 15.46 -24.65 32.83
C GLY F 77 14.81 -25.61 33.81
N ARG F 78 13.55 -25.89 33.57
CA ARG F 78 12.80 -26.82 34.38
C ARG F 78 13.47 -28.18 34.47
N TYR F 79 13.89 -28.69 33.32
CA TYR F 79 14.59 -29.97 33.26
C TYR F 79 15.87 -29.93 34.11
N ILE F 80 16.75 -28.94 33.91
CA ILE F 80 17.97 -28.86 34.71
C ILE F 80 17.66 -28.80 36.21
N ALA F 81 16.64 -28.02 36.58
CA ALA F 81 16.25 -27.89 37.98
C ALA F 81 15.83 -29.23 38.56
N LYS F 82 14.92 -29.91 37.87
CA LYS F 82 14.47 -31.22 38.31
C LYS F 82 15.60 -32.25 38.41
N GLU F 83 16.57 -32.16 37.50
CA GLU F 83 17.76 -33.01 37.59
C GLU F 83 18.57 -32.72 38.85
N ILE F 84 18.77 -31.43 39.15
CA ILE F 84 19.49 -31.05 40.36
C ILE F 84 18.81 -31.53 41.64
N LEU F 85 17.50 -31.36 41.68
CA LEU F 85 16.74 -31.78 42.85
C LEU F 85 16.73 -33.30 43.02
N SER F 86 16.58 -34.01 41.91
CA SER F 86 16.54 -35.46 41.95
C SER F 86 17.92 -36.04 42.35
N ARG F 87 19.00 -35.45 41.85
CA ARG F 87 20.34 -35.93 42.15
C ARG F 87 20.66 -35.64 43.59
N LEU F 88 20.19 -34.52 44.10
CA LEU F 88 20.40 -34.21 45.51
C LEU F 88 19.61 -35.17 46.37
N LYS F 89 18.43 -35.56 45.91
CA LYS F 89 17.61 -36.53 46.63
C LYS F 89 18.29 -37.91 46.69
N GLU F 90 18.87 -38.35 45.56
CA GLU F 90 19.56 -39.63 45.55
C GLU F 90 20.86 -39.54 46.38
N LEU F 91 21.40 -38.34 46.56
CA LEU F 91 22.55 -38.17 47.45
C LEU F 91 22.13 -37.99 48.89
N LYS F 92 20.82 -38.02 49.13
CA LYS F 92 20.24 -37.81 50.45
C LYS F 92 20.73 -36.48 51.05
N LEU F 93 20.62 -35.41 50.28
CA LEU F 93 21.16 -34.12 50.70
C LEU F 93 20.17 -32.96 50.71
N LEU F 94 18.90 -33.22 50.39
CA LEU F 94 17.90 -32.16 50.38
C LEU F 94 17.78 -31.54 51.76
N GLU F 95 17.39 -32.35 52.74
CA GLU F 95 17.24 -31.89 54.11
C GLU F 95 18.51 -31.19 54.60
N ALA F 96 19.65 -31.79 54.30
CA ALA F 96 20.95 -31.22 54.64
C ALA F 96 21.15 -29.79 54.11
N TYR F 97 20.62 -29.50 52.94
CA TYR F 97 20.82 -28.19 52.30
C TYR F 97 19.63 -27.23 52.48
N GLY F 98 18.58 -27.67 53.16
CA GLY F 98 17.44 -26.83 53.46
C GLY F 98 16.37 -26.82 52.39
N LEU F 99 16.54 -27.67 51.38
CA LEU F 99 15.64 -27.71 50.24
C LEU F 99 14.45 -28.65 50.40
N ASP F 100 14.37 -29.36 51.52
CA ASP F 100 13.37 -30.44 51.66
C ASP F 100 11.95 -29.91 51.57
N GLU F 101 11.75 -28.62 51.85
CA GLU F 101 10.43 -28.03 51.75
C GLU F 101 10.35 -26.86 50.75
N LEU F 102 11.35 -26.78 49.87
CA LEU F 102 11.43 -25.67 48.92
C LEU F 102 11.59 -26.14 47.49
N THR F 103 11.26 -27.41 47.25
CA THR F 103 11.33 -28.01 45.92
C THR F 103 10.53 -27.20 44.86
N GLY F 104 9.26 -26.94 45.20
CA GLY F 104 8.36 -26.19 44.35
C GLY F 104 8.92 -24.85 43.96
N PRO F 105 9.19 -23.98 44.96
CA PRO F 105 9.80 -22.67 44.73
C PRO F 105 11.09 -22.73 43.93
N PHE F 106 11.93 -23.74 44.17
CA PHE F 106 13.20 -23.89 43.48
C PHE F 106 12.94 -23.98 41.98
N GLU F 107 12.19 -25.01 41.61
CA GLU F 107 11.88 -25.24 40.21
C GLU F 107 11.16 -24.03 39.60
N SER F 108 10.11 -23.55 40.28
CA SER F 108 9.31 -22.41 39.83
C SER F 108 10.12 -21.13 39.59
N ILE F 109 10.91 -20.70 40.57
CA ILE F 109 11.85 -19.59 40.36
C ILE F 109 12.75 -19.79 39.12
N VAL F 110 13.28 -21.01 38.92
CA VAL F 110 14.06 -21.20 37.69
C VAL F 110 13.17 -20.98 36.45
N GLU F 111 12.05 -21.69 36.35
CA GLU F 111 11.15 -21.54 35.20
C GLU F 111 10.77 -20.07 34.89
N MET F 112 10.42 -19.32 35.91
CA MET F 112 9.99 -17.95 35.72
C MET F 112 11.15 -17.03 35.37
N SER F 113 12.32 -17.29 35.96
CA SER F 113 13.48 -16.50 35.58
C SER F 113 13.78 -16.73 34.10
N CYS F 114 13.59 -17.95 33.65
CA CYS F 114 13.79 -18.27 32.24
C CYS F 114 12.80 -17.50 31.41
N LEU F 115 11.53 -17.59 31.79
CA LEU F 115 10.46 -16.93 31.06
C LEU F 115 10.69 -15.44 30.90
N MET F 116 11.42 -14.81 31.81
CA MET F 116 11.56 -13.38 31.64
C MET F 116 12.97 -12.80 31.68
N HIS F 117 13.95 -13.48 31.09
CA HIS F 117 15.29 -12.87 30.94
C HIS F 117 15.23 -11.83 29.81
N ASP F 118 14.43 -12.11 28.78
CA ASP F 118 14.38 -11.24 27.61
C ASP F 118 13.51 -9.99 27.82
N ILE F 119 12.93 -9.87 29.00
CA ILE F 119 11.86 -8.92 29.23
C ILE F 119 12.32 -7.46 29.02
N GLY F 120 13.60 -7.18 29.28
CA GLY F 120 14.08 -5.81 29.24
C GLY F 120 14.79 -5.40 27.95
N ASN F 121 14.89 -6.36 27.03
CA ASN F 121 15.47 -6.09 25.72
C ASN F 121 14.70 -5.05 24.88
N PRO F 122 15.44 -4.10 24.30
CA PRO F 122 14.88 -3.04 23.48
C PRO F 122 14.46 -3.56 22.12
N PRO F 123 13.68 -2.77 21.36
CA PRO F 123 13.34 -3.24 20.01
C PRO F 123 14.60 -3.45 19.20
N PHE F 124 14.63 -4.51 18.39
CA PHE F 124 15.75 -4.85 17.51
C PHE F 124 17.00 -5.30 18.29
N GLY F 125 16.82 -5.60 19.56
CA GLY F 125 17.83 -6.29 20.34
C GLY F 125 19.16 -5.58 20.43
N HIS F 126 20.23 -6.28 20.04
CA HIS F 126 21.59 -5.75 20.21
C HIS F 126 21.80 -4.47 19.45
N PHE F 127 20.99 -4.24 18.43
CA PHE F 127 21.10 -3.02 17.65
C PHE F 127 20.24 -1.91 18.19
N GLY F 128 19.14 -2.27 18.84
CA GLY F 128 18.40 -1.32 19.65
C GLY F 128 19.36 -0.77 20.68
N GLU F 129 20.03 -1.69 21.38
CA GLU F 129 21.02 -1.33 22.39
C GLU F 129 22.08 -0.44 21.77
N ALA F 130 22.64 -0.88 20.66
CA ALA F 130 23.73 -0.17 20.03
C ALA F 130 23.30 1.25 19.68
N ALA F 131 22.13 1.37 19.07
CA ALA F 131 21.54 2.65 18.74
C ALA F 131 21.42 3.58 19.96
N ILE F 132 20.75 3.11 21.01
CA ILE F 132 20.56 3.91 22.23
C ILE F 132 21.89 4.39 22.80
N ASN F 133 22.80 3.44 23.02
CA ASN F 133 24.06 3.75 23.64
C ASN F 133 24.88 4.69 22.80
N ASP F 134 24.84 4.51 21.48
CA ASP F 134 25.65 5.33 20.58
C ASP F 134 25.14 6.78 20.56
N TRP F 135 23.83 6.93 20.47
CA TRP F 135 23.20 8.25 20.55
C TRP F 135 23.59 8.99 21.84
N PHE F 136 23.34 8.34 22.98
CA PHE F 136 23.63 8.99 24.24
C PHE F 136 25.11 9.22 24.42
N ARG F 137 25.92 8.38 23.79
CA ARG F 137 27.37 8.48 23.90
C ARG F 137 27.83 9.70 23.12
N GLN F 138 27.12 9.98 22.04
CA GLN F 138 27.41 11.15 21.20
C GLN F 138 26.96 12.44 21.89
N ARG F 139 25.95 12.37 22.77
CA ARG F 139 25.56 13.55 23.57
C ARG F 139 26.43 13.77 24.82
N LEU F 140 26.85 12.68 25.49
CA LEU F 140 27.44 12.81 26.83
C LEU F 140 28.95 12.50 26.92
N HIS F 141 29.50 11.82 25.92
CA HIS F 141 30.95 11.50 25.84
C HIS F 141 31.59 11.08 27.15
N PRO F 142 31.16 9.93 27.69
CA PRO F 142 31.59 9.50 29.03
C PRO F 142 33.10 9.34 29.15
N GLU F 143 33.77 9.04 28.04
CA GLU F 143 35.22 8.89 28.02
C GLU F 143 35.93 10.15 28.50
N ASP F 144 35.31 11.30 28.29
CA ASP F 144 35.90 12.57 28.69
C ASP F 144 35.79 12.83 30.18
N ALA F 145 34.86 12.14 30.83
CA ALA F 145 34.76 12.25 32.28
C ALA F 145 35.67 11.23 32.97
N GLU F 146 36.60 10.64 32.21
CA GLU F 146 37.43 9.55 32.71
C GLU F 146 38.14 9.96 34.00
N SER F 147 38.72 11.16 34.01
CA SER F 147 39.35 11.73 35.21
C SER F 147 39.46 13.25 35.16
N GLN F 148 40.61 13.77 35.63
CA GLN F 148 40.84 15.21 35.86
C GLN F 148 40.25 16.13 34.77
N PRO F 149 39.16 16.86 35.13
CA PRO F 149 38.35 17.79 34.34
C PRO F 149 39.08 18.48 33.18
N LEU F 150 38.42 18.53 32.03
CA LEU F 150 39.03 19.03 30.81
C LEU F 150 38.31 20.29 30.31
N THR F 151 39.06 21.34 29.97
CA THR F 151 38.46 22.59 29.48
C THR F 151 37.90 22.43 28.06
N ASP F 152 37.87 21.20 27.58
CA ASP F 152 37.45 20.81 26.23
C ASP F 152 36.51 19.62 26.31
N ASP F 153 35.90 19.46 27.48
CA ASP F 153 34.92 18.42 27.78
C ASP F 153 33.79 18.42 26.75
N ARG F 154 33.74 17.37 25.92
CA ARG F 154 32.83 17.35 24.77
C ARG F 154 31.36 17.09 25.14
N CYS F 155 31.08 16.97 26.43
CA CYS F 155 29.69 16.78 26.88
C CYS F 155 28.86 17.98 26.47
N SER F 156 27.68 17.72 25.90
CA SER F 156 26.84 18.77 25.36
C SER F 156 25.82 19.28 26.38
N VAL F 157 25.71 18.57 27.50
CA VAL F 157 24.81 18.99 28.56
C VAL F 157 25.55 19.84 29.59
N ALA F 158 25.01 21.04 29.83
CA ALA F 158 25.64 22.03 30.71
C ALA F 158 25.99 21.47 32.08
N ALA F 159 24.99 20.93 32.76
CA ALA F 159 25.14 20.53 34.15
C ALA F 159 26.11 19.35 34.35
N LEU F 160 26.39 18.62 33.28
CA LEU F 160 27.13 17.38 33.41
C LEU F 160 28.62 17.45 33.04
N ARG F 161 29.07 18.57 32.47
CA ARG F 161 30.51 18.74 32.21
C ARG F 161 31.26 18.78 33.53
N LEU F 162 32.47 18.22 33.56
CA LEU F 162 33.27 18.18 34.78
C LEU F 162 33.89 19.55 35.10
N ARG F 163 33.44 20.19 36.17
CA ARG F 163 33.97 21.51 36.55
C ARG F 163 35.15 21.39 37.52
N ASP F 164 36.08 22.34 37.43
CA ASP F 164 37.31 22.27 38.21
C ASP F 164 37.07 22.59 39.69
N GLY F 165 37.52 21.68 40.56
CA GLY F 165 37.42 21.88 42.00
C GLY F 165 36.28 21.15 42.69
N GLU F 166 35.20 20.90 41.96
CA GLU F 166 33.98 20.29 42.51
C GLU F 166 33.98 18.75 42.49
N GLU F 167 34.81 18.11 43.32
CA GLU F 167 34.95 16.64 43.28
C GLU F 167 33.69 15.78 43.58
N PRO F 168 32.86 16.16 44.58
CA PRO F 168 31.69 15.28 44.82
C PRO F 168 30.72 15.29 43.65
N LEU F 169 30.44 16.51 43.19
CA LEU F 169 29.59 16.70 42.02
C LEU F 169 30.16 15.98 40.81
N ASN F 170 31.43 16.20 40.54
CA ASN F 170 32.12 15.52 39.44
C ASN F 170 31.94 14.01 39.50
N GLU F 171 31.99 13.47 40.71
CA GLU F 171 31.75 12.04 40.89
C GLU F 171 30.36 11.68 40.38
N LEU F 172 29.35 12.40 40.86
CA LEU F 172 27.99 12.11 40.42
C LEU F 172 27.84 12.25 38.89
N ARG F 173 28.61 13.17 38.31
CA ARG F 173 28.59 13.39 36.86
C ARG F 173 29.20 12.21 36.09
N ARG F 174 30.38 11.76 36.53
CA ARG F 174 30.99 10.55 35.98
C ARG F 174 30.01 9.39 35.94
N LYS F 175 29.46 9.09 37.12
CA LYS F 175 28.51 7.99 37.24
C LYS F 175 27.34 8.17 36.26
N ILE F 176 26.72 9.36 36.24
CA ILE F 176 25.56 9.55 35.37
C ILE F 176 25.92 9.37 33.90
N ARG F 177 26.96 10.05 33.42
CA ARG F 177 27.36 9.92 32.02
C ARG F 177 27.60 8.48 31.58
N GLN F 178 28.45 7.79 32.34
CA GLN F 178 28.73 6.39 32.05
C GLN F 178 27.45 5.53 32.07
N ASP F 179 26.68 5.64 33.16
CA ASP F 179 25.46 4.85 33.32
C ASP F 179 24.51 5.03 32.12
N LEU F 180 24.30 6.27 31.69
CA LEU F 180 23.37 6.54 30.60
C LEU F 180 23.87 5.99 29.28
N CYS F 181 25.18 5.86 29.12
CA CYS F 181 25.69 5.27 27.87
C CYS F 181 25.87 3.75 27.90
N HIS F 182 25.31 3.11 28.93
CA HIS F 182 25.42 1.66 29.03
C HIS F 182 24.06 1.01 29.26
N PHE F 183 23.11 1.36 28.40
CA PHE F 183 21.84 0.66 28.38
C PHE F 183 22.15 -0.81 28.15
N GLU F 184 21.39 -1.66 28.83
CA GLU F 184 21.62 -3.09 28.79
C GLU F 184 20.33 -3.80 29.11
N GLY F 185 19.97 -4.78 28.28
CA GLY F 185 18.73 -5.53 28.44
C GLY F 185 18.45 -6.03 29.85
N ASN F 186 19.49 -6.48 30.53
CA ASN F 186 19.30 -7.07 31.85
C ASN F 186 19.02 -6.02 32.90
N ALA F 187 19.79 -4.95 32.84
CA ALA F 187 19.65 -3.82 33.74
C ALA F 187 18.26 -3.21 33.56
N GLN F 188 17.86 -3.12 32.30
CA GLN F 188 16.57 -2.57 31.95
C GLN F 188 15.49 -3.50 32.45
N GLY F 189 15.78 -4.79 32.49
CA GLY F 189 14.84 -5.76 33.02
C GLY F 189 14.63 -5.67 34.53
N ILE F 190 15.70 -5.42 35.27
CA ILE F 190 15.59 -5.14 36.71
C ILE F 190 14.75 -3.89 36.95
N ARG F 191 15.08 -2.82 36.23
CA ARG F 191 14.34 -1.58 36.31
C ARG F 191 12.89 -1.82 36.00
N LEU F 192 12.66 -2.65 35.00
CA LEU F 192 11.34 -2.89 34.47
C LEU F 192 10.51 -3.60 35.51
N VAL F 193 11.12 -4.58 36.12
CA VAL F 193 10.40 -5.41 37.08
C VAL F 193 10.16 -4.69 38.41
N HIS F 194 11.02 -3.73 38.74
CA HIS F 194 10.89 -2.99 39.99
C HIS F 194 10.05 -1.70 39.86
N THR F 195 10.50 -0.78 39.02
CA THR F 195 9.93 0.56 38.98
C THR F 195 8.79 0.74 37.98
N LEU F 196 8.84 0.08 36.84
CA LEU F 196 7.90 0.39 35.79
C LEU F 196 6.65 -0.47 35.86
N MET F 197 6.81 -1.78 35.99
CA MET F 197 5.64 -2.65 35.99
C MET F 197 5.06 -2.76 37.38
N ARG F 198 5.83 -2.28 38.37
CA ARG F 198 5.43 -2.33 39.77
C ARG F 198 4.81 -3.68 40.07
N MET F 199 5.61 -4.71 39.85
CA MET F 199 5.13 -6.09 39.93
C MET F 199 5.16 -6.61 41.37
N ASN F 200 6.06 -6.09 42.18
CA ASN F 200 6.21 -6.53 43.58
C ASN F 200 6.43 -8.03 43.74
N LEU F 201 7.45 -8.57 43.08
CA LEU F 201 7.77 -9.99 43.16
C LEU F 201 8.49 -10.31 44.48
N THR F 202 8.73 -11.60 44.74
CA THR F 202 9.51 -12.02 45.90
C THR F 202 10.99 -11.71 45.66
N TRP F 203 11.77 -11.67 46.74
CA TRP F 203 13.16 -11.26 46.61
C TRP F 203 13.93 -12.30 45.81
N ALA F 204 13.60 -13.55 46.07
CA ALA F 204 14.21 -14.66 45.38
C ALA F 204 14.02 -14.54 43.86
N GLN F 205 12.83 -14.13 43.43
CA GLN F 205 12.52 -14.05 42.01
C GLN F 205 13.33 -12.97 41.29
N VAL F 206 13.41 -11.83 41.95
CA VAL F 206 14.20 -10.72 41.46
C VAL F 206 15.65 -11.10 41.41
N GLY F 207 16.10 -11.87 42.41
CA GLY F 207 17.46 -12.39 42.41
C GLY F 207 17.72 -13.28 41.19
N GLY F 208 16.69 -14.05 40.84
CA GLY F 208 16.71 -14.89 39.67
C GLY F 208 16.94 -14.12 38.39
N ILE F 209 16.39 -12.92 38.30
CA ILE F 209 16.67 -12.08 37.13
C ILE F 209 18.11 -11.55 37.05
N LEU F 210 18.66 -11.12 38.18
CA LEU F 210 19.95 -10.42 38.21
C LEU F 210 21.14 -11.28 37.76
N LYS F 211 21.41 -11.28 36.46
CA LYS F 211 22.34 -12.20 35.81
C LYS F 211 23.79 -11.71 35.86
N TYR F 212 24.00 -10.42 35.70
CA TYR F 212 25.33 -9.85 35.82
C TYR F 212 25.32 -8.87 37.00
N THR F 213 26.49 -8.53 37.52
CA THR F 213 26.55 -7.84 38.80
C THR F 213 27.39 -6.60 38.73
N ARG F 214 27.71 -6.17 37.52
CA ARG F 214 28.43 -4.93 37.33
C ARG F 214 27.47 -3.76 37.24
N PRO F 215 27.74 -2.71 38.02
CA PRO F 215 27.02 -1.43 37.91
C PRO F 215 27.23 -0.84 36.53
N ALA F 216 26.18 -0.32 35.90
CA ALA F 216 26.34 0.26 34.56
C ALA F 216 27.29 1.45 34.59
N TRP F 217 27.43 2.08 35.75
CA TRP F 217 28.26 3.27 35.87
C TRP F 217 29.71 2.92 36.06
N TRP F 218 30.01 1.63 36.06
CA TRP F 218 31.36 1.12 36.26
C TRP F 218 32.35 1.59 35.20
N ARG F 219 33.54 1.99 35.65
CA ARG F 219 34.63 2.35 34.74
C ARG F 219 35.89 1.54 35.01
N GLY F 220 36.57 1.15 33.94
CA GLY F 220 37.84 0.46 34.05
C GLY F 220 37.73 -1.06 34.08
N GLU F 221 38.87 -1.70 34.36
CA GLU F 221 38.91 -3.15 34.43
C GLU F 221 38.08 -3.63 35.62
N THR F 222 37.38 -4.76 35.45
CA THR F 222 36.64 -5.37 36.54
C THR F 222 37.57 -6.29 37.32
N PRO F 223 37.32 -6.45 38.63
CA PRO F 223 38.12 -7.35 39.47
C PRO F 223 38.33 -8.73 38.83
N GLU F 224 39.52 -9.28 38.98
CA GLU F 224 39.80 -10.57 38.35
C GLU F 224 39.01 -11.70 39.00
N THR F 225 38.76 -11.56 40.29
CA THR F 225 38.00 -12.55 41.04
C THR F 225 36.53 -12.60 40.60
N HIS F 226 36.02 -11.48 40.08
CA HIS F 226 34.62 -11.43 39.66
C HIS F 226 34.47 -11.16 38.17
N HIS F 227 35.52 -11.40 37.40
CA HIS F 227 35.54 -11.10 35.96
C HIS F 227 34.31 -11.59 35.20
N TYR F 228 33.91 -12.83 35.47
CA TYR F 228 32.81 -13.44 34.73
C TYR F 228 31.43 -12.85 35.07
N LEU F 229 31.19 -12.66 36.37
CA LEU F 229 29.91 -12.14 36.85
C LEU F 229 29.71 -10.66 36.53
N MET F 230 30.81 -9.96 36.29
CA MET F 230 30.76 -8.53 36.01
C MET F 230 31.05 -8.27 34.53
N LYS F 231 30.68 -9.23 33.68
CA LYS F 231 30.93 -9.17 32.25
C LYS F 231 30.17 -8.00 31.57
N LYS F 232 28.84 -8.08 31.57
CA LYS F 232 27.97 -6.99 31.11
C LYS F 232 27.42 -6.21 32.33
N PRO F 233 26.78 -5.04 32.11
CA PRO F 233 26.08 -4.36 33.22
C PRO F 233 24.86 -5.13 33.72
N GLY F 234 24.62 -5.08 35.02
CA GLY F 234 23.52 -5.85 35.57
C GLY F 234 22.43 -5.00 36.16
N TYR F 235 22.76 -3.77 36.53
CA TYR F 235 21.80 -2.85 37.13
C TYR F 235 22.24 -1.40 37.00
N TYR F 236 21.26 -0.51 36.94
CA TYR F 236 21.51 0.90 36.72
C TYR F 236 21.73 1.70 38.00
N LEU F 237 22.23 2.93 37.84
CA LEU F 237 22.45 3.85 38.95
C LEU F 237 21.20 4.12 39.79
N SER F 238 20.03 4.02 39.14
CA SER F 238 18.76 4.28 39.81
C SER F 238 18.39 3.12 40.72
N GLU F 239 18.66 1.91 40.24
CA GLU F 239 18.29 0.71 40.97
C GLU F 239 19.31 0.35 42.08
N GLU F 240 20.30 1.21 42.28
CA GLU F 240 21.39 0.95 43.22
C GLU F 240 20.92 0.61 44.65
N ALA F 241 20.00 1.42 45.17
CA ALA F 241 19.50 1.21 46.51
C ALA F 241 18.68 -0.08 46.58
N TYR F 242 17.88 -0.30 45.55
CA TYR F 242 17.05 -1.49 45.46
C TYR F 242 17.92 -2.72 45.48
N ILE F 243 18.95 -2.70 44.63
CA ILE F 243 19.88 -3.81 44.54
C ILE F 243 20.61 -4.03 45.88
N ALA F 244 20.93 -2.94 46.59
CA ALA F 244 21.54 -3.07 47.92
C ALA F 244 20.63 -3.81 48.90
N ARG F 245 19.38 -3.38 48.93
CA ARG F 245 18.35 -4.06 49.71
C ARG F 245 18.25 -5.54 49.33
N LEU F 246 18.24 -5.82 48.03
CA LEU F 246 18.19 -7.19 47.53
C LEU F 246 19.34 -8.04 48.04
N ARG F 247 20.52 -7.43 48.09
CA ARG F 247 21.69 -8.12 48.61
C ARG F 247 21.53 -8.43 50.10
N LYS F 248 21.00 -7.48 50.86
CA LYS F 248 20.75 -7.78 52.27
C LYS F 248 19.73 -8.94 52.38
N GLU F 249 18.70 -8.94 51.53
CA GLU F 249 17.60 -9.91 51.64
C GLU F 249 18.01 -11.31 51.19
N LEU F 250 18.95 -11.37 50.25
CA LEU F 250 19.35 -12.65 49.67
C LEU F 250 20.73 -13.07 50.14
N ASN F 251 21.23 -12.40 51.18
CA ASN F 251 22.57 -12.64 51.73
C ASN F 251 23.64 -12.74 50.65
N LEU F 252 23.80 -11.65 49.91
CA LEU F 252 24.78 -11.56 48.85
C LEU F 252 25.88 -10.58 49.18
N ALA F 253 27.12 -10.99 48.97
CA ALA F 253 28.25 -10.09 49.03
C ALA F 253 28.13 -9.08 47.90
N LEU F 254 28.89 -7.99 47.98
CA LEU F 254 28.96 -7.06 46.87
C LEU F 254 29.44 -7.79 45.61
N TYR F 255 28.74 -7.55 44.51
CA TYR F 255 29.06 -8.10 43.18
C TYR F 255 28.86 -9.63 43.08
N SER F 256 28.21 -10.22 44.10
CA SER F 256 27.88 -11.64 44.09
C SER F 256 26.53 -11.92 43.45
N ARG F 257 26.21 -13.19 43.25
CA ARG F 257 25.06 -13.57 42.43
C ARG F 257 24.17 -14.65 43.06
N PHE F 258 22.87 -14.54 42.83
CA PHE F 258 21.92 -15.59 43.23
C PHE F 258 22.27 -16.92 42.48
N PRO F 259 22.16 -18.08 43.16
CA PRO F 259 22.50 -19.41 42.58
C PRO F 259 21.66 -19.94 41.37
N LEU F 260 20.36 -19.78 41.51
CA LEU F 260 19.45 -20.32 40.51
C LEU F 260 19.75 -19.64 39.16
N THR F 261 20.35 -18.46 39.23
CA THR F 261 20.84 -17.75 38.05
C THR F 261 21.80 -18.60 37.18
N TRP F 262 22.76 -19.28 37.81
CA TRP F 262 23.62 -20.27 37.14
C TRP F 262 22.79 -21.28 36.37
N ILE F 263 21.71 -21.73 37.03
CA ILE F 263 20.83 -22.64 36.26
C ILE F 263 20.21 -22.04 34.99
N MET F 264 19.56 -20.89 35.15
CA MET F 264 18.83 -20.34 34.00
C MET F 264 19.80 -19.96 32.89
N GLU F 265 20.96 -19.44 33.27
CA GLU F 265 22.04 -19.16 32.32
C GLU F 265 22.40 -20.37 31.45
N ALA F 266 22.53 -21.54 32.10
CA ALA F 266 22.78 -22.78 31.34
C ALA F 266 21.69 -23.06 30.31
N ALA F 267 20.45 -22.97 30.81
CA ALA F 267 19.27 -23.12 29.93
C ALA F 267 19.31 -22.23 28.68
N ASP F 268 19.69 -20.97 28.91
CA ASP F 268 19.84 -20.00 27.84
C ASP F 268 20.85 -20.45 26.78
N ASP F 269 22.07 -20.78 27.22
CA ASP F 269 23.12 -21.24 26.28
C ASP F 269 22.62 -22.35 25.29
N ILE F 270 22.27 -23.49 25.89
CA ILE F 270 21.66 -24.60 25.14
C ILE F 270 20.63 -24.20 24.03
N SER F 271 19.59 -23.53 24.53
CA SER F 271 18.44 -23.17 23.68
C SER F 271 18.76 -22.18 22.53
N TYR F 272 19.53 -21.15 22.90
CA TYR F 272 20.20 -20.21 21.99
C TYR F 272 20.50 -20.83 20.67
N CYS F 273 21.64 -21.54 20.73
CA CYS F 273 22.20 -21.93 19.44
C CYS F 273 21.21 -22.84 18.66
N VAL F 274 20.70 -23.90 19.32
CA VAL F 274 20.06 -24.89 18.45
C VAL F 274 18.81 -24.37 17.75
N ALA F 275 17.99 -23.63 18.51
CA ALA F 275 16.76 -23.08 17.94
C ALA F 275 17.09 -22.27 16.68
N ASP F 276 18.12 -21.41 16.79
CA ASP F 276 18.44 -20.60 15.60
C ASP F 276 18.81 -21.42 14.34
N LEU F 277 19.61 -22.47 14.49
CA LEU F 277 19.87 -23.31 13.29
C LEU F 277 18.61 -23.94 12.68
N GLU F 278 17.70 -24.44 13.52
CA GLU F 278 16.49 -25.06 12.96
C GLU F 278 15.69 -24.05 12.15
N ASP F 279 15.56 -22.82 12.69
CA ASP F 279 14.81 -21.77 12.00
C ASP F 279 15.46 -21.47 10.66
N ALA F 280 16.80 -21.37 10.68
CA ALA F 280 17.53 -21.12 9.43
C ALA F 280 17.28 -22.18 8.37
N VAL F 281 17.07 -23.44 8.75
CA VAL F 281 16.67 -24.43 7.74
C VAL F 281 15.22 -24.25 7.28
N GLU F 282 14.32 -23.86 8.21
CA GLU F 282 12.92 -23.55 7.83
C GLU F 282 12.85 -22.48 6.73
N LYS F 283 13.60 -21.40 6.94
CA LYS F 283 13.70 -20.28 5.97
C LYS F 283 14.45 -20.63 4.66
N ARG F 284 14.68 -21.93 4.44
CA ARG F 284 15.31 -22.43 3.22
C ARG F 284 16.73 -21.91 2.92
N ILE F 285 17.39 -21.33 3.93
CA ILE F 285 18.77 -20.83 3.79
C ILE F 285 19.80 -21.92 3.44
N PHE F 286 19.91 -22.97 4.27
CA PHE F 286 20.57 -24.18 3.81
C PHE F 286 19.69 -25.41 4.06
N THR F 287 20.04 -26.53 3.45
CA THR F 287 19.31 -27.78 3.66
C THR F 287 19.89 -28.53 4.86
N VAL F 288 19.20 -29.58 5.30
CA VAL F 288 19.66 -30.32 6.46
C VAL F 288 21.02 -30.94 6.21
N GLU F 289 21.23 -31.49 5.01
CA GLU F 289 22.51 -32.14 4.66
C GLU F 289 23.67 -31.13 4.69
N GLN F 290 23.42 -29.91 4.20
CA GLN F 290 24.42 -28.86 4.22
C GLN F 290 24.79 -28.50 5.64
N LEU F 291 23.78 -28.39 6.49
CA LEU F 291 24.00 -28.14 7.91
C LEU F 291 24.86 -29.25 8.54
N TYR F 292 24.48 -30.51 8.28
CA TYR F 292 25.22 -31.65 8.79
C TYR F 292 26.67 -31.56 8.37
N HIS F 293 26.90 -31.11 7.15
CA HIS F 293 28.26 -30.93 6.65
C HIS F 293 29.01 -29.83 7.41
N HIS F 294 28.42 -28.66 7.55
CA HIS F 294 29.08 -27.56 8.26
C HIS F 294 29.41 -27.92 9.70
N LEU F 295 28.51 -28.67 10.32
CA LEU F 295 28.74 -29.18 11.67
C LEU F 295 29.92 -30.14 11.69
N HIS F 296 29.86 -31.16 10.84
CA HIS F 296 30.88 -32.20 10.77
C HIS F 296 32.27 -31.60 10.49
N GLU F 297 32.31 -30.53 9.72
CA GLU F 297 33.57 -29.88 9.39
C GLU F 297 34.08 -29.04 10.57
N ALA F 298 33.25 -28.13 11.06
CA ALA F 298 33.65 -27.30 12.18
C ALA F 298 34.09 -28.11 13.41
N TRP F 299 33.58 -29.34 13.56
CA TRP F 299 33.98 -30.20 14.69
C TRP F 299 35.46 -30.60 14.55
N GLY F 300 35.79 -31.25 13.44
CA GLY F 300 37.17 -31.51 13.08
C GLY F 300 37.92 -32.44 14.02
N GLN F 301 37.93 -33.73 13.64
CA GLN F 301 38.73 -34.80 14.27
C GLN F 301 38.94 -34.71 15.80
N HIS F 302 38.15 -35.47 16.56
CA HIS F 302 38.45 -35.74 17.97
C HIS F 302 38.65 -37.26 18.18
N GLU F 303 37.57 -37.99 18.44
CA GLU F 303 37.63 -39.45 18.58
C GLU F 303 36.24 -40.12 18.58
N LYS F 304 35.71 -40.41 17.39
CA LYS F 304 34.37 -41.01 17.16
C LYS F 304 33.93 -42.03 18.23
N GLY F 305 32.63 -42.06 18.51
CA GLY F 305 32.12 -42.66 19.74
C GLY F 305 32.06 -41.53 20.77
N SER F 306 32.75 -40.45 20.41
CA SER F 306 32.74 -39.16 21.08
C SER F 306 31.34 -38.51 21.08
N LEU F 307 31.28 -37.26 21.51
CA LEU F 307 30.02 -36.59 21.74
C LEU F 307 29.30 -36.27 20.43
N PHE F 308 30.06 -35.79 19.46
CA PHE F 308 29.49 -35.46 18.17
C PHE F 308 28.82 -36.68 17.56
N SER F 309 29.47 -37.84 17.65
CA SER F 309 28.92 -39.09 17.11
C SER F 309 27.55 -39.35 17.69
N LEU F 310 27.49 -39.49 19.02
CA LEU F 310 26.23 -39.67 19.75
C LEU F 310 25.19 -38.62 19.36
N VAL F 311 25.33 -37.40 19.90
CA VAL F 311 24.40 -36.30 19.57
C VAL F 311 24.10 -36.10 18.07
N VAL F 312 25.04 -35.52 17.34
CA VAL F 312 24.78 -35.09 15.96
C VAL F 312 24.70 -36.25 14.96
N GLU F 313 25.65 -37.17 15.00
CA GLU F 313 25.65 -38.20 13.99
C GLU F 313 24.46 -39.14 14.22
N ASN F 314 24.10 -39.43 15.49
CA ASN F 314 22.94 -40.29 15.71
C ASN F 314 21.68 -39.57 15.29
N ALA F 315 21.64 -38.26 15.51
CA ALA F 315 20.50 -37.48 15.01
C ALA F 315 20.35 -37.62 13.49
N TRP F 316 21.45 -37.43 12.75
CA TRP F 316 21.39 -37.43 11.27
C TRP F 316 21.24 -38.82 10.66
N GLU F 317 21.70 -39.84 11.36
CA GLU F 317 21.51 -41.19 10.84
C GLU F 317 20.07 -41.65 11.10
N LYS F 318 19.55 -41.38 12.29
CA LYS F 318 18.12 -41.58 12.53
C LYS F 318 17.32 -40.84 11.47
N SER F 319 17.54 -39.52 11.40
CA SER F 319 16.93 -38.63 10.41
C SER F 319 16.74 -39.18 8.99
N ARG F 320 17.72 -39.95 8.50
CA ARG F 320 17.64 -40.52 7.15
C ARG F 320 16.64 -41.69 7.06
N SER F 321 15.60 -41.65 7.89
CA SER F 321 14.60 -42.71 7.96
C SER F 321 13.18 -42.14 8.06
N ARG F 326 7.20 -40.25 9.41
CA ARG F 326 7.00 -38.80 9.36
C ARG F 326 7.81 -38.11 8.24
N SER F 327 8.35 -36.92 8.57
CA SER F 327 9.13 -36.07 7.67
C SER F 327 10.56 -35.84 8.16
N THR F 328 11.51 -35.70 7.24
CA THR F 328 12.94 -35.84 7.55
C THR F 328 13.54 -34.68 8.39
N GLU F 329 13.35 -33.44 7.95
CA GLU F 329 13.94 -32.29 8.63
C GLU F 329 13.43 -32.16 10.07
N ASP F 330 12.11 -32.29 10.22
CA ASP F 330 11.49 -32.25 11.54
C ASP F 330 12.11 -33.31 12.44
N GLN F 331 12.26 -34.53 11.92
CA GLN F 331 12.89 -35.61 12.66
C GLN F 331 14.30 -35.22 13.10
N PHE F 332 15.14 -34.83 12.15
CA PHE F 332 16.54 -34.52 12.47
C PHE F 332 16.65 -33.52 13.59
N PHE F 333 15.89 -32.45 13.50
CA PHE F 333 16.03 -31.44 14.55
C PHE F 333 15.40 -31.89 15.86
N MET F 334 14.38 -32.73 15.78
CA MET F 334 13.77 -33.30 16.99
C MET F 334 14.82 -34.09 17.75
N TYR F 335 15.43 -35.05 17.06
CA TYR F 335 16.49 -35.87 17.63
C TYR F 335 17.70 -35.05 18.08
N LEU F 336 18.06 -34.03 17.30
CA LEU F 336 19.19 -33.18 17.64
C LEU F 336 18.98 -32.48 18.98
N ARG F 337 17.76 -31.93 19.15
CA ARG F 337 17.38 -31.33 20.42
C ARG F 337 17.36 -32.35 21.56
N VAL F 338 16.67 -33.47 21.34
CA VAL F 338 16.63 -34.54 22.35
C VAL F 338 18.01 -34.98 22.82
N ASN F 339 18.88 -35.36 21.88
CA ASN F 339 20.23 -35.83 22.20
C ASN F 339 21.07 -34.77 22.90
N THR F 340 21.05 -33.55 22.37
CA THR F 340 21.74 -32.44 23.02
C THR F 340 21.30 -32.30 24.47
N LEU F 341 19.98 -32.19 24.70
CA LEU F 341 19.45 -32.05 26.05
C LEU F 341 19.82 -33.21 26.97
N ASN F 342 19.72 -34.44 26.45
CA ASN F 342 20.03 -35.63 27.24
C ASN F 342 21.49 -35.78 27.62
N LYS F 343 22.40 -35.13 26.89
CA LYS F 343 23.79 -35.09 27.34
C LYS F 343 24.14 -33.84 28.17
N LEU F 344 23.56 -32.70 27.83
CA LEU F 344 23.96 -31.44 28.44
C LEU F 344 23.22 -31.10 29.74
N VAL F 345 21.94 -31.45 29.81
CA VAL F 345 21.16 -31.13 31.01
C VAL F 345 21.71 -31.84 32.25
N PRO F 346 21.96 -33.16 32.16
CA PRO F 346 22.58 -33.77 33.35
C PRO F 346 24.00 -33.26 33.61
N TYR F 347 24.73 -32.84 32.56
CA TYR F 347 26.07 -32.34 32.79
C TYR F 347 26.00 -31.03 33.53
N ALA F 348 25.08 -30.17 33.12
CA ALA F 348 24.83 -28.91 33.82
C ALA F 348 24.44 -29.16 35.26
N ALA F 349 23.54 -30.11 35.47
CA ALA F 349 23.07 -30.45 36.82
C ALA F 349 24.22 -30.82 37.72
N GLN F 350 25.03 -31.79 37.27
CA GLN F 350 26.19 -32.23 38.05
C GLN F 350 27.18 -31.09 38.24
N ARG F 351 27.38 -30.24 37.23
CA ARG F 351 28.22 -29.05 37.36
C ARG F 351 27.76 -28.17 38.51
N PHE F 352 26.45 -27.93 38.57
CA PHE F 352 25.82 -27.18 39.65
C PHE F 352 26.10 -27.80 41.01
N ILE F 353 25.86 -29.10 41.14
CA ILE F 353 26.06 -29.76 42.43
C ILE F 353 27.53 -29.83 42.87
N ASP F 354 28.43 -30.07 41.92
CA ASP F 354 29.85 -30.22 42.22
C ASP F 354 30.46 -28.90 42.68
N ASN F 355 29.81 -27.80 42.37
CA ASN F 355 30.30 -26.49 42.77
C ASN F 355 29.36 -25.75 43.71
N LEU F 356 28.47 -26.49 44.35
CA LEU F 356 27.40 -25.87 45.12
C LEU F 356 27.89 -24.90 46.21
N PRO F 357 29.02 -25.17 46.89
CA PRO F 357 29.48 -24.16 47.85
C PRO F 357 29.75 -22.75 47.27
N ALA F 358 30.43 -22.67 46.13
CA ALA F 358 30.74 -21.36 45.55
C ALA F 358 29.55 -20.75 44.80
N ILE F 359 28.72 -21.60 44.20
CA ILE F 359 27.52 -21.14 43.54
C ILE F 359 26.56 -20.59 44.60
N PHE F 360 26.60 -21.19 45.79
CA PHE F 360 25.77 -20.74 46.90
C PHE F 360 26.31 -19.45 47.50
N ALA F 361 27.63 -19.36 47.62
CA ALA F 361 28.26 -18.09 48.04
C ALA F 361 27.99 -16.98 47.03
N GLY F 362 27.65 -17.35 45.80
CA GLY F 362 27.38 -16.40 44.74
C GLY F 362 28.63 -15.84 44.07
N THR F 363 29.75 -16.54 44.24
CA THR F 363 31.04 -16.02 43.81
C THR F 363 31.66 -16.78 42.64
N PHE F 364 31.21 -18.03 42.44
CA PHE F 364 31.71 -18.95 41.40
C PHE F 364 31.92 -18.29 40.03
N ASN F 365 33.16 -18.08 39.63
CA ASN F 365 33.46 -17.24 38.46
C ASN F 365 33.40 -17.96 37.10
N HIS F 366 32.44 -18.86 36.95
CA HIS F 366 32.31 -19.64 35.72
C HIS F 366 30.86 -19.97 35.40
N ALA F 367 30.59 -20.26 34.12
CA ALA F 367 29.30 -20.83 33.73
C ALA F 367 29.33 -22.33 33.99
N LEU F 368 28.18 -22.97 34.04
CA LEU F 368 28.17 -24.42 34.17
C LEU F 368 28.66 -25.06 32.87
N LEU F 369 28.25 -24.52 31.73
CA LEU F 369 28.63 -25.08 30.44
C LEU F 369 29.75 -24.31 29.74
N GLU F 370 30.48 -23.49 30.49
CA GLU F 370 31.71 -22.88 29.98
C GLU F 370 32.88 -23.73 30.48
N ASP F 371 33.62 -24.32 29.54
CA ASP F 371 34.46 -25.44 29.87
C ASP F 371 35.42 -25.86 28.77
N ALA F 372 36.34 -26.75 29.12
CA ALA F 372 37.09 -27.52 28.16
C ALA F 372 36.34 -28.83 27.94
N SER F 373 35.14 -28.90 28.49
CA SER F 373 34.25 -30.04 28.34
C SER F 373 33.89 -30.27 26.88
N GLU F 374 33.63 -31.53 26.53
CA GLU F 374 33.15 -31.83 25.19
C GLU F 374 31.78 -31.21 24.96
N CYS F 375 30.96 -31.19 26.01
CA CYS F 375 29.63 -30.60 26.00
C CYS F 375 29.68 -29.12 25.60
N SER F 376 30.55 -28.39 26.30
CA SER F 376 30.80 -27.00 25.99
C SER F 376 31.20 -26.83 24.54
N ASP F 377 32.17 -27.62 24.10
CA ASP F 377 32.64 -27.59 22.71
C ASP F 377 31.50 -27.80 21.71
N LEU F 378 30.52 -28.64 22.09
CA LEU F 378 29.38 -28.92 21.24
C LEU F 378 28.51 -27.68 21.09
N LEU F 379 28.23 -27.02 22.21
CA LEU F 379 27.49 -25.76 22.16
C LEU F 379 28.20 -24.71 21.32
N LYS F 380 29.51 -24.56 21.53
CA LYS F 380 30.33 -23.66 20.71
C LYS F 380 30.29 -24.02 19.22
N LEU F 381 30.21 -25.31 18.92
CA LEU F 381 30.08 -25.77 17.54
C LEU F 381 28.80 -25.22 16.91
N TYR F 382 27.67 -25.47 17.56
CA TYR F 382 26.40 -24.91 17.08
C TYR F 382 26.51 -23.40 16.87
N LYS F 383 27.02 -22.70 17.90
CA LYS F 383 27.10 -21.24 17.86
C LYS F 383 27.90 -20.76 16.67
N ASN F 384 29.08 -21.33 16.48
CA ASN F 384 29.92 -21.00 15.33
C ASN F 384 29.20 -21.17 14.01
N VAL F 385 28.59 -22.34 13.80
CA VAL F 385 27.85 -22.56 12.55
C VAL F 385 26.72 -21.52 12.33
N ALA F 386 26.00 -21.16 13.40
CA ALA F 386 24.98 -20.11 13.26
C ALA F 386 25.57 -18.76 12.91
N VAL F 387 26.53 -18.31 13.71
CA VAL F 387 27.22 -17.05 13.48
C VAL F 387 27.77 -16.93 12.06
N LYS F 388 28.47 -17.95 11.59
CA LYS F 388 29.02 -17.92 10.24
C LYS F 388 27.94 -17.96 9.15
N HIS F 389 26.96 -18.86 9.26
CA HIS F 389 26.05 -19.09 8.13
C HIS F 389 24.58 -18.68 8.34
N VAL F 390 24.26 -18.04 9.45
CA VAL F 390 22.88 -17.63 9.68
C VAL F 390 22.79 -16.14 9.96
N PHE F 391 23.51 -15.69 10.98
CA PHE F 391 23.51 -14.29 11.38
C PHE F 391 24.22 -13.40 10.37
N SER F 392 24.76 -13.99 9.33
CA SER F 392 25.45 -13.24 8.29
C SER F 392 24.60 -13.14 7.03
N HIS F 393 23.43 -13.80 7.06
CA HIS F 393 22.53 -13.75 5.93
C HIS F 393 22.09 -12.30 5.71
N PRO F 394 22.11 -11.86 4.45
CA PRO F 394 21.85 -10.48 4.05
C PRO F 394 20.52 -9.90 4.59
N ASP F 395 19.49 -10.72 4.73
CA ASP F 395 18.20 -10.25 5.24
C ASP F 395 18.29 -9.86 6.70
N VAL F 396 18.95 -10.73 7.46
CA VAL F 396 19.16 -10.51 8.89
C VAL F 396 19.97 -9.22 9.10
N GLU F 397 21.03 -9.06 8.29
CA GLU F 397 21.89 -7.88 8.40
C GLU F 397 21.15 -6.59 8.01
N ARG F 398 20.30 -6.69 6.99
CA ARG F 398 19.41 -5.58 6.63
C ARG F 398 18.58 -5.15 7.81
N LEU F 399 17.83 -6.11 8.38
CA LEU F 399 16.98 -5.82 9.51
C LEU F 399 17.75 -5.18 10.69
N GLU F 400 18.98 -5.62 10.91
CA GLU F 400 19.79 -5.03 11.98
C GLU F 400 20.09 -3.55 11.70
N LEU F 401 20.55 -3.25 10.48
CA LEU F 401 20.73 -1.84 10.05
C LEU F 401 19.45 -0.98 10.19
N GLN F 402 18.35 -1.51 9.68
CA GLN F 402 17.06 -0.85 9.76
C GLN F 402 16.69 -0.50 11.20
N GLY F 403 16.73 -1.51 12.07
CA GLY F 403 16.39 -1.29 13.47
C GLY F 403 17.26 -0.24 14.11
N TYR F 404 18.55 -0.25 13.78
CA TYR F 404 19.44 0.80 14.25
C TYR F 404 18.97 2.20 13.79
N ARG F 405 18.55 2.32 12.53
CA ARG F 405 18.04 3.63 12.09
C ARG F 405 16.73 4.02 12.82
N VAL F 406 15.75 3.12 12.84
CA VAL F 406 14.51 3.36 13.57
C VAL F 406 14.74 3.85 15.03
N ILE F 407 15.60 3.17 15.79
CA ILE F 407 15.77 3.56 17.19
C ILE F 407 16.55 4.88 17.30
N SER F 408 17.55 5.05 16.45
CA SER F 408 18.27 6.33 16.41
C SER F 408 17.33 7.49 16.09
N GLY F 409 16.41 7.22 15.19
CA GLY F 409 15.45 8.20 14.73
C GLY F 409 14.41 8.58 15.75
N LEU F 410 13.85 7.59 16.45
CA LEU F 410 12.92 7.88 17.55
C LEU F 410 13.64 8.73 18.60
N LEU F 411 14.91 8.38 18.89
CA LEU F 411 15.64 9.19 19.85
C LEU F 411 15.78 10.64 19.38
N GLU F 412 16.04 10.81 18.09
CA GLU F 412 16.19 12.17 17.56
C GLU F 412 14.86 12.95 17.62
N ILE F 413 13.76 12.28 17.32
CA ILE F 413 12.42 12.88 17.44
C ILE F 413 12.07 13.35 18.84
N TYR F 414 12.39 12.55 19.85
CA TYR F 414 12.07 12.96 21.21
C TYR F 414 13.14 13.84 21.85
N ARG F 415 14.26 14.06 21.16
CA ARG F 415 15.33 14.95 21.66
C ARG F 415 14.89 16.32 22.24
N PRO F 416 13.91 17.01 21.61
CA PRO F 416 13.37 18.26 22.16
C PRO F 416 13.08 18.25 23.66
N LEU F 417 12.65 17.12 24.20
CA LEU F 417 12.41 16.98 25.64
C LEU F 417 13.71 17.01 26.46
N LEU F 418 14.77 16.42 25.93
CA LEU F 418 16.04 16.42 26.63
C LEU F 418 16.71 17.77 26.46
N SER F 419 16.21 18.57 25.52
CA SER F 419 16.82 19.87 25.26
C SER F 419 16.26 20.98 26.15
N LEU F 420 15.06 20.79 26.69
CA LEU F 420 14.46 21.77 27.60
C LEU F 420 15.31 22.00 28.85
N SER F 421 15.12 23.15 29.49
CA SER F 421 15.80 23.43 30.74
C SER F 421 15.05 22.77 31.91
N LEU F 422 15.67 22.77 33.09
CA LEU F 422 15.08 22.12 34.26
C LEU F 422 13.72 22.72 34.59
N SER F 423 13.67 24.04 34.67
CA SER F 423 12.43 24.76 34.95
C SER F 423 11.38 24.50 33.88
N ASP F 424 11.77 24.55 32.62
CA ASP F 424 10.83 24.39 31.51
C ASP F 424 10.24 22.99 31.51
N PHE F 425 11.07 21.98 31.69
CA PHE F 425 10.57 20.61 31.69
C PHE F 425 9.68 20.40 32.91
N THR F 426 10.09 20.93 34.05
CA THR F 426 9.30 20.76 35.27
C THR F 426 7.91 21.38 35.07
N GLU F 427 7.91 22.54 34.43
CA GLU F 427 6.68 23.25 34.06
C GLU F 427 5.82 22.35 33.18
N LEU F 428 6.46 21.70 32.23
CA LEU F 428 5.77 20.77 31.34
C LEU F 428 5.13 19.59 32.09
N VAL F 429 5.83 19.07 33.09
CA VAL F 429 5.32 17.94 33.87
C VAL F 429 4.14 18.36 34.73
N GLU F 430 4.25 19.53 35.35
CA GLU F 430 3.22 20.01 36.28
C GLU F 430 1.95 20.56 35.59
N LYS F 431 2.12 21.50 34.67
CA LYS F 431 1.00 22.15 33.97
C LYS F 431 0.33 21.25 32.92
N GLU F 432 1.04 20.21 32.49
CA GLU F 432 0.59 19.25 31.47
C GLU F 432 0.65 19.82 30.03
N ARG F 433 -0.23 20.75 29.70
CA ARG F 433 -0.22 21.40 28.39
C ARG F 433 0.34 22.83 28.48
N VAL F 434 1.57 23.03 28.02
CA VAL F 434 2.20 24.35 28.05
C VAL F 434 2.03 25.11 26.74
N LYS F 435 1.68 26.40 26.82
CA LYS F 435 1.33 27.17 25.63
C LYS F 435 2.52 27.43 24.70
N ARG F 436 3.68 27.74 25.26
CA ARG F 436 4.81 28.13 24.41
C ARG F 436 5.67 26.93 23.98
N PHE F 437 5.22 25.72 24.32
CA PHE F 437 5.88 24.48 23.91
C PHE F 437 4.87 23.48 23.36
N PRO F 438 4.30 23.77 22.18
CA PRO F 438 3.26 22.90 21.60
C PRO F 438 3.80 21.50 21.29
N ILE F 439 4.96 21.51 20.64
CA ILE F 439 5.59 20.28 20.20
C ILE F 439 6.00 19.42 21.40
N GLU F 440 6.83 19.99 22.26
CA GLU F 440 7.31 19.28 23.44
C GLU F 440 6.13 18.75 24.28
N SER F 441 5.08 19.54 24.43
CA SER F 441 3.86 19.08 25.12
C SER F 441 3.32 17.82 24.52
N ARG F 442 3.11 17.80 23.20
CA ARG F 442 2.51 16.62 22.58
C ARG F 442 3.44 15.41 22.60
N LEU F 443 4.74 15.66 22.42
CA LEU F 443 5.75 14.61 22.57
C LEU F 443 5.67 13.99 23.96
N PHE F 444 5.61 14.85 24.97
CA PHE F 444 5.52 14.40 26.36
C PHE F 444 4.29 13.53 26.59
N HIS F 445 3.13 13.96 26.10
CA HIS F 445 1.94 13.15 26.30
C HIS F 445 2.07 11.81 25.58
N LYS F 446 2.95 11.73 24.59
CA LYS F 446 3.07 10.46 23.87
C LYS F 446 3.79 9.38 24.71
N LEU F 447 4.72 9.78 25.59
CA LEU F 447 5.33 8.86 26.58
C LEU F 447 4.28 8.18 27.43
N SER F 448 4.57 6.96 27.87
CA SER F 448 3.61 6.14 28.60
C SER F 448 3.34 6.64 30.01
N THR F 449 2.13 6.36 30.51
CA THR F 449 1.75 6.81 31.84
C THR F 449 2.64 6.24 32.93
N ARG F 450 2.88 4.93 32.89
CA ARG F 450 3.72 4.28 33.89
C ARG F 450 5.13 4.90 33.95
N HIS F 451 5.67 5.22 32.79
CA HIS F 451 7.00 5.81 32.70
C HIS F 451 7.06 7.20 33.32
N ARG F 452 6.09 8.03 32.99
CA ARG F 452 6.02 9.38 33.53
C ARG F 452 5.78 9.34 35.04
N LEU F 453 4.99 8.38 35.51
CA LEU F 453 4.78 8.22 36.95
C LEU F 453 6.09 7.89 37.64
N ALA F 454 6.85 6.97 37.04
CA ALA F 454 8.16 6.62 37.58
C ALA F 454 9.08 7.82 37.65
N TYR F 455 9.00 8.70 36.66
CA TYR F 455 9.81 9.93 36.64
C TYR F 455 9.42 10.82 37.81
N VAL F 456 8.13 11.08 37.90
CA VAL F 456 7.60 11.95 38.93
C VAL F 456 7.98 11.43 40.32
N GLU F 457 7.76 10.14 40.56
CA GLU F 457 8.09 9.52 41.83
C GLU F 457 9.58 9.62 42.16
N ALA F 458 10.43 9.28 41.20
CA ALA F 458 11.87 9.37 41.41
C ALA F 458 12.32 10.79 41.78
N VAL F 459 11.83 11.78 41.02
CA VAL F 459 12.27 13.17 41.22
C VAL F 459 11.72 13.75 42.52
N SER F 460 10.49 13.38 42.87
CA SER F 460 9.87 13.87 44.10
C SER F 460 10.64 13.45 45.36
N LYS F 461 11.36 12.32 45.28
CA LYS F 461 12.12 11.84 46.43
C LYS F 461 13.48 12.55 46.60
N LEU F 462 13.78 13.48 45.70
CA LEU F 462 15.03 14.23 45.79
C LEU F 462 14.88 15.56 46.52
N PRO F 463 15.91 15.95 47.29
CA PRO F 463 16.00 17.29 47.90
C PRO F 463 16.22 18.39 46.85
N SER F 464 15.21 19.23 46.63
CA SER F 464 15.21 20.15 45.49
C SER F 464 16.20 21.31 45.62
N ASP F 465 16.73 21.52 46.81
CA ASP F 465 17.67 22.62 47.02
C ASP F 465 19.13 22.14 46.99
N SER F 466 19.31 20.81 46.96
CA SER F 466 20.64 20.21 46.84
C SER F 466 21.31 20.60 45.51
N PRO F 467 22.65 20.74 45.50
CA PRO F 467 23.32 21.07 44.24
C PRO F 467 23.31 19.88 43.28
N GLU F 468 22.97 18.70 43.80
CA GLU F 468 22.89 17.49 43.00
C GLU F 468 21.60 17.45 42.18
N PHE F 469 20.59 18.21 42.60
CA PHE F 469 19.25 18.05 42.05
C PHE F 469 19.16 18.15 40.52
N PRO F 470 19.75 19.19 39.91
CA PRO F 470 19.63 19.26 38.44
C PRO F 470 20.25 18.06 37.72
N LEU F 471 21.34 17.51 38.27
CA LEU F 471 21.97 16.32 37.72
C LEU F 471 21.05 15.11 37.79
N TRP F 472 20.58 14.82 39.00
CA TRP F 472 19.66 13.71 39.19
C TRP F 472 18.44 13.84 38.29
N GLU F 473 17.95 15.07 38.11
CA GLU F 473 16.76 15.26 37.30
C GLU F 473 17.10 14.95 35.84
N TYR F 474 18.22 15.43 35.34
CA TYR F 474 18.56 15.12 33.95
C TYR F 474 18.68 13.63 33.77
N TYR F 475 19.33 12.97 34.73
CA TYR F 475 19.48 11.53 34.73
C TYR F 475 18.11 10.87 34.60
N TYR F 476 17.20 11.16 35.52
CA TYR F 476 15.91 10.50 35.50
C TYR F 476 15.09 10.85 34.25
N ARG F 477 15.41 11.97 33.60
CA ARG F 477 14.73 12.35 32.36
C ARG F 477 15.21 11.50 31.18
N CYS F 478 16.52 11.34 31.07
CA CYS F 478 17.09 10.45 30.07
C CYS F 478 16.60 9.03 30.28
N ARG F 479 16.54 8.65 31.56
CA ARG F 479 16.07 7.36 31.99
C ARG F 479 14.61 7.20 31.53
N LEU F 480 13.80 8.26 31.64
CA LEU F 480 12.41 8.25 31.12
C LEU F 480 12.34 7.97 29.63
N LEU F 481 13.21 8.62 28.87
CA LEU F 481 13.22 8.42 27.41
C LEU F 481 13.65 7.01 27.00
N GLN F 482 14.70 6.50 27.64
CA GLN F 482 15.16 5.14 27.41
C GLN F 482 14.10 4.11 27.83
N ASP F 483 13.38 4.39 28.91
CA ASP F 483 12.28 3.54 29.36
C ASP F 483 11.28 3.42 28.24
N TYR F 484 10.83 4.59 27.76
CA TYR F 484 9.80 4.64 26.73
C TYR F 484 10.25 3.88 25.48
N ILE F 485 11.45 4.18 24.95
CA ILE F 485 11.88 3.58 23.69
C ILE F 485 12.12 2.08 23.81
N SER F 486 12.78 1.65 24.90
CA SER F 486 13.08 0.23 25.04
C SER F 486 11.84 -0.58 25.39
N GLY F 487 10.77 0.09 25.77
CA GLY F 487 9.52 -0.61 26.03
C GLY F 487 8.71 -1.03 24.82
N MET F 488 9.11 -0.58 23.65
CA MET F 488 8.35 -0.82 22.43
C MET F 488 8.64 -2.19 21.82
N THR F 489 7.64 -2.76 21.17
CA THR F 489 7.91 -3.90 20.31
C THR F 489 8.57 -3.43 19.02
N ASP F 490 9.14 -4.36 18.27
CA ASP F 490 9.83 -4.02 17.04
C ASP F 490 8.89 -3.32 16.07
N LEU F 491 7.73 -3.94 15.87
CA LEU F 491 6.71 -3.37 14.97
C LEU F 491 6.23 -2.01 15.43
N TYR F 492 5.98 -1.86 16.72
CA TYR F 492 5.46 -0.60 17.20
C TYR F 492 6.49 0.47 17.00
N ALA F 493 7.71 0.21 17.43
CA ALA F 493 8.79 1.18 17.29
C ALA F 493 8.92 1.62 15.83
N TRP F 494 8.87 0.64 14.93
CA TRP F 494 9.00 0.92 13.51
C TRP F 494 7.86 1.82 13.04
N ASP F 495 6.61 1.42 13.34
CA ASP F 495 5.42 2.21 12.99
C ASP F 495 5.51 3.62 13.51
N GLU F 496 5.82 3.76 14.79
CA GLU F 496 5.94 5.06 15.39
C GLU F 496 6.94 5.92 14.63
N TYR F 497 8.11 5.35 14.34
CA TYR F 497 9.09 6.07 13.54
C TYR F 497 8.54 6.48 12.17
N ARG F 498 7.85 5.57 11.50
CA ARG F 498 7.27 5.89 10.19
C ARG F 498 6.20 7.00 10.27
N ARG F 499 5.34 6.97 11.29
CA ARG F 499 4.25 7.95 11.45
C ARG F 499 4.76 9.33 11.92
N LEU F 500 5.70 9.32 12.84
CA LEU F 500 6.22 10.57 13.36
C LEU F 500 7.06 11.24 12.31
N MET F 501 7.57 10.47 11.35
CA MET F 501 8.36 11.00 10.23
C MET F 501 7.46 11.46 9.08
N ALA F 502 6.17 11.19 9.24
CA ALA F 502 5.13 11.64 8.32
C ALA F 502 5.25 10.90 7.01
N VAL F 503 5.74 9.67 7.11
CA VAL F 503 5.98 8.86 5.93
C VAL F 503 4.74 8.02 5.66
N GLU F 504 4.05 7.64 6.74
CA GLU F 504 2.66 7.21 6.60
C GLU F 504 1.77 7.99 7.58
N GLN F 505 0.45 7.83 7.44
CA GLN F 505 -0.52 8.61 8.24
C GLN F 505 -0.77 7.97 9.61
#